data_9C6F
#
_entry.id   9C6F
#
_cell.length_a   1.00
_cell.length_b   1.00
_cell.length_c   1.00
_cell.angle_alpha   90.00
_cell.angle_beta   90.00
_cell.angle_gamma   90.00
#
_symmetry.space_group_name_H-M   'P 1'
#
loop_
_entity.id
_entity.type
_entity.pdbx_description
1 polymer 'Adenosine deaminase domain-containing protein'
2 non-polymer "ADENOSINE-5'-TRIPHOSPHATE"
3 non-polymer 'MAGNESIUM ION'
#
_entity_poly.entity_id   1
_entity_poly.type   'polypeptide(L)'
_entity_poly.pdbx_seq_one_letter_code
;MSRVLLCSAGHSSMVVPEAFHAVPEGFEEVHVFTTDSEKFNPVVLNDFFHSLPNVRFSITKCHGLADILNERDFEFYQEM
LWQWYLTKMPDNELPYVCLSGGIKSMSASLQKAATLFGAQSVFHVLADNNPRNIEEMFDALQKGQIHFIEMGYEPGWAAL
RRLKKILPINEGCSRDNFKPLISKSIEEILSNVKIMASDTGKSNQLPFPSLAILPPIAQQWLQLPLSANDGAWIQNLPKV
DLHCHLGGFATSGSLLDQVRGAASEPDLIDRTFSPQEIAGWPRSHKSISLDKYMELGNANGSKLLKDKGCLIRQVELLYQ
SLVNDNVAYAEIRCSPNNYADKNKNRSAWVVLQDINDTFTRLITEAKQKNQFYCHVNLLVIASRKFSGDLSDISKHLALA
ITAMQQGEGVCRIVGVDLAGFENKETRASYYEHDFKAVHRCGLAVTAHAGENDDPEGIWQAVYSLHARRLGHALNLLEAP
DLMRTVIERKIGVEMCPYANYQIKGFAPMPNFSALYPLKKYLEAGILVSVNTDNIGISGANLSENLLILADLCPGISRMD
VLTIIRNSIETAFISHDFRMELLKFFDRKIYDVCLISIKN
;
_entity_poly.pdbx_strand_id   A,B,C,D,E,F
#
# COMPACT_ATOMS: atom_id res chain seq x y z
N ARG A 3 -59.78 -6.17 -37.51
CA ARG A 3 -59.97 -4.72 -37.47
C ARG A 3 -61.46 -4.36 -37.46
N VAL A 4 -61.76 -3.13 -37.07
CA VAL A 4 -63.12 -2.66 -36.90
C VAL A 4 -63.32 -1.39 -37.72
N LEU A 5 -64.56 -1.14 -38.13
CA LEU A 5 -64.92 0.11 -38.76
C LEU A 5 -66.20 0.63 -38.12
N LEU A 6 -66.40 1.94 -38.24
CA LEU A 6 -67.60 2.61 -37.78
C LEU A 6 -68.16 3.47 -38.90
N CYS A 7 -69.48 3.67 -38.87
CA CYS A 7 -70.15 4.43 -39.90
C CYS A 7 -71.50 4.90 -39.37
N SER A 8 -72.07 5.88 -40.07
CA SER A 8 -73.42 6.36 -39.81
C SER A 8 -74.19 6.42 -41.12
N ALA A 9 -75.42 5.92 -41.10
CA ALA A 9 -76.22 5.81 -42.30
C ALA A 9 -77.57 6.48 -42.11
N GLY A 10 -78.03 7.15 -43.17
CA GLY A 10 -79.34 7.77 -43.18
C GLY A 10 -80.25 7.14 -44.22
N HIS A 11 -80.54 7.89 -45.29
CA HIS A 11 -81.35 7.34 -46.36
C HIS A 11 -80.56 6.36 -47.22
N SER A 12 -79.25 6.62 -47.37
CA SER A 12 -78.38 5.77 -48.18
C SER A 12 -78.09 4.50 -47.37
N SER A 13 -78.89 3.46 -47.62
CA SER A 13 -78.80 2.23 -46.86
C SER A 13 -77.74 1.26 -47.38
N MET A 14 -77.18 1.50 -48.56
CA MET A 14 -76.20 0.62 -49.17
C MET A 14 -74.76 1.10 -48.99
N VAL A 15 -74.54 2.14 -48.18
CA VAL A 15 -73.18 2.65 -47.98
C VAL A 15 -72.32 1.63 -47.25
N VAL A 16 -72.92 0.88 -46.32
CA VAL A 16 -72.13 -0.07 -45.52
C VAL A 16 -71.48 -1.16 -46.36
N PRO A 17 -72.17 -1.79 -47.31
CA PRO A 17 -71.45 -2.75 -48.18
C PRO A 17 -70.29 -2.13 -48.94
N GLU A 18 -70.43 -0.89 -49.39
CA GLU A 18 -69.31 -0.22 -50.05
C GLU A 18 -68.16 0.01 -49.07
N ALA A 19 -68.49 0.38 -47.83
CA ALA A 19 -67.45 0.58 -46.82
C ALA A 19 -66.71 -0.72 -46.52
N PHE A 20 -67.43 -1.83 -46.48
CA PHE A 20 -66.79 -3.12 -46.22
C PHE A 20 -65.80 -3.51 -47.31
N HIS A 21 -65.98 -3.00 -48.52
CA HIS A 21 -65.09 -3.31 -49.64
C HIS A 21 -63.89 -2.37 -49.73
N ALA A 22 -63.72 -1.48 -48.75
CA ALA A 22 -62.64 -0.50 -48.83
C ALA A 22 -61.27 -1.16 -48.84
N VAL A 23 -61.06 -2.13 -47.95
CA VAL A 23 -59.79 -2.83 -47.83
C VAL A 23 -59.87 -4.11 -48.67
N PRO A 24 -58.96 -4.30 -49.63
CA PRO A 24 -58.98 -5.56 -50.41
C PRO A 24 -58.77 -6.79 -49.54
N GLU A 25 -58.04 -6.65 -48.43
CA GLU A 25 -57.86 -7.78 -47.51
C GLU A 25 -59.18 -8.23 -46.91
N GLY A 26 -60.03 -7.27 -46.53
CA GLY A 26 -61.33 -7.61 -45.99
C GLY A 26 -61.49 -7.19 -44.54
N PHE A 27 -62.57 -6.46 -44.25
CA PHE A 27 -62.83 -6.00 -42.89
C PHE A 27 -63.24 -7.18 -42.00
N GLU A 28 -63.08 -6.98 -40.70
CA GLU A 28 -63.36 -8.02 -39.71
C GLU A 28 -64.55 -7.70 -38.81
N GLU A 29 -64.72 -6.43 -38.44
CA GLU A 29 -65.85 -6.00 -37.63
C GLU A 29 -66.45 -4.74 -38.23
N VAL A 30 -67.77 -4.74 -38.41
CA VAL A 30 -68.50 -3.61 -38.97
C VAL A 30 -69.63 -3.24 -38.02
N HIS A 31 -69.69 -1.97 -37.65
CA HIS A 31 -70.75 -1.46 -36.79
C HIS A 31 -71.19 -0.08 -37.28
N VAL A 32 -72.48 0.20 -37.14
CA VAL A 32 -73.07 1.43 -37.63
C VAL A 32 -73.95 2.04 -36.55
N PHE A 33 -73.80 3.34 -36.31
CA PHE A 33 -74.66 4.08 -35.41
C PHE A 33 -75.58 4.96 -36.25
N THR A 34 -76.89 4.79 -36.08
CA THR A 34 -77.87 5.55 -36.83
C THR A 34 -78.97 6.03 -35.88
N THR A 35 -79.71 7.03 -36.33
CA THR A 35 -80.77 7.62 -35.53
C THR A 35 -81.98 6.68 -35.50
N ASP A 36 -83.06 7.14 -34.86
CA ASP A 36 -84.29 6.37 -34.75
C ASP A 36 -85.13 6.41 -36.01
N SER A 37 -84.72 7.16 -37.03
CA SER A 37 -85.52 7.31 -38.24
C SER A 37 -85.80 5.96 -38.88
N GLU A 38 -87.07 5.75 -39.26
CA GLU A 38 -87.47 4.50 -39.89
C GLU A 38 -86.95 4.35 -41.31
N LYS A 39 -86.41 5.42 -41.90
CA LYS A 39 -85.95 5.35 -43.28
C LYS A 39 -84.81 4.35 -43.44
N PHE A 40 -83.89 4.31 -42.48
CA PHE A 40 -82.81 3.34 -42.52
C PHE A 40 -83.37 1.92 -42.54
N ASN A 41 -82.89 1.11 -43.48
CA ASN A 41 -83.42 -0.24 -43.67
C ASN A 41 -82.44 -1.27 -43.14
N PRO A 42 -82.75 -1.93 -42.01
CA PRO A 42 -81.82 -2.96 -41.50
C PRO A 42 -81.86 -4.26 -42.28
N VAL A 43 -82.87 -4.47 -43.12
CA VAL A 43 -83.03 -5.77 -43.77
C VAL A 43 -81.89 -6.04 -44.76
N VAL A 44 -81.57 -5.04 -45.59
CA VAL A 44 -80.53 -5.24 -46.61
C VAL A 44 -79.18 -5.47 -45.94
N LEU A 45 -78.86 -4.67 -44.93
CA LEU A 45 -77.59 -4.84 -44.23
C LEU A 45 -77.53 -6.19 -43.52
N ASN A 46 -78.64 -6.60 -42.91
CA ASN A 46 -78.67 -7.89 -42.24
C ASN A 46 -78.45 -9.03 -43.22
N ASP A 47 -79.08 -8.97 -44.39
CA ASP A 47 -78.86 -9.99 -45.41
C ASP A 47 -77.41 -10.00 -45.88
N PHE A 48 -76.85 -8.82 -46.13
CA PHE A 48 -75.47 -8.73 -46.61
C PHE A 48 -74.49 -9.31 -45.59
N PHE A 49 -74.71 -9.02 -44.30
CA PHE A 49 -73.80 -9.49 -43.27
C PHE A 49 -74.06 -10.94 -42.87
N HIS A 50 -75.26 -11.47 -43.12
CA HIS A 50 -75.48 -12.90 -42.96
C HIS A 50 -74.87 -13.68 -44.12
N SER A 51 -74.78 -13.06 -45.30
CA SER A 51 -74.05 -13.67 -46.41
C SER A 51 -72.56 -13.79 -46.10
N LEU A 52 -72.05 -13.01 -45.15
CA LEU A 52 -70.66 -13.09 -44.71
C LEU A 52 -70.64 -13.21 -43.18
N PRO A 53 -71.00 -14.39 -42.65
CA PRO A 53 -71.05 -14.54 -41.19
C PRO A 53 -69.70 -14.43 -40.51
N ASN A 54 -68.59 -14.54 -41.25
CA ASN A 54 -67.27 -14.45 -40.66
C ASN A 54 -66.95 -13.05 -40.13
N VAL A 55 -67.74 -12.05 -40.49
CA VAL A 55 -67.52 -10.67 -40.06
C VAL A 55 -68.56 -10.33 -39.00
N ARG A 56 -68.10 -9.93 -37.81
CA ARG A 56 -69.01 -9.57 -36.74
C ARG A 56 -69.77 -8.31 -37.09
N PHE A 57 -70.98 -8.20 -36.54
CA PHE A 57 -71.92 -7.15 -36.93
C PHE A 57 -72.71 -6.70 -35.70
N SER A 58 -72.89 -5.39 -35.56
CA SER A 58 -73.60 -4.85 -34.41
C SER A 58 -74.15 -3.47 -34.74
N ILE A 59 -75.42 -3.26 -34.42
CA ILE A 59 -76.12 -2.00 -34.66
C ILE A 59 -76.51 -1.38 -33.33
N THR A 60 -76.20 -0.09 -33.18
CA THR A 60 -76.70 0.72 -32.08
C THR A 60 -77.52 1.86 -32.67
N LYS A 61 -78.58 2.24 -31.98
CA LYS A 61 -79.49 3.26 -32.48
C LYS A 61 -79.71 4.32 -31.40
N CYS A 62 -79.83 5.58 -31.83
CA CYS A 62 -80.09 6.69 -30.93
C CYS A 62 -81.56 6.64 -30.53
N HIS A 63 -81.84 5.80 -29.55
CA HIS A 63 -83.23 5.56 -29.13
C HIS A 63 -83.81 6.81 -28.47
N GLY A 64 -85.01 7.18 -28.91
CA GLY A 64 -85.69 8.34 -28.38
C GLY A 64 -85.56 9.59 -29.23
N LEU A 65 -84.69 9.59 -30.24
CA LEU A 65 -84.48 10.75 -31.10
C LEU A 65 -84.59 10.30 -32.55
N ALA A 66 -85.76 10.54 -33.16
CA ALA A 66 -85.96 10.21 -34.56
C ALA A 66 -85.06 11.03 -35.47
N ASP A 67 -84.96 12.33 -35.21
CA ASP A 67 -84.14 13.22 -36.01
C ASP A 67 -83.75 14.43 -35.16
N ILE A 68 -82.73 15.14 -35.61
CA ILE A 68 -82.22 16.32 -34.92
C ILE A 68 -82.91 17.56 -35.47
N LEU A 69 -83.53 18.33 -34.58
CA LEU A 69 -84.20 19.57 -34.98
C LEU A 69 -83.87 20.76 -34.10
N ASN A 70 -83.25 20.56 -32.93
CA ASN A 70 -82.84 21.65 -32.07
C ASN A 70 -81.47 21.33 -31.48
N GLU A 71 -80.97 22.24 -30.64
CA GLU A 71 -79.64 22.08 -30.07
C GLU A 71 -79.57 20.89 -29.11
N ARG A 72 -80.63 20.68 -28.32
CA ARG A 72 -80.62 19.59 -27.35
C ARG A 72 -80.55 18.24 -28.05
N ASP A 73 -81.30 18.08 -29.15
CA ASP A 73 -81.22 16.84 -29.92
C ASP A 73 -79.82 16.60 -30.42
N PHE A 74 -79.18 17.64 -30.97
CA PHE A 74 -77.83 17.48 -31.51
C PHE A 74 -76.85 17.10 -30.41
N GLU A 75 -76.92 17.77 -29.25
CA GLU A 75 -75.95 17.48 -28.20
C GLU A 75 -76.16 16.09 -27.61
N PHE A 76 -77.42 15.68 -27.44
CA PHE A 76 -77.68 14.33 -26.97
C PHE A 76 -77.17 13.29 -27.97
N TYR A 77 -77.43 13.51 -29.26
CA TYR A 77 -76.95 12.57 -30.27
C TYR A 77 -75.43 12.52 -30.29
N GLN A 78 -74.78 13.67 -30.18
CA GLN A 78 -73.33 13.71 -30.19
C GLN A 78 -72.74 12.99 -28.99
N GLU A 79 -73.36 13.18 -27.81
CA GLU A 79 -72.88 12.48 -26.62
C GLU A 79 -73.05 10.98 -26.75
N MET A 80 -74.21 10.53 -27.26
CA MET A 80 -74.41 9.10 -27.45
C MET A 80 -73.45 8.55 -28.49
N LEU A 81 -73.19 9.31 -29.55
CA LEU A 81 -72.25 8.89 -30.57
C LEU A 81 -70.84 8.76 -30.00
N TRP A 82 -70.43 9.71 -29.16
CA TRP A 82 -69.11 9.62 -28.56
C TRP A 82 -69.01 8.44 -27.61
N GLN A 83 -70.08 8.18 -26.84
CA GLN A 83 -70.09 7.00 -25.98
C GLN A 83 -69.98 5.72 -26.80
N TRP A 84 -70.72 5.64 -27.91
CA TRP A 84 -70.67 4.45 -28.76
C TRP A 84 -69.30 4.26 -29.39
N TYR A 85 -68.69 5.34 -29.89
CA TYR A 85 -67.35 5.27 -30.45
C TYR A 85 -66.34 4.84 -29.40
N LEU A 86 -66.49 5.37 -28.18
CA LEU A 86 -65.57 5.03 -27.10
C LEU A 86 -65.70 3.56 -26.72
N THR A 87 -66.92 3.04 -26.66
CA THR A 87 -67.13 1.66 -26.23
C THR A 87 -66.92 0.65 -27.35
N LYS A 88 -66.86 1.09 -28.61
CA LYS A 88 -66.74 0.17 -29.73
C LYS A 88 -65.40 0.23 -30.43
N MET A 89 -64.51 1.15 -30.04
CA MET A 89 -63.18 1.15 -30.63
C MET A 89 -62.36 -0.03 -30.08
N PRO A 90 -61.41 -0.53 -30.87
CA PRO A 90 -60.57 -1.64 -30.39
C PRO A 90 -59.71 -1.21 -29.21
N ASP A 91 -59.39 -2.19 -28.36
CA ASP A 91 -58.66 -1.89 -27.13
C ASP A 91 -57.27 -1.33 -27.42
N ASN A 92 -56.58 -1.90 -28.40
CA ASN A 92 -55.21 -1.50 -28.71
C ASN A 92 -55.10 -0.66 -29.97
N GLU A 93 -55.62 -1.16 -31.10
CA GLU A 93 -55.47 -0.49 -32.38
C GLU A 93 -56.60 0.50 -32.61
N LEU A 94 -56.31 1.52 -33.43
CA LEU A 94 -57.33 2.49 -33.79
C LEU A 94 -58.29 1.88 -34.80
N PRO A 95 -59.54 2.36 -34.84
CA PRO A 95 -60.52 1.82 -35.79
C PRO A 95 -60.59 2.62 -37.09
N TYR A 96 -61.29 2.04 -38.06
CA TYR A 96 -61.56 2.68 -39.33
C TYR A 96 -62.88 3.45 -39.25
N VAL A 97 -63.02 4.48 -40.06
CA VAL A 97 -64.19 5.35 -40.03
C VAL A 97 -64.64 5.66 -41.45
N CYS A 98 -65.96 5.57 -41.67
CA CYS A 98 -66.60 6.06 -42.89
C CYS A 98 -67.79 6.91 -42.51
N LEU A 99 -68.05 7.95 -43.30
CA LEU A 99 -69.12 8.90 -43.00
C LEU A 99 -69.98 9.20 -44.22
N SER A 100 -69.94 8.36 -45.25
CA SER A 100 -70.62 8.67 -46.50
C SER A 100 -72.13 8.78 -46.34
N GLY A 101 -72.70 8.18 -45.28
CA GLY A 101 -74.11 8.27 -45.03
C GLY A 101 -74.45 9.27 -43.95
N GLY A 102 -75.70 9.70 -43.95
CA GLY A 102 -76.18 10.64 -42.96
C GLY A 102 -76.11 12.09 -43.43
N ILE A 103 -76.94 12.93 -42.82
CA ILE A 103 -76.97 14.35 -43.14
C ILE A 103 -75.78 15.02 -42.48
N LYS A 104 -75.54 16.29 -42.81
CA LYS A 104 -74.30 16.97 -42.42
C LYS A 104 -74.07 16.94 -40.91
N SER A 105 -75.12 16.96 -40.10
CA SER A 105 -74.96 17.04 -38.65
C SER A 105 -74.23 15.82 -38.11
N MET A 106 -74.78 14.63 -38.33
CA MET A 106 -74.16 13.41 -37.82
C MET A 106 -72.79 13.18 -38.44
N SER A 107 -72.65 13.46 -39.74
CA SER A 107 -71.36 13.27 -40.40
C SER A 107 -70.29 14.15 -39.76
N ALA A 108 -70.60 15.43 -39.54
CA ALA A 108 -69.64 16.32 -38.91
C ALA A 108 -69.35 15.90 -37.48
N SER A 109 -70.37 15.46 -36.74
CA SER A 109 -70.16 15.02 -35.37
C SER A 109 -69.22 13.82 -35.31
N LEU A 110 -69.42 12.84 -36.19
CA LEU A 110 -68.57 11.66 -36.16
C LEU A 110 -67.17 11.97 -36.69
N GLN A 111 -67.06 12.91 -37.63
CA GLN A 111 -65.73 13.32 -38.08
C GLN A 111 -64.96 14.01 -36.96
N LYS A 112 -65.64 14.87 -36.18
CA LYS A 112 -64.98 15.49 -35.04
C LYS A 112 -64.65 14.45 -33.97
N ALA A 113 -65.48 13.42 -33.84
CA ALA A 113 -65.14 12.30 -32.97
C ALA A 113 -63.85 11.62 -33.43
N ALA A 114 -63.74 11.38 -34.74
CA ALA A 114 -62.56 10.72 -35.28
C ALA A 114 -61.31 11.56 -35.08
N THR A 115 -61.41 12.87 -35.31
CA THR A 115 -60.25 13.73 -35.11
C THR A 115 -60.00 14.03 -33.65
N LEU A 116 -60.92 13.67 -32.76
CA LEU A 116 -60.74 13.82 -31.32
C LEU A 116 -60.24 12.55 -30.66
N PHE A 117 -60.79 11.40 -31.02
CA PHE A 117 -60.43 10.12 -30.42
C PHE A 117 -59.42 9.33 -31.24
N GLY A 118 -59.03 9.82 -32.41
CA GLY A 118 -58.08 9.10 -33.25
C GLY A 118 -58.73 8.00 -34.06
N ALA A 119 -58.28 7.83 -35.30
CA ALA A 119 -58.84 6.83 -36.20
C ALA A 119 -57.73 6.20 -37.04
N GLN A 120 -57.80 4.88 -37.22
CA GLN A 120 -56.79 4.19 -38.02
C GLN A 120 -56.82 4.67 -39.47
N SER A 121 -58.01 4.85 -40.03
CA SER A 121 -58.15 5.38 -41.39
C SER A 121 -59.57 5.87 -41.56
N VAL A 122 -59.72 7.15 -41.89
CA VAL A 122 -61.03 7.75 -42.16
C VAL A 122 -61.16 7.96 -43.65
N PHE A 123 -62.31 7.59 -44.22
CA PHE A 123 -62.48 7.62 -45.65
C PHE A 123 -63.96 7.79 -46.00
N HIS A 124 -64.22 7.99 -47.28
CA HIS A 124 -65.57 8.14 -47.81
C HIS A 124 -65.72 7.27 -49.05
N VAL A 125 -66.96 6.88 -49.32
CA VAL A 125 -67.29 6.12 -50.53
C VAL A 125 -68.29 6.94 -51.33
N LEU A 126 -68.04 7.06 -52.63
CA LEU A 126 -68.91 7.83 -53.52
C LEU A 126 -69.14 7.04 -54.79
N ALA A 127 -70.40 6.79 -55.12
CA ALA A 127 -70.77 6.03 -56.31
C ALA A 127 -71.36 6.96 -57.36
N ASP A 128 -70.84 6.87 -58.58
CA ASP A 128 -71.29 7.75 -59.64
C ASP A 128 -72.75 7.49 -60.01
N ASN A 129 -73.14 6.21 -60.03
CA ASN A 129 -74.46 5.82 -60.49
C ASN A 129 -75.50 5.78 -59.37
N ASN A 130 -75.13 6.21 -58.16
CA ASN A 130 -75.95 6.24 -56.94
C ASN A 130 -76.91 5.05 -56.86
N PRO A 131 -76.38 3.84 -56.73
CA PRO A 131 -77.24 2.65 -56.71
C PRO A 131 -78.05 2.57 -55.42
N ARG A 132 -79.05 1.68 -55.45
CA ARG A 132 -79.93 1.47 -54.30
C ARG A 132 -79.93 0.04 -53.79
N ASN A 133 -79.82 -0.96 -54.66
CA ASN A 133 -79.79 -2.35 -54.25
C ASN A 133 -78.42 -2.95 -54.58
N ILE A 134 -78.19 -4.17 -54.07
CA ILE A 134 -76.88 -4.78 -54.19
C ILE A 134 -76.53 -5.12 -55.64
N GLU A 135 -77.54 -5.48 -56.44
CA GLU A 135 -77.29 -5.89 -57.81
C GLU A 135 -76.74 -4.76 -58.66
N GLU A 136 -76.90 -3.51 -58.23
CA GLU A 136 -76.37 -2.39 -59.01
C GLU A 136 -74.93 -2.05 -58.62
N MET A 137 -74.65 -1.86 -57.33
CA MET A 137 -73.27 -1.50 -57.04
C MET A 137 -72.33 -2.68 -57.16
N PHE A 138 -72.83 -3.92 -57.25
CA PHE A 138 -71.96 -5.02 -57.63
C PHE A 138 -71.27 -4.73 -58.95
N ASP A 139 -72.04 -4.40 -60.00
CA ASP A 139 -71.41 -4.06 -61.27
C ASP A 139 -70.76 -2.69 -61.23
N ALA A 140 -71.27 -1.77 -60.41
CA ALA A 140 -70.66 -0.46 -60.31
C ALA A 140 -69.22 -0.55 -59.82
N LEU A 141 -68.98 -1.36 -58.77
CA LEU A 141 -67.61 -1.62 -58.35
C LEU A 141 -66.88 -2.50 -59.35
N GLN A 142 -67.61 -3.40 -60.03
CA GLN A 142 -67.00 -4.13 -61.15
C GLN A 142 -66.67 -3.20 -62.31
N LYS A 143 -67.48 -2.16 -62.53
CA LYS A 143 -67.19 -1.18 -63.57
C LYS A 143 -66.20 -0.12 -63.12
N GLY A 144 -65.95 0.00 -61.82
CA GLY A 144 -64.99 0.96 -61.31
C GLY A 144 -65.52 2.35 -61.07
N GLN A 145 -66.82 2.58 -61.25
CA GLN A 145 -67.38 3.90 -60.99
C GLN A 145 -67.37 4.27 -59.52
N ILE A 146 -67.25 3.29 -58.64
CA ILE A 146 -67.25 3.53 -57.19
C ILE A 146 -65.86 4.01 -56.77
N HIS A 147 -65.83 5.11 -56.03
CA HIS A 147 -64.57 5.72 -55.59
C HIS A 147 -64.46 5.63 -54.08
N PHE A 148 -63.29 5.20 -53.61
CA PHE A 148 -62.97 5.11 -52.19
C PHE A 148 -61.97 6.22 -51.88
N ILE A 149 -62.49 7.39 -51.52
CA ILE A 149 -61.65 8.56 -51.29
C ILE A 149 -61.15 8.55 -49.86
N GLU A 150 -59.92 9.02 -49.67
CA GLU A 150 -59.29 9.13 -48.35
C GLU A 150 -58.75 10.55 -48.20
N MET A 151 -59.24 11.24 -47.17
CA MET A 151 -58.79 12.61 -46.90
C MET A 151 -57.63 12.65 -45.90
N GLY A 152 -57.11 11.50 -45.48
CA GLY A 152 -55.93 11.48 -44.65
C GLY A 152 -56.11 10.79 -43.32
N TYR A 153 -55.05 10.12 -42.85
CA TYR A 153 -55.08 9.47 -41.55
C TYR A 153 -55.15 10.52 -40.45
N GLU A 154 -55.78 10.15 -39.33
CA GLU A 154 -55.92 11.05 -38.18
C GLU A 154 -55.37 10.35 -36.94
N PRO A 155 -54.33 10.88 -36.31
CA PRO A 155 -53.76 10.21 -35.13
C PRO A 155 -54.58 10.40 -33.87
N GLY A 156 -55.14 11.60 -33.69
CA GLY A 156 -55.83 11.92 -32.47
C GLY A 156 -54.87 12.06 -31.30
N TRP A 157 -55.44 12.39 -30.14
CA TRP A 157 -54.64 12.55 -28.95
C TRP A 157 -54.07 11.21 -28.51
N ALA A 158 -52.83 11.23 -28.02
CA ALA A 158 -52.17 10.00 -27.58
C ALA A 158 -52.93 9.36 -26.44
N ALA A 159 -53.39 10.16 -25.47
CA ALA A 159 -54.20 9.67 -24.35
C ALA A 159 -55.49 10.48 -24.31
N LEU A 160 -56.46 10.07 -25.12
CA LEU A 160 -57.82 10.58 -25.00
C LEU A 160 -58.85 9.49 -25.25
N ARG A 161 -58.43 8.25 -25.47
CA ARG A 161 -59.31 7.10 -25.42
C ARG A 161 -59.36 6.49 -24.03
N ARG A 162 -58.49 6.93 -23.12
CA ARG A 162 -58.46 6.40 -21.77
C ARG A 162 -59.77 6.65 -21.04
N LEU A 163 -60.59 7.58 -21.53
CA LEU A 163 -61.91 7.78 -20.94
C LEU A 163 -62.73 6.50 -20.93
N LYS A 164 -62.47 5.58 -21.87
CA LYS A 164 -63.18 4.30 -21.88
C LYS A 164 -63.09 3.57 -20.55
N LYS A 165 -62.19 3.98 -19.66
CA LYS A 165 -62.12 3.39 -18.33
C LYS A 165 -62.66 4.29 -17.23
N ILE A 166 -62.53 5.61 -17.35
CA ILE A 166 -62.91 6.49 -16.25
C ILE A 166 -64.43 6.63 -16.16
N LEU A 167 -65.10 6.77 -17.30
CA LEU A 167 -66.55 6.86 -17.31
C LEU A 167 -67.13 5.52 -17.75
N PRO A 168 -67.66 4.76 -16.75
CA PRO A 168 -68.19 3.45 -17.03
C PRO A 168 -69.07 3.70 -18.24
N ILE A 169 -68.52 3.47 -19.42
CA ILE A 169 -69.36 3.55 -20.63
C ILE A 169 -70.74 3.01 -20.25
N ASN A 170 -71.65 3.87 -19.78
CA ASN A 170 -72.99 3.40 -19.34
C ASN A 170 -73.81 3.03 -20.58
N GLU A 171 -74.80 2.14 -20.45
CA GLU A 171 -75.56 1.66 -21.64
C GLU A 171 -76.24 2.83 -22.35
N GLY A 172 -76.79 3.78 -21.60
CA GLY A 172 -77.52 4.91 -22.20
C GLY A 172 -78.49 5.47 -21.17
N CYS A 173 -79.41 6.36 -21.57
CA CYS A 173 -80.29 6.97 -20.54
C CYS A 173 -81.30 7.93 -21.16
N SER A 174 -82.52 7.93 -20.62
CA SER A 174 -83.55 8.90 -21.08
C SER A 174 -83.00 10.30 -20.84
N ARG A 175 -83.49 11.28 -21.59
CA ARG A 175 -82.88 12.60 -21.47
C ARG A 175 -82.93 13.13 -20.04
N ASP A 176 -83.88 12.67 -19.23
CA ASP A 176 -83.92 13.10 -17.83
C ASP A 176 -82.69 12.62 -17.08
N ASN A 177 -82.28 11.36 -17.30
CA ASN A 177 -81.06 10.82 -16.70
C ASN A 177 -79.89 11.16 -17.61
N PHE A 178 -79.46 12.40 -17.53
CA PHE A 178 -78.45 12.95 -18.42
C PHE A 178 -77.17 13.27 -17.65
N LYS A 179 -76.06 12.72 -18.13
CA LYS A 179 -74.73 13.03 -17.59
C LYS A 179 -73.87 13.51 -18.75
N PRO A 180 -73.37 14.75 -18.72
CA PRO A 180 -72.66 15.28 -19.88
C PRO A 180 -71.18 14.92 -19.96
N LEU A 181 -70.88 13.74 -20.51
CA LEU A 181 -69.50 13.44 -20.89
C LEU A 181 -68.94 14.49 -21.82
N ILE A 182 -69.79 15.08 -22.66
CA ILE A 182 -69.38 16.17 -23.54
C ILE A 182 -68.76 17.28 -22.72
N SER A 183 -69.42 17.65 -21.62
CA SER A 183 -68.91 18.71 -20.76
C SER A 183 -67.56 18.35 -20.18
N LYS A 184 -67.38 17.10 -19.75
CA LYS A 184 -66.11 16.68 -19.17
C LYS A 184 -64.97 16.79 -20.19
N SER A 185 -65.18 16.24 -21.38
CA SER A 185 -64.14 16.31 -22.40
C SER A 185 -63.83 17.76 -22.79
N ILE A 186 -64.88 18.57 -22.97
CA ILE A 186 -64.69 19.96 -23.39
C ILE A 186 -63.94 20.72 -22.31
N GLU A 187 -64.34 20.57 -21.04
CA GLU A 187 -63.68 21.31 -19.98
C GLU A 187 -62.24 20.87 -19.82
N GLU A 188 -61.96 19.57 -19.93
CA GLU A 188 -60.58 19.12 -19.82
C GLU A 188 -59.72 19.74 -20.93
N ILE A 189 -60.16 19.59 -22.18
CA ILE A 189 -59.40 20.12 -23.30
C ILE A 189 -59.19 21.62 -23.14
N LEU A 190 -60.27 22.36 -22.86
CA LEU A 190 -60.20 23.81 -22.78
C LEU A 190 -59.30 24.24 -21.63
N SER A 191 -59.67 23.91 -20.40
CA SER A 191 -58.96 24.38 -19.22
C SER A 191 -57.56 23.82 -19.09
N ASN A 192 -57.18 22.81 -19.88
CA ASN A 192 -55.78 22.43 -19.95
C ASN A 192 -55.07 23.03 -21.15
N VAL A 193 -55.82 23.57 -22.11
CA VAL A 193 -55.21 24.37 -23.17
C VAL A 193 -55.34 25.87 -22.89
N LYS A 194 -56.37 26.28 -22.15
CA LYS A 194 -56.50 27.67 -21.77
C LYS A 194 -55.59 27.99 -20.59
N ILE A 195 -54.33 27.61 -20.73
CA ILE A 195 -53.30 27.93 -19.76
C ILE A 195 -52.09 28.60 -20.41
N MET A 196 -51.99 28.60 -21.73
CA MET A 196 -50.91 29.27 -22.46
C MET A 196 -49.54 28.87 -21.93
N ALA A 197 -48.52 29.65 -22.22
CA ALA A 197 -47.19 29.42 -21.66
C ALA A 197 -46.87 30.42 -20.53
N SER A 198 -47.66 30.38 -19.46
CA SER A 198 -47.33 31.20 -18.28
C SER A 198 -47.04 30.38 -17.04
N ASP A 199 -48.02 29.64 -16.50
CA ASP A 199 -47.77 28.76 -15.36
C ASP A 199 -48.91 27.74 -15.29
N THR A 200 -48.69 26.52 -15.79
CA THR A 200 -47.65 25.82 -16.57
C THR A 200 -46.30 25.62 -15.88
N GLY A 201 -46.17 26.08 -14.64
CA GLY A 201 -45.00 25.73 -13.84
C GLY A 201 -45.20 24.37 -13.20
N LYS A 202 -46.41 24.15 -12.72
CA LYS A 202 -46.74 22.85 -12.16
C LYS A 202 -46.73 21.77 -13.24
N SER A 203 -46.69 22.16 -14.51
CA SER A 203 -46.50 21.18 -15.58
C SER A 203 -45.20 20.42 -15.41
N ASN A 204 -44.08 21.14 -15.25
CA ASN A 204 -42.83 20.44 -15.00
C ASN A 204 -42.71 19.99 -13.54
N GLN A 205 -43.30 20.76 -12.61
CA GLN A 205 -43.16 20.39 -11.20
C GLN A 205 -43.79 19.03 -10.89
N LEU A 206 -44.62 18.51 -11.79
CA LEU A 206 -45.20 17.20 -11.62
C LEU A 206 -44.43 16.16 -12.42
N PRO A 207 -44.26 14.96 -11.87
CA PRO A 207 -43.75 13.83 -12.66
C PRO A 207 -44.88 13.22 -13.47
N PHE A 208 -44.57 12.12 -14.16
CA PHE A 208 -45.54 11.44 -15.01
C PHE A 208 -46.15 12.43 -16.00
N PRO A 209 -45.41 12.80 -17.05
CA PRO A 209 -45.80 13.95 -17.89
C PRO A 209 -47.24 13.96 -18.40
N SER A 210 -47.90 12.81 -18.40
CA SER A 210 -49.31 12.79 -18.79
C SER A 210 -50.22 13.41 -17.75
N LEU A 211 -49.71 13.72 -16.56
CA LEU A 211 -50.51 14.35 -15.52
C LEU A 211 -50.97 15.75 -15.92
N ALA A 212 -50.26 16.42 -16.83
CA ALA A 212 -50.69 17.74 -17.28
C ALA A 212 -52.03 17.66 -18.01
N ILE A 213 -52.22 16.60 -18.80
CA ILE A 213 -53.47 16.41 -19.54
C ILE A 213 -54.66 16.21 -18.60
N LEU A 214 -54.41 15.76 -17.37
CA LEU A 214 -55.48 15.56 -16.41
C LEU A 214 -56.24 16.87 -16.20
N PRO A 215 -57.57 16.81 -16.10
CA PRO A 215 -58.35 18.05 -16.06
C PRO A 215 -58.03 18.84 -14.81
N PRO A 216 -58.12 20.17 -14.87
CA PRO A 216 -57.86 20.99 -13.68
C PRO A 216 -58.88 20.80 -12.57
N ILE A 217 -60.05 20.23 -12.87
CA ILE A 217 -61.04 19.97 -11.83
C ILE A 217 -60.46 19.03 -10.77
N ALA A 218 -59.53 18.17 -11.16
CA ALA A 218 -58.81 17.32 -10.22
C ALA A 218 -57.35 17.68 -10.03
N GLN A 219 -56.77 18.42 -10.99
CA GLN A 219 -55.36 18.78 -10.87
C GLN A 219 -55.12 19.68 -9.66
N GLN A 220 -56.02 20.64 -9.42
CA GLN A 220 -55.89 21.46 -8.22
C GLN A 220 -56.24 20.67 -6.97
N TRP A 221 -57.08 19.64 -7.11
CA TRP A 221 -57.37 18.77 -5.97
C TRP A 221 -56.14 17.97 -5.56
N LEU A 222 -55.23 17.74 -6.49
CA LEU A 222 -54.02 16.98 -6.17
C LEU A 222 -53.11 17.78 -5.24
N GLN A 223 -53.10 19.10 -5.36
CA GLN A 223 -52.21 19.92 -4.53
C GLN A 223 -52.72 20.12 -3.11
N LEU A 224 -53.97 19.74 -2.81
CA LEU A 224 -54.48 19.92 -1.47
C LEU A 224 -53.76 19.00 -0.49
N PRO A 225 -53.63 19.40 0.77
CA PRO A 225 -52.93 18.56 1.75
C PRO A 225 -53.60 17.20 1.92
N LEU A 226 -52.77 16.18 2.11
CA LEU A 226 -53.28 14.83 2.24
C LEU A 226 -54.08 14.65 3.52
N SER A 227 -55.05 13.74 3.47
CA SER A 227 -55.89 13.42 4.61
C SER A 227 -56.02 11.91 4.74
N ALA A 228 -56.33 11.45 5.94
CA ALA A 228 -56.46 10.02 6.20
C ALA A 228 -57.69 9.41 5.53
N ASN A 229 -58.61 10.24 5.04
CA ASN A 229 -59.83 9.71 4.43
C ASN A 229 -59.67 9.36 2.95
N ASP A 230 -58.53 9.69 2.35
CA ASP A 230 -58.28 9.38 0.94
C ASP A 230 -57.67 8.00 0.75
N GLY A 231 -57.67 7.17 1.79
CA GLY A 231 -56.97 5.89 1.70
C GLY A 231 -57.45 5.03 0.54
N ALA A 232 -58.77 5.02 0.31
CA ALA A 232 -59.31 4.27 -0.82
C ALA A 232 -58.57 4.64 -2.10
N TRP A 233 -58.40 5.94 -2.36
CA TRP A 233 -57.70 6.37 -3.56
C TRP A 233 -56.30 5.75 -3.63
N ILE A 234 -55.54 5.87 -2.54
CA ILE A 234 -54.17 5.41 -2.59
C ILE A 234 -54.12 3.88 -2.64
N GLN A 235 -55.23 3.20 -2.31
CA GLN A 235 -55.29 1.77 -2.54
C GLN A 235 -55.21 1.44 -4.01
N ASN A 236 -55.87 2.24 -4.85
CA ASN A 236 -55.87 2.00 -6.29
C ASN A 236 -54.58 2.45 -6.96
N LEU A 237 -53.75 3.21 -6.27
CA LEU A 237 -52.51 3.70 -6.87
C LEU A 237 -51.53 2.56 -7.06
N PRO A 238 -51.00 2.36 -8.27
CA PRO A 238 -49.85 1.47 -8.40
C PRO A 238 -48.66 2.02 -7.61
N LYS A 239 -47.96 1.12 -6.92
CA LYS A 239 -46.91 1.53 -5.99
C LYS A 239 -45.66 0.71 -6.24
N VAL A 240 -44.60 1.06 -5.52
CA VAL A 240 -43.30 0.39 -5.63
C VAL A 240 -42.73 0.20 -4.23
N ASP A 241 -42.24 -1.00 -3.96
CA ASP A 241 -41.64 -1.34 -2.67
C ASP A 241 -40.20 -1.77 -2.89
N LEU A 242 -39.29 -1.21 -2.09
CA LEU A 242 -37.87 -1.54 -2.20
C LEU A 242 -37.28 -2.19 -0.96
N HIS A 243 -37.93 -2.10 0.19
CA HIS A 243 -37.46 -2.72 1.42
C HIS A 243 -38.55 -3.65 1.94
N CYS A 244 -38.45 -4.93 1.60
CA CYS A 244 -39.42 -5.95 2.03
C CYS A 244 -38.64 -7.24 2.26
N HIS A 245 -38.29 -7.50 3.52
CA HIS A 245 -37.57 -8.72 3.86
C HIS A 245 -38.45 -9.94 3.61
N LEU A 246 -37.86 -10.96 2.98
CA LEU A 246 -38.62 -12.17 2.67
C LEU A 246 -39.09 -12.87 3.93
N GLY A 247 -38.23 -12.97 4.93
CA GLY A 247 -38.57 -13.62 6.18
C GLY A 247 -39.36 -12.78 7.15
N GLY A 248 -39.78 -11.59 6.73
CA GLY A 248 -40.51 -10.70 7.61
C GLY A 248 -42.00 -10.65 7.33
N PHE A 249 -42.54 -11.67 6.65
CA PHE A 249 -43.94 -11.64 6.23
C PHE A 249 -44.86 -12.33 7.24
N ALA A 250 -44.64 -13.61 7.49
CA ALA A 250 -45.54 -14.40 8.33
C ALA A 250 -45.05 -14.34 9.78
N THR A 251 -45.55 -13.37 10.53
CA THR A 251 -45.24 -13.25 11.94
C THR A 251 -46.46 -13.10 12.82
N SER A 252 -47.64 -12.85 12.26
CA SER A 252 -48.86 -12.67 13.05
C SER A 252 -50.06 -12.96 12.17
N GLY A 253 -51.20 -13.15 12.81
CA GLY A 253 -52.44 -13.38 12.10
C GLY A 253 -52.55 -14.76 11.51
N SER A 254 -53.53 -14.91 10.61
CA SER A 254 -53.75 -16.18 9.94
C SER A 254 -52.60 -16.58 9.02
N LEU A 255 -51.71 -15.63 8.69
CA LEU A 255 -50.53 -15.96 7.91
C LEU A 255 -49.70 -17.04 8.59
N LEU A 256 -49.52 -16.92 9.92
CA LEU A 256 -48.82 -17.95 10.67
C LEU A 256 -49.51 -19.29 10.53
N ASP A 257 -50.83 -19.32 10.69
CA ASP A 257 -51.56 -20.59 10.62
C ASP A 257 -51.40 -21.24 9.26
N GLN A 258 -51.53 -20.46 8.18
CA GLN A 258 -51.41 -21.02 6.85
C GLN A 258 -49.99 -21.46 6.54
N VAL A 259 -48.99 -20.71 7.00
CA VAL A 259 -47.60 -21.08 6.70
C VAL A 259 -47.18 -22.31 7.49
N ARG A 260 -47.68 -22.45 8.73
CA ARG A 260 -47.35 -23.64 9.50
C ARG A 260 -48.13 -24.85 9.03
N GLY A 261 -49.32 -24.64 8.46
CA GLY A 261 -50.08 -25.75 7.91
C GLY A 261 -49.45 -26.37 6.68
N ALA A 262 -48.55 -25.66 6.01
CA ALA A 262 -47.88 -26.16 4.83
C ALA A 262 -46.55 -26.83 5.13
N ALA A 263 -46.16 -26.91 6.40
CA ALA A 263 -44.91 -27.58 6.76
C ALA A 263 -45.02 -29.08 6.50
N SER A 264 -43.97 -29.65 5.90
CA SER A 264 -43.99 -31.07 5.58
C SER A 264 -44.04 -31.92 6.85
N GLU A 265 -43.19 -31.61 7.83
CA GLU A 265 -43.21 -32.29 9.11
C GLU A 265 -43.68 -31.34 10.20
N PRO A 266 -44.84 -31.58 10.83
CA PRO A 266 -45.30 -30.71 11.90
C PRO A 266 -44.73 -31.05 13.27
N ASP A 267 -43.87 -32.07 13.37
CA ASP A 267 -43.37 -32.49 14.67
C ASP A 267 -42.35 -31.50 15.22
N LEU A 268 -41.42 -31.04 14.39
CA LEU A 268 -40.33 -30.19 14.87
C LEU A 268 -40.75 -28.75 15.12
N ILE A 269 -41.74 -28.25 14.38
CA ILE A 269 -42.11 -26.84 14.50
C ILE A 269 -42.71 -26.57 15.88
N ASP A 270 -42.21 -25.51 16.53
CA ASP A 270 -42.69 -25.13 17.86
C ASP A 270 -43.83 -24.12 17.70
N ARG A 271 -45.03 -24.66 17.50
CA ARG A 271 -46.21 -23.83 17.34
C ARG A 271 -46.63 -23.13 18.63
N THR A 272 -46.05 -23.52 19.78
CA THR A 272 -46.44 -22.93 21.05
C THR A 272 -46.04 -21.46 21.12
N PHE A 273 -44.88 -21.11 20.55
CA PHE A 273 -44.41 -19.73 20.60
C PHE A 273 -45.37 -18.80 19.87
N SER A 274 -45.71 -17.69 20.52
CA SER A 274 -46.60 -16.68 19.95
C SER A 274 -46.02 -15.31 20.24
N PRO A 275 -46.11 -14.38 19.29
CA PRO A 275 -45.61 -13.03 19.54
C PRO A 275 -46.41 -12.32 20.62
N GLN A 276 -45.72 -11.45 21.36
CA GLN A 276 -46.38 -10.64 22.37
C GLN A 276 -47.00 -9.40 21.73
N GLU A 277 -48.22 -9.08 22.15
CA GLU A 277 -48.94 -7.95 21.58
C GLU A 277 -48.49 -6.64 22.22
N ILE A 278 -48.49 -5.58 21.42
CA ILE A 278 -48.17 -4.24 21.88
C ILE A 278 -49.45 -3.42 21.85
N ALA A 279 -49.70 -2.68 22.94
CA ALA A 279 -50.95 -1.95 23.06
C ALA A 279 -51.14 -0.97 21.91
N GLY A 280 -52.29 -1.06 21.25
CA GLY A 280 -52.62 -0.18 20.16
C GLY A 280 -51.90 -0.46 18.85
N TRP A 281 -51.25 -1.61 18.73
CA TRP A 281 -50.46 -1.90 17.54
C TRP A 281 -51.34 -1.86 16.29
N PRO A 282 -50.87 -1.26 15.20
CA PRO A 282 -49.54 -0.67 14.98
C PRO A 282 -49.37 0.74 15.56
N ARG A 283 -50.45 1.36 16.03
CA ARG A 283 -50.37 2.69 16.64
C ARG A 283 -49.92 2.55 18.09
N SER A 284 -48.63 2.27 18.26
CA SER A 284 -48.07 2.08 19.60
C SER A 284 -48.05 3.40 20.35
N HIS A 285 -48.31 3.33 21.65
CA HIS A 285 -48.34 4.51 22.49
C HIS A 285 -46.96 4.90 23.03
N LYS A 286 -45.95 4.06 22.82
CA LYS A 286 -44.59 4.38 23.21
C LYS A 286 -43.65 3.85 22.14
N SER A 287 -42.42 4.37 22.15
CA SER A 287 -41.39 3.85 21.25
C SER A 287 -40.98 2.45 21.68
N ILE A 288 -40.76 1.59 20.71
CA ILE A 288 -40.39 0.19 20.94
C ILE A 288 -38.92 0.02 20.62
N SER A 289 -38.17 -0.59 21.54
CA SER A 289 -36.75 -0.78 21.35
C SER A 289 -36.48 -1.79 20.24
N LEU A 290 -35.28 -1.70 19.67
CA LEU A 290 -34.92 -2.59 18.57
C LEU A 290 -34.88 -4.04 19.01
N ASP A 291 -34.30 -4.32 20.18
CA ASP A 291 -34.32 -5.69 20.69
C ASP A 291 -35.74 -6.20 20.81
N LYS A 292 -36.65 -5.34 21.28
CA LYS A 292 -38.06 -5.66 21.24
C LYS A 292 -38.54 -5.84 19.80
N TYR A 293 -37.96 -5.10 18.85
CA TYR A 293 -38.40 -5.23 17.46
C TYR A 293 -38.16 -6.63 16.92
N MET A 294 -36.92 -7.14 17.00
CA MET A 294 -36.78 -8.48 16.46
C MET A 294 -37.09 -9.58 17.46
N GLU A 295 -37.43 -9.26 18.72
CA GLU A 295 -38.07 -10.30 19.54
C GLU A 295 -39.55 -10.42 19.19
N LEU A 296 -40.18 -9.33 18.76
CA LEU A 296 -41.49 -9.42 18.13
C LEU A 296 -41.40 -10.18 16.82
N GLY A 297 -40.35 -9.93 16.05
CA GLY A 297 -40.10 -10.69 14.85
C GLY A 297 -39.44 -12.03 15.07
N ASN A 298 -39.15 -12.40 16.33
CA ASN A 298 -38.50 -13.67 16.62
C ASN A 298 -39.40 -14.87 16.31
N ALA A 299 -40.72 -14.66 16.23
CA ALA A 299 -41.61 -15.76 15.86
C ALA A 299 -41.28 -16.26 14.46
N ASN A 300 -41.02 -15.35 13.52
CA ASN A 300 -40.54 -15.70 12.20
C ASN A 300 -39.02 -15.70 12.22
N GLY A 301 -38.40 -15.79 11.05
CA GLY A 301 -36.96 -15.84 10.96
C GLY A 301 -36.46 -16.98 10.11
N SER A 302 -35.76 -17.93 10.73
CA SER A 302 -35.26 -19.11 10.04
C SER A 302 -35.64 -20.42 10.71
N LYS A 303 -36.33 -20.38 11.85
CA LYS A 303 -36.65 -21.60 12.56
C LYS A 303 -37.70 -22.43 11.83
N LEU A 304 -38.69 -21.76 11.22
CA LEU A 304 -39.81 -22.47 10.61
C LEU A 304 -39.74 -22.55 9.09
N LEU A 305 -38.90 -21.74 8.45
CA LEU A 305 -38.80 -21.72 6.99
C LEU A 305 -37.75 -22.68 6.45
N LYS A 306 -37.13 -23.48 7.32
CA LYS A 306 -36.15 -24.45 6.85
C LYS A 306 -36.78 -25.46 5.90
N ASP A 307 -38.04 -25.83 6.15
CA ASP A 307 -38.73 -26.78 5.29
C ASP A 307 -38.98 -26.17 3.92
N LYS A 308 -38.83 -27.00 2.87
CA LYS A 308 -39.01 -26.52 1.50
C LYS A 308 -40.44 -26.09 1.24
N GLY A 309 -41.41 -26.91 1.66
CA GLY A 309 -42.80 -26.57 1.42
C GLY A 309 -43.23 -25.30 2.14
N CYS A 310 -42.75 -25.13 3.37
CA CYS A 310 -43.06 -23.92 4.12
C CYS A 310 -42.51 -22.68 3.41
N LEU A 311 -41.28 -22.77 2.90
CA LEU A 311 -40.69 -21.65 2.17
C LEU A 311 -41.46 -21.35 0.89
N ILE A 312 -41.87 -22.40 0.17
CA ILE A 312 -42.63 -22.20 -1.06
C ILE A 312 -43.96 -21.50 -0.76
N ARG A 313 -44.65 -21.97 0.29
CA ARG A 313 -45.91 -21.36 0.67
C ARG A 313 -45.72 -19.92 1.12
N GLN A 314 -44.63 -19.64 1.83
CA GLN A 314 -44.33 -18.27 2.24
C GLN A 314 -44.12 -17.37 1.02
N VAL A 315 -43.38 -17.86 0.03
CA VAL A 315 -43.13 -17.08 -1.17
C VAL A 315 -44.45 -16.79 -1.90
N GLU A 316 -45.28 -17.82 -2.04
CA GLU A 316 -46.55 -17.64 -2.73
C GLU A 316 -47.45 -16.66 -1.99
N LEU A 317 -47.50 -16.77 -0.65
CA LEU A 317 -48.34 -15.86 0.13
C LEU A 317 -47.83 -14.43 0.04
N LEU A 318 -46.52 -14.23 0.08
CA LEU A 318 -45.97 -12.89 -0.06
C LEU A 318 -46.29 -12.31 -1.43
N TYR A 319 -46.18 -13.13 -2.48
CA TYR A 319 -46.53 -12.66 -3.82
C TYR A 319 -48.01 -12.29 -3.90
N GLN A 320 -48.88 -13.11 -3.31
CA GLN A 320 -50.31 -12.80 -3.32
C GLN A 320 -50.61 -11.52 -2.57
N SER A 321 -49.96 -11.31 -1.43
CA SER A 321 -50.15 -10.07 -0.67
C SER A 321 -49.65 -8.86 -1.46
N LEU A 322 -48.54 -9.04 -2.19
CA LEU A 322 -48.02 -7.95 -3.01
C LEU A 322 -48.99 -7.60 -4.13
N VAL A 323 -49.54 -8.60 -4.80
CA VAL A 323 -50.45 -8.34 -5.91
C VAL A 323 -51.75 -7.73 -5.41
N ASN A 324 -52.28 -8.24 -4.29
CA ASN A 324 -53.54 -7.74 -3.77
C ASN A 324 -53.44 -6.28 -3.33
N ASP A 325 -52.23 -5.79 -3.10
CA ASP A 325 -52.00 -4.43 -2.64
C ASP A 325 -51.73 -3.45 -3.77
N ASN A 326 -51.93 -3.87 -5.01
CA ASN A 326 -51.74 -3.04 -6.20
C ASN A 326 -50.28 -2.62 -6.38
N VAL A 327 -49.35 -3.30 -5.71
CA VAL A 327 -47.94 -3.07 -5.95
C VAL A 327 -47.59 -3.58 -7.35
N ALA A 328 -46.71 -2.84 -8.05
CA ALA A 328 -46.32 -3.22 -9.40
C ALA A 328 -44.87 -3.65 -9.52
N TYR A 329 -44.00 -3.24 -8.60
CA TYR A 329 -42.60 -3.63 -8.64
C TYR A 329 -42.09 -3.74 -7.22
N ALA A 330 -41.20 -4.70 -6.98
CA ALA A 330 -40.68 -4.93 -5.64
C ALA A 330 -39.30 -5.58 -5.70
N GLU A 331 -38.47 -5.22 -4.72
CA GLU A 331 -37.20 -5.87 -4.48
C GLU A 331 -37.27 -6.55 -3.11
N ILE A 332 -36.99 -7.85 -3.08
CA ILE A 332 -37.17 -8.67 -1.89
C ILE A 332 -35.79 -9.00 -1.35
N ARG A 333 -35.55 -8.64 -0.09
CA ARG A 333 -34.29 -8.93 0.58
C ARG A 333 -34.35 -10.30 1.23
N CYS A 334 -33.38 -11.15 0.90
CA CYS A 334 -33.37 -12.52 1.39
C CYS A 334 -31.96 -12.88 1.86
N SER A 335 -31.90 -13.85 2.78
CA SER A 335 -30.65 -14.36 3.33
C SER A 335 -30.64 -15.87 3.15
N PRO A 336 -30.14 -16.37 2.03
CA PRO A 336 -30.19 -17.82 1.77
C PRO A 336 -29.44 -18.65 2.80
N ASN A 337 -28.35 -18.12 3.35
CA ASN A 337 -27.54 -18.90 4.29
C ASN A 337 -28.36 -19.33 5.51
N ASN A 338 -29.19 -18.42 6.02
CA ASN A 338 -30.04 -18.77 7.16
C ASN A 338 -31.08 -19.82 6.82
N TYR A 339 -31.42 -19.97 5.53
CA TYR A 339 -32.47 -20.89 5.12
C TYR A 339 -31.92 -22.19 4.54
N ALA A 340 -30.72 -22.59 4.97
CA ALA A 340 -30.05 -23.77 4.43
C ALA A 340 -29.59 -24.68 5.56
N ASP A 341 -29.45 -25.95 5.23
CA ASP A 341 -28.94 -26.94 6.18
C ASP A 341 -28.27 -28.06 5.40
N LYS A 342 -27.41 -28.81 6.10
CA LYS A 342 -26.65 -29.88 5.49
C LYS A 342 -27.12 -31.28 5.87
N ASN A 343 -27.85 -31.43 6.98
CA ASN A 343 -28.35 -32.74 7.37
C ASN A 343 -29.33 -33.27 6.33
N LYS A 344 -30.21 -32.41 5.82
CA LYS A 344 -31.11 -32.77 4.73
C LYS A 344 -30.55 -32.42 3.37
N ASN A 345 -29.32 -31.90 3.31
CA ASN A 345 -28.61 -31.59 2.07
C ASN A 345 -29.37 -30.53 1.26
N ARG A 346 -29.51 -29.36 1.87
CA ARG A 346 -30.15 -28.20 1.24
C ARG A 346 -29.16 -27.04 1.31
N SER A 347 -28.31 -26.92 0.28
CA SER A 347 -27.35 -25.84 0.24
C SER A 347 -28.05 -24.50 0.00
N ALA A 348 -27.39 -23.43 0.42
CA ALA A 348 -27.96 -22.09 0.26
C ALA A 348 -28.20 -21.75 -1.21
N TRP A 349 -27.29 -22.20 -2.09
CA TRP A 349 -27.49 -21.97 -3.52
C TRP A 349 -28.76 -22.64 -4.00
N VAL A 350 -29.06 -23.83 -3.51
CA VAL A 350 -30.29 -24.52 -3.87
C VAL A 350 -31.50 -23.71 -3.41
N VAL A 351 -31.43 -23.15 -2.20
CA VAL A 351 -32.54 -22.36 -1.69
C VAL A 351 -32.77 -21.13 -2.56
N LEU A 352 -31.69 -20.44 -2.92
CA LEU A 352 -31.81 -19.26 -3.76
C LEU A 352 -32.39 -19.62 -5.13
N GLN A 353 -31.92 -20.72 -5.71
CA GLN A 353 -32.44 -21.16 -7.00
C GLN A 353 -33.93 -21.50 -6.90
N ASP A 354 -34.33 -22.14 -5.81
CA ASP A 354 -35.75 -22.45 -5.61
C ASP A 354 -36.58 -21.19 -5.51
N ILE A 355 -36.08 -20.18 -4.77
CA ILE A 355 -36.80 -18.92 -4.66
C ILE A 355 -36.95 -18.27 -6.03
N ASN A 356 -35.85 -18.25 -6.80
CA ASN A 356 -35.88 -17.67 -8.14
C ASN A 356 -36.87 -18.39 -9.03
N ASP A 357 -36.87 -19.73 -8.99
CA ASP A 357 -37.80 -20.49 -9.82
C ASP A 357 -39.24 -20.24 -9.43
N THR A 358 -39.53 -20.19 -8.13
CA THR A 358 -40.89 -19.92 -7.68
C THR A 358 -41.35 -18.55 -8.18
N PHE A 359 -40.51 -17.53 -8.01
CA PHE A 359 -40.91 -16.19 -8.41
C PHE A 359 -41.10 -16.09 -9.92
N THR A 360 -40.21 -16.70 -10.71
CA THR A 360 -40.36 -16.59 -12.16
C THR A 360 -41.57 -17.37 -12.65
N ARG A 361 -41.87 -18.52 -12.02
CA ARG A 361 -43.06 -19.26 -12.39
C ARG A 361 -44.32 -18.46 -12.09
N LEU A 362 -44.37 -17.81 -10.91
CA LEU A 362 -45.53 -17.00 -10.58
C LEU A 362 -45.67 -15.83 -11.54
N ILE A 363 -44.56 -15.18 -11.88
CA ILE A 363 -44.61 -14.04 -12.82
C ILE A 363 -45.15 -14.50 -14.16
N THR A 364 -44.63 -15.62 -14.68
CA THR A 364 -45.06 -16.09 -15.99
C THR A 364 -46.54 -16.47 -15.98
N GLU A 365 -46.97 -17.19 -14.94
CA GLU A 365 -48.38 -17.61 -14.89
C GLU A 365 -49.32 -16.43 -14.72
N ALA A 366 -48.86 -15.36 -14.05
CA ALA A 366 -49.70 -14.17 -13.95
C ALA A 366 -49.73 -13.39 -15.26
N LYS A 367 -48.59 -13.35 -15.96
CA LYS A 367 -48.53 -12.60 -17.21
C LYS A 367 -49.30 -13.28 -18.32
N GLN A 368 -49.36 -14.62 -18.32
CA GLN A 368 -50.02 -15.34 -19.41
C GLN A 368 -51.49 -14.97 -19.52
N LYS A 369 -52.17 -14.76 -18.40
CA LYS A 369 -53.59 -14.46 -18.39
C LYS A 369 -53.89 -12.96 -18.35
N ASN A 370 -52.87 -12.11 -18.40
CA ASN A 370 -53.02 -10.66 -18.59
C ASN A 370 -53.77 -10.01 -17.43
N GLN A 371 -53.32 -10.29 -16.21
CA GLN A 371 -53.79 -9.55 -15.05
C GLN A 371 -52.77 -8.47 -14.69
N PHE A 372 -52.97 -7.82 -13.54
CA PHE A 372 -52.02 -6.86 -13.01
C PHE A 372 -51.06 -7.61 -12.09
N TYR A 373 -49.82 -7.77 -12.53
CA TYR A 373 -48.81 -8.51 -11.79
C TYR A 373 -47.66 -7.59 -11.40
N CYS A 374 -47.04 -7.90 -10.27
CA CYS A 374 -45.93 -7.12 -9.76
C CYS A 374 -44.61 -7.82 -10.07
N HIS A 375 -43.71 -7.13 -10.75
CA HIS A 375 -42.39 -7.66 -10.99
C HIS A 375 -41.62 -7.73 -9.68
N VAL A 376 -40.80 -8.77 -9.53
CA VAL A 376 -40.05 -8.99 -8.30
C VAL A 376 -38.60 -9.27 -8.66
N ASN A 377 -37.68 -8.57 -8.00
CA ASN A 377 -36.25 -8.82 -8.13
C ASN A 377 -35.68 -9.08 -6.74
N LEU A 378 -34.60 -9.85 -6.69
CA LEU A 378 -34.07 -10.35 -5.44
C LEU A 378 -32.81 -9.59 -5.01
N LEU A 379 -32.60 -9.53 -3.70
CA LEU A 379 -31.43 -8.88 -3.12
C LEU A 379 -30.89 -9.78 -2.02
N VAL A 380 -29.72 -10.38 -2.28
CA VAL A 380 -29.11 -11.27 -1.30
C VAL A 380 -28.51 -10.45 -0.17
N ILE A 381 -28.75 -10.87 1.07
CA ILE A 381 -28.31 -10.16 2.26
C ILE A 381 -26.89 -10.62 2.57
N ALA A 382 -25.96 -9.66 2.68
CA ALA A 382 -24.63 -9.92 3.21
C ALA A 382 -24.63 -9.43 4.65
N SER A 383 -24.90 -10.35 5.57
CA SER A 383 -25.16 -9.99 6.96
C SER A 383 -23.91 -9.44 7.63
N ARG A 384 -24.14 -8.74 8.76
CA ARG A 384 -23.04 -8.26 9.59
C ARG A 384 -22.23 -9.40 10.17
N LYS A 385 -22.80 -10.60 10.23
CA LYS A 385 -22.11 -11.82 10.67
C LYS A 385 -21.58 -11.66 12.09
N PHE A 386 -22.54 -11.57 13.01
CA PHE A 386 -22.25 -11.55 14.43
C PHE A 386 -21.53 -12.83 14.86
N SER A 387 -20.98 -12.80 16.07
CA SER A 387 -20.35 -13.97 16.70
C SER A 387 -19.18 -14.51 15.87
N GLY A 388 -18.38 -13.60 15.32
CA GLY A 388 -17.17 -14.02 14.62
C GLY A 388 -17.47 -14.71 13.29
N ASP A 389 -16.46 -15.43 12.81
CA ASP A 389 -16.52 -16.18 11.55
C ASP A 389 -16.87 -15.24 10.39
N LEU A 390 -16.02 -14.23 10.21
CA LEU A 390 -16.31 -13.17 9.25
C LEU A 390 -16.35 -13.69 7.81
N SER A 391 -15.61 -14.76 7.51
CA SER A 391 -15.48 -15.22 6.13
C SER A 391 -16.83 -15.46 5.48
N ASP A 392 -17.85 -15.79 6.28
CA ASP A 392 -19.21 -15.97 5.78
C ASP A 392 -19.62 -14.88 4.81
N ILE A 393 -19.35 -13.61 5.16
CA ILE A 393 -19.81 -12.51 4.32
C ILE A 393 -19.27 -12.66 2.91
N SER A 394 -17.97 -12.99 2.79
CA SER A 394 -17.37 -13.18 1.48
C SER A 394 -18.13 -14.25 0.70
N LYS A 395 -18.42 -15.37 1.36
CA LYS A 395 -19.26 -16.41 0.77
C LYS A 395 -20.47 -15.79 0.08
N HIS A 396 -21.25 -15.03 0.86
CA HIS A 396 -22.46 -14.41 0.32
C HIS A 396 -22.15 -13.66 -0.96
N LEU A 397 -21.13 -12.79 -0.91
CA LEU A 397 -20.79 -11.98 -2.08
C LEU A 397 -20.53 -12.88 -3.28
N ALA A 398 -19.71 -13.92 -3.09
CA ALA A 398 -19.43 -14.82 -4.20
C ALA A 398 -20.73 -15.42 -4.72
N LEU A 399 -21.57 -15.93 -3.81
CA LEU A 399 -22.87 -16.46 -4.22
C LEU A 399 -23.62 -15.43 -5.03
N ALA A 400 -23.65 -14.19 -4.55
CA ALA A 400 -24.34 -13.13 -5.26
C ALA A 400 -23.90 -13.06 -6.71
N ILE A 401 -22.58 -13.04 -6.93
CA ILE A 401 -22.07 -12.94 -8.30
C ILE A 401 -22.56 -14.12 -9.11
N THR A 402 -22.43 -15.33 -8.57
CA THR A 402 -22.83 -16.50 -9.32
C THR A 402 -24.35 -16.61 -9.42
N ALA A 403 -25.07 -15.86 -8.59
CA ALA A 403 -26.51 -15.78 -8.77
C ALA A 403 -26.86 -14.84 -9.92
N MET A 404 -26.06 -13.79 -10.15
CA MET A 404 -26.39 -12.85 -11.21
C MET A 404 -26.02 -13.41 -12.58
N GLN A 405 -24.93 -14.17 -12.66
CA GLN A 405 -24.46 -14.68 -13.95
C GLN A 405 -25.43 -15.67 -14.56
N GLN A 406 -26.36 -16.22 -13.78
CA GLN A 406 -27.40 -17.07 -14.36
C GLN A 406 -28.22 -16.28 -15.37
N GLY A 407 -28.61 -15.06 -15.00
CA GLY A 407 -29.16 -14.12 -15.95
C GLY A 407 -30.54 -14.43 -16.46
N GLU A 408 -30.71 -15.60 -17.07
CA GLU A 408 -31.98 -15.94 -17.72
C GLU A 408 -33.11 -16.02 -16.70
N GLY A 409 -34.25 -15.46 -17.07
CA GLY A 409 -35.42 -15.43 -16.21
C GLY A 409 -36.03 -14.05 -16.19
N VAL A 410 -37.15 -13.94 -15.47
CA VAL A 410 -37.88 -12.68 -15.36
C VAL A 410 -37.51 -12.00 -14.06
N CYS A 411 -37.09 -12.79 -13.07
CA CYS A 411 -36.60 -12.25 -11.80
C CYS A 411 -35.10 -12.51 -11.70
N ARG A 412 -34.36 -11.47 -11.30
CA ARG A 412 -32.91 -11.53 -11.31
C ARG A 412 -32.37 -10.99 -10.00
N ILE A 413 -31.14 -11.38 -9.70
CA ILE A 413 -30.43 -10.88 -8.52
C ILE A 413 -29.79 -9.55 -8.90
N VAL A 414 -30.34 -8.46 -8.39
CA VAL A 414 -29.91 -7.14 -8.84
C VAL A 414 -28.68 -6.66 -8.09
N GLY A 415 -28.51 -7.06 -6.83
CA GLY A 415 -27.37 -6.59 -6.08
C GLY A 415 -27.31 -7.22 -4.71
N VAL A 416 -26.44 -6.65 -3.87
CA VAL A 416 -26.21 -7.14 -2.53
C VAL A 416 -26.70 -6.12 -1.51
N ASP A 417 -26.59 -6.47 -0.23
CA ASP A 417 -27.01 -5.58 0.85
C ASP A 417 -25.97 -5.62 1.96
N LEU A 418 -25.92 -4.54 2.74
CA LEU A 418 -25.01 -4.42 3.88
C LEU A 418 -25.88 -4.06 5.09
N ALA A 419 -26.40 -5.06 5.76
CA ALA A 419 -27.33 -4.86 6.87
C ALA A 419 -26.81 -5.55 8.13
N GLY A 420 -27.15 -4.97 9.27
CA GLY A 420 -26.76 -5.55 10.54
C GLY A 420 -26.83 -4.52 11.65
N PHE A 421 -26.44 -4.96 12.84
CA PHE A 421 -26.50 -4.12 14.02
C PHE A 421 -25.45 -3.02 13.97
N GLU A 422 -25.79 -1.88 14.57
CA GLU A 422 -24.86 -0.76 14.71
C GLU A 422 -24.08 -0.81 16.02
N ASN A 423 -24.30 -1.85 16.83
CA ASN A 423 -23.62 -1.94 18.12
C ASN A 423 -22.11 -2.08 17.95
N LYS A 424 -21.67 -2.86 16.96
CA LYS A 424 -20.25 -3.09 16.75
C LYS A 424 -19.53 -1.89 16.16
N GLU A 425 -20.26 -0.84 15.78
CA GLU A 425 -19.67 0.42 15.29
C GLU A 425 -18.99 0.21 13.94
N THR A 426 -19.11 -0.99 13.38
CA THR A 426 -18.48 -1.33 12.11
C THR A 426 -19.18 -0.58 10.99
N ARG A 427 -18.44 0.31 10.31
CA ARG A 427 -18.99 1.14 9.25
C ARG A 427 -18.04 1.10 8.05
N ALA A 428 -18.47 0.43 6.98
CA ALA A 428 -17.80 0.48 5.67
C ALA A 428 -16.38 -0.05 5.72
N SER A 429 -15.50 0.63 6.46
CA SER A 429 -14.09 0.25 6.49
C SER A 429 -13.90 -1.15 7.06
N TYR A 430 -14.80 -1.59 7.93
CA TYR A 430 -14.68 -2.93 8.51
C TYR A 430 -15.05 -4.02 7.51
N TYR A 431 -15.63 -3.66 6.37
CA TYR A 431 -15.94 -4.60 5.31
C TYR A 431 -15.36 -4.20 3.96
N GLU A 432 -14.69 -3.04 3.87
CA GLU A 432 -14.26 -2.51 2.59
C GLU A 432 -13.23 -3.39 1.89
N HIS A 433 -12.62 -4.34 2.60
CA HIS A 433 -11.56 -5.16 2.03
C HIS A 433 -12.04 -6.13 0.97
N ASP A 434 -13.35 -6.28 0.78
CA ASP A 434 -13.88 -7.28 -0.14
C ASP A 434 -14.59 -6.71 -1.36
N PHE A 435 -15.14 -5.50 -1.29
CA PHE A 435 -16.05 -5.00 -2.32
C PHE A 435 -15.34 -4.43 -3.54
N LYS A 436 -14.06 -4.74 -3.75
CA LYS A 436 -13.42 -4.29 -4.98
C LYS A 436 -13.78 -5.16 -6.18
N ALA A 437 -14.77 -6.04 -6.08
CA ALA A 437 -15.08 -6.97 -7.16
C ALA A 437 -16.56 -6.96 -7.51
N VAL A 438 -17.41 -6.63 -6.55
CA VAL A 438 -18.85 -6.61 -6.79
C VAL A 438 -19.18 -5.56 -7.85
N HIS A 439 -18.60 -4.36 -7.73
CA HIS A 439 -18.84 -3.32 -8.72
C HIS A 439 -18.27 -3.70 -10.08
N ARG A 440 -17.16 -4.44 -10.08
CA ARG A 440 -16.59 -4.90 -11.35
C ARG A 440 -17.57 -5.79 -12.11
N CYS A 441 -18.28 -6.67 -11.39
CA CYS A 441 -19.24 -7.55 -12.04
C CYS A 441 -20.39 -6.76 -12.64
N GLY A 442 -20.90 -5.76 -11.91
CA GLY A 442 -22.00 -4.97 -12.41
C GLY A 442 -23.24 -5.04 -11.53
N LEU A 443 -23.05 -5.34 -10.25
CA LEU A 443 -24.16 -5.42 -9.32
C LEU A 443 -24.45 -4.05 -8.73
N ALA A 444 -25.31 -4.00 -7.72
CA ALA A 444 -25.63 -2.78 -7.01
C ALA A 444 -25.51 -3.01 -5.51
N VAL A 445 -25.09 -1.99 -4.79
CA VAL A 445 -24.81 -2.09 -3.36
C VAL A 445 -25.69 -1.09 -2.62
N THR A 446 -26.55 -1.59 -1.73
CA THR A 446 -27.25 -0.76 -0.77
C THR A 446 -26.57 -0.85 0.58
N ALA A 447 -27.00 0.00 1.51
CA ALA A 447 -26.37 0.04 2.82
C ALA A 447 -27.35 0.60 3.83
N HIS A 448 -27.71 -0.21 4.82
CA HIS A 448 -28.55 0.25 5.94
C HIS A 448 -27.61 0.81 7.00
N ALA A 449 -27.42 2.13 6.97
CA ALA A 449 -26.48 2.80 7.85
C ALA A 449 -27.10 4.10 8.35
N GLY A 450 -26.50 4.64 9.41
CA GLY A 450 -27.00 5.86 9.99
C GLY A 450 -28.24 5.70 10.83
N GLU A 451 -28.55 4.48 11.25
CA GLU A 451 -29.75 4.24 12.04
C GLU A 451 -29.70 4.97 13.37
N ASN A 452 -28.61 4.76 14.13
CA ASN A 452 -28.46 5.44 15.41
C ASN A 452 -27.01 5.85 15.68
N ASP A 453 -26.20 6.00 14.65
CA ASP A 453 -24.78 6.29 14.82
C ASP A 453 -24.45 7.66 14.20
N ASP A 454 -23.16 7.96 14.18
CA ASP A 454 -22.69 9.25 13.71
C ASP A 454 -22.88 9.40 12.20
N PRO A 455 -22.96 10.63 11.69
CA PRO A 455 -23.12 10.83 10.25
C PRO A 455 -21.81 10.73 9.49
N GLU A 456 -20.78 10.17 10.12
CA GLU A 456 -19.48 10.07 9.48
C GLU A 456 -19.44 8.91 8.48
N GLY A 457 -19.67 7.69 8.96
CA GLY A 457 -19.51 6.50 8.14
C GLY A 457 -20.40 6.46 6.90
N ILE A 458 -21.48 7.25 6.89
CA ILE A 458 -22.30 7.34 5.69
C ILE A 458 -21.48 7.90 4.53
N TRP A 459 -20.52 8.77 4.82
CA TRP A 459 -19.66 9.30 3.76
C TRP A 459 -18.81 8.20 3.12
N GLN A 460 -18.23 7.31 3.94
CA GLN A 460 -17.51 6.18 3.39
C GLN A 460 -18.44 5.26 2.63
N ALA A 461 -19.65 5.05 3.14
CA ALA A 461 -20.62 4.20 2.44
C ALA A 461 -20.94 4.77 1.07
N VAL A 462 -21.07 6.09 0.97
CA VAL A 462 -21.37 6.71 -0.31
C VAL A 462 -20.18 6.64 -1.25
N TYR A 463 -18.97 6.90 -0.74
CA TYR A 463 -17.79 7.03 -1.60
C TYR A 463 -16.94 5.77 -1.65
N SER A 464 -16.52 5.25 -0.50
CA SER A 464 -15.66 4.06 -0.51
C SER A 464 -16.39 2.86 -1.07
N LEU A 465 -17.67 2.67 -0.71
CA LEU A 465 -18.44 1.54 -1.19
C LEU A 465 -19.16 1.82 -2.51
N HIS A 466 -19.25 3.08 -2.92
CA HIS A 466 -20.00 3.48 -4.10
C HIS A 466 -21.45 3.00 -4.02
N ALA A 467 -22.03 3.06 -2.83
CA ALA A 467 -23.40 2.64 -2.63
C ALA A 467 -24.35 3.55 -3.40
N ARG A 468 -25.43 2.97 -3.92
CA ARG A 468 -26.42 3.72 -4.68
C ARG A 468 -27.69 3.99 -3.90
N ARG A 469 -27.88 3.35 -2.75
CA ARG A 469 -29.04 3.58 -1.91
C ARG A 469 -28.63 3.50 -0.45
N LEU A 470 -29.41 4.15 0.40
CA LEU A 470 -29.15 4.18 1.84
C LEU A 470 -30.40 3.77 2.59
N GLY A 471 -30.20 3.12 3.73
CA GLY A 471 -31.30 2.65 4.56
C GLY A 471 -31.49 3.56 5.76
N HIS A 472 -32.76 3.86 6.05
CA HIS A 472 -33.14 4.72 7.17
C HIS A 472 -32.42 6.07 7.09
N ALA A 473 -31.47 6.28 7.99
CA ALA A 473 -30.68 7.52 8.06
C ALA A 473 -31.61 8.74 8.19
N LEU A 474 -32.36 8.76 9.29
CA LEU A 474 -33.33 9.82 9.53
C LEU A 474 -32.71 11.07 10.15
N ASN A 475 -31.47 11.01 10.60
CA ASN A 475 -30.81 12.12 11.26
C ASN A 475 -29.86 12.87 10.33
N LEU A 476 -30.21 12.98 9.05
CA LEU A 476 -29.37 13.67 8.08
C LEU A 476 -29.45 15.19 8.20
N LEU A 477 -30.39 15.71 8.98
CA LEU A 477 -30.55 17.16 9.10
C LEU A 477 -29.39 17.83 9.82
N GLU A 478 -28.62 17.08 10.61
CA GLU A 478 -27.53 17.67 11.39
C GLU A 478 -26.24 17.82 10.59
N ALA A 479 -26.20 17.33 9.35
CA ALA A 479 -25.01 17.43 8.50
C ALA A 479 -25.42 17.95 7.13
N PRO A 480 -25.55 19.27 6.98
CA PRO A 480 -25.86 19.83 5.65
C PRO A 480 -24.80 19.49 4.61
N ASP A 481 -23.54 19.43 5.03
CA ASP A 481 -22.47 19.02 4.12
C ASP A 481 -22.68 17.60 3.63
N LEU A 482 -23.47 16.79 4.34
CA LEU A 482 -23.82 15.46 3.87
C LEU A 482 -24.96 15.49 2.86
N MET A 483 -25.99 16.31 3.10
CA MET A 483 -27.03 16.45 2.09
C MET A 483 -26.47 17.02 0.79
N ARG A 484 -25.45 17.86 0.86
CA ARG A 484 -24.88 18.40 -0.38
C ARG A 484 -24.43 17.28 -1.30
N THR A 485 -23.64 16.35 -0.77
CA THR A 485 -23.17 15.23 -1.59
C THR A 485 -24.25 14.19 -1.83
N VAL A 486 -25.24 14.06 -0.94
CA VAL A 486 -26.31 13.10 -1.17
C VAL A 486 -27.17 13.53 -2.35
N ILE A 487 -27.59 14.80 -2.36
CA ILE A 487 -28.42 15.32 -3.44
C ILE A 487 -27.61 15.44 -4.72
N GLU A 488 -26.38 15.97 -4.63
CA GLU A 488 -25.59 16.22 -5.82
C GLU A 488 -25.24 14.94 -6.56
N ARG A 489 -25.08 13.84 -5.83
CA ARG A 489 -24.73 12.56 -6.43
C ARG A 489 -25.94 11.77 -6.91
N LYS A 490 -27.15 12.30 -6.74
CA LYS A 490 -28.38 11.58 -7.05
C LYS A 490 -28.45 10.25 -6.30
N ILE A 491 -27.99 10.27 -5.06
CA ILE A 491 -27.99 9.06 -4.22
C ILE A 491 -29.37 8.89 -3.62
N GLY A 492 -29.97 7.72 -3.85
CA GLY A 492 -31.28 7.46 -3.31
C GLY A 492 -31.25 7.16 -1.83
N VAL A 493 -32.39 7.37 -1.18
CA VAL A 493 -32.57 7.09 0.24
C VAL A 493 -33.87 6.31 0.40
N GLU A 494 -33.81 5.19 1.11
CA GLU A 494 -34.98 4.38 1.43
C GLU A 494 -35.37 4.62 2.88
N MET A 495 -36.66 4.74 3.14
CA MET A 495 -37.13 4.96 4.51
C MET A 495 -38.52 4.36 4.67
N CYS A 496 -38.79 3.84 5.86
CA CYS A 496 -40.03 3.14 6.19
C CYS A 496 -40.69 3.83 7.37
N PRO A 497 -41.64 4.74 7.14
CA PRO A 497 -42.20 5.55 8.24
C PRO A 497 -42.77 4.74 9.40
N TYR A 498 -43.50 3.65 9.14
CA TYR A 498 -44.06 2.87 10.24
C TYR A 498 -42.96 2.26 11.10
N ALA A 499 -41.96 1.63 10.46
CA ALA A 499 -40.93 0.94 11.22
C ALA A 499 -40.12 1.90 12.08
N ASN A 500 -39.60 2.96 11.47
CA ASN A 500 -38.78 3.90 12.23
C ASN A 500 -39.60 4.68 13.24
N TYR A 501 -40.86 4.98 12.92
CA TYR A 501 -41.72 5.65 13.89
C TYR A 501 -41.95 4.77 15.11
N GLN A 502 -42.18 3.47 14.89
CA GLN A 502 -42.37 2.56 16.01
C GLN A 502 -41.10 2.42 16.83
N ILE A 503 -39.95 2.31 16.17
CA ILE A 503 -38.70 2.00 16.88
C ILE A 503 -38.04 3.22 17.50
N LYS A 504 -38.32 4.43 17.02
CA LYS A 504 -37.66 5.60 17.57
C LYS A 504 -38.66 6.64 18.09
N GLY A 505 -39.85 6.68 17.50
CA GLY A 505 -40.85 7.63 17.94
C GLY A 505 -40.72 9.00 17.33
N PHE A 506 -41.82 9.56 16.84
CA PHE A 506 -41.82 10.88 16.23
C PHE A 506 -43.17 11.53 16.48
N ALA A 507 -43.41 12.66 15.82
CA ALA A 507 -44.68 13.35 15.95
C ALA A 507 -45.80 12.52 15.31
N PRO A 508 -47.06 12.69 15.77
CA PRO A 508 -47.54 13.58 16.82
C PRO A 508 -47.59 12.87 18.17
N MET A 509 -46.79 11.84 18.37
CA MET A 509 -46.87 11.03 19.57
C MET A 509 -46.34 11.86 20.74
N PRO A 510 -47.13 12.05 21.81
CA PRO A 510 -46.68 12.93 22.89
C PRO A 510 -45.40 12.45 23.54
N ASN A 511 -44.67 13.40 24.13
CA ASN A 511 -43.36 13.29 24.80
C ASN A 511 -42.24 13.09 23.78
N PHE A 512 -42.55 12.98 22.48
CA PHE A 512 -41.56 12.93 21.43
C PHE A 512 -41.65 14.21 20.61
N SER A 513 -40.58 15.00 20.64
CA SER A 513 -40.55 16.29 19.94
C SER A 513 -39.80 16.25 18.62
N ALA A 514 -39.23 15.11 18.25
CA ALA A 514 -38.51 15.01 16.99
C ALA A 514 -39.49 15.04 15.82
N LEU A 515 -39.22 15.90 14.85
CA LEU A 515 -40.07 16.03 13.67
C LEU A 515 -39.58 15.10 12.57
N TYR A 516 -40.52 14.49 11.86
CA TYR A 516 -40.17 13.56 10.80
C TYR A 516 -39.64 14.33 9.60
N PRO A 517 -38.45 14.01 9.10
CA PRO A 517 -37.81 14.83 8.06
C PRO A 517 -38.16 14.47 6.62
N LEU A 518 -39.17 13.63 6.38
CA LEU A 518 -39.45 13.21 5.02
C LEU A 518 -39.91 14.39 4.16
N LYS A 519 -40.76 15.26 4.71
CA LYS A 519 -41.15 16.46 3.98
C LYS A 519 -39.95 17.37 3.74
N LYS A 520 -39.10 17.54 4.75
CA LYS A 520 -37.89 18.35 4.58
C LYS A 520 -36.97 17.72 3.55
N TYR A 521 -36.85 16.39 3.56
CA TYR A 521 -36.03 15.70 2.56
C TYR A 521 -36.56 15.94 1.16
N LEU A 522 -37.88 15.89 1.00
CA LEU A 522 -38.48 16.15 -0.31
C LEU A 522 -38.25 17.59 -0.76
N GLU A 523 -38.37 18.53 0.18
CA GLU A 523 -38.09 19.93 -0.16
C GLU A 523 -36.64 20.11 -0.59
N ALA A 524 -35.70 19.47 0.10
CA ALA A 524 -34.30 19.56 -0.27
C ALA A 524 -34.00 18.90 -1.60
N GLY A 525 -34.85 17.96 -2.04
CA GLY A 525 -34.66 17.29 -3.30
C GLY A 525 -34.07 15.90 -3.22
N ILE A 526 -33.95 15.32 -2.03
CA ILE A 526 -33.38 13.98 -1.88
C ILE A 526 -34.30 12.97 -2.53
N LEU A 527 -33.71 12.00 -3.24
CA LEU A 527 -34.48 10.94 -3.89
C LEU A 527 -34.97 9.97 -2.82
N VAL A 528 -36.12 10.30 -2.26
CA VAL A 528 -36.69 9.57 -1.14
C VAL A 528 -37.62 8.48 -1.65
N SER A 529 -37.61 7.33 -0.98
CA SER A 529 -38.48 6.21 -1.35
C SER A 529 -39.09 5.61 -0.09
N VAL A 530 -40.42 5.60 -0.05
CA VAL A 530 -41.16 5.05 1.09
C VAL A 530 -41.29 3.54 0.91
N ASN A 531 -40.96 2.80 1.96
CA ASN A 531 -40.96 1.34 1.91
C ASN A 531 -41.72 0.76 3.08
N THR A 532 -41.65 -0.57 3.25
CA THR A 532 -42.33 -1.25 4.34
C THR A 532 -41.41 -1.96 5.32
N ASP A 533 -40.11 -2.07 5.01
CA ASP A 533 -39.16 -2.80 5.85
C ASP A 533 -39.63 -4.23 6.06
N ASN A 534 -40.30 -4.48 7.18
CA ASN A 534 -40.86 -5.80 7.49
C ASN A 534 -42.37 -5.72 7.30
N ILE A 535 -42.86 -6.43 6.28
CA ILE A 535 -44.28 -6.38 5.96
C ILE A 535 -45.14 -6.92 7.10
N GLY A 536 -44.69 -8.01 7.72
CA GLY A 536 -45.48 -8.63 8.78
C GLY A 536 -45.29 -8.03 10.15
N ILE A 537 -44.04 -7.90 10.60
CA ILE A 537 -43.78 -7.48 11.98
C ILE A 537 -44.27 -6.05 12.20
N SER A 538 -44.05 -5.17 11.23
CA SER A 538 -44.53 -3.80 11.36
C SER A 538 -46.05 -3.73 11.39
N GLY A 539 -46.74 -4.77 10.92
CA GLY A 539 -48.19 -4.79 10.95
C GLY A 539 -48.85 -3.74 10.08
N ALA A 540 -48.26 -3.42 8.94
CA ALA A 540 -48.82 -2.43 8.03
C ALA A 540 -48.16 -2.59 6.68
N ASN A 541 -48.98 -2.70 5.63
CA ASN A 541 -48.47 -2.82 4.27
C ASN A 541 -48.12 -1.45 3.72
N LEU A 542 -47.76 -1.38 2.44
CA LEU A 542 -47.30 -0.12 1.87
C LEU A 542 -48.43 0.90 1.75
N SER A 543 -49.67 0.44 1.57
CA SER A 543 -50.78 1.37 1.42
C SER A 543 -50.96 2.23 2.66
N GLU A 544 -51.08 1.60 3.83
CA GLU A 544 -51.19 2.37 5.05
C GLU A 544 -49.87 3.06 5.40
N ASN A 545 -48.75 2.47 4.97
CA ASN A 545 -47.46 3.09 5.23
C ASN A 545 -47.34 4.44 4.54
N LEU A 546 -47.88 4.55 3.32
CA LEU A 546 -47.94 5.84 2.65
C LEU A 546 -49.10 6.69 3.17
N LEU A 547 -50.17 6.05 3.62
CA LEU A 547 -51.34 6.80 4.12
C LEU A 547 -51.00 7.58 5.39
N ILE A 548 -50.22 6.98 6.28
CA ILE A 548 -49.96 7.58 7.59
C ILE A 548 -49.26 8.92 7.49
N LEU A 549 -48.67 9.23 6.33
CA LEU A 549 -47.93 10.48 6.18
C LEU A 549 -48.81 11.70 6.43
N ALA A 550 -50.12 11.56 6.20
CA ALA A 550 -51.03 12.67 6.45
C ALA A 550 -51.03 13.09 7.91
N ASP A 551 -50.74 12.14 8.82
CA ASP A 551 -50.65 12.44 10.25
C ASP A 551 -49.20 12.61 10.70
N LEU A 552 -48.29 11.79 10.17
CA LEU A 552 -46.90 11.86 10.55
C LEU A 552 -46.28 13.19 10.15
N CYS A 553 -46.55 13.64 8.93
CA CYS A 553 -46.04 14.91 8.41
C CYS A 553 -47.23 15.74 7.92
N PRO A 554 -47.82 16.55 8.79
CA PRO A 554 -48.97 17.38 8.38
C PRO A 554 -48.58 18.35 7.28
N GLY A 555 -49.55 18.63 6.41
CA GLY A 555 -49.34 19.51 5.27
C GLY A 555 -48.82 18.81 4.03
N ILE A 556 -48.59 17.50 4.08
CA ILE A 556 -48.13 16.78 2.91
C ILE A 556 -49.24 16.70 1.88
N SER A 557 -48.87 16.77 0.60
CA SER A 557 -49.83 16.81 -0.50
C SER A 557 -49.69 15.58 -1.39
N ARG A 558 -50.67 15.41 -2.28
CA ARG A 558 -50.70 14.25 -3.15
C ARG A 558 -49.58 14.28 -4.19
N MET A 559 -49.22 15.48 -4.66
CA MET A 559 -48.02 15.62 -5.49
C MET A 559 -46.80 15.04 -4.80
N ASP A 560 -46.71 15.20 -3.47
CA ASP A 560 -45.60 14.59 -2.75
C ASP A 560 -45.63 13.07 -2.86
N VAL A 561 -46.81 12.47 -2.70
CA VAL A 561 -46.90 11.01 -2.80
C VAL A 561 -46.49 10.55 -4.18
N LEU A 562 -46.98 11.24 -5.21
CA LEU A 562 -46.66 10.83 -6.57
C LEU A 562 -45.17 11.01 -6.86
N THR A 563 -44.55 12.04 -6.31
CA THR A 563 -43.12 12.20 -6.57
C THR A 563 -42.28 11.22 -5.77
N ILE A 564 -42.75 10.76 -4.60
CA ILE A 564 -42.07 9.64 -3.96
C ILE A 564 -42.17 8.39 -4.82
N ILE A 565 -43.34 8.15 -5.43
CA ILE A 565 -43.47 7.01 -6.32
C ILE A 565 -42.50 7.12 -7.49
N ARG A 566 -42.39 8.33 -8.05
CA ARG A 566 -41.46 8.55 -9.16
C ARG A 566 -40.01 8.31 -8.73
N ASN A 567 -39.64 8.81 -7.55
CA ASN A 567 -38.29 8.59 -7.05
C ASN A 567 -38.01 7.11 -6.83
N SER A 568 -38.99 6.38 -6.27
CA SER A 568 -38.82 4.95 -6.07
C SER A 568 -38.63 4.22 -7.40
N ILE A 569 -39.36 4.66 -8.42
CA ILE A 569 -39.15 4.10 -9.76
C ILE A 569 -37.75 4.40 -10.25
N GLU A 570 -37.29 5.65 -10.03
CA GLU A 570 -35.99 6.07 -10.57
C GLU A 570 -34.84 5.33 -9.91
N THR A 571 -34.92 5.11 -8.59
CA THR A 571 -33.79 4.57 -7.84
C THR A 571 -33.74 3.04 -7.84
N ALA A 572 -34.66 2.37 -8.53
CA ALA A 572 -34.66 0.92 -8.56
C ALA A 572 -33.43 0.40 -9.32
N PHE A 573 -32.95 -0.77 -8.89
CA PHE A 573 -31.80 -1.41 -9.54
C PHE A 573 -32.29 -2.21 -10.75
N ILE A 574 -32.66 -1.49 -11.79
CA ILE A 574 -33.24 -2.09 -12.99
C ILE A 574 -32.52 -1.57 -14.23
N SER A 575 -32.67 -2.31 -15.31
CA SER A 575 -32.09 -1.91 -16.58
C SER A 575 -32.85 -0.72 -17.18
N HIS A 576 -32.26 -0.13 -18.21
CA HIS A 576 -32.83 1.09 -18.79
C HIS A 576 -34.15 0.81 -19.49
N ASP A 577 -34.19 -0.19 -20.37
CA ASP A 577 -35.40 -0.48 -21.12
C ASP A 577 -36.53 -0.92 -20.21
N PHE A 578 -36.23 -1.77 -19.23
CA PHE A 578 -37.24 -2.17 -18.26
C PHE A 578 -37.72 -0.97 -17.46
N ARG A 579 -36.82 -0.05 -17.14
CA ARG A 579 -37.23 1.16 -16.44
C ARG A 579 -38.21 1.98 -17.25
N MET A 580 -37.95 2.16 -18.55
CA MET A 580 -38.91 2.89 -19.38
C MET A 580 -40.23 2.16 -19.50
N GLU A 581 -40.21 0.84 -19.66
CA GLU A 581 -41.46 0.10 -19.74
C GLU A 581 -42.28 0.27 -18.47
N LEU A 582 -41.61 0.13 -17.31
CA LEU A 582 -42.28 0.31 -16.04
C LEU A 582 -42.83 1.72 -15.91
N LEU A 583 -42.06 2.72 -16.33
CA LEU A 583 -42.52 4.10 -16.24
C LEU A 583 -43.73 4.35 -17.11
N LYS A 584 -43.74 3.80 -18.33
CA LYS A 584 -44.89 3.97 -19.21
C LYS A 584 -46.14 3.35 -18.60
N PHE A 585 -46.02 2.10 -18.13
CA PHE A 585 -47.18 1.45 -17.53
C PHE A 585 -47.66 2.21 -16.30
N PHE A 586 -46.72 2.66 -15.47
CA PHE A 586 -47.07 3.42 -14.28
C PHE A 586 -47.76 4.72 -14.63
N ASP A 587 -47.30 5.40 -15.67
CA ASP A 587 -47.92 6.67 -16.07
C ASP A 587 -49.34 6.44 -16.56
N ARG A 588 -49.55 5.42 -17.39
CA ARG A 588 -50.91 5.14 -17.87
C ARG A 588 -51.83 4.81 -16.71
N LYS A 589 -51.37 3.93 -15.80
CA LYS A 589 -52.23 3.53 -14.69
C LYS A 589 -52.46 4.68 -13.72
N ILE A 590 -51.46 5.55 -13.52
CA ILE A 590 -51.61 6.66 -12.60
C ILE A 590 -52.60 7.68 -13.16
N TYR A 591 -52.57 7.91 -14.47
CA TYR A 591 -53.58 8.74 -15.09
C TYR A 591 -54.97 8.14 -14.89
N ASP A 592 -55.09 6.83 -15.13
CA ASP A 592 -56.38 6.17 -14.98
C ASP A 592 -56.94 6.34 -13.58
N VAL A 593 -56.13 6.05 -12.55
CA VAL A 593 -56.64 6.09 -11.18
C VAL A 593 -56.90 7.53 -10.75
N CYS A 594 -55.96 8.45 -11.04
CA CYS A 594 -56.15 9.84 -10.62
C CYS A 594 -57.32 10.48 -11.34
N LEU A 595 -57.79 9.91 -12.44
CA LEU A 595 -59.00 10.47 -13.03
C LEU A 595 -60.25 9.76 -12.51
N ILE A 596 -60.21 8.43 -12.33
CA ILE A 596 -61.35 7.70 -11.80
C ILE A 596 -61.70 8.18 -10.40
N SER A 597 -60.73 8.68 -9.64
CA SER A 597 -60.98 9.03 -8.25
C SER A 597 -61.84 10.28 -8.12
N ILE A 598 -61.63 11.26 -9.01
CA ILE A 598 -62.35 12.53 -8.88
C ILE A 598 -63.79 12.40 -9.36
N LYS A 599 -64.07 11.44 -10.25
CA LYS A 599 -65.43 11.30 -10.78
C LYS A 599 -66.40 10.75 -9.74
N ASN A 600 -65.91 10.26 -8.61
CA ASN A 600 -66.77 9.74 -7.56
C ASN A 600 -67.11 10.84 -6.56
N ARG B 3 -64.04 40.09 -37.10
CA ARG B 3 -64.92 38.92 -37.20
C ARG B 3 -65.25 38.62 -38.65
N VAL B 4 -64.90 37.42 -39.09
CA VAL B 4 -65.02 37.01 -40.49
C VAL B 4 -65.80 35.70 -40.57
N LEU B 5 -66.57 35.55 -41.64
CA LEU B 5 -67.31 34.33 -41.90
C LEU B 5 -66.70 33.59 -43.08
N LEU B 6 -66.46 32.29 -42.90
CA LEU B 6 -65.86 31.44 -43.92
C LEU B 6 -66.82 30.29 -44.20
N CYS B 7 -67.25 30.16 -45.45
CA CYS B 7 -68.24 29.14 -45.78
C CYS B 7 -68.10 28.75 -47.24
N SER B 8 -68.69 27.62 -47.58
CA SER B 8 -68.71 27.11 -48.95
C SER B 8 -70.16 26.90 -49.36
N ALA B 9 -70.52 27.38 -50.55
CA ALA B 9 -71.88 27.29 -51.07
C ALA B 9 -71.87 26.54 -52.40
N GLY B 10 -72.80 25.61 -52.55
CA GLY B 10 -72.96 24.89 -53.80
C GLY B 10 -74.29 25.18 -54.46
N HIS B 11 -75.21 24.21 -54.43
CA HIS B 11 -76.55 24.45 -54.93
C HIS B 11 -77.35 25.37 -54.02
N SER B 12 -76.93 25.53 -52.76
CA SER B 12 -77.62 26.36 -51.80
C SER B 12 -76.92 27.71 -51.65
N SER B 13 -77.72 28.78 -51.69
CA SER B 13 -77.20 30.13 -51.53
C SER B 13 -77.88 30.90 -50.40
N MET B 14 -78.86 30.31 -49.73
CA MET B 14 -79.57 30.96 -48.64
C MET B 14 -78.94 30.71 -47.28
N VAL B 15 -77.89 29.88 -47.20
CA VAL B 15 -77.23 29.63 -45.93
C VAL B 15 -76.53 30.89 -45.43
N VAL B 16 -75.97 31.67 -46.36
CA VAL B 16 -75.12 32.80 -45.97
C VAL B 16 -75.87 33.87 -45.19
N PRO B 17 -77.07 34.30 -45.58
CA PRO B 17 -77.76 35.32 -44.76
C PRO B 17 -78.02 34.87 -43.33
N GLU B 18 -78.45 33.62 -43.14
CA GLU B 18 -78.65 33.11 -41.79
C GLU B 18 -77.33 33.07 -41.04
N ALA B 19 -76.26 32.62 -41.70
CA ALA B 19 -74.96 32.55 -41.05
C ALA B 19 -74.48 33.93 -40.63
N PHE B 20 -74.75 34.94 -41.45
CA PHE B 20 -74.44 36.32 -41.04
C PHE B 20 -75.28 36.73 -39.85
N HIS B 21 -76.56 36.36 -39.83
CA HIS B 21 -77.44 36.69 -38.72
C HIS B 21 -77.24 35.78 -37.51
N ALA B 22 -76.23 34.93 -37.52
CA ALA B 22 -75.93 34.09 -36.35
C ALA B 22 -75.74 34.92 -35.09
N VAL B 23 -74.69 35.74 -35.05
CA VAL B 23 -74.39 36.54 -33.87
C VAL B 23 -75.24 37.80 -33.92
N PRO B 24 -76.00 38.10 -32.86
CA PRO B 24 -76.85 39.31 -32.87
C PRO B 24 -76.06 40.59 -33.01
N GLU B 25 -74.78 40.58 -32.61
CA GLU B 25 -73.94 41.76 -32.72
C GLU B 25 -73.54 42.09 -34.16
N GLY B 26 -73.84 41.20 -35.11
CA GLY B 26 -73.46 41.43 -36.48
C GLY B 26 -72.03 40.97 -36.77
N PHE B 27 -71.56 41.33 -37.95
CA PHE B 27 -70.23 40.94 -38.41
C PHE B 27 -69.68 42.03 -39.32
N GLU B 28 -68.48 41.77 -39.86
CA GLU B 28 -67.79 42.73 -40.71
C GLU B 28 -67.33 42.18 -42.05
N GLU B 29 -66.96 40.90 -42.12
CA GLU B 29 -66.47 40.32 -43.36
C GLU B 29 -67.08 38.94 -43.58
N VAL B 30 -67.41 38.65 -44.84
CA VAL B 30 -67.94 37.35 -45.24
C VAL B 30 -67.26 36.92 -46.53
N HIS B 31 -66.75 35.69 -46.56
CA HIS B 31 -66.23 35.09 -47.78
C HIS B 31 -66.92 33.77 -48.03
N VAL B 32 -67.13 33.45 -49.31
CA VAL B 32 -67.80 32.24 -49.72
C VAL B 32 -66.99 31.59 -50.84
N PHE B 33 -66.72 30.29 -50.70
CA PHE B 33 -66.05 29.51 -51.72
C PHE B 33 -67.07 28.64 -52.45
N THR B 34 -66.80 28.38 -53.72
CA THR B 34 -67.70 27.56 -54.52
C THR B 34 -66.92 26.92 -55.66
N THR B 35 -67.51 25.89 -56.24
CA THR B 35 -66.95 25.21 -57.40
C THR B 35 -67.38 25.95 -58.67
N ASP B 36 -67.10 25.36 -59.83
CA ASP B 36 -67.52 25.92 -61.11
C ASP B 36 -68.92 25.50 -61.52
N SER B 37 -69.75 25.07 -60.56
CA SER B 37 -71.10 24.64 -60.89
C SER B 37 -71.95 25.82 -61.32
N GLU B 38 -72.63 25.68 -62.46
CA GLU B 38 -73.50 26.74 -62.96
C GLU B 38 -74.81 26.83 -62.18
N LYS B 39 -75.12 25.81 -61.37
CA LYS B 39 -76.34 25.86 -60.57
C LYS B 39 -76.29 26.99 -59.56
N PHE B 40 -75.10 27.27 -59.02
CA PHE B 40 -74.93 28.35 -58.05
C PHE B 40 -75.29 29.68 -58.71
N ASN B 41 -76.24 30.40 -58.11
CA ASN B 41 -76.61 31.74 -58.56
C ASN B 41 -76.10 32.77 -57.57
N PRO B 42 -75.31 33.75 -58.00
CA PRO B 42 -74.77 34.75 -57.08
C PRO B 42 -75.65 35.97 -56.87
N VAL B 43 -76.75 36.09 -57.60
CA VAL B 43 -77.56 37.31 -57.57
C VAL B 43 -78.14 37.53 -56.18
N VAL B 44 -78.67 36.49 -55.56
CA VAL B 44 -79.36 36.65 -54.29
C VAL B 44 -78.41 37.15 -53.22
N LEU B 45 -77.23 36.53 -53.11
CA LEU B 45 -76.27 36.95 -52.10
C LEU B 45 -75.76 38.36 -52.35
N ASN B 46 -75.50 38.71 -53.63
CA ASN B 46 -75.06 40.05 -53.95
C ASN B 46 -76.10 41.09 -53.56
N ASP B 47 -77.36 40.82 -53.88
CA ASP B 47 -78.43 41.74 -53.52
C ASP B 47 -78.57 41.87 -52.01
N PHE B 48 -78.47 40.75 -51.29
CA PHE B 48 -78.58 40.80 -49.83
C PHE B 48 -77.45 41.59 -49.22
N PHE B 49 -76.22 41.40 -49.70
CA PHE B 49 -75.07 42.06 -49.11
C PHE B 49 -74.98 43.52 -49.52
N HIS B 50 -75.52 43.89 -50.69
CA HIS B 50 -75.53 45.30 -51.06
C HIS B 50 -76.41 46.13 -50.15
N SER B 51 -77.37 45.50 -49.45
CA SER B 51 -78.16 46.21 -48.45
C SER B 51 -77.34 46.57 -47.22
N LEU B 52 -76.16 46.00 -47.05
CA LEU B 52 -75.26 46.30 -45.93
C LEU B 52 -73.90 46.69 -46.49
N PRO B 53 -73.78 47.88 -47.07
CA PRO B 53 -72.50 48.27 -47.68
C PRO B 53 -71.39 48.49 -46.66
N ASN B 54 -71.71 48.66 -45.37
CA ASN B 54 -70.69 48.88 -44.37
C ASN B 54 -69.77 47.67 -44.19
N VAL B 55 -70.20 46.50 -44.63
CA VAL B 55 -69.38 45.31 -44.57
C VAL B 55 -68.85 45.00 -45.96
N ARG B 56 -67.86 44.11 -46.02
CA ARG B 56 -67.23 43.73 -47.28
C ARG B 56 -67.55 42.27 -47.59
N PHE B 57 -67.87 42.01 -48.85
CA PHE B 57 -68.29 40.68 -49.29
C PHE B 57 -67.51 40.28 -50.54
N SER B 58 -67.30 38.97 -50.68
CA SER B 58 -66.55 38.44 -51.81
C SER B 58 -67.05 37.05 -52.15
N ILE B 59 -66.79 36.63 -53.38
CA ILE B 59 -67.15 35.30 -53.88
C ILE B 59 -65.90 34.67 -54.47
N THR B 60 -65.60 33.44 -54.05
CA THR B 60 -64.47 32.68 -54.56
C THR B 60 -65.00 31.48 -55.33
N LYS B 61 -64.54 31.35 -56.59
CA LYS B 61 -65.00 30.29 -57.48
C LYS B 61 -63.83 29.39 -57.83
N CYS B 62 -64.05 28.07 -57.74
CA CYS B 62 -63.03 27.10 -58.11
C CYS B 62 -63.09 26.90 -59.63
N HIS B 63 -62.15 27.49 -60.33
CA HIS B 63 -62.16 27.44 -61.79
C HIS B 63 -61.88 26.04 -62.30
N GLY B 64 -62.61 25.63 -63.33
CA GLY B 64 -62.37 24.35 -63.98
C GLY B 64 -62.76 23.14 -63.16
N LEU B 65 -63.70 23.28 -62.23
CA LEU B 65 -64.15 22.16 -61.42
C LEU B 65 -65.61 22.42 -61.05
N ALA B 66 -66.53 21.77 -61.75
CA ALA B 66 -67.95 21.93 -61.48
C ALA B 66 -68.46 20.97 -60.41
N ASP B 67 -67.92 19.75 -60.36
CA ASP B 67 -68.35 18.76 -59.37
C ASP B 67 -67.22 17.78 -59.13
N ILE B 68 -67.31 17.08 -58.01
CA ILE B 68 -66.32 16.08 -57.61
C ILE B 68 -66.83 14.71 -58.04
N LEU B 69 -66.10 14.06 -58.95
CA LEU B 69 -66.51 12.78 -59.50
C LEU B 69 -65.47 11.67 -59.34
N ASN B 70 -64.24 12.00 -58.96
CA ASN B 70 -63.18 11.00 -58.85
C ASN B 70 -62.12 11.51 -57.87
N GLU B 71 -61.01 10.78 -57.77
CA GLU B 71 -59.97 11.14 -56.82
C GLU B 71 -59.26 12.44 -57.22
N ARG B 72 -59.03 12.64 -58.52
CA ARG B 72 -58.37 13.86 -58.97
C ARG B 72 -59.22 15.08 -58.64
N ASP B 73 -60.52 15.00 -58.88
CA ASP B 73 -61.40 16.12 -58.54
C ASP B 73 -61.36 16.41 -57.04
N PHE B 74 -61.40 15.37 -56.22
CA PHE B 74 -61.39 15.56 -54.77
C PHE B 74 -60.09 16.21 -54.32
N GLU B 75 -58.95 15.72 -54.79
CA GLU B 75 -57.68 16.28 -54.36
C GLU B 75 -57.50 17.70 -54.87
N PHE B 76 -57.93 17.98 -56.10
CA PHE B 76 -57.84 19.34 -56.63
C PHE B 76 -58.70 20.30 -55.80
N TYR B 77 -59.94 19.90 -55.52
CA TYR B 77 -60.82 20.76 -54.74
C TYR B 77 -60.27 20.97 -53.33
N GLN B 78 -59.73 19.92 -52.73
CA GLN B 78 -59.15 20.05 -51.39
C GLN B 78 -57.97 21.02 -51.40
N GLU B 79 -57.11 20.92 -52.41
CA GLU B 79 -55.94 21.80 -52.48
C GLU B 79 -56.37 23.25 -52.63
N MET B 80 -57.26 23.54 -53.58
CA MET B 80 -57.70 24.92 -53.76
C MET B 80 -58.48 25.45 -52.56
N LEU B 81 -59.32 24.62 -51.95
CA LEU B 81 -60.05 25.09 -50.77
C LEU B 81 -59.11 25.38 -49.62
N TRP B 82 -58.11 24.53 -49.41
CA TRP B 82 -57.13 24.78 -48.35
C TRP B 82 -56.34 26.05 -48.64
N GLN B 83 -55.91 26.24 -49.89
CA GLN B 83 -55.16 27.44 -50.22
C GLN B 83 -56.00 28.70 -50.03
N TRP B 84 -57.26 28.66 -50.46
CA TRP B 84 -58.14 29.81 -50.32
C TRP B 84 -58.44 30.10 -48.86
N TYR B 85 -58.64 29.06 -48.06
CA TYR B 85 -58.85 29.26 -46.63
C TYR B 85 -57.60 29.86 -45.98
N LEU B 86 -56.43 29.46 -46.47
CA LEU B 86 -55.18 29.99 -45.91
C LEU B 86 -54.98 31.45 -46.27
N THR B 87 -55.26 31.83 -47.52
CA THR B 87 -55.04 33.23 -47.92
C THR B 87 -56.12 34.16 -47.37
N LYS B 88 -57.28 33.62 -46.99
CA LYS B 88 -58.33 34.42 -46.38
C LYS B 88 -58.21 34.47 -44.87
N MET B 89 -57.14 33.90 -44.33
CA MET B 89 -56.89 33.93 -42.91
C MET B 89 -56.73 35.36 -42.44
N PRO B 90 -57.52 35.81 -41.46
CA PRO B 90 -57.23 37.11 -40.82
C PRO B 90 -55.86 37.08 -40.15
N ASP B 91 -55.22 38.25 -40.10
CA ASP B 91 -53.81 38.31 -39.74
C ASP B 91 -53.55 37.78 -38.34
N ASN B 92 -54.39 38.13 -37.36
CA ASN B 92 -54.14 37.78 -35.99
C ASN B 92 -55.31 37.13 -35.26
N GLU B 93 -56.50 37.09 -35.84
CA GLU B 93 -57.68 36.58 -35.17
C GLU B 93 -58.26 35.39 -35.91
N LEU B 94 -58.70 34.39 -35.16
CA LEU B 94 -59.33 33.22 -35.75
C LEU B 94 -60.72 33.58 -36.27
N PRO B 95 -61.14 33.02 -37.40
CA PRO B 95 -62.43 33.36 -37.99
C PRO B 95 -63.54 32.39 -37.56
N TYR B 96 -64.76 32.75 -37.93
CA TYR B 96 -65.93 31.90 -37.73
C TYR B 96 -66.23 31.16 -39.03
N VAL B 97 -66.69 29.92 -38.90
CA VAL B 97 -66.88 29.03 -40.05
C VAL B 97 -68.31 28.50 -40.04
N CYS B 98 -68.91 28.46 -41.22
CA CYS B 98 -70.26 27.96 -41.43
C CYS B 98 -70.20 26.69 -42.25
N LEU B 99 -70.96 25.68 -41.85
CA LEU B 99 -70.82 24.32 -42.39
C LEU B 99 -72.17 23.74 -42.76
N SER B 100 -72.97 24.48 -43.53
CA SER B 100 -74.25 23.97 -44.00
C SER B 100 -74.47 24.27 -45.48
N GLY B 101 -73.40 24.27 -46.26
CA GLY B 101 -73.51 24.50 -47.70
C GLY B 101 -72.87 23.37 -48.47
N GLY B 102 -73.51 23.01 -49.58
CA GLY B 102 -73.00 21.96 -50.43
C GLY B 102 -73.25 20.58 -49.85
N ILE B 103 -72.73 19.57 -50.55
CA ILE B 103 -72.84 18.19 -50.09
C ILE B 103 -71.76 17.94 -49.05
N LYS B 104 -71.82 16.77 -48.39
CA LYS B 104 -71.01 16.50 -47.21
C LYS B 104 -69.50 16.58 -47.48
N SER B 105 -69.06 16.45 -48.73
CA SER B 105 -67.63 16.39 -49.01
C SER B 105 -66.93 17.68 -48.59
N MET B 106 -67.43 18.84 -49.06
CA MET B 106 -66.81 20.09 -48.62
C MET B 106 -67.03 20.33 -47.14
N SER B 107 -68.14 19.86 -46.57
CA SER B 107 -68.35 19.99 -45.14
C SER B 107 -67.22 19.33 -44.36
N ALA B 108 -66.93 18.07 -44.68
CA ALA B 108 -65.86 17.36 -43.99
C ALA B 108 -64.50 17.99 -44.26
N SER B 109 -64.25 18.37 -45.53
CA SER B 109 -62.94 18.93 -45.86
C SER B 109 -62.69 20.24 -45.12
N LEU B 110 -63.68 21.14 -45.09
CA LEU B 110 -63.48 22.41 -44.43
C LEU B 110 -63.53 22.27 -42.91
N GLN B 111 -64.24 21.27 -42.38
CA GLN B 111 -64.13 20.99 -40.95
C GLN B 111 -62.72 20.54 -40.59
N LYS B 112 -62.12 19.70 -41.44
CA LYS B 112 -60.72 19.32 -41.22
C LYS B 112 -59.81 20.54 -41.31
N ALA B 113 -60.07 21.43 -42.27
CA ALA B 113 -59.29 22.66 -42.38
C ALA B 113 -59.41 23.51 -41.13
N ALA B 114 -60.62 23.64 -40.59
CA ALA B 114 -60.81 24.42 -39.38
C ALA B 114 -60.12 23.79 -38.19
N THR B 115 -60.14 22.46 -38.09
CA THR B 115 -59.43 21.79 -37.01
C THR B 115 -57.92 21.98 -37.13
N LEU B 116 -57.40 21.99 -38.35
CA LEU B 116 -55.96 22.10 -38.54
C LEU B 116 -55.48 23.54 -38.36
N PHE B 117 -55.95 24.45 -39.20
CA PHE B 117 -55.47 25.83 -39.18
C PHE B 117 -56.08 26.65 -38.04
N GLY B 118 -57.19 26.22 -37.47
CA GLY B 118 -57.82 26.95 -36.38
C GLY B 118 -58.97 27.82 -36.85
N ALA B 119 -59.90 28.06 -35.92
CA ALA B 119 -61.06 28.88 -36.19
C ALA B 119 -61.64 29.36 -34.88
N GLN B 120 -62.29 30.53 -34.92
CA GLN B 120 -62.90 31.07 -33.71
C GLN B 120 -64.08 30.21 -33.25
N SER B 121 -64.95 29.84 -34.20
CA SER B 121 -66.12 29.02 -33.88
C SER B 121 -66.67 28.45 -35.17
N VAL B 122 -66.86 27.13 -35.21
CA VAL B 122 -67.45 26.44 -36.35
C VAL B 122 -68.89 26.08 -35.98
N PHE B 123 -69.82 26.31 -36.90
CA PHE B 123 -71.22 26.07 -36.58
C PHE B 123 -72.00 25.70 -37.83
N HIS B 124 -73.14 25.04 -37.60
CA HIS B 124 -74.10 24.66 -38.62
C HIS B 124 -75.40 25.44 -38.42
N VAL B 125 -76.05 25.77 -39.52
CA VAL B 125 -77.36 26.41 -39.53
C VAL B 125 -78.37 25.33 -39.84
N LEU B 126 -79.61 25.53 -39.40
CA LEU B 126 -80.70 24.67 -39.85
C LEU B 126 -82.03 25.37 -39.66
N ALA B 127 -82.84 25.34 -40.71
CA ALA B 127 -84.19 25.90 -40.70
C ALA B 127 -85.16 24.86 -41.24
N ASP B 128 -86.31 24.74 -40.58
CA ASP B 128 -87.29 23.74 -40.99
C ASP B 128 -87.87 24.05 -42.36
N ASN B 129 -88.14 25.33 -42.64
CA ASN B 129 -88.84 25.72 -43.85
C ASN B 129 -87.97 25.68 -45.10
N ASN B 130 -86.65 25.49 -44.95
CA ASN B 130 -85.71 25.49 -46.08
C ASN B 130 -85.87 26.76 -46.90
N PRO B 131 -85.39 27.90 -46.39
CA PRO B 131 -85.66 29.18 -47.06
C PRO B 131 -85.05 29.26 -48.45
N ARG B 132 -85.65 30.09 -49.29
CA ARG B 132 -85.20 30.26 -50.67
C ARG B 132 -84.91 31.70 -51.04
N ASN B 133 -85.66 32.66 -50.50
CA ASN B 133 -85.50 34.06 -50.86
C ASN B 133 -85.41 34.91 -49.60
N ILE B 134 -85.41 36.23 -49.79
CA ILE B 134 -85.00 37.15 -48.73
C ILE B 134 -86.11 37.31 -47.70
N GLU B 135 -87.31 37.68 -48.15
CA GLU B 135 -88.39 38.03 -47.23
C GLU B 135 -88.76 36.85 -46.34
N GLU B 136 -88.86 35.65 -46.94
CA GLU B 136 -89.32 34.50 -46.17
C GLU B 136 -88.29 34.05 -45.15
N MET B 137 -86.99 34.11 -45.49
CA MET B 137 -86.02 33.73 -44.47
C MET B 137 -85.89 34.81 -43.41
N PHE B 138 -86.12 36.08 -43.77
CA PHE B 138 -86.19 37.11 -42.73
C PHE B 138 -87.34 36.83 -41.76
N ASP B 139 -88.50 36.44 -42.31
CA ASP B 139 -89.62 36.07 -41.44
C ASP B 139 -89.28 34.85 -40.60
N ALA B 140 -88.57 33.88 -41.17
CA ALA B 140 -88.17 32.70 -40.41
C ALA B 140 -87.25 33.07 -39.25
N LEU B 141 -86.31 33.98 -39.49
CA LEU B 141 -85.45 34.46 -38.41
C LEU B 141 -86.27 35.18 -37.35
N GLN B 142 -87.25 35.99 -37.78
CA GLN B 142 -88.09 36.69 -36.81
C GLN B 142 -88.89 35.71 -35.95
N LYS B 143 -89.39 34.63 -36.55
CA LYS B 143 -90.18 33.64 -35.81
C LYS B 143 -89.35 32.88 -34.80
N GLY B 144 -88.02 32.90 -34.92
CA GLY B 144 -87.17 32.11 -34.06
C GLY B 144 -87.03 30.66 -34.47
N GLN B 145 -87.61 30.26 -35.60
CA GLN B 145 -87.50 28.88 -36.07
C GLN B 145 -86.10 28.53 -36.56
N ILE B 146 -85.25 29.54 -36.80
CA ILE B 146 -83.87 29.27 -37.19
C ILE B 146 -83.13 28.66 -36.01
N HIS B 147 -82.25 27.70 -36.29
CA HIS B 147 -81.49 27.01 -35.25
C HIS B 147 -80.01 27.01 -35.60
N PHE B 148 -79.18 27.23 -34.58
CA PHE B 148 -77.75 27.45 -34.73
C PHE B 148 -77.04 26.50 -33.79
N ILE B 149 -76.11 25.69 -34.31
CA ILE B 149 -75.39 24.74 -33.46
C ILE B 149 -73.90 24.93 -33.67
N GLU B 150 -73.20 25.31 -32.61
CA GLU B 150 -71.76 25.54 -32.66
C GLU B 150 -71.04 24.32 -32.10
N MET B 151 -70.17 23.72 -32.91
CA MET B 151 -69.46 22.51 -32.50
C MET B 151 -68.54 22.79 -31.31
N GLY B 152 -67.81 23.89 -31.36
CA GLY B 152 -66.86 24.23 -30.31
C GLY B 152 -65.73 25.06 -30.86
N TYR B 153 -65.09 25.81 -29.96
CA TYR B 153 -63.98 26.67 -30.34
C TYR B 153 -62.73 25.80 -30.54
N GLU B 154 -62.12 25.90 -31.72
CA GLU B 154 -60.95 25.11 -32.05
C GLU B 154 -59.69 25.94 -31.86
N PRO B 155 -58.82 25.61 -30.91
CA PRO B 155 -57.57 26.39 -30.76
C PRO B 155 -56.72 26.36 -32.02
N GLY B 156 -56.69 25.25 -32.73
CA GLY B 156 -55.96 25.17 -33.98
C GLY B 156 -54.48 24.91 -33.82
N TRP B 157 -53.83 24.48 -34.90
CA TRP B 157 -52.41 24.17 -34.89
C TRP B 157 -51.67 25.36 -35.49
N ALA B 158 -50.91 26.06 -34.66
CA ALA B 158 -50.48 27.44 -34.93
C ALA B 158 -49.18 27.52 -35.71
N ALA B 159 -48.88 26.52 -36.54
CA ALA B 159 -47.70 26.59 -37.39
C ALA B 159 -48.00 26.67 -38.87
N LEU B 160 -49.20 26.28 -39.29
CA LEU B 160 -49.59 26.40 -40.69
C LEU B 160 -50.10 27.79 -41.04
N ARG B 161 -49.83 28.80 -40.20
CA ARG B 161 -50.36 30.13 -40.44
C ARG B 161 -49.53 30.89 -41.46
N ARG B 162 -48.26 31.15 -41.16
CA ARG B 162 -47.40 31.78 -42.15
C ARG B 162 -46.91 30.78 -43.20
N LEU B 163 -47.54 29.61 -43.28
CA LEU B 163 -47.54 28.89 -44.54
C LEU B 163 -48.17 29.74 -45.64
N LYS B 164 -48.98 30.73 -45.24
CA LYS B 164 -49.39 31.79 -46.16
C LYS B 164 -48.18 32.54 -46.72
N LYS B 165 -47.20 32.84 -45.87
CA LYS B 165 -46.14 33.77 -46.26
C LYS B 165 -45.32 33.24 -47.43
N ILE B 166 -45.23 31.92 -47.58
CA ILE B 166 -44.48 31.35 -48.69
C ILE B 166 -45.32 31.28 -49.95
N LEU B 167 -46.54 30.73 -49.84
CA LEU B 167 -47.46 30.60 -50.97
C LEU B 167 -48.81 31.17 -50.58
N PRO B 168 -48.98 32.50 -50.67
CA PRO B 168 -50.32 33.06 -50.45
C PRO B 168 -51.31 32.63 -51.51
N ILE B 169 -50.96 32.84 -52.78
CA ILE B 169 -51.76 32.37 -53.90
C ILE B 169 -50.85 32.30 -55.13
N ASN B 170 -50.91 31.19 -55.85
CA ASN B 170 -50.08 31.01 -57.05
C ASN B 170 -50.76 31.60 -58.29
N GLU B 171 -51.22 32.84 -58.16
CA GLU B 171 -51.82 33.63 -59.24
C GLU B 171 -52.68 32.77 -60.18
N GLY B 172 -53.63 32.07 -59.57
CA GLY B 172 -54.52 31.21 -60.35
C GLY B 172 -53.83 29.99 -60.91
N CYS B 173 -53.42 29.07 -60.04
CA CYS B 173 -52.73 27.87 -60.48
C CYS B 173 -53.65 26.99 -61.33
N SER B 174 -53.06 26.31 -62.30
CA SER B 174 -53.80 25.43 -63.21
C SER B 174 -53.33 24.00 -63.03
N ARG B 175 -54.04 23.07 -63.69
CA ARG B 175 -53.70 21.66 -63.59
C ARG B 175 -52.31 21.35 -64.16
N ASP B 176 -51.82 22.20 -65.06
CA ASP B 176 -50.49 21.99 -65.63
C ASP B 176 -49.37 22.50 -64.72
N ASN B 177 -49.71 23.27 -63.68
CA ASN B 177 -48.70 23.83 -62.79
C ASN B 177 -49.11 23.76 -61.32
N PHE B 178 -50.13 22.98 -60.97
CA PHE B 178 -50.57 22.89 -59.59
C PHE B 178 -49.53 22.16 -58.74
N LYS B 179 -49.30 22.68 -57.54
CA LYS B 179 -48.38 22.08 -56.57
C LYS B 179 -49.10 21.92 -55.25
N PRO B 180 -49.58 20.72 -54.91
CA PRO B 180 -50.31 20.57 -53.64
C PRO B 180 -49.38 20.49 -52.44
N LEU B 181 -48.84 21.64 -52.02
CA LEU B 181 -47.92 21.66 -50.89
C LEU B 181 -48.59 21.23 -49.60
N ILE B 182 -49.86 21.61 -49.41
CA ILE B 182 -50.58 21.15 -48.22
C ILE B 182 -50.73 19.64 -48.26
N SER B 183 -50.96 19.08 -49.45
CA SER B 183 -50.95 17.63 -49.58
C SER B 183 -49.58 17.05 -49.30
N LYS B 184 -48.51 17.80 -49.59
CA LYS B 184 -47.18 17.35 -49.20
C LYS B 184 -47.03 17.30 -47.69
N SER B 185 -47.58 18.28 -46.98
CA SER B 185 -47.55 18.23 -45.52
C SER B 185 -48.37 17.05 -44.99
N ILE B 186 -49.53 16.79 -45.59
CA ILE B 186 -50.36 15.68 -45.16
C ILE B 186 -49.65 14.35 -45.42
N GLU B 187 -49.02 14.20 -46.58
CA GLU B 187 -48.27 12.98 -46.85
C GLU B 187 -47.05 12.89 -45.96
N GLU B 188 -46.50 14.02 -45.51
CA GLU B 188 -45.41 13.98 -44.55
C GLU B 188 -45.88 13.41 -43.22
N ILE B 189 -47.03 13.86 -42.73
CA ILE B 189 -47.53 13.32 -41.47
C ILE B 189 -47.91 11.84 -41.64
N LEU B 190 -48.43 11.47 -42.81
CA LEU B 190 -48.78 10.08 -43.05
C LEU B 190 -47.54 9.19 -43.10
N SER B 191 -46.47 9.68 -43.73
CA SER B 191 -45.21 8.94 -43.74
C SER B 191 -44.65 8.81 -42.34
N ASN B 192 -44.76 9.87 -41.53
CA ASN B 192 -44.37 9.77 -40.13
C ASN B 192 -45.17 8.68 -39.41
N VAL B 193 -46.46 8.61 -39.69
CA VAL B 193 -47.30 7.59 -39.05
C VAL B 193 -46.84 6.19 -39.44
N LYS B 194 -46.66 5.94 -40.73
CA LYS B 194 -46.23 4.61 -41.13
C LYS B 194 -44.79 4.33 -40.73
N ILE B 195 -44.02 5.35 -40.33
CA ILE B 195 -42.68 5.12 -39.81
C ILE B 195 -42.73 4.72 -38.34
N MET B 196 -43.47 5.47 -37.53
CA MET B 196 -43.49 5.27 -36.08
C MET B 196 -44.49 4.22 -35.63
N ALA B 197 -45.31 3.68 -36.54
CA ALA B 197 -46.34 2.72 -36.17
C ALA B 197 -45.78 1.43 -35.58
N SER B 198 -44.49 1.16 -35.76
CA SER B 198 -43.84 -0.03 -35.22
C SER B 198 -42.55 0.37 -34.50
N ASP B 199 -42.62 1.41 -33.69
CA ASP B 199 -41.46 1.95 -32.98
C ASP B 199 -41.73 2.00 -31.48
N THR B 200 -40.77 1.49 -30.71
CA THR B 200 -40.76 1.59 -29.25
C THR B 200 -39.52 2.38 -28.83
N GLY B 201 -39.31 2.46 -27.52
CA GLY B 201 -38.15 3.19 -27.03
C GLY B 201 -38.43 4.66 -26.85
N LYS B 202 -38.09 5.45 -27.87
CA LYS B 202 -38.32 6.89 -27.89
C LYS B 202 -39.76 7.25 -27.50
N SER B 203 -40.72 6.47 -27.97
CA SER B 203 -42.12 6.87 -27.68
C SER B 203 -42.26 7.04 -26.17
N ASN B 204 -41.21 6.68 -25.42
CA ASN B 204 -41.34 6.68 -23.94
C ASN B 204 -40.84 7.97 -23.31
N GLN B 205 -41.68 8.60 -22.48
CA GLN B 205 -41.29 9.81 -21.71
C GLN B 205 -40.93 10.95 -22.65
N LEU B 206 -41.82 11.92 -22.79
CA LEU B 206 -41.42 13.11 -23.57
C LEU B 206 -40.35 13.77 -22.71
N PRO B 207 -39.58 14.75 -23.20
CA PRO B 207 -38.65 15.42 -22.34
C PRO B 207 -39.43 16.08 -21.18
N PHE B 208 -39.67 17.41 -21.19
CA PHE B 208 -40.45 18.00 -20.14
C PHE B 208 -41.94 17.82 -20.39
N PRO B 209 -42.76 17.80 -19.32
CA PRO B 209 -44.21 17.81 -19.51
C PRO B 209 -44.69 19.11 -20.16
N SER B 210 -45.99 19.23 -20.37
CA SER B 210 -46.64 20.28 -21.15
C SER B 210 -46.28 20.17 -22.63
N LEU B 211 -45.40 19.24 -23.01
CA LEU B 211 -45.20 18.89 -24.40
C LEU B 211 -46.35 18.04 -24.93
N ALA B 212 -47.14 17.42 -24.04
CA ALA B 212 -48.31 16.65 -24.43
C ALA B 212 -49.51 17.52 -24.73
N ILE B 213 -49.59 18.74 -24.17
CA ILE B 213 -50.72 19.62 -24.43
C ILE B 213 -50.71 20.17 -25.84
N LEU B 214 -49.61 19.99 -26.57
CA LEU B 214 -49.57 20.40 -27.96
C LEU B 214 -50.60 19.59 -28.77
N PRO B 215 -51.10 20.14 -29.87
CA PRO B 215 -52.06 19.40 -30.68
C PRO B 215 -51.46 18.12 -31.19
N PRO B 216 -52.26 17.09 -31.42
CA PRO B 216 -51.72 15.80 -31.88
C PRO B 216 -50.89 15.92 -33.16
N ILE B 217 -51.27 16.84 -34.05
CA ILE B 217 -50.47 17.08 -35.25
C ILE B 217 -49.07 17.55 -34.87
N ALA B 218 -48.97 18.37 -33.82
CA ALA B 218 -47.67 18.84 -33.36
C ALA B 218 -46.79 17.68 -32.90
N GLN B 219 -47.36 16.78 -32.09
CA GLN B 219 -46.58 15.63 -31.63
C GLN B 219 -46.17 14.74 -32.80
N GLN B 220 -47.09 14.50 -33.73
CA GLN B 220 -46.77 13.68 -34.90
C GLN B 220 -45.64 14.30 -35.70
N TRP B 221 -45.65 15.63 -35.85
CA TRP B 221 -44.54 16.32 -36.50
C TRP B 221 -43.25 16.15 -35.70
N LEU B 222 -43.36 16.18 -34.37
CA LEU B 222 -42.18 16.01 -33.53
C LEU B 222 -41.56 14.64 -33.71
N GLN B 223 -42.38 13.62 -33.99
CA GLN B 223 -41.84 12.28 -34.20
C GLN B 223 -41.01 12.18 -35.47
N LEU B 224 -41.08 13.17 -36.36
CA LEU B 224 -40.37 13.10 -37.62
C LEU B 224 -38.86 13.18 -37.39
N PRO B 225 -38.06 12.33 -38.02
CA PRO B 225 -36.61 12.46 -37.92
C PRO B 225 -36.14 13.83 -38.37
N LEU B 226 -35.16 14.37 -37.65
CA LEU B 226 -34.66 15.71 -37.91
C LEU B 226 -33.91 15.75 -39.24
N SER B 227 -34.00 16.88 -39.93
CA SER B 227 -33.35 17.08 -41.21
C SER B 227 -32.51 18.36 -41.16
N ALA B 228 -31.71 18.56 -42.21
CA ALA B 228 -30.85 19.74 -42.29
C ALA B 228 -31.62 21.04 -42.48
N ASN B 229 -32.92 20.97 -42.80
CA ASN B 229 -33.70 22.16 -43.04
C ASN B 229 -34.26 22.77 -41.76
N ASP B 230 -34.16 22.08 -40.62
CA ASP B 230 -34.76 22.52 -39.37
C ASP B 230 -33.80 23.37 -38.53
N GLY B 231 -32.87 24.09 -39.16
CA GLY B 231 -31.93 24.89 -38.41
C GLY B 231 -32.59 26.01 -37.63
N ALA B 232 -33.55 26.69 -38.25
CA ALA B 232 -34.18 27.84 -37.60
C ALA B 232 -34.91 27.43 -36.33
N TRP B 233 -35.52 26.25 -36.33
CA TRP B 233 -36.27 25.80 -35.16
C TRP B 233 -35.34 25.67 -33.95
N ILE B 234 -34.23 24.96 -34.10
CA ILE B 234 -33.31 24.82 -32.97
C ILE B 234 -32.61 26.14 -32.68
N GLN B 235 -32.47 27.02 -33.68
CA GLN B 235 -31.95 28.35 -33.41
C GLN B 235 -32.86 29.11 -32.45
N ASN B 236 -34.17 29.02 -32.65
CA ASN B 236 -35.11 29.58 -31.69
C ASN B 236 -35.17 28.76 -30.41
N LEU B 237 -34.68 27.52 -30.44
CA LEU B 237 -34.81 26.62 -29.30
C LEU B 237 -33.82 27.01 -28.21
N PRO B 238 -34.26 27.17 -26.97
CA PRO B 238 -33.30 27.33 -25.87
C PRO B 238 -32.46 26.07 -25.72
N LYS B 239 -31.17 26.25 -25.44
CA LYS B 239 -30.23 25.15 -25.38
C LYS B 239 -29.34 25.30 -24.16
N VAL B 240 -28.48 24.31 -23.93
CA VAL B 240 -27.57 24.30 -22.80
C VAL B 240 -26.20 23.80 -23.25
N ASP B 241 -25.16 24.49 -22.83
CA ASP B 241 -23.78 24.09 -23.05
C ASP B 241 -23.16 23.68 -21.73
N LEU B 242 -22.22 22.74 -21.78
CA LEU B 242 -21.52 22.27 -20.58
C LEU B 242 -20.02 22.17 -20.75
N HIS B 243 -19.50 22.14 -21.98
CA HIS B 243 -18.07 22.00 -22.25
C HIS B 243 -17.70 23.06 -23.28
N CYS B 244 -17.36 24.26 -22.78
CA CYS B 244 -16.96 25.36 -23.64
C CYS B 244 -15.66 25.96 -23.10
N HIS B 245 -14.68 26.12 -23.98
CA HIS B 245 -13.37 26.62 -23.60
C HIS B 245 -13.33 28.13 -23.77
N LEU B 246 -13.02 28.85 -22.70
CA LEU B 246 -12.91 30.31 -22.78
C LEU B 246 -11.69 30.73 -23.58
N GLY B 247 -10.60 29.94 -23.53
CA GLY B 247 -9.37 30.28 -24.20
C GLY B 247 -9.35 30.04 -25.69
N GLY B 248 -10.48 29.64 -26.28
CA GLY B 248 -10.54 29.41 -27.70
C GLY B 248 -11.77 29.97 -28.36
N PHE B 249 -12.28 31.10 -27.83
CA PHE B 249 -13.48 31.69 -28.39
C PHE B 249 -13.18 32.41 -29.70
N ALA B 250 -12.32 33.42 -29.66
CA ALA B 250 -12.00 34.24 -30.83
C ALA B 250 -10.58 33.91 -31.27
N THR B 251 -10.45 33.20 -32.38
CA THR B 251 -9.13 32.85 -32.89
C THR B 251 -9.03 32.97 -34.42
N SER B 252 -10.05 33.48 -35.09
CA SER B 252 -10.03 33.58 -36.54
C SER B 252 -11.02 34.67 -36.96
N GLY B 253 -10.86 35.11 -38.21
CA GLY B 253 -11.75 36.14 -38.73
C GLY B 253 -11.56 37.48 -38.03
N SER B 254 -12.65 38.23 -37.94
CA SER B 254 -12.65 39.51 -37.25
C SER B 254 -12.92 39.38 -35.75
N LEU B 255 -13.23 38.17 -35.27
CA LEU B 255 -13.63 38.01 -33.87
C LEU B 255 -12.49 38.30 -32.91
N LEU B 256 -11.24 38.08 -33.32
CA LEU B 256 -10.11 38.44 -32.47
C LEU B 256 -9.68 39.89 -32.64
N ASP B 257 -10.16 40.56 -33.68
CA ASP B 257 -9.70 41.92 -33.97
C ASP B 257 -10.15 42.89 -32.88
N GLN B 258 -11.43 42.84 -32.50
CA GLN B 258 -11.91 43.74 -31.46
C GLN B 258 -11.31 43.40 -30.10
N VAL B 259 -11.02 42.11 -29.86
CA VAL B 259 -10.41 41.71 -28.59
C VAL B 259 -8.99 42.23 -28.50
N ARG B 260 -8.20 41.92 -29.53
CA ARG B 260 -6.80 42.37 -29.53
C ARG B 260 -6.88 43.89 -29.54
N GLY B 261 -7.79 44.43 -30.35
CA GLY B 261 -7.95 45.89 -30.40
C GLY B 261 -8.09 46.44 -28.99
N ALA B 262 -8.63 45.66 -28.07
CA ALA B 262 -8.89 46.18 -26.71
C ALA B 262 -7.77 45.77 -25.77
N ALA B 263 -6.55 45.64 -26.30
CA ALA B 263 -5.40 45.27 -25.46
C ALA B 263 -5.06 46.42 -24.53
N SER B 264 -4.70 46.12 -23.28
CA SER B 264 -4.35 47.18 -22.29
C SER B 264 -3.00 47.78 -22.66
N GLU B 265 -2.07 46.94 -23.09
CA GLU B 265 -0.74 47.45 -23.53
C GLU B 265 -0.63 47.19 -25.03
N PRO B 266 -1.20 48.06 -25.89
CA PRO B 266 -1.21 47.80 -27.33
C PRO B 266 0.21 47.84 -27.90
N ASP B 267 1.02 46.84 -27.57
CA ASP B 267 2.40 46.75 -28.13
C ASP B 267 2.79 45.27 -28.15
N LEU B 268 3.04 44.68 -26.97
CA LEU B 268 3.37 43.27 -26.91
C LEU B 268 2.27 42.38 -27.48
N ILE B 269 1.42 42.92 -28.33
CA ILE B 269 0.33 42.16 -28.94
C ILE B 269 0.73 41.84 -30.37
N ASP B 270 1.00 40.56 -30.64
CA ASP B 270 1.36 40.14 -31.98
C ASP B 270 0.14 40.18 -32.89
N ARG B 271 0.33 40.66 -34.12
CA ARG B 271 -0.74 40.80 -35.09
C ARG B 271 -0.37 40.19 -36.43
N THR B 272 0.56 39.21 -36.44
CA THR B 272 1.03 38.61 -37.67
C THR B 272 0.63 37.15 -37.84
N PHE B 273 0.07 36.53 -36.82
CA PHE B 273 -0.24 35.10 -36.90
C PHE B 273 -1.37 34.85 -37.89
N SER B 274 -1.31 33.71 -38.55
CA SER B 274 -2.28 33.29 -39.54
C SER B 274 -2.69 31.86 -39.27
N PRO B 275 -3.88 31.45 -39.69
CA PRO B 275 -4.29 30.05 -39.53
C PRO B 275 -3.59 29.16 -40.54
N GLN B 276 -3.91 27.87 -40.48
CA GLN B 276 -3.27 26.85 -41.30
C GLN B 276 -3.90 26.77 -42.70
N GLU B 277 -4.68 27.80 -43.07
CA GLU B 277 -5.32 27.88 -44.39
C GLU B 277 -6.21 26.67 -44.67
N ILE B 278 -7.00 26.30 -43.67
CA ILE B 278 -7.87 25.12 -43.78
C ILE B 278 -8.99 25.43 -44.77
N ALA B 279 -9.22 24.48 -45.70
CA ALA B 279 -10.16 24.72 -46.79
C ALA B 279 -11.59 24.46 -46.36
N GLY B 280 -11.89 23.24 -45.93
CA GLY B 280 -13.26 22.83 -45.69
C GLY B 280 -13.86 23.21 -44.36
N TRP B 281 -13.13 23.91 -43.50
CA TRP B 281 -13.61 24.20 -42.15
C TRP B 281 -14.93 24.97 -42.22
N PRO B 282 -15.93 24.58 -41.42
CA PRO B 282 -15.94 23.49 -40.44
C PRO B 282 -16.40 22.15 -41.02
N ARG B 283 -16.67 22.08 -42.32
CA ARG B 283 -17.04 20.86 -43.00
C ARG B 283 -15.81 20.10 -43.52
N SER B 284 -14.66 20.30 -42.90
CA SER B 284 -13.41 19.73 -43.40
C SER B 284 -13.48 18.22 -43.47
N HIS B 285 -13.45 17.68 -44.70
CA HIS B 285 -13.46 16.24 -44.87
C HIS B 285 -12.16 15.61 -44.38
N LYS B 286 -11.02 16.27 -44.62
CA LYS B 286 -9.74 15.73 -44.20
C LYS B 286 -9.65 15.73 -42.67
N SER B 287 -9.32 14.58 -42.09
CA SER B 287 -9.25 14.44 -40.65
C SER B 287 -7.84 14.75 -40.17
N ILE B 288 -7.69 15.82 -39.40
CA ILE B 288 -6.41 16.17 -38.77
C ILE B 288 -6.49 15.77 -37.31
N SER B 289 -5.38 15.25 -36.78
CA SER B 289 -5.34 14.64 -35.46
C SER B 289 -4.56 15.53 -34.50
N LEU B 290 -5.29 16.29 -33.70
CA LEU B 290 -4.75 17.18 -32.66
C LEU B 290 -3.64 18.03 -33.28
N ASP B 291 -2.62 18.36 -32.49
CA ASP B 291 -1.42 19.03 -32.97
C ASP B 291 -1.75 20.33 -33.69
N LYS B 292 -2.34 20.22 -34.88
CA LYS B 292 -2.72 21.40 -35.64
C LYS B 292 -3.79 22.22 -34.95
N TYR B 293 -4.52 21.64 -33.99
CA TYR B 293 -5.54 22.40 -33.26
C TYR B 293 -4.90 23.47 -32.39
N MET B 294 -3.98 23.08 -31.51
CA MET B 294 -3.40 24.03 -30.57
C MET B 294 -2.65 25.14 -31.29
N GLU B 295 -1.94 24.81 -32.38
CA GLU B 295 -1.28 25.85 -33.16
C GLU B 295 -2.31 26.74 -33.85
N LEU B 296 -3.43 26.17 -34.30
CA LEU B 296 -4.47 26.98 -34.93
C LEU B 296 -5.06 27.97 -33.93
N GLY B 297 -5.26 27.53 -32.69
CA GLY B 297 -5.76 28.38 -31.63
C GLY B 297 -4.72 29.23 -30.95
N ASN B 298 -3.47 29.20 -31.41
CA ASN B 298 -2.42 30.01 -30.79
C ASN B 298 -2.64 31.49 -31.01
N ALA B 299 -3.51 31.89 -31.94
CA ALA B 299 -3.85 33.30 -32.10
C ALA B 299 -4.44 33.88 -30.83
N ASN B 300 -5.13 33.05 -30.05
CA ASN B 300 -5.66 33.44 -28.75
C ASN B 300 -5.03 32.57 -27.67
N GLY B 301 -5.51 32.70 -26.45
CA GLY B 301 -5.01 31.91 -25.35
C GLY B 301 -4.01 32.63 -24.48
N SER B 302 -2.92 31.94 -24.12
CA SER B 302 -1.94 32.53 -23.21
C SER B 302 -1.28 33.76 -23.80
N LYS B 303 -0.95 33.73 -25.09
CA LYS B 303 -0.20 34.82 -25.70
C LYS B 303 -0.95 36.15 -25.64
N LEU B 304 -2.28 36.10 -25.67
CA LEU B 304 -3.09 37.32 -25.78
C LEU B 304 -3.83 37.69 -24.51
N LEU B 305 -4.03 36.76 -23.58
CA LEU B 305 -4.88 36.98 -22.42
C LEU B 305 -4.10 37.42 -21.17
N LYS B 306 -2.81 37.73 -21.31
CA LYS B 306 -2.03 38.15 -20.15
C LYS B 306 -2.55 39.46 -19.57
N ASP B 307 -2.92 40.40 -20.43
CA ASP B 307 -3.39 41.71 -19.98
C ASP B 307 -4.81 41.60 -19.43
N LYS B 308 -5.38 42.74 -19.07
CA LYS B 308 -6.69 42.82 -18.45
C LYS B 308 -7.80 43.21 -19.42
N GLY B 309 -7.59 44.26 -20.20
CA GLY B 309 -8.64 44.73 -21.10
C GLY B 309 -9.03 43.70 -22.14
N CYS B 310 -8.04 42.99 -22.68
CA CYS B 310 -8.33 41.97 -23.68
C CYS B 310 -9.15 40.84 -23.09
N LEU B 311 -8.84 40.42 -21.86
CA LEU B 311 -9.60 39.36 -21.22
C LEU B 311 -11.05 39.77 -20.99
N ILE B 312 -11.26 41.01 -20.53
CA ILE B 312 -12.62 41.50 -20.32
C ILE B 312 -13.38 41.56 -21.63
N ARG B 313 -12.72 42.06 -22.69
CA ARG B 313 -13.39 42.10 -23.98
C ARG B 313 -13.75 40.70 -24.47
N GLN B 314 -12.84 39.74 -24.30
CA GLN B 314 -13.10 38.38 -24.75
C GLN B 314 -14.26 37.76 -23.98
N VAL B 315 -14.31 37.95 -22.67
CA VAL B 315 -15.39 37.34 -21.90
C VAL B 315 -16.72 38.00 -22.23
N GLU B 316 -16.73 39.33 -22.43
CA GLU B 316 -17.97 39.99 -22.84
C GLU B 316 -18.44 39.48 -24.20
N LEU B 317 -17.50 39.32 -25.14
CA LEU B 317 -17.88 38.81 -26.45
C LEU B 317 -18.40 37.38 -26.37
N LEU B 318 -17.78 36.55 -25.53
CA LEU B 318 -18.24 35.18 -25.36
C LEU B 318 -19.65 35.15 -24.78
N TYR B 319 -19.92 35.98 -23.78
CA TYR B 319 -21.26 36.04 -23.21
C TYR B 319 -22.27 36.54 -24.23
N GLN B 320 -21.88 37.53 -25.03
CA GLN B 320 -22.79 38.03 -26.06
C GLN B 320 -23.11 36.95 -27.09
N SER B 321 -22.09 36.18 -27.49
CA SER B 321 -22.33 35.09 -28.42
C SER B 321 -23.21 34.02 -27.79
N LEU B 322 -23.01 33.73 -26.51
CA LEU B 322 -23.85 32.75 -25.82
C LEU B 322 -25.31 33.20 -25.81
N VAL B 323 -25.55 34.48 -25.52
CA VAL B 323 -26.91 34.98 -25.50
C VAL B 323 -27.50 34.98 -26.91
N ASN B 324 -26.67 35.30 -27.91
CA ASN B 324 -27.16 35.36 -29.29
C ASN B 324 -27.65 34.01 -29.79
N ASP B 325 -27.10 32.91 -29.27
CA ASP B 325 -27.48 31.57 -29.68
C ASP B 325 -28.60 30.99 -28.83
N ASN B 326 -29.25 31.80 -28.00
CA ASN B 326 -30.36 31.39 -27.15
C ASN B 326 -29.95 30.33 -26.14
N VAL B 327 -28.66 30.21 -25.83
CA VAL B 327 -28.19 29.29 -24.81
C VAL B 327 -28.63 29.83 -23.45
N ALA B 328 -29.54 29.12 -22.78
CA ALA B 328 -30.09 29.59 -21.53
C ALA B 328 -29.23 29.26 -20.32
N TYR B 329 -28.21 28.43 -20.48
CA TYR B 329 -27.33 28.06 -19.39
C TYR B 329 -26.09 27.40 -19.97
N ALA B 330 -24.92 27.74 -19.42
CA ALA B 330 -23.68 27.17 -19.91
C ALA B 330 -22.63 27.22 -18.81
N GLU B 331 -21.60 26.39 -18.97
CA GLU B 331 -20.44 26.40 -18.10
C GLU B 331 -19.19 26.51 -18.96
N ILE B 332 -18.19 27.23 -18.47
CA ILE B 332 -17.00 27.56 -19.23
C ILE B 332 -15.79 26.95 -18.54
N ARG B 333 -15.00 26.19 -19.30
CA ARG B 333 -13.73 25.70 -18.81
C ARG B 333 -12.67 26.80 -18.91
N CYS B 334 -11.83 26.91 -17.88
CA CYS B 334 -10.78 27.90 -17.86
C CYS B 334 -9.65 27.43 -16.96
N SER B 335 -8.44 27.89 -17.26
CA SER B 335 -7.25 27.59 -16.47
C SER B 335 -6.57 28.92 -16.14
N PRO B 336 -6.96 29.55 -15.03
CA PRO B 336 -6.43 30.90 -14.74
C PRO B 336 -4.92 30.94 -14.57
N ASN B 337 -4.30 29.86 -14.10
CA ASN B 337 -2.85 29.88 -13.90
C ASN B 337 -2.08 30.02 -15.20
N ASN B 338 -2.72 29.78 -16.33
CA ASN B 338 -2.10 29.97 -17.63
C ASN B 338 -2.09 31.43 -18.08
N TYR B 339 -2.86 32.29 -17.42
CA TYR B 339 -2.93 33.69 -17.79
C TYR B 339 -2.33 34.63 -16.74
N ALA B 340 -1.91 34.10 -15.60
CA ALA B 340 -1.39 34.94 -14.53
C ALA B 340 -0.04 35.55 -14.91
N ASP B 341 0.20 36.77 -14.42
CA ASP B 341 1.46 37.47 -14.61
C ASP B 341 1.92 38.02 -13.27
N LYS B 342 2.97 37.43 -12.70
CA LYS B 342 3.44 37.88 -11.41
C LYS B 342 4.08 39.26 -11.48
N ASN B 343 4.77 39.55 -12.59
CA ASN B 343 5.41 40.85 -12.72
C ASN B 343 4.40 41.98 -12.71
N LYS B 344 3.28 41.80 -13.39
CA LYS B 344 2.22 42.80 -13.42
C LYS B 344 1.23 42.65 -12.27
N ASN B 345 1.59 41.90 -11.23
CA ASN B 345 0.77 41.63 -10.05
C ASN B 345 -0.47 40.82 -10.38
N ARG B 346 -0.65 40.39 -11.63
CA ARG B 346 -1.83 39.63 -12.03
C ARG B 346 -1.65 38.17 -11.64
N SER B 347 -2.10 37.84 -10.43
CA SER B 347 -2.06 36.47 -9.97
C SER B 347 -3.21 35.67 -10.59
N ALA B 348 -3.12 34.34 -10.45
CA ALA B 348 -4.20 33.48 -10.96
C ALA B 348 -5.51 33.76 -10.24
N TRP B 349 -5.45 33.95 -8.93
CA TRP B 349 -6.65 34.31 -8.18
C TRP B 349 -7.22 35.64 -8.67
N VAL B 350 -6.35 36.59 -9.02
CA VAL B 350 -6.81 37.87 -9.54
C VAL B 350 -7.55 37.65 -10.86
N VAL B 351 -7.01 36.80 -11.74
CA VAL B 351 -7.65 36.53 -13.02
C VAL B 351 -9.02 35.90 -12.80
N LEU B 352 -9.10 34.92 -11.91
CA LEU B 352 -10.37 34.26 -11.65
C LEU B 352 -11.38 35.23 -11.05
N GLN B 353 -10.93 36.08 -10.13
CA GLN B 353 -11.82 37.08 -9.54
C GLN B 353 -12.34 38.04 -10.59
N ASP B 354 -11.47 38.48 -11.50
CA ASP B 354 -11.89 39.38 -12.58
C ASP B 354 -12.93 38.71 -13.46
N ILE B 355 -12.70 37.44 -13.82
CA ILE B 355 -13.64 36.73 -14.68
C ILE B 355 -14.99 36.59 -13.99
N ASN B 356 -14.97 36.17 -12.71
CA ASN B 356 -16.22 36.01 -11.97
C ASN B 356 -16.95 37.34 -11.86
N ASP B 357 -16.23 38.42 -11.58
CA ASP B 357 -16.87 39.72 -11.40
C ASP B 357 -17.48 40.22 -12.69
N THR B 358 -16.77 40.09 -13.82
CA THR B 358 -17.35 40.56 -15.07
C THR B 358 -18.55 39.71 -15.46
N PHE B 359 -18.50 38.40 -15.22
CA PHE B 359 -19.65 37.56 -15.53
C PHE B 359 -20.86 37.94 -14.70
N THR B 360 -20.67 38.13 -13.39
CA THR B 360 -21.82 38.46 -12.56
C THR B 360 -22.35 39.87 -12.85
N ARG B 361 -21.47 40.82 -13.19
CA ARG B 361 -21.93 42.14 -13.58
C ARG B 361 -22.76 42.07 -14.86
N LEU B 362 -22.29 41.31 -15.85
CA LEU B 362 -23.04 41.16 -17.09
C LEU B 362 -24.39 40.51 -16.83
N ILE B 363 -24.42 39.48 -15.98
CA ILE B 363 -25.68 38.80 -15.69
C ILE B 363 -26.65 39.75 -15.01
N THR B 364 -26.18 40.53 -14.03
CA THR B 364 -27.05 41.46 -13.34
C THR B 364 -27.57 42.53 -14.31
N GLU B 365 -26.70 43.03 -15.19
CA GLU B 365 -27.13 44.02 -16.17
C GLU B 365 -28.20 43.46 -17.09
N ALA B 366 -28.02 42.22 -17.56
CA ALA B 366 -29.03 41.60 -18.41
C ALA B 366 -30.33 41.38 -17.66
N LYS B 367 -30.25 40.97 -16.39
CA LYS B 367 -31.45 40.71 -15.61
C LYS B 367 -32.22 41.99 -15.31
N GLN B 368 -31.52 43.12 -15.19
CA GLN B 368 -32.20 44.37 -14.91
C GLN B 368 -33.14 44.76 -16.05
N LYS B 369 -32.71 44.52 -17.29
CA LYS B 369 -33.51 44.88 -18.47
C LYS B 369 -34.54 43.84 -18.85
N ASN B 370 -34.67 42.77 -18.07
CA ASN B 370 -35.64 41.71 -18.32
C ASN B 370 -35.47 41.10 -19.71
N GLN B 371 -34.22 40.80 -20.06
CA GLN B 371 -33.89 40.20 -21.33
C GLN B 371 -33.64 38.70 -21.15
N PHE B 372 -33.19 38.04 -22.20
CA PHE B 372 -32.88 36.61 -22.16
C PHE B 372 -31.45 36.47 -21.63
N TYR B 373 -31.33 36.43 -20.31
CA TYR B 373 -30.03 36.34 -19.66
C TYR B 373 -29.60 34.90 -19.53
N CYS B 374 -28.32 34.63 -19.85
CA CYS B 374 -27.77 33.29 -19.88
C CYS B 374 -26.92 33.07 -18.63
N HIS B 375 -27.51 32.38 -17.64
CA HIS B 375 -26.77 32.06 -16.43
C HIS B 375 -25.54 31.22 -16.77
N VAL B 376 -24.40 31.61 -16.22
CA VAL B 376 -23.12 30.98 -16.56
C VAL B 376 -22.38 30.64 -15.27
N ASN B 377 -21.91 29.41 -15.17
CA ASN B 377 -21.08 28.95 -14.06
C ASN B 377 -19.70 28.59 -14.61
N LEU B 378 -18.74 28.42 -13.70
CA LEU B 378 -17.34 28.31 -14.08
C LEU B 378 -16.78 26.93 -13.74
N LEU B 379 -15.82 26.51 -14.55
CA LEU B 379 -15.06 25.28 -14.34
C LEU B 379 -13.58 25.60 -14.43
N VAL B 380 -12.81 25.17 -13.44
CA VAL B 380 -11.37 25.38 -13.40
C VAL B 380 -10.68 24.12 -13.91
N ILE B 381 -9.75 24.30 -14.84
CA ILE B 381 -9.10 23.16 -15.50
C ILE B 381 -7.81 22.83 -14.75
N ALA B 382 -7.70 21.59 -14.30
CA ALA B 382 -6.46 21.08 -13.72
C ALA B 382 -5.70 20.30 -14.79
N SER B 383 -5.19 21.06 -15.76
CA SER B 383 -4.54 20.46 -16.92
C SER B 383 -3.34 19.62 -16.51
N ARG B 384 -3.20 18.44 -17.12
CA ARG B 384 -2.13 17.52 -16.81
C ARG B 384 -0.86 17.97 -17.51
N LYS B 385 -0.22 18.99 -16.94
CA LYS B 385 1.05 19.47 -17.47
C LYS B 385 2.16 18.44 -17.30
N PHE B 386 1.97 17.47 -16.41
CA PHE B 386 2.86 16.31 -16.29
C PHE B 386 4.28 16.71 -15.92
N SER B 387 5.15 16.86 -16.93
CA SER B 387 6.57 17.05 -16.68
C SER B 387 6.84 18.30 -15.85
N GLY B 388 6.13 19.38 -16.13
CA GLY B 388 6.41 20.64 -15.47
C GLY B 388 5.75 20.83 -14.11
N ASP B 389 6.55 20.68 -13.05
CA ASP B 389 6.18 21.03 -11.67
C ASP B 389 4.76 20.62 -11.32
N LEU B 390 4.54 19.31 -11.30
CA LEU B 390 3.21 18.75 -11.01
C LEU B 390 2.57 19.31 -9.74
N SER B 391 3.36 19.91 -8.84
CA SER B 391 2.80 20.54 -7.65
C SER B 391 1.72 21.55 -8.00
N ASP B 392 1.87 22.25 -9.13
CA ASP B 392 0.88 23.24 -9.54
C ASP B 392 -0.51 22.63 -9.62
N ILE B 393 -0.60 21.35 -10.00
CA ILE B 393 -1.88 20.66 -10.01
C ILE B 393 -2.62 20.88 -8.69
N SER B 394 -1.95 20.55 -7.58
CA SER B 394 -2.55 20.75 -6.27
C SER B 394 -3.02 22.19 -6.11
N LYS B 395 -2.15 23.14 -6.48
CA LYS B 395 -2.50 24.55 -6.38
C LYS B 395 -3.84 24.81 -7.05
N HIS B 396 -4.00 24.31 -8.28
CA HIS B 396 -5.26 24.52 -9.01
C HIS B 396 -6.44 24.05 -8.18
N LEU B 397 -6.36 22.82 -7.66
CA LEU B 397 -7.44 22.30 -6.83
C LEU B 397 -7.68 23.23 -5.64
N ALA B 398 -6.60 23.62 -4.97
CA ALA B 398 -6.72 24.55 -3.85
C ALA B 398 -7.47 25.79 -4.27
N LEU B 399 -7.10 26.35 -5.44
CA LEU B 399 -7.79 27.54 -5.93
C LEU B 399 -9.29 27.31 -5.99
N ALA B 400 -9.70 26.18 -6.57
CA ALA B 400 -11.13 25.88 -6.66
C ALA B 400 -11.75 25.86 -5.28
N ILE B 401 -11.11 25.16 -4.33
CA ILE B 401 -11.67 25.04 -2.99
C ILE B 401 -11.78 26.42 -2.34
N THR B 402 -10.93 27.35 -2.74
CA THR B 402 -10.96 28.69 -2.17
C THR B 402 -11.81 29.66 -2.96
N ALA B 403 -12.30 29.27 -4.12
CA ALA B 403 -13.09 30.18 -4.95
C ALA B 403 -14.58 30.05 -4.64
N MET B 404 -15.13 28.86 -4.83
CA MET B 404 -16.54 28.64 -4.56
C MET B 404 -16.91 28.92 -3.11
N GLN B 405 -15.93 28.89 -2.20
CA GLN B 405 -16.22 29.21 -0.81
C GLN B 405 -16.72 30.63 -0.65
N GLN B 406 -16.30 31.54 -1.55
CA GLN B 406 -16.79 32.92 -1.45
C GLN B 406 -18.31 32.98 -1.67
N GLY B 407 -18.85 32.08 -2.48
CA GLY B 407 -20.28 31.83 -2.53
C GLY B 407 -21.12 32.93 -3.17
N GLU B 408 -21.04 34.14 -2.61
CA GLU B 408 -21.93 35.22 -3.04
C GLU B 408 -21.70 35.55 -4.50
N GLY B 409 -22.81 35.68 -5.24
CA GLY B 409 -22.74 35.99 -6.65
C GLY B 409 -23.55 35.03 -7.49
N VAL B 410 -24.05 35.51 -8.63
CA VAL B 410 -24.81 34.65 -9.54
C VAL B 410 -23.91 33.62 -10.20
N CYS B 411 -22.68 34.00 -10.55
CA CYS B 411 -21.73 33.08 -11.15
C CYS B 411 -20.87 32.45 -10.09
N ARG B 412 -20.44 31.21 -10.33
CA ARG B 412 -19.67 30.48 -9.35
C ARG B 412 -18.82 29.43 -10.05
N ILE B 413 -17.80 28.95 -9.32
CA ILE B 413 -16.95 27.87 -9.80
C ILE B 413 -17.52 26.57 -9.22
N VAL B 414 -18.15 25.77 -10.06
CA VAL B 414 -18.90 24.62 -9.59
C VAL B 414 -18.12 23.31 -9.62
N GLY B 415 -16.95 23.28 -10.25
CA GLY B 415 -16.20 22.04 -10.27
C GLY B 415 -14.88 22.21 -10.99
N VAL B 416 -14.15 21.10 -11.06
CA VAL B 416 -12.85 21.07 -11.69
C VAL B 416 -12.92 20.20 -12.94
N ASP B 417 -11.87 20.26 -13.74
CA ASP B 417 -11.75 19.45 -14.96
C ASP B 417 -10.40 18.79 -14.94
N LEU B 418 -10.37 17.48 -15.20
CA LEU B 418 -9.14 16.70 -15.18
C LEU B 418 -8.55 16.50 -16.56
N ALA B 419 -8.81 17.42 -17.49
CA ALA B 419 -8.31 17.30 -18.84
C ALA B 419 -6.79 17.44 -18.86
N GLY B 420 -6.21 17.24 -20.05
CA GLY B 420 -4.79 17.35 -20.25
C GLY B 420 -4.30 16.26 -21.18
N PHE B 421 -3.03 15.93 -21.04
CA PHE B 421 -2.41 14.88 -21.85
C PHE B 421 -2.87 13.51 -21.38
N GLU B 422 -3.97 13.01 -21.92
CA GLU B 422 -4.47 11.69 -21.55
C GLU B 422 -3.53 10.62 -22.11
N ASN B 423 -3.11 9.70 -21.24
CA ASN B 423 -2.15 8.67 -21.62
C ASN B 423 -2.33 7.48 -20.69
N LYS B 424 -1.46 6.47 -20.85
CA LYS B 424 -1.46 5.34 -19.93
C LYS B 424 -1.12 5.80 -18.51
N GLU B 425 -0.11 6.67 -18.39
CA GLU B 425 0.26 7.18 -17.08
C GLU B 425 -0.78 8.13 -16.52
N THR B 426 -1.26 9.08 -17.32
CA THR B 426 -2.03 10.21 -16.81
C THR B 426 -3.47 9.84 -16.51
N ARG B 427 -3.76 8.55 -16.33
CA ARG B 427 -5.07 8.12 -15.88
C ARG B 427 -5.28 8.56 -14.42
N ALA B 428 -6.42 8.16 -13.86
CA ALA B 428 -6.81 8.62 -12.53
C ALA B 428 -5.96 8.05 -11.41
N SER B 429 -4.88 7.33 -11.72
CA SER B 429 -4.21 6.51 -10.73
C SER B 429 -3.10 7.21 -9.95
N TYR B 430 -2.72 8.45 -10.30
CA TYR B 430 -1.77 9.14 -9.43
C TYR B 430 -2.38 10.33 -8.69
N TYR B 431 -3.38 11.00 -9.27
CA TYR B 431 -3.95 12.17 -8.63
C TYR B 431 -5.02 11.83 -7.60
N GLU B 432 -5.43 10.56 -7.49
CA GLU B 432 -6.55 10.21 -6.62
C GLU B 432 -6.24 10.37 -5.14
N HIS B 433 -4.97 10.56 -4.77
CA HIS B 433 -4.66 10.82 -3.36
C HIS B 433 -5.09 12.22 -2.95
N ASP B 434 -5.15 13.16 -3.88
CA ASP B 434 -5.38 14.56 -3.57
C ASP B 434 -6.86 14.96 -3.54
N PHE B 435 -7.73 14.21 -4.22
CA PHE B 435 -9.13 14.60 -4.33
C PHE B 435 -9.94 14.31 -3.08
N LYS B 436 -9.35 13.64 -2.07
CA LYS B 436 -10.03 13.45 -0.80
C LYS B 436 -10.55 14.78 -0.26
N ALA B 437 -9.76 15.85 -0.41
CA ALA B 437 -10.22 17.17 -0.02
C ALA B 437 -11.36 17.66 -0.90
N VAL B 438 -11.24 17.48 -2.22
CA VAL B 438 -12.14 18.12 -3.16
C VAL B 438 -13.58 17.67 -2.92
N HIS B 439 -13.79 16.37 -2.77
CA HIS B 439 -15.13 15.86 -2.52
C HIS B 439 -15.68 16.29 -1.18
N ARG B 440 -14.81 16.61 -0.22
CA ARG B 440 -15.29 17.06 1.08
C ARG B 440 -15.82 18.49 1.05
N CYS B 441 -15.61 19.21 -0.05
CA CYS B 441 -16.02 20.62 -0.16
C CYS B 441 -17.17 20.81 -1.14
N GLY B 442 -17.91 19.74 -1.46
CA GLY B 442 -19.06 19.88 -2.33
C GLY B 442 -18.72 20.30 -3.74
N LEU B 443 -17.66 19.76 -4.31
CA LEU B 443 -17.27 20.05 -5.68
C LEU B 443 -17.59 18.87 -6.59
N ALA B 444 -17.69 19.15 -7.89
CA ALA B 444 -17.94 18.13 -8.90
C ALA B 444 -16.70 17.98 -9.76
N VAL B 445 -16.41 16.75 -10.17
CA VAL B 445 -15.21 16.42 -10.92
C VAL B 445 -15.61 15.76 -12.22
N THR B 446 -15.11 16.28 -13.33
CA THR B 446 -15.23 15.64 -14.64
C THR B 446 -13.92 14.93 -14.97
N ALA B 447 -13.88 14.32 -16.14
CA ALA B 447 -12.67 13.61 -16.56
C ALA B 447 -12.67 13.52 -18.08
N HIS B 448 -11.81 14.31 -18.73
CA HIS B 448 -11.63 14.24 -20.17
C HIS B 448 -10.73 13.04 -20.45
N ALA B 449 -11.34 11.90 -20.76
CA ALA B 449 -10.58 10.68 -20.98
C ALA B 449 -11.36 9.78 -21.93
N GLY B 450 -10.65 8.81 -22.50
CA GLY B 450 -11.24 7.83 -23.39
C GLY B 450 -11.01 8.10 -24.87
N GLU B 451 -10.62 9.32 -25.24
CA GLU B 451 -10.37 9.61 -26.64
C GLU B 451 -9.20 8.81 -27.18
N ASN B 452 -8.20 8.57 -26.35
CA ASN B 452 -7.08 7.70 -26.72
C ASN B 452 -6.69 6.73 -25.62
N ASP B 453 -7.46 6.65 -24.54
CA ASP B 453 -7.12 5.82 -23.39
C ASP B 453 -7.88 4.49 -23.44
N ASP B 454 -7.41 3.56 -22.61
CA ASP B 454 -7.97 2.23 -22.47
C ASP B 454 -9.23 2.23 -21.62
N PRO B 455 -10.06 1.19 -21.74
CA PRO B 455 -11.29 1.12 -20.93
C PRO B 455 -11.05 1.18 -19.42
N GLU B 456 -10.01 0.52 -18.92
CA GLU B 456 -9.82 0.48 -17.47
C GLU B 456 -9.48 1.86 -16.93
N GLY B 457 -8.89 2.73 -17.74
CA GLY B 457 -8.71 4.11 -17.33
C GLY B 457 -10.03 4.81 -17.09
N ILE B 458 -11.00 4.60 -17.98
CA ILE B 458 -12.33 5.17 -17.79
C ILE B 458 -12.97 4.57 -16.54
N TRP B 459 -12.78 3.28 -16.30
CA TRP B 459 -13.31 2.65 -15.11
C TRP B 459 -12.72 3.27 -13.85
N GLN B 460 -11.41 3.50 -13.84
CA GLN B 460 -10.77 4.15 -12.70
C GLN B 460 -11.32 5.57 -12.51
N ALA B 461 -11.46 6.31 -13.61
CA ALA B 461 -11.95 7.68 -13.52
C ALA B 461 -13.34 7.72 -12.94
N VAL B 462 -14.21 6.78 -13.35
CA VAL B 462 -15.58 6.78 -12.84
C VAL B 462 -15.68 6.17 -11.45
N TYR B 463 -14.65 5.44 -11.00
CA TYR B 463 -14.72 4.79 -9.69
C TYR B 463 -13.69 5.28 -8.68
N SER B 464 -12.60 5.91 -9.11
CA SER B 464 -11.59 6.40 -8.17
C SER B 464 -11.77 7.88 -7.86
N LEU B 465 -11.87 8.73 -8.88
CA LEU B 465 -12.11 10.15 -8.67
C LEU B 465 -13.58 10.48 -8.42
N HIS B 466 -14.46 9.48 -8.51
CA HIS B 466 -15.89 9.69 -8.34
C HIS B 466 -16.41 10.75 -9.32
N ALA B 467 -15.95 10.68 -10.56
CA ALA B 467 -16.34 11.65 -11.57
C ALA B 467 -17.81 11.52 -11.90
N ARG B 468 -18.41 12.64 -12.32
CA ARG B 468 -19.82 12.67 -12.67
C ARG B 468 -20.08 12.93 -14.13
N ARG B 469 -19.06 13.31 -14.91
CA ARG B 469 -19.21 13.50 -16.34
C ARG B 469 -17.92 13.07 -17.03
N LEU B 470 -18.02 12.78 -18.32
CA LEU B 470 -16.89 12.34 -19.12
C LEU B 470 -16.82 13.15 -20.41
N GLY B 471 -15.60 13.39 -20.86
CA GLY B 471 -15.38 14.12 -22.11
C GLY B 471 -15.18 13.17 -23.27
N HIS B 472 -15.82 13.50 -24.39
CA HIS B 472 -15.74 12.71 -25.61
C HIS B 472 -16.17 11.27 -25.36
N ALA B 473 -15.20 10.38 -25.12
CA ALA B 473 -15.47 8.98 -24.80
C ALA B 473 -16.32 8.32 -25.89
N LEU B 474 -15.74 8.24 -27.08
CA LEU B 474 -16.44 7.71 -28.25
C LEU B 474 -16.35 6.20 -28.39
N ASN B 475 -15.61 5.52 -27.51
CA ASN B 475 -15.34 4.09 -27.65
C ASN B 475 -15.94 3.30 -26.50
N LEU B 476 -17.18 3.62 -26.13
CA LEU B 476 -17.85 2.89 -25.06
C LEU B 476 -18.52 1.61 -25.51
N LEU B 477 -18.67 1.40 -26.83
CA LEU B 477 -19.32 0.18 -27.32
C LEU B 477 -18.41 -1.04 -27.27
N GLU B 478 -17.11 -0.85 -27.06
CA GLU B 478 -16.17 -1.97 -27.03
C GLU B 478 -16.08 -2.64 -25.67
N ALA B 479 -16.63 -2.04 -24.62
CA ALA B 479 -16.61 -2.61 -23.27
C ALA B 479 -18.02 -2.51 -22.68
N PRO B 480 -18.86 -3.51 -22.95
CA PRO B 480 -20.24 -3.45 -22.45
C PRO B 480 -20.35 -3.36 -20.94
N ASP B 481 -19.38 -3.91 -20.20
CA ASP B 481 -19.46 -3.85 -18.74
C ASP B 481 -19.39 -2.41 -18.24
N LEU B 482 -18.38 -1.66 -18.67
CA LEU B 482 -18.32 -0.26 -18.25
C LEU B 482 -19.41 0.56 -18.92
N MET B 483 -19.89 0.16 -20.10
CA MET B 483 -21.06 0.80 -20.67
C MET B 483 -22.24 0.72 -19.72
N ARG B 484 -22.51 -0.47 -19.19
CA ARG B 484 -23.62 -0.63 -18.26
C ARG B 484 -23.37 0.14 -16.98
N THR B 485 -22.14 0.09 -16.45
CA THR B 485 -21.88 0.82 -15.21
C THR B 485 -21.92 2.33 -15.45
N VAL B 486 -21.84 2.77 -16.70
CA VAL B 486 -22.09 4.17 -17.02
C VAL B 486 -23.59 4.45 -17.04
N ILE B 487 -24.38 3.58 -17.66
CA ILE B 487 -25.83 3.82 -17.76
C ILE B 487 -26.47 3.83 -16.37
N GLU B 488 -26.39 2.70 -15.66
CA GLU B 488 -27.16 2.64 -14.42
C GLU B 488 -26.55 3.41 -13.27
N ARG B 489 -25.40 4.07 -13.46
CA ARG B 489 -24.88 5.00 -12.47
C ARG B 489 -25.20 6.45 -12.79
N LYS B 490 -25.91 6.70 -13.88
CA LYS B 490 -26.29 8.05 -14.29
C LYS B 490 -25.08 8.97 -14.41
N ILE B 491 -24.01 8.45 -15.02
CA ILE B 491 -22.80 9.23 -15.26
C ILE B 491 -22.93 9.80 -16.68
N GLY B 492 -23.15 11.11 -16.75
CA GLY B 492 -23.35 11.75 -18.05
C GLY B 492 -22.08 11.75 -18.88
N VAL B 493 -22.28 11.89 -20.19
CA VAL B 493 -21.19 11.89 -21.16
C VAL B 493 -21.32 13.14 -22.02
N GLU B 494 -20.33 14.01 -21.96
CA GLU B 494 -20.28 15.19 -22.80
C GLU B 494 -19.54 14.84 -24.09
N MET B 495 -20.21 14.97 -25.22
CA MET B 495 -19.58 14.72 -26.52
C MET B 495 -19.77 15.92 -27.43
N CYS B 496 -18.70 16.26 -28.15
CA CYS B 496 -18.71 17.40 -29.05
C CYS B 496 -18.77 16.90 -30.48
N PRO B 497 -19.86 17.14 -31.21
CA PRO B 497 -19.99 16.55 -32.55
C PRO B 497 -18.97 17.08 -33.55
N TYR B 498 -18.81 18.40 -33.64
CA TYR B 498 -17.94 18.97 -34.68
C TYR B 498 -16.47 18.65 -34.42
N ALA B 499 -16.04 18.70 -33.15
CA ALA B 499 -14.64 18.43 -32.84
C ALA B 499 -14.27 16.99 -33.19
N ASN B 500 -15.09 16.03 -32.75
CA ASN B 500 -14.84 14.64 -33.09
C ASN B 500 -14.99 14.39 -34.59
N TYR B 501 -15.89 15.13 -35.25
CA TYR B 501 -16.06 15.01 -36.69
C TYR B 501 -14.79 15.43 -37.42
N GLN B 502 -14.15 16.52 -36.97
CA GLN B 502 -12.94 16.99 -37.61
C GLN B 502 -11.69 16.24 -37.14
N ILE B 503 -11.78 15.51 -36.04
CA ILE B 503 -10.64 14.73 -35.55
C ILE B 503 -10.72 13.32 -36.10
N LYS B 504 -11.79 12.61 -35.76
CA LYS B 504 -12.00 11.25 -36.25
C LYS B 504 -12.83 11.30 -37.53
N GLY B 505 -13.33 10.15 -37.97
CA GLY B 505 -14.11 10.11 -39.20
C GLY B 505 -15.50 9.54 -39.04
N PHE B 506 -16.51 10.38 -39.22
CA PHE B 506 -17.90 9.96 -39.27
C PHE B 506 -18.62 10.84 -40.29
N ALA B 507 -19.86 10.48 -40.61
CA ALA B 507 -20.55 11.08 -41.75
C ALA B 507 -19.63 10.97 -42.95
N PRO B 508 -19.51 9.76 -43.52
CA PRO B 508 -18.30 9.40 -44.28
C PRO B 508 -17.85 10.37 -45.36
N MET B 509 -16.66 10.92 -45.14
CA MET B 509 -15.85 11.50 -46.21
C MET B 509 -15.17 10.36 -46.95
N PRO B 510 -14.46 10.66 -48.05
CA PRO B 510 -13.81 9.56 -48.79
C PRO B 510 -12.86 8.75 -47.92
N ASN B 511 -12.86 7.44 -48.16
CA ASN B 511 -11.93 6.47 -47.57
C ASN B 511 -12.15 6.23 -46.08
N PHE B 512 -13.24 6.75 -45.50
CA PHE B 512 -13.58 6.49 -44.10
C PHE B 512 -15.01 5.97 -44.03
N SER B 513 -15.19 4.87 -43.30
CA SER B 513 -16.51 4.24 -43.16
C SER B 513 -16.99 4.19 -41.72
N ALA B 514 -16.22 4.70 -40.76
CA ALA B 514 -16.63 4.68 -39.37
C ALA B 514 -17.85 5.57 -39.17
N LEU B 515 -18.77 5.12 -38.32
CA LEU B 515 -20.03 5.81 -38.07
C LEU B 515 -20.08 6.35 -36.65
N TYR B 516 -20.71 7.50 -36.48
CA TYR B 516 -20.87 8.08 -35.17
C TYR B 516 -21.82 7.23 -34.33
N PRO B 517 -21.50 6.99 -33.06
CA PRO B 517 -22.34 6.13 -32.21
C PRO B 517 -23.40 6.85 -31.41
N LEU B 518 -23.67 8.13 -31.69
CA LEU B 518 -24.58 8.90 -30.84
C LEU B 518 -25.98 8.30 -30.83
N LYS B 519 -26.45 7.79 -31.97
CA LYS B 519 -27.76 7.14 -31.99
C LYS B 519 -27.77 5.93 -31.07
N LYS B 520 -26.72 5.10 -31.13
CA LYS B 520 -26.63 3.95 -30.26
C LYS B 520 -26.48 4.38 -28.80
N TYR B 521 -25.72 5.46 -28.56
CA TYR B 521 -25.58 5.97 -27.19
C TYR B 521 -26.93 6.36 -26.62
N LEU B 522 -27.74 7.09 -27.40
CA LEU B 522 -29.04 7.52 -26.92
C LEU B 522 -29.99 6.35 -26.75
N GLU B 523 -29.95 5.38 -27.68
CA GLU B 523 -30.83 4.22 -27.56
C GLU B 523 -30.49 3.40 -26.33
N ALA B 524 -29.20 3.24 -26.03
CA ALA B 524 -28.79 2.48 -24.86
C ALA B 524 -29.18 3.16 -23.55
N GLY B 525 -29.48 4.46 -23.59
CA GLY B 525 -29.94 5.17 -22.42
C GLY B 525 -28.91 6.02 -21.71
N ILE B 526 -27.73 6.22 -22.29
CA ILE B 526 -26.73 7.09 -21.68
C ILE B 526 -27.25 8.52 -21.68
N LEU B 527 -26.90 9.26 -20.62
CA LEU B 527 -27.29 10.66 -20.50
C LEU B 527 -26.34 11.55 -21.29
N VAL B 528 -26.32 11.31 -22.61
CA VAL B 528 -25.40 12.01 -23.48
C VAL B 528 -25.78 13.48 -23.57
N SER B 529 -24.79 14.33 -23.84
CA SER B 529 -25.00 15.77 -23.95
C SER B 529 -24.11 16.32 -25.04
N VAL B 530 -24.72 16.97 -26.03
CA VAL B 530 -23.97 17.58 -27.12
C VAL B 530 -23.36 18.89 -26.65
N ASN B 531 -22.11 19.11 -27.00
CA ASN B 531 -21.37 20.28 -26.55
C ASN B 531 -20.59 20.85 -27.73
N THR B 532 -19.70 21.80 -27.44
CA THR B 532 -18.93 22.46 -28.48
C THR B 532 -17.42 22.39 -28.27
N ASP B 533 -16.94 21.96 -27.09
CA ASP B 533 -15.52 22.00 -26.76
C ASP B 533 -15.00 23.42 -26.90
N ASN B 534 -14.44 23.75 -28.06
CA ASN B 534 -14.03 25.10 -28.38
C ASN B 534 -14.97 25.68 -29.43
N ILE B 535 -15.15 26.99 -29.39
CA ILE B 535 -16.05 27.65 -30.35
C ILE B 535 -15.30 28.17 -31.56
N GLY B 536 -14.16 28.83 -31.35
CA GLY B 536 -13.44 29.46 -32.44
C GLY B 536 -12.73 28.50 -33.36
N ILE B 537 -11.81 27.70 -32.81
CA ILE B 537 -11.04 26.77 -33.64
C ILE B 537 -11.96 25.78 -34.34
N SER B 538 -13.00 25.32 -33.63
CA SER B 538 -13.97 24.44 -34.27
C SER B 538 -14.72 25.14 -35.39
N GLY B 539 -14.84 26.46 -35.32
CA GLY B 539 -15.53 27.21 -36.36
C GLY B 539 -17.01 26.93 -36.46
N ALA B 540 -17.68 26.67 -35.33
CA ALA B 540 -19.10 26.38 -35.33
C ALA B 540 -19.63 26.51 -33.90
N ASN B 541 -20.75 27.20 -33.75
CA ASN B 541 -21.38 27.35 -32.44
C ASN B 541 -22.27 26.15 -32.16
N LEU B 542 -23.09 26.23 -31.12
CA LEU B 542 -23.86 25.07 -30.68
C LEU B 542 -24.98 24.74 -31.66
N SER B 543 -25.57 25.76 -32.30
CA SER B 543 -26.69 25.51 -33.21
C SER B 543 -26.25 24.67 -34.40
N GLU B 544 -25.13 25.02 -35.02
CA GLU B 544 -24.62 24.20 -36.12
C GLU B 544 -24.13 22.85 -35.61
N ASN B 545 -23.66 22.79 -34.36
CA ASN B 545 -23.26 21.51 -33.78
C ASN B 545 -24.44 20.56 -33.69
N LEU B 546 -25.62 21.08 -33.35
CA LEU B 546 -26.82 20.24 -33.37
C LEU B 546 -27.33 19.99 -34.78
N LEU B 547 -27.17 20.96 -35.69
CA LEU B 547 -27.60 20.77 -37.07
C LEU B 547 -26.84 19.66 -37.76
N ILE B 548 -25.52 19.57 -37.54
CA ILE B 548 -24.71 18.58 -38.23
C ILE B 548 -25.10 17.17 -37.82
N LEU B 549 -25.87 17.02 -36.73
CA LEU B 549 -26.29 15.70 -36.29
C LEU B 549 -27.17 15.00 -37.31
N ALA B 550 -27.92 15.76 -38.11
CA ALA B 550 -28.79 15.15 -39.11
C ALA B 550 -27.99 14.34 -40.12
N ASP B 551 -26.87 14.87 -40.59
CA ASP B 551 -26.00 14.17 -41.52
C ASP B 551 -24.94 13.34 -40.81
N LEU B 552 -24.81 13.49 -39.49
CA LEU B 552 -23.83 12.73 -38.72
C LEU B 552 -24.39 11.40 -38.23
N CYS B 553 -25.61 11.40 -37.71
CA CYS B 553 -26.29 10.20 -37.25
C CYS B 553 -27.68 10.17 -37.87
N PRO B 554 -27.78 9.75 -39.13
CA PRO B 554 -29.09 9.73 -39.79
C PRO B 554 -30.07 8.82 -39.06
N GLY B 555 -31.33 9.24 -39.05
CA GLY B 555 -32.36 8.52 -38.32
C GLY B 555 -32.65 9.05 -36.94
N ILE B 556 -32.14 10.22 -36.59
CA ILE B 556 -32.36 10.82 -35.28
C ILE B 556 -33.55 11.78 -35.40
N SER B 557 -34.47 11.70 -34.44
CA SER B 557 -35.66 12.53 -34.45
C SER B 557 -35.50 13.70 -33.49
N ARG B 558 -36.30 14.75 -33.75
CA ARG B 558 -36.22 15.97 -32.97
C ARG B 558 -36.63 15.76 -31.53
N MET B 559 -37.50 14.79 -31.28
CA MET B 559 -37.83 14.45 -29.89
C MET B 559 -36.59 13.99 -29.15
N ASP B 560 -35.71 13.23 -29.82
CA ASP B 560 -34.44 12.88 -29.20
C ASP B 560 -33.55 14.08 -28.99
N VAL B 561 -33.66 15.12 -29.84
CA VAL B 561 -32.94 16.35 -29.58
C VAL B 561 -33.43 17.00 -28.29
N LEU B 562 -34.75 17.00 -28.08
CA LEU B 562 -35.29 17.50 -26.83
C LEU B 562 -34.82 16.67 -25.64
N THR B 563 -34.76 15.34 -25.81
CA THR B 563 -34.21 14.50 -24.76
C THR B 563 -32.74 14.81 -24.48
N ILE B 564 -31.98 15.14 -25.53
CA ILE B 564 -30.59 15.54 -25.36
C ILE B 564 -30.51 16.82 -24.53
N ILE B 565 -31.39 17.77 -24.81
CA ILE B 565 -31.44 19.00 -24.01
C ILE B 565 -31.77 18.68 -22.55
N ARG B 566 -32.75 17.79 -22.35
CA ARG B 566 -33.12 17.39 -20.99
C ARG B 566 -31.93 16.75 -20.26
N ASN B 567 -31.20 15.88 -20.95
CA ASN B 567 -30.02 15.26 -20.34
C ASN B 567 -28.96 16.31 -20.02
N SER B 568 -28.76 17.27 -20.92
CA SER B 568 -27.79 18.33 -20.66
C SER B 568 -28.14 19.10 -19.40
N ILE B 569 -29.43 19.45 -19.24
CA ILE B 569 -29.89 20.12 -18.03
C ILE B 569 -30.09 19.17 -16.86
N GLU B 570 -29.83 17.88 -17.05
CA GLU B 570 -29.91 16.91 -15.96
C GLU B 570 -28.56 16.69 -15.27
N THR B 571 -27.48 16.64 -16.04
CA THR B 571 -26.16 16.33 -15.50
C THR B 571 -25.36 17.57 -15.12
N ALA B 572 -25.92 18.76 -15.29
CA ALA B 572 -25.21 19.98 -14.90
C ALA B 572 -25.08 20.05 -13.38
N PHE B 573 -23.92 20.52 -12.92
CA PHE B 573 -23.64 20.63 -11.49
C PHE B 573 -24.32 21.87 -10.95
N ILE B 574 -25.55 21.70 -10.44
CA ILE B 574 -26.34 22.80 -9.91
C ILE B 574 -27.21 22.28 -8.77
N SER B 575 -27.67 23.20 -7.94
CA SER B 575 -28.53 22.85 -6.81
C SER B 575 -29.92 22.46 -7.29
N HIS B 576 -30.68 21.85 -6.39
CA HIS B 576 -31.98 21.30 -6.77
C HIS B 576 -32.99 22.39 -7.12
N ASP B 577 -33.06 23.44 -6.29
CA ASP B 577 -34.04 24.49 -6.53
C ASP B 577 -33.74 25.25 -7.81
N PHE B 578 -32.47 25.56 -8.06
CA PHE B 578 -32.09 26.19 -9.30
C PHE B 578 -32.40 25.28 -10.48
N ARG B 579 -32.21 23.97 -10.31
CA ARG B 579 -32.56 23.03 -11.36
C ARG B 579 -34.05 23.07 -11.66
N MET B 580 -34.88 23.15 -10.62
CA MET B 580 -36.33 23.21 -10.83
C MET B 580 -36.73 24.48 -11.57
N GLU B 581 -36.17 25.62 -11.16
CA GLU B 581 -36.49 26.88 -11.84
C GLU B 581 -36.02 26.85 -13.30
N LEU B 582 -34.83 26.32 -13.54
CA LEU B 582 -34.31 26.21 -14.90
C LEU B 582 -35.21 25.30 -15.74
N LEU B 583 -35.67 24.20 -15.13
CA LEU B 583 -36.61 23.31 -15.81
C LEU B 583 -37.87 24.05 -16.20
N LYS B 584 -38.41 24.86 -15.29
CA LYS B 584 -39.64 25.60 -15.59
C LYS B 584 -39.43 26.53 -16.77
N PHE B 585 -38.34 27.29 -16.74
CA PHE B 585 -38.09 28.25 -17.82
C PHE B 585 -37.89 27.53 -19.15
N PHE B 586 -37.16 26.40 -19.14
CA PHE B 586 -36.93 25.66 -20.36
C PHE B 586 -38.22 25.07 -20.92
N ASP B 587 -39.06 24.51 -20.06
CA ASP B 587 -40.34 23.97 -20.52
C ASP B 587 -41.18 25.07 -21.15
N ARG B 588 -41.21 26.24 -20.50
CA ARG B 588 -41.95 27.38 -21.04
C ARG B 588 -41.46 27.75 -22.42
N LYS B 589 -40.15 27.98 -22.56
CA LYS B 589 -39.61 28.48 -23.81
C LYS B 589 -39.76 27.45 -24.91
N ILE B 590 -39.58 26.16 -24.59
CA ILE B 590 -39.70 25.13 -25.61
C ILE B 590 -41.14 24.97 -26.07
N TYR B 591 -42.10 24.99 -25.13
CA TYR B 591 -43.50 24.94 -25.51
C TYR B 591 -43.85 26.10 -26.42
N ASP B 592 -43.42 27.31 -26.04
CA ASP B 592 -43.70 28.48 -26.87
C ASP B 592 -43.06 28.36 -28.25
N VAL B 593 -41.81 27.88 -28.30
CA VAL B 593 -41.14 27.76 -29.59
C VAL B 593 -41.87 26.77 -30.48
N CYS B 594 -42.18 25.59 -29.95
CA CYS B 594 -42.81 24.55 -30.75
C CYS B 594 -44.26 24.85 -31.06
N LEU B 595 -44.88 25.82 -30.38
CA LEU B 595 -46.23 26.23 -30.75
C LEU B 595 -46.24 27.46 -31.66
N ILE B 596 -45.17 28.24 -31.71
CA ILE B 596 -45.20 29.50 -32.45
C ILE B 596 -44.22 29.53 -33.61
N SER B 597 -42.93 29.35 -33.31
CA SER B 597 -41.88 29.61 -34.30
C SER B 597 -41.58 28.41 -35.18
N ILE B 598 -42.27 27.28 -34.97
CA ILE B 598 -42.03 26.06 -35.75
C ILE B 598 -42.68 26.12 -37.12
N LYS B 599 -43.24 27.27 -37.50
CA LYS B 599 -44.06 27.37 -38.72
C LYS B 599 -43.26 26.99 -39.96
N ASN B 600 -41.97 27.29 -39.98
CA ASN B 600 -41.14 27.04 -41.15
C ASN B 600 -41.09 25.56 -41.51
N ARG C 3 39.17 68.90 25.44
CA ARG C 3 39.91 67.75 25.94
C ARG C 3 40.42 68.03 27.36
N VAL C 4 40.47 66.98 28.18
CA VAL C 4 40.88 67.09 29.57
C VAL C 4 42.07 66.17 29.82
N LEU C 5 43.12 66.72 30.42
CA LEU C 5 44.33 65.97 30.73
C LEU C 5 44.30 65.57 32.21
N LEU C 6 44.48 64.29 32.47
CA LEU C 6 44.56 63.76 33.83
C LEU C 6 45.95 63.16 34.02
N CYS C 7 46.70 63.69 34.99
CA CYS C 7 48.05 63.24 35.27
C CYS C 7 48.21 63.02 36.77
N SER C 8 49.04 62.06 37.12
CA SER C 8 49.33 61.74 38.52
C SER C 8 50.82 61.83 38.76
N ALA C 9 51.19 62.42 39.89
CA ALA C 9 52.60 62.59 40.23
C ALA C 9 52.81 62.20 41.70
N GLY C 10 54.02 61.76 42.01
CA GLY C 10 54.38 61.42 43.36
C GLY C 10 55.40 62.38 43.93
N HIS C 11 56.66 61.95 44.00
CA HIS C 11 57.72 62.82 44.49
C HIS C 11 58.06 63.90 43.48
N SER C 12 58.18 63.52 42.20
CA SER C 12 58.50 64.48 41.17
C SER C 12 57.35 65.46 40.93
N SER C 13 57.69 66.70 40.61
CA SER C 13 56.71 67.73 40.36
C SER C 13 56.84 68.41 39.01
N MET C 14 57.89 68.11 38.24
CA MET C 14 58.15 68.78 36.99
C MET C 14 57.51 68.00 35.83
N VAL C 15 56.80 66.92 36.14
CA VAL C 15 56.21 66.09 35.09
C VAL C 15 55.04 66.79 34.41
N VAL C 16 54.21 67.49 35.19
CA VAL C 16 52.97 68.04 34.65
C VAL C 16 53.21 69.08 33.56
N PRO C 17 54.04 70.12 33.77
CA PRO C 17 54.22 71.11 32.69
C PRO C 17 54.84 70.52 31.43
N GLU C 18 55.76 69.56 31.57
CA GLU C 18 56.26 68.86 30.38
C GLU C 18 55.16 68.09 29.68
N ALA C 19 54.27 67.45 30.45
CA ALA C 19 53.14 66.76 29.85
C ALA C 19 52.20 67.72 29.16
N PHE C 20 52.18 69.00 29.59
CA PHE C 20 51.32 69.98 28.94
C PHE C 20 51.75 70.22 27.49
N HIS C 21 53.05 70.29 27.24
CA HIS C 21 53.52 70.53 25.87
C HIS C 21 53.40 69.32 24.96
N ALA C 22 52.74 68.24 25.40
CA ALA C 22 52.60 67.07 24.54
C ALA C 22 51.79 67.40 23.29
N VAL C 23 50.72 68.17 23.43
CA VAL C 23 49.90 68.60 22.30
C VAL C 23 50.52 69.87 21.74
N PRO C 24 51.02 69.86 20.49
CA PRO C 24 51.63 71.08 19.94
C PRO C 24 50.67 72.26 19.86
N GLU C 25 49.38 72.00 19.63
CA GLU C 25 48.41 73.09 19.51
C GLU C 25 48.19 73.79 20.84
N GLY C 26 48.24 73.06 21.95
CA GLY C 26 47.91 73.57 23.26
C GLY C 26 46.85 72.72 23.94
N PHE C 27 46.56 73.08 25.18
CA PHE C 27 45.64 72.28 25.97
C PHE C 27 44.80 73.22 26.83
N GLU C 28 43.55 72.83 27.08
CA GLU C 28 42.55 73.72 27.65
C GLU C 28 42.25 73.49 29.12
N GLU C 29 42.11 72.24 29.58
CA GLU C 29 41.94 71.97 31.00
C GLU C 29 42.83 70.81 31.42
N VAL C 30 43.42 70.93 32.61
CA VAL C 30 44.30 69.92 33.17
C VAL C 30 43.93 69.71 34.63
N HIS C 31 43.81 68.45 35.04
CA HIS C 31 43.52 68.10 36.43
C HIS C 31 44.50 67.04 36.89
N VAL C 32 44.97 67.17 38.13
CA VAL C 32 46.02 66.32 38.67
C VAL C 32 45.54 65.70 39.97
N PHE C 33 45.77 64.39 40.12
CA PHE C 33 45.49 63.66 41.35
C PHE C 33 46.79 63.10 41.88
N THR C 34 47.01 63.25 43.18
CA THR C 34 48.24 62.79 43.81
C THR C 34 47.95 62.38 45.25
N THR C 35 48.89 61.64 45.83
CA THR C 35 48.76 61.21 47.22
C THR C 35 49.06 62.39 48.14
N ASP C 36 48.88 62.15 49.45
CA ASP C 36 49.10 63.17 50.47
C ASP C 36 50.57 63.38 50.80
N SER C 37 51.49 62.89 49.96
CA SER C 37 52.91 63.11 50.21
C SER C 37 53.24 64.59 50.14
N GLU C 38 53.99 65.07 51.12
CA GLU C 38 54.35 66.48 51.20
C GLU C 38 55.58 66.83 50.37
N LYS C 39 56.29 65.84 49.83
CA LYS C 39 57.44 66.12 48.97
C LYS C 39 57.01 66.86 47.71
N PHE C 40 55.87 66.46 47.12
CA PHE C 40 55.35 67.14 45.95
C PHE C 40 55.05 68.60 46.26
N ASN C 41 55.51 69.49 45.39
CA ASN C 41 55.35 70.92 45.59
C ASN C 41 54.29 71.46 44.65
N PRO C 42 53.12 71.89 45.16
CA PRO C 42 52.08 72.42 44.28
C PRO C 42 52.29 73.87 43.85
N VAL C 43 53.22 74.58 44.49
CA VAL C 43 53.38 76.00 44.21
C VAL C 43 53.86 76.23 42.79
N VAL C 44 54.85 75.45 42.34
CA VAL C 44 55.40 75.67 41.00
C VAL C 44 54.36 75.36 39.93
N LEU C 45 53.59 74.28 40.12
CA LEU C 45 52.53 73.96 39.17
C LEU C 45 51.45 75.03 39.16
N ASN C 46 51.09 75.53 40.35
CA ASN C 46 50.08 76.58 40.44
C ASN C 46 50.53 77.82 39.70
N ASP C 47 51.79 78.24 39.90
CA ASP C 47 52.29 79.41 39.19
C ASP C 47 52.35 79.18 37.69
N PHE C 48 52.81 77.99 37.27
CA PHE C 48 52.89 77.69 35.84
C PHE C 48 51.52 77.72 35.19
N PHE C 49 50.48 77.28 35.90
CA PHE C 49 49.14 77.32 35.35
C PHE C 49 48.48 78.69 35.44
N HIS C 50 48.86 79.51 36.44
CA HIS C 50 48.42 80.90 36.45
C HIS C 50 49.08 81.70 35.34
N SER C 51 50.25 81.27 34.86
CA SER C 51 50.83 81.92 33.68
C SER C 51 49.98 81.71 32.43
N LEU C 52 49.06 80.75 32.46
CA LEU C 52 48.14 80.47 31.35
C LEU C 52 46.73 80.51 31.90
N PRO C 53 46.11 81.70 31.99
CA PRO C 53 44.77 81.78 32.58
C PRO C 53 43.71 81.03 31.82
N ASN C 54 43.90 80.80 30.52
CA ASN C 54 42.91 80.08 29.73
C ASN C 54 42.85 78.60 30.05
N VAL C 55 43.80 78.08 30.83
CA VAL C 55 43.85 76.67 31.17
C VAL C 55 43.28 76.48 32.57
N ARG C 56 42.18 75.73 32.67
CA ARG C 56 41.59 75.44 33.97
C ARG C 56 42.48 74.48 34.75
N PHE C 57 42.75 74.81 36.00
CA PHE C 57 43.62 74.01 36.86
C PHE C 57 42.84 73.58 38.09
N SER C 58 42.92 72.29 38.42
CA SER C 58 42.35 71.74 39.64
C SER C 58 43.32 70.74 40.23
N ILE C 59 43.51 70.82 41.54
CA ILE C 59 44.44 69.94 42.25
C ILE C 59 43.64 69.10 43.23
N THR C 60 43.77 67.78 43.11
CA THR C 60 43.10 66.83 43.98
C THR C 60 44.16 65.97 44.68
N LYS C 61 43.98 65.77 45.97
CA LYS C 61 44.93 65.03 46.78
C LYS C 61 44.23 63.86 47.47
N CYS C 62 44.94 62.74 47.60
CA CYS C 62 44.41 61.56 48.28
C CYS C 62 44.40 61.83 49.78
N HIS C 63 43.25 62.24 50.30
CA HIS C 63 43.14 62.61 51.70
C HIS C 63 43.42 61.40 52.60
N GLY C 64 44.25 61.60 53.62
CA GLY C 64 44.51 60.57 54.60
C GLY C 64 45.43 59.46 54.14
N LEU C 65 46.16 59.65 53.04
CA LEU C 65 47.06 58.61 52.55
C LEU C 65 48.29 59.29 51.94
N ALA C 66 49.37 59.37 52.72
CA ALA C 66 50.60 59.97 52.21
C ALA C 66 51.22 59.14 51.09
N ASP C 67 51.22 57.82 51.24
CA ASP C 67 51.78 56.93 50.24
C ASP C 67 51.17 55.54 50.43
N ILE C 68 51.73 54.55 49.76
CA ILE C 68 51.27 53.16 49.85
C ILE C 68 52.40 52.31 50.41
N LEU C 69 52.10 51.53 51.45
CA LEU C 69 53.08 50.63 52.06
C LEU C 69 52.50 49.25 52.32
N ASN C 70 51.27 48.98 51.89
CA ASN C 70 50.65 47.67 52.08
C ASN C 70 49.51 47.55 51.07
N GLU C 71 48.83 46.39 51.13
CA GLU C 71 47.71 46.16 50.22
C GLU C 71 46.59 47.16 50.45
N ARG C 72 46.26 47.40 51.72
CA ARG C 72 45.12 48.26 52.06
C ARG C 72 45.29 49.65 51.48
N ASP C 73 46.48 50.23 51.63
CA ASP C 73 46.75 51.54 51.04
C ASP C 73 46.62 51.49 49.53
N PHE C 74 47.05 50.39 48.91
CA PHE C 74 47.01 50.31 47.46
C PHE C 74 45.57 50.33 46.94
N GLU C 75 44.70 49.49 47.51
CA GLU C 75 43.34 49.54 46.99
C GLU C 75 42.55 50.75 47.50
N PHE C 76 42.96 51.35 48.62
CA PHE C 76 42.41 52.65 48.99
C PHE C 76 42.71 53.68 47.91
N TYR C 77 43.97 53.77 47.50
CA TYR C 77 44.33 54.71 46.45
C TYR C 77 43.64 54.35 45.14
N GLN C 78 43.48 53.06 44.86
CA GLN C 78 42.74 52.64 43.68
C GLN C 78 41.31 53.18 43.71
N GLU C 79 40.66 53.10 44.87
CA GLU C 79 39.32 53.65 45.02
C GLU C 79 39.30 55.15 44.74
N MET C 80 40.19 55.89 45.39
CA MET C 80 40.23 57.35 45.19
C MET C 80 40.49 57.69 43.73
N LEU C 81 41.45 57.01 43.11
CA LEU C 81 41.82 57.31 41.73
C LEU C 81 40.68 57.01 40.77
N TRP C 82 40.04 55.85 40.92
CA TRP C 82 38.94 55.50 40.02
C TRP C 82 37.75 56.44 40.22
N GLN C 83 37.45 56.83 41.46
CA GLN C 83 36.34 57.75 41.69
C GLN C 83 36.63 59.12 41.09
N TRP C 84 37.84 59.64 41.31
CA TRP C 84 38.22 60.93 40.74
C TRP C 84 38.21 60.87 39.22
N TYR C 85 38.73 59.78 38.65
CA TYR C 85 38.66 59.57 37.21
C TYR C 85 37.22 59.68 36.73
N LEU C 86 36.35 58.77 37.19
CA LEU C 86 34.98 58.74 36.71
C LEU C 86 34.27 60.06 36.94
N THR C 87 34.71 60.83 37.93
CA THR C 87 34.19 62.19 38.08
C THR C 87 34.72 63.11 36.98
N LYS C 88 35.91 62.82 36.46
CA LYS C 88 36.59 63.73 35.55
C LYS C 88 36.47 63.34 34.07
N MET C 89 35.62 62.39 33.71
CA MET C 89 35.29 62.19 32.30
C MET C 89 34.67 63.45 31.71
N PRO C 90 35.13 63.91 30.54
CA PRO C 90 34.33 64.85 29.75
C PRO C 90 33.08 64.17 29.23
N ASP C 91 32.10 64.98 28.84
CA ASP C 91 30.79 64.45 28.47
C ASP C 91 30.88 63.53 27.24
N ASN C 92 31.68 63.91 26.24
CA ASN C 92 31.71 63.10 25.03
C ASN C 92 33.12 62.71 24.59
N GLU C 93 34.11 63.59 24.79
CA GLU C 93 35.46 63.34 24.32
C GLU C 93 36.26 62.57 25.36
N LEU C 94 36.99 61.55 24.91
CA LEU C 94 37.85 60.80 25.80
C LEU C 94 39.02 61.66 26.26
N PRO C 95 39.53 61.44 27.47
CA PRO C 95 40.57 62.29 28.03
C PRO C 95 41.98 61.88 27.58
N TYR C 96 42.92 62.79 27.80
CA TYR C 96 44.34 62.54 27.63
C TYR C 96 44.93 62.19 28.99
N VAL C 97 45.84 61.22 29.01
CA VAL C 97 46.49 60.78 30.24
C VAL C 97 47.96 60.53 29.98
N CYS C 98 48.80 60.92 30.95
CA CYS C 98 50.24 60.76 30.87
C CYS C 98 50.72 59.92 32.05
N LEU C 99 51.89 59.29 31.85
CA LEU C 99 52.47 58.39 32.83
C LEU C 99 53.83 58.87 33.33
N SER C 100 54.11 60.18 33.19
CA SER C 100 55.44 60.69 33.47
C SER C 100 55.79 60.64 34.96
N GLY C 101 54.82 60.85 35.83
CA GLY C 101 55.08 60.96 37.26
C GLY C 101 54.51 59.80 38.04
N GLY C 102 55.17 59.48 39.15
CA GLY C 102 54.67 58.49 40.08
C GLY C 102 55.47 57.19 40.01
N ILE C 103 55.45 56.45 41.11
CA ILE C 103 56.07 55.13 41.22
C ILE C 103 55.14 54.11 40.57
N LYS C 104 55.60 52.86 40.48
CA LYS C 104 54.88 51.83 39.74
C LYS C 104 53.43 51.67 40.21
N SER C 105 53.15 51.97 41.48
CA SER C 105 51.81 51.77 42.01
C SER C 105 50.77 52.60 41.25
N MET C 106 50.89 53.93 41.34
CA MET C 106 49.93 54.77 40.62
C MET C 106 50.03 54.59 39.12
N SER C 107 51.23 54.32 38.60
CA SER C 107 51.40 54.11 37.17
C SER C 107 50.51 52.96 36.69
N ALA C 108 50.64 51.80 37.34
CA ALA C 108 49.79 50.66 36.99
C ALA C 108 48.33 50.98 37.22
N SER C 109 48.01 51.67 38.32
CA SER C 109 46.62 51.95 38.63
C SER C 109 45.95 52.78 37.54
N LEU C 110 46.58 53.90 37.14
CA LEU C 110 45.87 54.74 36.19
C LEU C 110 46.00 54.21 34.77
N GLN C 111 47.02 53.41 34.45
CA GLN C 111 47.04 52.81 33.13
C GLN C 111 45.97 51.72 33.01
N LYS C 112 45.72 50.97 34.09
CA LYS C 112 44.59 50.05 34.10
C LYS C 112 43.28 50.81 33.99
N ALA C 113 43.17 51.96 34.67
CA ALA C 113 41.98 52.78 34.55
C ALA C 113 41.78 53.26 33.11
N ALA C 114 42.86 53.68 32.45
CA ALA C 114 42.77 54.11 31.06
C ALA C 114 42.34 52.97 30.15
N THR C 115 42.87 51.77 30.39
CA THR C 115 42.43 50.61 29.61
C THR C 115 40.95 50.33 29.84
N LEU C 116 40.48 50.49 31.07
CA LEU C 116 39.07 50.20 31.36
C LEU C 116 38.14 51.31 30.87
N PHE C 117 38.32 52.52 31.40
CA PHE C 117 37.41 53.62 31.07
C PHE C 117 37.66 54.21 29.69
N GLY C 118 38.83 53.98 29.11
CA GLY C 118 39.12 54.51 27.78
C GLY C 118 39.69 55.91 27.82
N ALA C 119 40.80 56.13 27.12
CA ALA C 119 41.44 57.43 27.05
C ALA C 119 41.75 57.75 25.59
N GLN C 120 41.57 59.03 25.23
CA GLN C 120 41.83 59.44 23.86
C GLN C 120 43.31 59.28 23.51
N SER C 121 44.20 59.64 24.43
CA SER C 121 45.63 59.51 24.19
C SER C 121 46.31 59.24 25.51
N VAL C 122 46.77 58.02 25.71
CA VAL C 122 47.65 57.65 26.81
C VAL C 122 49.08 57.73 26.31
N PHE C 123 49.95 58.35 27.11
CA PHE C 123 51.31 58.58 26.63
C PHE C 123 52.26 58.71 27.82
N HIS C 124 53.47 59.19 27.53
CA HIS C 124 54.59 59.21 28.45
C HIS C 124 55.49 60.38 28.07
N VAL C 125 56.05 61.05 29.06
CA VAL C 125 56.99 62.14 28.81
C VAL C 125 58.23 61.86 29.65
N LEU C 126 59.39 61.77 29.00
CA LEU C 126 60.63 61.54 29.75
C LEU C 126 61.71 62.50 29.27
N ALA C 127 62.44 63.07 30.23
CA ALA C 127 63.44 64.09 29.94
C ALA C 127 64.84 63.51 30.12
N ASP C 128 65.70 63.75 29.13
CA ASP C 128 67.06 63.22 29.19
C ASP C 128 67.87 63.87 30.30
N ASN C 129 67.72 65.19 30.48
CA ASN C 129 68.50 65.94 31.46
C ASN C 129 67.72 66.21 32.74
N ASN C 130 66.60 65.51 32.95
CA ASN C 130 65.70 65.56 34.12
C ASN C 130 65.64 66.94 34.78
N PRO C 131 65.20 67.97 34.07
CA PRO C 131 65.13 69.31 34.67
C PRO C 131 64.19 69.33 35.87
N ARG C 132 64.56 70.14 36.86
CA ARG C 132 63.76 70.29 38.07
C ARG C 132 63.04 71.63 38.17
N ASN C 133 63.47 72.63 37.41
CA ASN C 133 62.83 73.94 37.42
C ASN C 133 62.50 74.36 36.00
N ILE C 134 61.84 75.51 35.87
CA ILE C 134 61.33 75.95 34.58
C ILE C 134 62.47 76.39 33.65
N GLU C 135 63.48 77.05 34.22
CA GLU C 135 64.57 77.58 33.39
C GLU C 135 65.25 76.46 32.63
N GLU C 136 65.41 75.29 33.25
CA GLU C 136 66.05 74.18 32.55
C GLU C 136 65.13 73.58 31.48
N MET C 137 63.84 73.41 31.77
CA MET C 137 63.06 72.61 30.82
C MET C 137 62.65 73.45 29.61
N PHE C 138 62.73 74.78 29.68
CA PHE C 138 62.66 75.56 28.44
C PHE C 138 63.65 75.04 27.41
N ASP C 139 64.94 75.07 27.75
CA ASP C 139 65.96 74.60 26.81
C ASP C 139 65.88 73.09 26.62
N ALA C 140 65.39 72.35 27.63
CA ALA C 140 65.26 70.91 27.48
C ALA C 140 64.27 70.55 26.36
N LEU C 141 63.13 71.24 26.31
CA LEU C 141 62.19 71.01 25.22
C LEU C 141 62.66 71.66 23.93
N GLN C 142 63.34 72.81 24.01
CA GLN C 142 63.80 73.48 22.80
C GLN C 142 64.93 72.70 22.11
N LYS C 143 65.66 71.87 22.84
CA LYS C 143 66.71 71.04 22.26
C LYS C 143 66.25 69.63 21.94
N GLY C 144 64.97 69.32 22.18
CA GLY C 144 64.44 68.01 21.86
C GLY C 144 64.80 66.92 22.84
N GLN C 145 65.37 67.27 24.00
CA GLN C 145 65.72 66.25 25.00
C GLN C 145 64.48 65.57 25.55
N ILE C 146 63.39 66.33 25.73
CA ILE C 146 62.15 65.75 26.23
C ILE C 146 61.53 64.89 25.14
N HIS C 147 61.21 63.65 25.47
CA HIS C 147 60.66 62.68 24.53
C HIS C 147 59.21 62.38 24.89
N PHE C 148 58.36 62.42 23.86
CA PHE C 148 56.92 62.15 23.99
C PHE C 148 56.63 60.72 23.53
N ILE C 149 56.89 59.78 24.43
CA ILE C 149 56.62 58.38 24.15
C ILE C 149 55.11 58.15 24.06
N GLU C 150 54.68 57.35 23.11
CA GLU C 150 53.26 56.99 23.01
C GLU C 150 53.14 55.59 22.45
N MET C 151 52.13 54.87 22.93
CA MET C 151 51.80 53.53 22.46
C MET C 151 50.50 53.49 21.66
N GLY C 152 49.98 54.65 21.25
CA GLY C 152 48.86 54.69 20.34
C GLY C 152 47.51 54.83 21.03
N TYR C 153 46.48 54.72 20.20
CA TYR C 153 45.11 54.86 20.65
C TYR C 153 44.76 53.75 21.64
N GLU C 154 44.08 54.11 22.72
CA GLU C 154 43.59 53.16 23.71
C GLU C 154 42.10 53.45 23.94
N PRO C 155 41.25 53.06 23.00
CA PRO C 155 39.81 53.36 23.15
C PRO C 155 39.19 52.71 24.38
N GLY C 156 39.66 51.53 24.78
CA GLY C 156 39.04 50.85 25.90
C GLY C 156 37.61 50.51 25.59
N TRP C 157 36.80 50.41 26.64
CA TRP C 157 35.36 50.27 26.47
C TRP C 157 34.77 51.64 26.14
N ALA C 158 34.10 51.73 24.99
CA ALA C 158 33.53 53.01 24.56
C ALA C 158 32.49 53.50 25.54
N ALA C 159 31.65 52.60 26.05
CA ALA C 159 30.57 52.95 26.97
C ALA C 159 30.84 52.25 28.31
N LEU C 160 31.58 52.92 29.18
CA LEU C 160 31.77 52.49 30.56
C LEU C 160 31.67 53.68 31.50
N ARG C 161 30.70 54.56 31.24
CA ARG C 161 30.56 55.81 31.97
C ARG C 161 29.24 55.96 32.71
N ARG C 162 28.22 55.16 32.40
CA ARG C 162 26.94 55.28 33.08
C ARG C 162 27.05 54.96 34.56
N LEU C 163 28.14 54.32 34.99
CA LEU C 163 28.38 54.11 36.41
C LEU C 163 28.45 55.44 37.16
N LYS C 164 28.78 56.53 36.46
CA LYS C 164 28.75 57.83 37.08
C LYS C 164 27.34 58.21 37.51
N LYS C 165 26.34 57.87 36.69
CA LYS C 165 24.95 58.20 37.00
C LYS C 165 24.29 57.17 37.91
N ILE C 166 24.41 55.89 37.56
CA ILE C 166 23.77 54.84 38.36
C ILE C 166 24.36 54.81 39.76
N LEU C 167 25.69 54.86 39.86
CA LEU C 167 26.36 54.90 41.16
C LEU C 167 26.65 56.34 41.52
N PRO C 168 26.10 56.86 42.62
CA PRO C 168 26.31 58.27 42.96
C PRO C 168 27.76 58.59 43.22
N ILE C 169 28.14 59.83 42.90
CA ILE C 169 29.50 60.31 43.10
C ILE C 169 29.64 60.77 44.55
N ASN C 170 30.69 60.31 45.22
CA ASN C 170 30.97 60.68 46.62
C ASN C 170 32.47 60.95 46.74
N GLU C 171 32.85 62.22 46.57
CA GLU C 171 34.25 62.59 46.60
C GLU C 171 34.85 62.41 47.99
N GLY C 172 34.16 62.89 49.02
CA GLY C 172 34.70 62.84 50.36
C GLY C 172 34.21 61.66 51.18
N CYS C 173 35.04 60.64 51.29
CA CYS C 173 34.73 59.43 52.06
C CYS C 173 36.02 58.62 52.19
N SER C 174 35.91 57.42 52.76
CA SER C 174 37.05 56.52 52.88
C SER C 174 36.70 55.17 52.29
N ARG C 175 37.68 54.26 52.29
CA ARG C 175 37.42 52.87 51.85
C ARG C 175 36.99 52.17 53.15
N ASP C 176 37.71 52.45 54.24
CA ASP C 176 37.27 51.95 55.57
C ASP C 176 35.84 52.45 55.74
N ASN C 177 35.56 53.66 55.24
CA ASN C 177 34.16 54.15 55.24
C ASN C 177 33.31 53.10 54.51
N PHE C 178 33.54 52.88 53.20
CA PHE C 178 32.66 51.95 52.45
C PHE C 178 33.09 51.74 51.01
N LYS C 179 32.11 51.47 50.14
CA LYS C 179 32.33 51.25 48.68
C LYS C 179 33.61 51.89 48.14
N PRO C 180 34.60 51.10 47.66
CA PRO C 180 35.78 51.66 47.02
C PRO C 180 35.57 51.63 45.50
N LEU C 181 35.31 50.44 44.95
CA LEU C 181 35.04 50.28 43.50
C LEU C 181 33.63 49.70 43.40
N ILE C 182 33.25 48.88 44.38
CA ILE C 182 31.91 48.21 44.40
C ILE C 182 31.55 47.77 42.98
N SER C 183 30.83 48.59 42.23
CA SER C 183 30.55 48.24 40.84
C SER C 183 31.81 47.76 40.15
N LYS C 184 32.91 48.49 40.32
CA LYS C 184 34.20 48.02 39.81
C LYS C 184 34.63 46.74 40.51
N SER C 185 34.43 46.66 41.83
CA SER C 185 34.71 45.43 42.54
C SER C 185 33.85 44.29 41.99
N ILE C 186 32.57 44.56 41.75
CA ILE C 186 31.68 43.54 41.19
C ILE C 186 32.21 43.04 39.85
N GLU C 187 32.54 43.94 38.94
CA GLU C 187 32.93 43.48 37.61
C GLU C 187 34.25 42.74 37.67
N GLU C 188 35.20 43.21 38.50
CA GLU C 188 36.48 42.52 38.59
C GLU C 188 36.33 41.12 39.18
N ILE C 189 35.58 40.99 40.29
CA ILE C 189 35.46 39.69 40.93
C ILE C 189 34.67 38.73 40.03
N LEU C 190 33.64 39.25 39.36
CA LEU C 190 32.84 38.40 38.50
C LEU C 190 33.60 37.94 37.28
N SER C 191 34.43 38.83 36.69
CA SER C 191 35.27 38.43 35.58
C SER C 191 36.27 37.37 36.01
N ASN C 192 36.89 37.55 37.17
CA ASN C 192 37.85 36.56 37.65
C ASN C 192 37.15 35.21 37.89
N VAL C 193 35.98 35.24 38.53
CA VAL C 193 35.26 34.00 38.81
C VAL C 193 34.88 33.30 37.50
N LYS C 194 34.46 34.07 36.50
CA LYS C 194 34.13 33.48 35.21
C LYS C 194 35.36 32.84 34.57
N ILE C 195 36.52 33.50 34.68
CA ILE C 195 37.72 32.93 34.06
C ILE C 195 38.13 31.63 34.75
N MET C 196 37.94 31.59 36.07
CA MET C 196 38.20 30.28 36.71
C MET C 196 37.21 29.26 36.13
N ALA C 197 35.98 29.70 35.80
CA ALA C 197 34.95 28.75 35.33
C ALA C 197 34.42 29.14 33.95
N SER C 198 35.25 29.00 32.91
CA SER C 198 34.86 29.36 31.52
C SER C 198 34.60 28.10 30.69
N ASP C 199 33.59 28.12 29.82
CA ASP C 199 33.23 26.89 29.05
C ASP C 199 33.02 27.24 27.58
N THR C 200 34.09 27.26 26.80
CA THR C 200 33.92 27.46 25.34
C THR C 200 32.87 26.45 24.89
N GLY C 201 32.95 25.21 25.36
CA GLY C 201 31.88 24.27 25.03
C GLY C 201 30.55 25.00 24.96
N LYS C 202 30.31 25.95 25.87
CA LYS C 202 29.05 26.76 25.86
C LYS C 202 29.38 28.21 25.50
N SER C 203 30.40 28.40 24.67
CA SER C 203 30.83 29.76 24.24
C SER C 203 31.43 29.63 22.83
N ASN C 204 32.29 28.62 22.61
CA ASN C 204 32.82 28.36 21.25
C ASN C 204 31.66 28.63 20.32
N GLN C 205 30.49 28.31 20.83
CA GLN C 205 29.30 28.60 20.03
C GLN C 205 29.04 30.10 19.89
N LEU C 206 30.10 30.91 19.90
CA LEU C 206 30.01 32.35 19.74
C LEU C 206 29.28 32.71 18.44
N PRO C 207 28.06 33.23 18.52
CA PRO C 207 27.35 33.65 17.31
C PRO C 207 27.63 35.12 17.02
N PHE C 208 27.14 35.57 15.86
CA PHE C 208 27.28 36.96 15.46
C PHE C 208 28.74 37.39 15.54
N PRO C 209 29.59 36.96 14.59
CA PRO C 209 31.04 37.06 14.78
C PRO C 209 31.57 38.44 15.16
N SER C 210 30.71 39.46 15.16
CA SER C 210 31.17 40.80 15.55
C SER C 210 31.56 40.91 17.02
N LEU C 211 30.96 40.10 17.90
CA LEU C 211 31.38 40.15 19.30
C LEU C 211 32.79 39.61 19.50
N ALA C 212 33.38 38.98 18.49
CA ALA C 212 34.80 38.67 18.54
C ALA C 212 35.67 39.92 18.49
N ILE C 213 35.06 41.09 18.35
CA ILE C 213 35.76 42.38 18.41
C ILE C 213 35.39 43.18 19.64
N LEU C 214 34.51 42.66 20.49
CA LEU C 214 34.18 43.34 21.73
C LEU C 214 35.42 43.41 22.63
N PRO C 215 35.51 44.43 23.48
CA PRO C 215 36.70 44.58 24.31
C PRO C 215 36.86 43.38 25.22
N PRO C 216 38.10 43.05 25.60
CA PRO C 216 38.31 41.86 26.46
C PRO C 216 37.57 41.94 27.78
N ILE C 217 37.39 43.15 28.33
CA ILE C 217 36.58 43.31 29.52
C ILE C 217 35.10 43.03 29.24
N ALA C 218 34.69 43.13 27.98
CA ALA C 218 33.29 42.89 27.61
C ALA C 218 33.01 41.45 27.24
N GLN C 219 33.97 40.74 26.67
CA GLN C 219 33.72 39.42 26.11
C GLN C 219 33.26 38.44 27.19
N GLN C 220 33.99 38.38 28.30
CA GLN C 220 33.61 37.47 29.37
C GLN C 220 32.42 37.97 30.16
N TRP C 221 32.14 39.28 30.09
CA TRP C 221 31.03 39.85 30.85
C TRP C 221 29.72 39.13 30.55
N LEU C 222 29.44 38.91 29.26
CA LEU C 222 28.24 38.18 28.90
C LEU C 222 28.31 36.70 29.28
N GLN C 223 29.50 36.16 29.52
CA GLN C 223 29.60 34.77 29.92
C GLN C 223 29.11 34.54 31.34
N LEU C 224 29.01 35.59 32.15
CA LEU C 224 28.47 35.46 33.49
C LEU C 224 27.00 35.03 33.46
N PRO C 225 26.53 34.38 34.52
CA PRO C 225 25.10 34.05 34.59
C PRO C 225 24.24 35.30 34.58
N LEU C 226 23.07 35.18 33.97
CA LEU C 226 22.16 36.30 33.85
C LEU C 226 21.53 36.63 35.20
N SER C 227 21.17 37.90 35.37
CA SER C 227 20.51 38.37 36.58
C SER C 227 19.32 39.23 36.18
N ALA C 228 18.37 39.36 37.11
CA ALA C 228 17.17 40.13 36.85
C ALA C 228 17.48 41.61 36.60
N ASN C 229 18.50 42.14 37.26
CA ASN C 229 18.85 43.55 37.10
C ASN C 229 19.27 43.88 35.67
N ASP C 230 19.66 42.88 34.88
CA ASP C 230 19.99 43.09 33.48
C ASP C 230 18.75 43.19 32.59
N GLY C 231 17.56 43.28 33.19
CA GLY C 231 16.34 43.34 32.39
C GLY C 231 16.34 44.49 31.40
N ALA C 232 16.76 45.67 31.85
CA ALA C 232 16.87 46.81 30.94
C ALA C 232 17.68 46.44 29.70
N TRP C 233 18.78 45.71 29.89
CA TRP C 233 19.60 45.31 28.75
C TRP C 233 18.79 44.51 27.75
N ILE C 234 17.99 43.54 28.23
CA ILE C 234 17.23 42.71 27.29
C ILE C 234 16.00 43.43 26.76
N GLN C 235 15.83 44.70 27.10
CA GLN C 235 14.89 45.56 26.39
C GLN C 235 15.54 46.32 25.25
N ASN C 236 16.78 45.97 24.91
CA ASN C 236 17.55 46.65 23.88
C ASN C 236 17.96 45.76 22.72
N LEU C 237 18.31 44.51 22.98
CA LEU C 237 18.67 43.59 21.91
C LEU C 237 17.47 43.36 20.99
N PRO C 238 17.65 43.46 19.68
CA PRO C 238 16.59 43.00 18.77
C PRO C 238 16.34 41.51 18.98
N LYS C 239 15.07 41.12 18.91
CA LYS C 239 14.68 39.76 19.24
C LYS C 239 13.83 39.19 18.10
N VAL C 240 13.45 37.92 18.25
CA VAL C 240 12.59 37.23 17.31
C VAL C 240 11.47 36.55 18.10
N ASP C 241 10.24 36.67 17.61
CA ASP C 241 9.07 36.07 18.24
C ASP C 241 8.29 35.31 17.18
N LEU C 242 8.30 33.99 17.26
CA LEU C 242 7.73 33.15 16.22
C LEU C 242 6.36 32.59 16.57
N HIS C 243 6.15 32.18 17.82
CA HIS C 243 4.85 31.68 18.27
C HIS C 243 4.12 32.82 18.95
N CYS C 244 3.36 33.58 18.15
CA CYS C 244 2.61 34.72 18.65
C CYS C 244 1.23 34.71 17.98
N HIS C 245 0.25 34.15 18.67
CA HIS C 245 -1.11 34.08 18.14
C HIS C 245 -1.72 35.48 18.07
N LEU C 246 -2.40 35.77 16.96
CA LEU C 246 -2.97 37.09 16.77
C LEU C 246 -4.12 37.35 17.74
N GLY C 247 -4.99 36.36 17.95
CA GLY C 247 -6.18 36.59 18.74
C GLY C 247 -5.91 36.89 20.20
N GLY C 248 -4.79 36.41 20.72
CA GLY C 248 -4.47 36.58 22.12
C GLY C 248 -3.70 37.84 22.47
N PHE C 249 -3.51 38.75 21.53
CA PHE C 249 -2.80 39.99 21.83
C PHE C 249 -3.60 40.87 22.78
N ALA C 250 -4.90 40.97 22.58
CA ALA C 250 -5.79 41.80 23.40
C ALA C 250 -6.72 40.88 24.18
N THR C 251 -6.49 40.76 25.48
CA THR C 251 -7.35 39.97 26.35
C THR C 251 -7.82 40.71 27.60
N SER C 252 -7.21 41.82 27.96
CA SER C 252 -7.61 42.60 29.14
C SER C 252 -6.94 43.96 29.06
N GLY C 253 -7.19 44.78 30.07
CA GLY C 253 -6.58 46.09 30.15
C GLY C 253 -7.24 47.10 29.22
N SER C 254 -6.59 48.27 29.12
CA SER C 254 -7.08 49.33 28.25
C SER C 254 -7.03 48.93 26.78
N LEU C 255 -6.21 47.93 26.42
CA LEU C 255 -6.15 47.46 25.05
C LEU C 255 -7.48 46.88 24.59
N LEU C 256 -8.14 46.12 25.48
CA LEU C 256 -9.44 45.56 25.14
C LEU C 256 -10.46 46.68 24.94
N ASP C 257 -10.41 47.71 25.78
CA ASP C 257 -11.28 48.86 25.60
C ASP C 257 -11.01 49.53 24.25
N GLN C 258 -9.73 49.69 23.90
CA GLN C 258 -9.39 50.35 22.64
C GLN C 258 -9.92 49.57 21.44
N VAL C 259 -9.77 48.25 21.45
CA VAL C 259 -10.25 47.47 20.31
C VAL C 259 -11.77 47.43 20.30
N ARG C 260 -12.41 47.46 21.48
CA ARG C 260 -13.87 47.50 21.53
C ARG C 260 -14.41 48.80 20.95
N GLY C 261 -13.75 49.92 21.25
CA GLY C 261 -14.24 51.21 20.82
C GLY C 261 -14.14 51.45 19.32
N ALA C 262 -13.27 50.71 18.63
CA ALA C 262 -13.10 50.87 17.19
C ALA C 262 -14.16 50.14 16.38
N ALA C 263 -15.04 49.37 17.03
CA ALA C 263 -16.07 48.65 16.30
C ALA C 263 -17.07 49.62 15.69
N SER C 264 -17.54 49.28 14.48
CA SER C 264 -18.50 50.15 13.80
C SER C 264 -19.82 50.23 14.56
N GLU C 265 -20.29 49.10 15.07
CA GLU C 265 -21.54 49.03 15.82
C GLU C 265 -21.24 48.62 17.26
N PRO C 266 -21.68 49.40 18.26
CA PRO C 266 -21.42 49.05 19.66
C PRO C 266 -22.53 48.31 20.39
N ASP C 267 -23.68 48.05 19.76
CA ASP C 267 -24.73 47.30 20.41
C ASP C 267 -24.44 45.81 20.43
N LEU C 268 -23.76 45.29 19.39
CA LEU C 268 -23.43 43.88 19.30
C LEU C 268 -22.06 43.56 19.88
N ILE C 269 -21.54 44.41 20.78
CA ILE C 269 -20.26 44.19 21.43
C ILE C 269 -20.55 43.74 22.86
N ASP C 270 -20.06 42.56 23.22
CA ASP C 270 -20.33 41.98 24.54
C ASP C 270 -19.31 42.53 25.54
N ARG C 271 -19.59 43.74 26.02
CA ARG C 271 -18.79 44.34 27.08
C ARG C 271 -19.09 43.73 28.45
N THR C 272 -20.14 42.91 28.55
CA THR C 272 -20.57 42.41 29.85
C THR C 272 -19.55 41.48 30.48
N PHE C 273 -18.99 40.56 29.70
CA PHE C 273 -18.11 39.55 30.26
C PHE C 273 -16.80 40.17 30.75
N SER C 274 -16.35 39.71 31.91
CA SER C 274 -15.10 40.16 32.50
C SER C 274 -14.35 38.95 33.07
N PRO C 275 -13.19 38.60 32.51
CA PRO C 275 -12.46 37.43 33.02
C PRO C 275 -12.04 37.61 34.46
N GLN C 276 -12.09 36.52 35.22
CA GLN C 276 -11.66 36.56 36.61
C GLN C 276 -10.14 36.69 36.70
N GLU C 277 -9.68 37.34 37.76
CA GLU C 277 -8.25 37.52 37.98
C GLU C 277 -7.70 36.40 38.86
N ILE C 278 -6.40 36.16 38.72
CA ILE C 278 -5.68 35.16 39.50
C ILE C 278 -4.56 35.86 40.25
N ALA C 279 -4.46 35.58 41.55
CA ALA C 279 -3.49 36.28 42.39
C ALA C 279 -2.07 36.04 41.90
N GLY C 280 -1.29 37.11 41.86
CA GLY C 280 0.10 37.03 41.45
C GLY C 280 0.34 37.02 39.96
N TRP C 281 -0.66 37.32 39.15
CA TRP C 281 -0.48 37.30 37.71
C TRP C 281 0.57 38.33 37.30
N PRO C 282 1.46 37.99 36.36
CA PRO C 282 1.55 36.74 35.60
C PRO C 282 2.30 35.62 36.30
N ARG C 283 3.02 35.91 37.40
CA ARG C 283 3.76 34.88 38.13
C ARG C 283 2.77 34.12 39.01
N SER C 284 2.00 33.24 38.38
CA SER C 284 0.95 32.51 39.07
C SER C 284 1.53 31.62 40.15
N HIS C 285 0.82 31.53 41.28
CA HIS C 285 1.26 30.70 42.40
C HIS C 285 0.75 29.27 42.33
N LYS C 286 -0.09 28.94 41.35
CA LYS C 286 -0.57 27.58 41.17
C LYS C 286 -0.66 27.28 39.68
N SER C 287 -0.56 25.99 39.36
CA SER C 287 -0.74 25.55 37.98
C SER C 287 -2.19 25.70 37.57
N ILE C 288 -2.42 26.14 36.34
CA ILE C 288 -3.76 26.34 35.80
C ILE C 288 -3.93 25.43 34.59
N SER C 289 -5.05 24.72 34.54
CA SER C 289 -5.32 23.80 33.46
C SER C 289 -5.65 24.56 32.17
N LEU C 290 -5.66 23.81 31.06
CA LEU C 290 -5.95 24.43 29.77
C LEU C 290 -7.36 25.01 29.73
N ASP C 291 -8.31 24.35 30.38
CA ASP C 291 -9.71 24.79 30.35
C ASP C 291 -9.87 26.18 30.95
N LYS C 292 -9.37 26.36 32.17
CA LYS C 292 -9.37 27.70 32.76
C LYS C 292 -8.51 28.65 31.94
N TYR C 293 -7.45 28.13 31.31
CA TYR C 293 -6.53 28.98 30.57
C TYR C 293 -7.21 29.69 29.41
N MET C 294 -7.96 28.95 28.58
CA MET C 294 -8.63 29.63 27.48
C MET C 294 -10.01 30.15 27.89
N GLU C 295 -10.53 29.76 29.06
CA GLU C 295 -11.67 30.48 29.61
C GLU C 295 -11.30 31.88 30.10
N LEU C 296 -10.05 32.07 30.53
CA LEU C 296 -9.58 33.40 30.92
C LEU C 296 -9.59 34.36 29.74
N GLY C 297 -9.31 33.86 28.54
CA GLY C 297 -9.27 34.67 27.35
C GLY C 297 -10.56 34.75 26.57
N ASN C 298 -11.67 34.29 27.14
CA ASN C 298 -12.94 34.26 26.42
C ASN C 298 -13.52 35.64 26.17
N ALA C 299 -13.01 36.69 26.83
CA ALA C 299 -13.54 38.03 26.62
C ALA C 299 -13.34 38.48 25.17
N ASN C 300 -12.18 38.21 24.61
CA ASN C 300 -11.86 38.54 23.23
C ASN C 300 -11.84 37.26 22.40
N GLY C 301 -11.48 37.42 21.13
CA GLY C 301 -11.41 36.30 20.20
C GLY C 301 -12.22 36.61 18.97
N SER C 302 -12.73 35.55 18.35
CA SER C 302 -13.54 35.71 17.14
C SER C 302 -14.83 36.48 17.41
N LYS C 303 -15.48 36.19 18.54
CA LYS C 303 -16.78 36.78 18.83
C LYS C 303 -16.73 38.30 18.92
N LEU C 304 -15.55 38.88 19.13
CA LEU C 304 -15.39 40.32 19.21
C LEU C 304 -14.64 40.91 18.02
N LEU C 305 -13.90 40.09 17.27
CA LEU C 305 -13.10 40.57 16.15
C LEU C 305 -13.81 40.43 14.80
N LYS C 306 -15.08 40.03 14.79
CA LYS C 306 -15.80 39.89 13.53
C LYS C 306 -15.86 41.21 12.76
N ASP C 307 -15.91 42.33 13.47
CA ASP C 307 -15.97 43.63 12.81
C ASP C 307 -14.65 43.95 12.11
N LYS C 308 -14.75 44.63 10.97
CA LYS C 308 -13.57 44.96 10.18
C LYS C 308 -12.70 45.99 10.89
N GLY C 309 -13.32 47.07 11.38
CA GLY C 309 -12.56 48.08 12.09
C GLY C 309 -11.91 47.54 13.35
N CYS C 310 -12.59 46.63 14.04
CA CYS C 310 -11.99 45.99 15.21
C CYS C 310 -10.73 45.23 14.84
N LEU C 311 -10.79 44.46 13.75
CA LEU C 311 -9.62 43.72 13.29
C LEU C 311 -8.49 44.66 12.91
N ILE C 312 -8.82 45.75 12.21
CA ILE C 312 -7.79 46.70 11.80
C ILE C 312 -7.11 47.31 13.02
N ARG C 313 -7.91 47.74 13.99
CA ARG C 313 -7.35 48.33 15.20
C ARG C 313 -6.50 47.32 15.95
N GLN C 314 -6.97 46.07 16.01
CA GLN C 314 -6.24 45.02 16.72
C GLN C 314 -4.88 44.76 16.08
N VAL C 315 -4.84 44.64 14.76
CA VAL C 315 -3.57 44.34 14.10
C VAL C 315 -2.63 45.54 14.19
N GLU C 316 -3.16 46.77 14.11
CA GLU C 316 -2.30 47.93 14.24
C GLU C 316 -1.71 48.02 15.64
N LEU C 317 -2.51 47.76 16.67
CA LEU C 317 -1.99 47.78 18.03
C LEU C 317 -0.99 46.65 18.27
N LEU C 318 -1.23 45.49 17.67
CA LEU C 318 -0.26 44.40 17.79
C LEU C 318 1.07 44.79 17.19
N TYR C 319 1.05 45.41 16.00
CA TYR C 319 2.28 45.87 15.38
C TYR C 319 2.97 46.93 16.25
N GLN C 320 2.20 47.87 16.78
CA GLN C 320 2.80 48.92 17.60
C GLN C 320 3.44 48.36 18.86
N SER C 321 2.75 47.45 19.54
CA SER C 321 3.31 46.84 20.75
C SER C 321 4.53 45.98 20.41
N LEU C 322 4.48 45.26 19.29
CA LEU C 322 5.61 44.43 18.89
C LEU C 322 6.84 45.28 18.60
N VAL C 323 6.64 46.43 17.95
CA VAL C 323 7.76 47.36 17.74
C VAL C 323 8.24 47.92 19.07
N ASN C 324 7.32 48.19 19.99
CA ASN C 324 7.71 48.70 21.30
C ASN C 324 8.64 47.73 22.03
N ASP C 325 8.50 46.43 21.77
CA ASP C 325 9.35 45.43 22.38
C ASP C 325 10.70 45.28 21.68
N ASN C 326 10.99 46.14 20.70
CA ASN C 326 12.26 46.15 19.97
C ASN C 326 12.51 44.85 19.21
N VAL C 327 11.45 44.13 18.86
CA VAL C 327 11.58 42.90 18.08
C VAL C 327 11.72 43.26 16.61
N ALA C 328 12.62 42.55 15.91
CA ALA C 328 12.93 42.83 14.52
C ALA C 328 12.21 41.93 13.53
N TYR C 329 12.08 40.64 13.83
CA TYR C 329 11.36 39.72 12.96
C TYR C 329 10.36 38.93 13.78
N ALA C 330 9.19 38.68 13.21
CA ALA C 330 8.15 37.97 13.94
C ALA C 330 7.26 37.19 12.96
N GLU C 331 6.62 36.16 13.50
CA GLU C 331 5.63 35.37 12.78
C GLU C 331 4.36 35.33 13.61
N ILE C 332 3.23 35.62 12.97
CA ILE C 332 1.94 35.74 13.64
C ILE C 332 1.06 34.59 13.17
N ARG C 333 0.53 33.82 14.11
CA ARG C 333 -0.39 32.75 13.78
C ARG C 333 -1.82 33.28 13.86
N CYS C 334 -2.57 33.14 12.76
CA CYS C 334 -3.91 33.68 12.66
C CYS C 334 -4.87 32.64 12.11
N SER C 335 -6.13 32.74 12.54
CA SER C 335 -7.18 31.84 12.07
C SER C 335 -8.18 32.63 11.24
N PRO C 336 -8.12 32.54 9.91
CA PRO C 336 -9.01 33.36 9.07
C PRO C 336 -10.47 32.94 9.17
N ASN C 337 -10.72 31.64 9.02
CA ASN C 337 -12.09 31.13 9.04
C ASN C 337 -12.79 31.46 10.36
N ASN C 338 -12.03 31.58 11.45
CA ASN C 338 -12.62 31.96 12.72
C ASN C 338 -13.17 33.37 12.69
N TYR C 339 -12.46 34.29 12.02
CA TYR C 339 -12.83 35.71 12.00
C TYR C 339 -13.64 36.08 10.76
N ALA C 340 -14.42 35.16 10.21
CA ALA C 340 -15.19 35.40 9.00
C ALA C 340 -16.67 35.13 9.25
N ASP C 341 -17.52 36.05 8.78
CA ASP C 341 -18.96 35.91 8.88
C ASP C 341 -19.54 36.10 7.48
N LYS C 342 -20.31 35.11 7.03
CA LYS C 342 -20.87 35.16 5.68
C LYS C 342 -22.05 36.12 5.55
N ASN C 343 -22.57 36.64 6.67
CA ASN C 343 -23.73 37.52 6.60
C ASN C 343 -23.39 38.81 5.86
N LYS C 344 -22.24 39.41 6.15
CA LYS C 344 -21.82 40.66 5.54
C LYS C 344 -20.82 40.44 4.40
N ASN C 345 -20.90 39.29 3.73
CA ASN C 345 -19.98 38.94 2.64
C ASN C 345 -18.53 38.98 3.10
N ARG C 346 -18.29 38.61 4.35
CA ARG C 346 -16.95 38.62 4.94
C ARG C 346 -16.39 37.20 4.90
N SER C 347 -15.92 36.80 3.73
CA SER C 347 -15.30 35.50 3.58
C SER C 347 -13.93 35.48 4.25
N ALA C 348 -13.45 34.26 4.54
CA ALA C 348 -12.17 34.12 5.24
C ALA C 348 -11.02 34.68 4.40
N TRP C 349 -11.05 34.44 3.10
CA TRP C 349 -9.99 34.96 2.23
C TRP C 349 -9.95 36.48 2.28
N VAL C 350 -11.12 37.12 2.37
CA VAL C 350 -11.17 38.57 2.49
C VAL C 350 -10.52 39.03 3.78
N VAL C 351 -10.76 38.32 4.88
CA VAL C 351 -10.15 38.67 6.16
C VAL C 351 -8.63 38.53 6.07
N LEU C 352 -8.15 37.44 5.48
CA LEU C 352 -6.72 37.25 5.32
C LEU C 352 -6.11 38.35 4.46
N GLN C 353 -6.79 38.72 3.38
CA GLN C 353 -6.29 39.80 2.52
C GLN C 353 -6.24 41.12 3.28
N ASP C 354 -7.26 41.39 4.09
CA ASP C 354 -7.28 42.62 4.88
C ASP C 354 -6.10 42.66 5.84
N ILE C 355 -5.85 41.55 6.55
CA ILE C 355 -4.75 41.53 7.50
C ILE C 355 -3.42 41.68 6.79
N ASN C 356 -3.24 40.98 5.67
CA ASN C 356 -1.99 41.08 4.92
C ASN C 356 -1.76 42.51 4.41
N ASP C 357 -2.80 43.14 3.88
CA ASP C 357 -2.65 44.51 3.38
C ASP C 357 -2.37 45.48 4.52
N THR C 358 -3.01 45.29 5.67
CA THR C 358 -2.74 46.15 6.81
C THR C 358 -1.29 46.03 7.26
N PHE C 359 -0.78 44.80 7.34
CA PHE C 359 0.61 44.62 7.74
C PHE C 359 1.57 45.21 6.71
N THR C 360 1.26 45.05 5.42
CA THR C 360 2.12 45.63 4.38
C THR C 360 2.13 47.15 4.46
N ARG C 361 0.95 47.75 4.68
CA ARG C 361 0.89 49.21 4.81
C ARG C 361 1.67 49.70 6.01
N LEU C 362 1.55 48.99 7.15
CA LEU C 362 2.32 49.37 8.33
C LEU C 362 3.82 49.25 8.08
N ILE C 363 4.23 48.18 7.38
CA ILE C 363 5.64 47.99 7.06
C ILE C 363 6.15 49.15 6.22
N THR C 364 5.41 49.50 5.17
CA THR C 364 5.85 50.56 4.28
C THR C 364 5.91 51.90 5.01
N GLU C 365 4.90 52.19 5.84
CA GLU C 365 4.89 53.44 6.57
C GLU C 365 6.05 53.52 7.56
N ALA C 366 6.35 52.42 8.25
CA ALA C 366 7.47 52.42 9.19
C ALA C 366 8.80 52.56 8.46
N LYS C 367 8.94 51.90 7.31
CA LYS C 367 10.20 51.96 6.57
C LYS C 367 10.43 53.33 5.94
N GLN C 368 9.35 54.00 5.52
CA GLN C 368 9.51 55.30 4.87
C GLN C 368 10.11 56.33 5.83
N LYS C 369 9.76 56.25 7.11
CA LYS C 369 10.30 57.16 8.11
C LYS C 369 11.65 56.71 8.64
N ASN C 370 12.22 55.64 8.09
CA ASN C 370 13.55 55.14 8.45
C ASN C 370 13.65 54.83 9.94
N GLN C 371 12.55 54.34 10.51
CA GLN C 371 12.53 53.97 11.92
C GLN C 371 12.89 52.49 12.05
N PHE C 372 12.74 51.93 13.25
CA PHE C 372 13.05 50.53 13.51
C PHE C 372 11.81 49.70 13.20
N TYR C 373 11.61 49.44 11.91
CA TYR C 373 10.48 48.63 11.49
C TYR C 373 10.69 47.17 11.88
N CYS C 374 9.59 46.44 12.01
CA CYS C 374 9.61 45.04 12.41
C CYS C 374 8.96 44.21 11.30
N HIS C 375 9.76 43.36 10.66
CA HIS C 375 9.24 42.50 9.61
C HIS C 375 8.41 41.38 10.22
N VAL C 376 7.23 41.15 9.64
CA VAL C 376 6.29 40.16 10.15
C VAL C 376 5.83 39.26 9.01
N ASN C 377 5.71 37.97 9.29
CA ASN C 377 5.11 37.01 8.39
C ASN C 377 3.91 36.38 9.09
N LEU C 378 3.10 35.66 8.30
CA LEU C 378 1.85 35.11 8.80
C LEU C 378 1.79 33.60 8.59
N LEU C 379 1.11 32.93 9.51
CA LEU C 379 0.88 31.49 9.45
C LEU C 379 -0.59 31.23 9.70
N VAL C 380 -1.27 30.60 8.74
CA VAL C 380 -2.65 30.18 8.96
C VAL C 380 -2.65 29.04 9.97
N ILE C 381 -3.76 28.92 10.70
CA ILE C 381 -3.89 27.93 11.75
C ILE C 381 -4.89 26.86 11.28
N ALA C 382 -4.39 25.65 11.09
CA ALA C 382 -5.24 24.50 10.78
C ALA C 382 -5.45 23.72 12.07
N SER C 383 -6.45 24.16 12.85
CA SER C 383 -6.74 23.55 14.13
C SER C 383 -7.22 22.12 13.93
N ARG C 384 -7.47 21.42 15.04
CA ARG C 384 -7.97 20.05 14.97
C ARG C 384 -9.39 19.95 14.42
N LYS C 385 -10.10 21.08 14.29
CA LYS C 385 -11.50 21.09 13.83
C LYS C 385 -12.36 20.21 14.76
N PHE C 386 -12.50 20.71 15.99
CA PHE C 386 -13.26 20.06 17.04
C PHE C 386 -14.67 19.68 16.61
N SER C 387 -15.27 18.72 17.31
CA SER C 387 -16.62 18.24 17.03
C SER C 387 -16.75 17.72 15.60
N GLY C 388 -15.72 17.00 15.14
CA GLY C 388 -15.73 16.44 13.81
C GLY C 388 -15.69 17.53 12.76
N ASP C 389 -16.29 17.25 11.60
CA ASP C 389 -16.33 18.17 10.47
C ASP C 389 -14.93 18.58 10.04
N LEU C 390 -14.13 17.58 9.68
CA LEU C 390 -12.74 17.81 9.32
C LEU C 390 -12.58 18.41 7.91
N SER C 391 -13.68 18.54 7.16
CA SER C 391 -13.58 19.07 5.80
C SER C 391 -12.98 20.46 5.78
N ASP C 392 -13.36 21.31 6.74
CA ASP C 392 -12.81 22.66 6.81
C ASP C 392 -11.30 22.64 6.85
N ILE C 393 -10.70 21.58 7.40
CA ILE C 393 -9.25 21.42 7.38
C ILE C 393 -8.71 21.69 5.98
N SER C 394 -9.20 20.94 5.00
CA SER C 394 -8.77 21.12 3.62
C SER C 394 -8.91 22.58 3.23
N LYS C 395 -10.08 23.17 3.51
CA LYS C 395 -10.33 24.58 3.26
C LYS C 395 -9.14 25.41 3.68
N HIS C 396 -8.79 25.34 4.97
CA HIS C 396 -7.70 26.14 5.49
C HIS C 396 -6.43 25.92 4.68
N LEU C 397 -6.06 24.65 4.48
CA LEU C 397 -4.86 24.36 3.71
C LEU C 397 -4.93 24.99 2.33
N ALA C 398 -6.06 24.79 1.65
CA ALA C 398 -6.23 25.38 0.32
C ALA C 398 -6.01 26.87 0.39
N LEU C 399 -6.63 27.53 1.38
CA LEU C 399 -6.48 28.97 1.50
C LEU C 399 -5.01 29.34 1.61
N ALA C 400 -4.28 28.63 2.47
CA ALA C 400 -2.86 28.90 2.64
C ALA C 400 -2.16 28.90 1.29
N ILE C 401 -2.43 27.88 0.48
CA ILE C 401 -1.76 27.78 -0.82
C ILE C 401 -2.08 28.99 -1.66
N THR C 402 -3.36 29.36 -1.73
CA THR C 402 -3.74 30.50 -2.55
C THR C 402 -3.18 31.79 -1.97
N ALA C 403 -2.91 31.81 -0.66
CA ALA C 403 -2.27 32.98 -0.07
C ALA C 403 -0.79 33.03 -0.41
N MET C 404 -0.16 31.86 -0.54
CA MET C 404 1.28 31.84 -0.82
C MET C 404 1.58 32.37 -2.22
N GLN C 405 0.75 32.01 -3.20
CA GLN C 405 1.02 32.34 -4.59
C GLN C 405 0.62 33.76 -4.97
N GLN C 406 0.12 34.55 -4.01
CA GLN C 406 -0.13 35.96 -4.29
C GLN C 406 1.17 36.69 -4.63
N GLY C 407 2.24 36.42 -3.87
CA GLY C 407 3.56 36.86 -4.23
C GLY C 407 3.96 38.26 -3.81
N GLU C 408 3.40 39.26 -4.49
CA GLU C 408 3.86 40.63 -4.29
C GLU C 408 3.49 41.14 -2.91
N GLY C 409 4.40 41.91 -2.31
CA GLY C 409 4.23 42.51 -1.01
C GLY C 409 5.41 42.23 -0.12
N VAL C 410 5.30 42.63 1.13
CA VAL C 410 6.33 42.40 2.14
C VAL C 410 5.93 41.28 3.09
N CYS C 411 4.80 41.44 3.79
CA CYS C 411 4.27 40.39 4.63
C CYS C 411 3.73 39.26 3.75
N ARG C 412 4.08 38.03 4.08
CA ARG C 412 3.70 36.88 3.28
C ARG C 412 3.21 35.75 4.18
N ILE C 413 2.71 34.70 3.55
CA ILE C 413 2.30 33.48 4.22
C ILE C 413 3.35 32.43 3.95
N VAL C 414 4.08 32.01 4.98
CA VAL C 414 5.22 31.11 4.81
C VAL C 414 4.93 29.69 5.28
N GLY C 415 3.86 29.46 6.02
CA GLY C 415 3.59 28.11 6.50
C GLY C 415 2.25 28.03 7.18
N VAL C 416 1.88 26.79 7.53
CA VAL C 416 0.63 26.52 8.22
C VAL C 416 0.94 26.05 9.63
N ASP C 417 -0.11 25.82 10.43
CA ASP C 417 0.06 25.45 11.82
C ASP C 417 -0.90 24.32 12.16
N LEU C 418 -0.54 23.54 13.19
CA LEU C 418 -1.37 22.47 13.72
C LEU C 418 -1.48 22.71 15.24
N ALA C 419 -2.43 23.56 15.63
CA ALA C 419 -2.61 23.93 17.02
C ALA C 419 -4.03 23.61 17.48
N GLY C 420 -4.12 23.08 18.68
CA GLY C 420 -5.42 22.76 19.26
C GLY C 420 -5.28 21.64 20.28
N PHE C 421 -6.43 21.10 20.66
CA PHE C 421 -6.48 20.04 21.66
C PHE C 421 -5.84 18.77 21.14
N GLU C 422 -5.23 18.00 22.04
CA GLU C 422 -4.68 16.70 21.70
C GLU C 422 -5.63 15.56 21.98
N ASN C 423 -6.84 15.84 22.48
CA ASN C 423 -7.75 14.79 22.90
C ASN C 423 -8.17 13.90 21.73
N LYS C 424 -8.18 14.44 20.51
CA LYS C 424 -8.46 13.63 19.34
C LYS C 424 -7.32 12.68 19.00
N GLU C 425 -6.18 12.81 19.69
CA GLU C 425 -4.98 12.02 19.41
C GLU C 425 -4.51 12.22 17.97
N THR C 426 -4.47 13.48 17.55
CA THR C 426 -4.05 13.82 16.18
C THR C 426 -2.54 13.69 16.07
N ARG C 427 -2.09 12.49 15.70
CA ARG C 427 -0.66 12.23 15.49
C ARG C 427 -0.46 11.91 14.01
N ALA C 428 -0.33 12.96 13.20
CA ALA C 428 0.07 12.88 11.81
C ALA C 428 -0.91 12.07 10.95
N SER C 429 -0.94 10.76 11.16
CA SER C 429 -1.73 9.88 10.29
C SER C 429 -3.21 10.22 10.32
N TYR C 430 -3.69 10.78 11.43
CA TYR C 430 -5.09 11.17 11.52
C TYR C 430 -5.42 12.31 10.56
N TYR C 431 -4.42 13.16 10.28
CA TYR C 431 -4.57 14.24 9.29
C TYR C 431 -3.67 14.04 8.09
N GLU C 432 -2.94 12.93 8.00
CA GLU C 432 -2.07 12.67 6.87
C GLU C 432 -2.81 12.29 5.60
N HIS C 433 -4.13 12.09 5.69
CA HIS C 433 -4.92 11.71 4.51
C HIS C 433 -4.85 12.75 3.40
N ASP C 434 -4.56 14.01 3.74
CA ASP C 434 -4.54 15.08 2.75
C ASP C 434 -3.36 16.03 2.90
N PHE C 435 -2.45 15.80 3.85
CA PHE C 435 -1.40 16.76 4.15
C PHE C 435 -0.21 16.64 3.21
N LYS C 436 -0.20 15.66 2.31
CA LYS C 436 0.96 15.46 1.45
C LYS C 436 1.17 16.63 0.49
N ALA C 437 0.08 17.23 0.00
CA ALA C 437 0.19 18.21 -1.08
C ALA C 437 0.80 19.54 -0.63
N VAL C 438 0.78 19.84 0.68
CA VAL C 438 1.27 21.13 1.14
C VAL C 438 2.75 21.30 0.84
N HIS C 439 3.55 20.26 1.10
CA HIS C 439 4.99 20.36 0.91
C HIS C 439 5.35 20.58 -0.55
N ARG C 440 4.55 20.05 -1.48
CA ARG C 440 4.82 20.25 -2.90
C ARG C 440 4.74 21.73 -3.27
N CYS C 441 3.78 22.45 -2.67
CA CYS C 441 3.65 23.88 -2.96
C CYS C 441 4.82 24.68 -2.39
N GLY C 442 5.54 24.11 -1.43
CA GLY C 442 6.68 24.78 -0.82
C GLY C 442 6.41 25.42 0.52
N LEU C 443 5.21 25.28 1.06
CA LEU C 443 4.89 25.89 2.35
C LEU C 443 5.62 25.17 3.48
N ALA C 444 5.91 25.92 4.53
CA ALA C 444 6.43 25.31 5.75
C ALA C 444 5.29 24.72 6.58
N VAL C 445 5.66 23.90 7.55
CA VAL C 445 4.66 23.30 8.43
C VAL C 445 5.23 23.09 9.82
N THR C 446 4.63 23.73 10.82
CA THR C 446 5.00 23.53 12.21
C THR C 446 4.07 22.49 12.83
N ALA C 447 4.17 22.31 14.14
CA ALA C 447 3.32 21.36 14.84
C ALA C 447 3.30 21.71 16.32
N HIS C 448 2.13 21.58 16.94
CA HIS C 448 1.94 21.79 18.37
C HIS C 448 1.33 20.49 18.90
N ALA C 449 2.21 19.55 19.23
CA ALA C 449 1.79 18.20 19.63
C ALA C 449 2.70 17.71 20.74
N GLY C 450 2.26 16.65 21.41
CA GLY C 450 3.01 16.10 22.53
C GLY C 450 2.96 16.93 23.78
N GLU C 451 2.04 17.89 23.87
CA GLU C 451 2.00 18.77 25.04
C GLU C 451 1.64 18.00 26.30
N ASN C 452 0.75 17.01 26.20
CA ASN C 452 0.30 16.27 27.37
C ASN C 452 0.27 14.76 27.18
N ASP C 453 0.40 14.24 25.97
CA ASP C 453 0.25 12.82 25.72
C ASP C 453 1.61 12.14 25.58
N ASP C 454 1.60 10.87 25.21
CA ASP C 454 2.83 10.10 25.06
C ASP C 454 3.64 10.63 23.88
N PRO C 455 4.92 10.96 24.07
CA PRO C 455 5.73 11.42 22.93
C PRO C 455 6.04 10.29 21.96
N GLU C 456 5.03 9.83 21.25
CA GLU C 456 5.19 8.84 20.18
C GLU C 456 4.78 9.38 18.82
N GLY C 457 3.64 10.10 18.74
CA GLY C 457 3.26 10.75 17.50
C GLY C 457 4.19 11.86 17.07
N ILE C 458 5.08 12.31 17.97
CA ILE C 458 6.08 13.30 17.58
C ILE C 458 6.99 12.74 16.50
N TRP C 459 7.28 11.43 16.57
CA TRP C 459 8.06 10.78 15.52
C TRP C 459 7.40 10.94 14.15
N GLN C 460 6.10 10.62 14.08
CA GLN C 460 5.38 10.75 12.82
C GLN C 460 5.29 12.21 12.39
N ALA C 461 5.11 13.12 13.35
CA ALA C 461 5.07 14.54 13.01
C ALA C 461 6.39 15.00 12.39
N VAL C 462 7.51 14.49 12.90
CA VAL C 462 8.81 14.83 12.34
C VAL C 462 8.98 14.20 10.96
N TYR C 463 8.52 12.97 10.78
CA TYR C 463 8.77 12.22 9.55
C TYR C 463 7.59 12.27 8.58
N SER C 464 6.41 11.81 9.01
CA SER C 464 5.27 11.77 8.10
C SER C 464 4.85 13.18 7.68
N LEU C 465 4.78 14.11 8.63
CA LEU C 465 4.43 15.48 8.31
C LEU C 465 5.61 16.29 7.80
N HIS C 466 6.84 15.79 7.99
CA HIS C 466 8.05 16.51 7.61
C HIS C 466 8.08 17.91 8.22
N ALA C 467 7.60 18.01 9.45
CA ALA C 467 7.54 19.30 10.13
C ALA C 467 8.94 19.83 10.40
N ARG C 468 9.14 21.11 10.10
CA ARG C 468 10.42 21.76 10.32
C ARG C 468 10.56 22.37 11.70
N ARG C 469 9.47 22.45 12.46
CA ARG C 469 9.51 22.99 13.82
C ARG C 469 8.52 22.25 14.68
N LEU C 470 8.72 22.33 16.00
CA LEU C 470 7.86 21.68 16.96
C LEU C 470 7.42 22.68 18.02
N GLY C 471 6.29 22.39 18.65
CA GLY C 471 5.71 23.25 19.66
C GLY C 471 5.80 22.60 21.04
N HIS C 472 6.24 23.38 22.02
CA HIS C 472 6.34 22.95 23.40
C HIS C 472 7.20 21.69 23.54
N ALA C 473 6.55 20.54 23.73
CA ALA C 473 7.24 19.26 23.91
C ALA C 473 8.26 19.33 25.04
N LEU C 474 7.78 19.79 26.21
CA LEU C 474 8.67 19.90 27.37
C LEU C 474 9.14 18.54 27.86
N ASN C 475 8.32 17.51 27.71
CA ASN C 475 8.65 16.17 28.18
C ASN C 475 9.56 15.42 27.22
N LEU C 476 10.24 16.13 26.32
CA LEU C 476 11.15 15.53 25.35
C LEU C 476 12.37 14.89 26.02
N LEU C 477 12.63 15.20 27.29
CA LEU C 477 13.84 14.70 27.96
C LEU C 477 13.86 13.18 28.03
N GLU C 478 12.71 12.57 28.30
CA GLU C 478 12.63 11.13 28.57
C GLU C 478 12.64 10.28 27.30
N ALA C 479 13.04 10.84 26.16
CA ALA C 479 13.10 10.11 24.90
C ALA C 479 14.45 10.34 24.24
N PRO C 480 15.50 9.67 24.73
CA PRO C 480 16.83 9.84 24.11
C PRO C 480 16.84 9.47 22.63
N ASP C 481 16.10 8.42 22.25
CA ASP C 481 15.98 8.07 20.84
C ASP C 481 15.37 9.20 20.03
N LEU C 482 14.54 10.04 20.66
CA LEU C 482 13.98 11.20 19.99
C LEU C 482 14.92 12.40 20.07
N MET C 483 15.66 12.55 21.18
CA MET C 483 16.71 13.55 21.26
C MET C 483 17.70 13.41 20.12
N ARG C 484 18.21 12.20 19.89
CA ARG C 484 19.25 12.02 18.88
C ARG C 484 18.74 12.41 17.49
N THR C 485 17.52 11.99 17.15
CA THR C 485 16.96 12.34 15.85
C THR C 485 16.71 13.84 15.75
N VAL C 486 16.06 14.44 16.74
CA VAL C 486 15.70 15.84 16.62
C VAL C 486 16.94 16.73 16.61
N ILE C 487 18.01 16.33 17.30
CA ILE C 487 19.24 17.09 17.26
C ILE C 487 19.92 16.93 15.90
N GLU C 488 19.99 15.69 15.40
CA GLU C 488 20.66 15.50 14.11
C GLU C 488 19.84 16.03 12.94
N ARG C 489 18.51 16.08 13.09
CA ARG C 489 17.67 16.59 12.01
C ARG C 489 17.64 18.11 11.95
N LYS C 490 18.24 18.80 12.93
CA LYS C 490 18.22 20.26 13.03
C LYS C 490 16.80 20.81 13.15
N ILE C 491 15.87 19.99 13.63
CA ILE C 491 14.48 20.42 13.77
C ILE C 491 14.38 21.36 14.97
N GLY C 492 13.96 22.59 14.72
CA GLY C 492 13.81 23.55 15.79
C GLY C 492 12.60 23.26 16.65
N VAL C 493 12.64 23.78 17.87
CA VAL C 493 11.55 23.63 18.83
C VAL C 493 11.21 24.99 19.42
N GLU C 494 9.95 25.39 19.31
CA GLU C 494 9.47 26.63 19.89
C GLU C 494 8.88 26.35 21.25
N MET C 495 9.10 27.27 22.20
CA MET C 495 8.55 27.10 23.53
C MET C 495 8.48 28.45 24.22
N CYS C 496 7.47 28.62 25.06
CA CYS C 496 7.22 29.89 25.74
C CYS C 496 7.38 29.70 27.24
N PRO C 497 8.41 30.29 27.85
CA PRO C 497 8.64 30.04 29.29
C PRO C 497 7.46 30.43 30.18
N TYR C 498 6.88 31.60 29.96
CA TYR C 498 5.75 32.04 30.78
C TYR C 498 4.54 31.14 30.58
N ALA C 499 4.24 30.80 29.32
CA ALA C 499 3.06 29.99 29.04
C ALA C 499 3.19 28.60 29.64
N ASN C 500 4.34 27.96 29.45
CA ASN C 500 4.56 26.63 30.02
C ASN C 500 4.57 26.70 31.55
N TYR C 501 5.18 27.74 32.12
CA TYR C 501 5.20 27.88 33.57
C TYR C 501 3.79 28.02 34.13
N GLN C 502 2.93 28.76 33.43
CA GLN C 502 1.56 28.90 33.90
C GLN C 502 0.78 27.60 33.74
N ILE C 503 0.86 26.96 32.58
CA ILE C 503 0.00 25.81 32.32
C ILE C 503 0.43 24.60 33.16
N LYS C 504 1.74 24.40 33.34
CA LYS C 504 2.24 23.21 34.01
C LYS C 504 2.82 23.46 35.38
N GLY C 505 3.40 24.65 35.62
CA GLY C 505 4.03 24.92 36.90
C GLY C 505 5.46 24.42 36.95
N PHE C 506 6.37 25.25 37.43
CA PHE C 506 7.79 24.90 37.41
C PHE C 506 8.48 25.57 38.59
N ALA C 507 9.77 25.27 38.74
CA ALA C 507 10.57 25.81 39.82
C ALA C 507 10.73 27.32 39.66
N PRO C 508 10.99 28.05 40.76
CA PRO C 508 11.19 27.59 42.14
C PRO C 508 9.90 27.53 42.96
N MET C 509 8.81 27.07 42.35
CA MET C 509 7.54 27.01 43.04
C MET C 509 7.54 25.86 44.04
N PRO C 510 6.99 26.06 45.25
CA PRO C 510 6.87 24.94 46.19
C PRO C 510 6.00 23.83 45.63
N ASN C 511 6.35 22.60 45.98
CA ASN C 511 5.71 21.36 45.56
C ASN C 511 5.93 21.03 44.09
N PHE C 512 6.64 21.88 43.35
CA PHE C 512 6.95 21.64 41.94
C PHE C 512 8.45 21.42 41.82
N SER C 513 8.86 20.16 41.80
CA SER C 513 10.27 19.79 41.71
C SER C 513 10.79 19.74 40.30
N ALA C 514 9.94 20.01 39.30
CA ALA C 514 10.38 19.99 37.92
C ALA C 514 11.28 21.17 37.62
N LEU C 515 12.41 20.91 36.96
CA LEU C 515 13.33 21.94 36.53
C LEU C 515 13.16 22.18 35.04
N TYR C 516 13.24 23.45 34.64
CA TYR C 516 13.05 23.79 33.24
C TYR C 516 14.20 23.23 32.40
N PRO C 517 13.91 22.50 31.32
CA PRO C 517 14.98 21.83 30.57
C PRO C 517 15.69 22.71 29.56
N LEU C 518 15.60 24.04 29.66
CA LEU C 518 16.23 24.90 28.66
C LEU C 518 17.74 24.73 28.66
N LYS C 519 18.35 24.68 29.84
CA LYS C 519 19.80 24.56 29.91
C LYS C 519 20.27 23.24 29.32
N LYS C 520 19.60 22.15 29.66
CA LYS C 520 19.94 20.84 29.10
C LYS C 520 19.72 20.82 27.60
N TYR C 521 18.63 21.44 27.14
CA TYR C 521 18.35 21.49 25.70
C TYR C 521 19.45 22.24 24.96
N LEU C 522 19.89 23.38 25.52
CA LEU C 522 20.94 24.15 24.88
C LEU C 522 22.27 23.40 24.90
N GLU C 523 22.57 22.72 26.00
CA GLU C 523 23.81 21.93 26.05
C GLU C 523 23.78 20.81 25.02
N ALA C 524 22.63 20.15 24.86
CA ALA C 524 22.50 19.07 23.88
C ALA C 524 22.60 19.57 22.45
N GLY C 525 22.45 20.87 22.21
CA GLY C 525 22.57 21.43 20.89
C GLY C 525 21.27 21.62 20.14
N ILE C 526 20.12 21.51 20.81
CA ILE C 526 18.85 21.70 20.14
C ILE C 526 18.71 23.14 19.69
N LEU C 527 17.86 23.36 18.70
CA LEU C 527 17.54 24.69 18.21
C LEU C 527 16.26 25.14 18.92
N VAL C 528 16.42 25.82 20.04
CA VAL C 528 15.31 26.20 20.91
C VAL C 528 15.00 27.68 20.71
N SER C 529 13.72 27.98 20.56
CA SER C 529 13.25 29.34 20.30
C SER C 529 12.29 29.76 21.41
N VAL C 530 12.70 30.76 22.19
CA VAL C 530 11.86 31.28 23.26
C VAL C 530 10.87 32.25 22.65
N ASN C 531 9.58 32.00 22.86
CA ASN C 531 8.50 32.80 22.31
C ASN C 531 7.58 33.26 23.44
N THR C 532 6.47 33.91 23.06
CA THR C 532 5.55 34.49 24.03
C THR C 532 4.14 33.92 23.97
N ASP C 533 3.83 33.05 23.01
CA ASP C 533 2.49 32.51 22.83
C ASP C 533 1.49 33.63 22.62
N ASN C 534 0.70 33.94 23.64
CA ASN C 534 -0.27 35.02 23.59
C ASN C 534 0.17 36.11 24.55
N ILE C 535 0.46 37.30 24.02
CA ILE C 535 0.97 38.39 24.84
C ILE C 535 -0.10 38.86 25.84
N GLY C 536 -1.31 39.10 25.35
CA GLY C 536 -2.37 39.57 26.24
C GLY C 536 -2.75 38.54 27.28
N ILE C 537 -2.80 37.27 26.91
CA ILE C 537 -3.14 36.22 27.86
C ILE C 537 -2.12 36.15 28.98
N SER C 538 -0.83 36.09 28.61
CA SER C 538 0.23 35.99 29.60
C SER C 538 0.49 37.33 30.29
N GLY C 539 0.08 38.44 29.68
CA GLY C 539 0.34 39.75 30.26
C GLY C 539 1.81 40.06 30.41
N ALA C 540 2.64 39.58 29.49
CA ALA C 540 4.07 39.82 29.55
C ALA C 540 4.64 39.71 28.14
N ASN C 541 5.43 40.70 27.75
CA ASN C 541 6.02 40.73 26.41
C ASN C 541 7.22 39.79 26.36
N LEU C 542 7.97 39.84 25.26
CA LEU C 542 9.08 38.91 25.08
C LEU C 542 10.21 39.17 26.07
N SER C 543 10.45 40.43 26.42
CA SER C 543 11.53 40.75 27.34
C SER C 543 11.30 40.14 28.72
N GLU C 544 10.06 40.18 29.20
CA GLU C 544 9.76 39.54 30.48
C GLU C 544 9.96 38.04 30.41
N ASN C 545 9.51 37.43 29.30
CA ASN C 545 9.71 36.00 29.10
C ASN C 545 11.19 35.64 29.09
N LEU C 546 12.02 36.54 28.56
CA LEU C 546 13.47 36.28 28.54
C LEU C 546 14.07 36.45 29.92
N LEU C 547 13.61 37.45 30.68
CA LEU C 547 14.20 37.71 31.99
C LEU C 547 13.78 36.68 33.03
N ILE C 548 12.64 36.02 32.82
CA ILE C 548 12.20 35.00 33.75
C ILE C 548 13.11 33.78 33.73
N LEU C 549 13.98 33.65 32.72
CA LEU C 549 14.86 32.48 32.64
C LEU C 549 15.87 32.44 33.78
N ALA C 550 16.25 33.60 34.32
CA ALA C 550 17.23 33.63 35.40
C ALA C 550 16.73 32.84 36.59
N ASP C 551 15.47 33.03 36.97
CA ASP C 551 14.87 32.22 38.02
C ASP C 551 14.51 30.83 37.52
N LEU C 552 14.02 30.74 36.28
CA LEU C 552 13.61 29.43 35.74
C LEU C 552 14.80 28.50 35.57
N CYS C 553 15.89 29.01 35.01
CA CYS C 553 17.10 28.21 34.76
C CYS C 553 18.30 28.96 35.33
N PRO C 554 18.66 28.69 36.58
CA PRO C 554 19.85 29.34 37.15
C PRO C 554 21.11 28.99 36.38
N GLY C 555 22.03 29.94 36.32
CA GLY C 555 23.29 29.76 35.65
C GLY C 555 23.28 30.04 34.16
N ILE C 556 22.19 30.55 33.62
CA ILE C 556 22.13 30.87 32.19
C ILE C 556 22.94 32.12 31.91
N SER C 557 23.87 32.02 30.97
CA SER C 557 24.72 33.13 30.60
C SER C 557 24.06 33.99 29.53
N ARG C 558 24.64 35.17 29.28
CA ARG C 558 24.13 36.02 28.21
C ARG C 558 24.47 35.45 26.84
N MET C 559 25.59 34.71 26.73
CA MET C 559 25.82 33.88 25.55
C MET C 559 24.66 32.94 25.28
N ASP C 560 24.02 32.42 26.32
CA ASP C 560 22.86 31.55 26.11
C ASP C 560 21.70 32.30 25.49
N VAL C 561 21.44 33.53 25.95
CA VAL C 561 20.38 34.33 25.37
C VAL C 561 20.70 34.66 23.91
N LEU C 562 21.95 35.03 23.63
CA LEU C 562 22.33 35.35 22.26
C LEU C 562 22.22 34.14 21.36
N THR C 563 22.58 32.95 21.88
CA THR C 563 22.43 31.73 21.10
C THR C 563 20.96 31.40 20.87
N ILE C 564 20.11 31.69 21.86
CA ILE C 564 18.67 31.52 21.67
C ILE C 564 18.18 32.40 20.53
N ILE C 565 18.65 33.65 20.49
CA ILE C 565 18.27 34.56 19.42
C ILE C 565 18.77 34.06 18.07
N ARG C 566 20.01 33.54 18.04
CA ARG C 566 20.56 32.99 16.80
C ARG C 566 19.74 31.80 16.32
N ASN C 567 19.35 30.92 17.23
CA ASN C 567 18.51 29.78 16.85
C ASN C 567 17.16 30.24 16.33
N SER C 568 16.58 31.26 16.98
CA SER C 568 15.31 31.79 16.51
C SER C 568 15.42 32.35 15.10
N ILE C 569 16.53 33.02 14.80
CA ILE C 569 16.78 33.49 13.45
C ILE C 569 16.92 32.30 12.51
N GLU C 570 17.64 31.27 12.94
CA GLU C 570 17.94 30.13 12.06
C GLU C 570 16.68 29.37 11.66
N THR C 571 15.84 29.03 12.64
CA THR C 571 14.71 28.16 12.37
C THR C 571 13.52 28.87 11.74
N ALA C 572 13.57 30.19 11.60
CA ALA C 572 12.46 30.92 11.00
C ALA C 572 12.33 30.57 9.53
N PHE C 573 11.08 30.42 9.07
CA PHE C 573 10.81 30.10 7.68
C PHE C 573 10.94 31.37 6.85
N ILE C 574 12.12 31.61 6.28
CA ILE C 574 12.37 32.80 5.48
C ILE C 574 13.19 32.44 4.26
N SER C 575 13.23 33.35 3.29
CA SER C 575 14.11 33.18 2.15
C SER C 575 15.56 33.31 2.58
N HIS C 576 16.45 32.63 1.85
CA HIS C 576 17.85 32.60 2.22
C HIS C 576 18.49 33.99 2.17
N ASP C 577 18.24 34.74 1.10
CA ASP C 577 18.78 36.09 1.01
C ASP C 577 18.25 36.98 2.11
N PHE C 578 16.95 36.85 2.40
CA PHE C 578 16.36 37.53 3.55
C PHE C 578 17.05 37.11 4.84
N ARG C 579 17.46 35.84 4.93
CA ARG C 579 18.18 35.40 6.13
C ARG C 579 19.53 36.09 6.26
N MET C 580 20.28 36.20 5.16
CA MET C 580 21.53 36.98 5.24
C MET C 580 21.28 38.43 5.63
N GLU C 581 20.26 39.06 5.05
CA GLU C 581 20.01 40.46 5.38
C GLU C 581 19.65 40.60 6.86
N LEU C 582 18.81 39.70 7.37
CA LEU C 582 18.41 39.75 8.76
C LEU C 582 19.61 39.57 9.67
N LEU C 583 20.49 38.61 9.35
CA LEU C 583 21.69 38.42 10.14
C LEU C 583 22.61 39.64 10.04
N LYS C 584 22.69 40.24 8.86
CA LYS C 584 23.52 41.43 8.67
C LYS C 584 23.07 42.56 9.58
N PHE C 585 21.75 42.81 9.65
CA PHE C 585 21.24 43.85 10.52
C PHE C 585 21.41 43.47 12.00
N PHE C 586 21.11 42.22 12.33
CA PHE C 586 21.15 41.78 13.73
C PHE C 586 22.56 41.86 14.30
N ASP C 587 23.57 41.55 13.50
CA ASP C 587 24.94 41.56 14.00
C ASP C 587 25.34 42.95 14.45
N ARG C 588 25.10 43.96 13.60
CA ARG C 588 25.45 45.33 13.97
C ARG C 588 24.62 45.81 15.16
N LYS C 589 23.32 45.52 15.15
CA LYS C 589 22.48 45.97 16.27
C LYS C 589 22.95 45.35 17.58
N ILE C 590 23.29 44.06 17.56
CA ILE C 590 23.72 43.38 18.77
C ILE C 590 25.08 43.90 19.22
N TYR C 591 25.95 44.23 18.26
CA TYR C 591 27.25 44.80 18.61
C TYR C 591 27.10 46.13 19.32
N ASP C 592 26.23 47.00 18.79
CA ASP C 592 26.00 48.30 19.42
C ASP C 592 25.36 48.13 20.80
N VAL C 593 24.37 47.24 20.91
CA VAL C 593 23.70 47.05 22.19
C VAL C 593 24.69 46.55 23.23
N CYS C 594 25.54 45.59 22.87
CA CYS C 594 26.54 45.09 23.80
C CYS C 594 27.57 46.15 24.15
N LEU C 595 27.93 47.01 23.19
CA LEU C 595 28.87 48.08 23.47
C LEU C 595 28.30 49.07 24.48
N ILE C 596 27.02 49.38 24.38
CA ILE C 596 26.41 50.36 25.28
C ILE C 596 25.53 49.64 26.29
N SER C 597 25.89 48.40 26.62
CA SER C 597 25.02 47.53 27.41
C SER C 597 25.12 47.78 28.91
N ILE C 598 26.32 48.07 29.43
CA ILE C 598 26.60 47.99 30.86
C ILE C 598 25.62 48.82 31.69
N LYS C 599 24.96 48.15 32.62
CA LYS C 599 24.01 48.72 33.59
C LYS C 599 22.74 49.24 32.94
N ASN C 600 22.51 48.98 31.65
CA ASN C 600 21.26 49.34 31.01
C ASN C 600 21.03 48.52 29.74
N ARG D 3 52.66 27.16 35.66
CA ARG D 3 52.83 28.43 36.33
C ARG D 3 54.22 28.99 36.05
N VAL D 4 54.26 30.04 35.24
CA VAL D 4 55.51 30.64 34.78
C VAL D 4 55.57 32.08 35.27
N LEU D 5 56.65 32.44 35.94
CA LEU D 5 56.84 33.79 36.44
C LEU D 5 57.59 34.63 35.41
N LEU D 6 57.04 35.79 35.08
CA LEU D 6 57.69 36.75 34.19
C LEU D 6 57.93 38.04 34.95
N CYS D 7 59.19 38.49 34.96
CA CYS D 7 59.57 39.69 35.68
C CYS D 7 60.48 40.50 34.77
N SER D 8 60.26 41.82 34.74
CA SER D 8 61.15 42.71 34.01
C SER D 8 62.23 43.22 34.95
N ALA D 9 63.49 43.00 34.57
CA ALA D 9 64.62 43.35 35.41
C ALA D 9 65.11 44.74 35.04
N GLY D 10 65.09 45.65 36.01
CA GLY D 10 65.52 47.02 35.81
C GLY D 10 66.79 47.35 36.55
N HIS D 11 66.66 47.98 37.72
CA HIS D 11 67.81 48.31 38.56
C HIS D 11 67.79 47.57 39.90
N SER D 12 66.86 46.63 40.09
CA SER D 12 66.73 45.89 41.34
C SER D 12 66.78 44.38 41.06
N SER D 13 67.48 43.65 41.93
CA SER D 13 67.69 42.22 41.76
C SER D 13 66.88 41.37 42.73
N MET D 14 66.67 41.82 43.96
CA MET D 14 65.94 41.03 44.96
C MET D 14 64.47 40.90 44.61
N VAL D 15 63.97 41.65 43.64
CA VAL D 15 62.57 41.54 43.23
C VAL D 15 62.27 40.16 42.68
N VAL D 16 63.24 39.54 42.01
CA VAL D 16 63.04 38.20 41.44
C VAL D 16 62.83 37.19 42.56
N PRO D 17 63.69 37.10 43.58
CA PRO D 17 63.38 36.21 44.71
C PRO D 17 62.09 36.59 45.43
N GLU D 18 61.80 37.90 45.54
CA GLU D 18 60.57 38.32 46.20
C GLU D 18 59.35 37.78 45.48
N ALA D 19 59.34 37.89 44.15
CA ALA D 19 58.24 37.34 43.36
C ALA D 19 58.22 35.82 43.39
N PHE D 20 59.39 35.19 43.46
CA PHE D 20 59.43 33.73 43.51
C PHE D 20 58.74 33.23 44.77
N HIS D 21 59.27 33.60 45.93
CA HIS D 21 58.65 33.17 47.18
C HIS D 21 57.49 34.06 47.62
N ALA D 22 56.91 34.82 46.69
CA ALA D 22 55.69 35.56 47.00
C ALA D 22 54.53 34.61 47.26
N VAL D 23 54.31 33.66 46.36
CA VAL D 23 53.20 32.72 46.51
C VAL D 23 53.59 31.65 47.51
N PRO D 24 52.76 31.36 48.52
CA PRO D 24 53.13 30.33 49.50
C PRO D 24 53.39 28.96 48.90
N GLU D 25 52.63 28.59 47.87
CA GLU D 25 52.85 27.31 47.21
C GLU D 25 54.11 27.30 46.36
N GLY D 26 54.50 28.45 45.79
CA GLY D 26 55.69 28.52 44.98
C GLY D 26 55.38 28.52 43.50
N PHE D 27 56.44 28.38 42.71
CA PHE D 27 56.33 28.32 41.26
C PHE D 27 57.27 27.24 40.74
N GLU D 28 56.84 26.58 39.65
CA GLU D 28 57.67 25.61 38.97
C GLU D 28 58.43 26.20 37.78
N GLU D 29 58.20 27.47 37.47
CA GLU D 29 58.87 28.12 36.35
C GLU D 29 59.00 29.61 36.66
N VAL D 30 60.21 30.14 36.60
CA VAL D 30 60.48 31.56 36.77
C VAL D 30 61.36 32.01 35.61
N HIS D 31 61.04 33.16 35.02
CA HIS D 31 61.81 33.72 33.92
C HIS D 31 61.87 35.23 34.07
N VAL D 32 62.97 35.81 33.58
CA VAL D 32 63.22 37.23 33.73
C VAL D 32 63.68 37.80 32.39
N PHE D 33 63.33 39.05 32.14
CA PHE D 33 63.75 39.78 30.96
C PHE D 33 64.42 41.08 31.40
N THR D 34 65.49 41.44 30.68
CA THR D 34 66.26 42.63 31.04
C THR D 34 66.88 43.22 29.79
N THR D 35 67.31 44.47 29.91
CA THR D 35 68.01 45.16 28.83
C THR D 35 69.48 44.74 28.84
N ASP D 36 70.31 45.44 28.05
CA ASP D 36 71.74 45.17 27.99
C ASP D 36 72.52 45.86 29.09
N SER D 37 71.85 46.23 30.19
CA SER D 37 72.51 46.93 31.28
C SER D 37 73.60 46.06 31.90
N GLU D 38 74.84 46.51 31.78
CA GLU D 38 75.97 45.81 32.37
C GLU D 38 75.99 45.87 33.89
N LYS D 39 75.17 46.74 34.50
CA LYS D 39 75.17 46.88 35.95
C LYS D 39 74.72 45.59 36.63
N PHE D 40 73.73 44.91 36.07
CA PHE D 40 73.16 43.74 36.71
C PHE D 40 74.17 42.59 36.79
N ASN D 41 74.26 41.98 37.97
CA ASN D 41 75.08 40.81 38.20
C ASN D 41 74.18 39.59 38.29
N PRO D 42 74.35 38.59 37.42
CA PRO D 42 73.50 37.40 37.48
C PRO D 42 73.89 36.41 38.56
N VAL D 43 74.97 36.67 39.30
CA VAL D 43 75.50 35.68 40.24
C VAL D 43 74.48 35.39 41.34
N VAL D 44 73.90 36.44 41.92
CA VAL D 44 72.99 36.26 43.05
C VAL D 44 71.75 35.47 42.63
N LEU D 45 71.14 35.87 41.50
CA LEU D 45 69.96 35.17 41.02
C LEU D 45 70.30 33.74 40.60
N ASN D 46 71.47 33.55 39.98
CA ASN D 46 71.88 32.22 39.55
C ASN D 46 72.04 31.28 40.74
N ASP D 47 72.73 31.74 41.80
CA ASP D 47 72.93 30.87 42.95
C ASP D 47 71.62 30.64 43.70
N PHE D 48 70.76 31.66 43.78
CA PHE D 48 69.46 31.48 44.43
C PHE D 48 68.62 30.45 43.69
N PHE D 49 68.63 30.50 42.36
CA PHE D 49 67.92 29.48 41.58
C PHE D 49 68.55 28.11 41.77
N HIS D 50 69.88 28.05 41.80
CA HIS D 50 70.56 26.77 42.00
C HIS D 50 70.24 26.17 43.36
N SER D 51 69.91 27.02 44.35
CA SER D 51 69.50 26.50 45.65
C SER D 51 68.19 25.73 45.59
N LEU D 52 67.36 25.97 44.58
CA LEU D 52 66.14 25.19 44.33
C LEU D 52 66.17 24.72 42.88
N PRO D 53 66.87 23.62 42.59
CA PRO D 53 66.94 23.13 41.21
C PRO D 53 65.62 22.66 40.65
N ASN D 54 64.63 22.40 41.51
CA ASN D 54 63.32 21.93 41.02
C ASN D 54 62.63 22.96 40.14
N VAL D 55 63.04 24.22 40.21
CA VAL D 55 62.49 25.26 39.38
C VAL D 55 63.43 25.48 38.19
N ARG D 56 62.94 26.19 37.18
CA ARG D 56 63.72 26.53 36.00
C ARG D 56 63.84 28.04 35.89
N PHE D 57 65.06 28.52 35.70
CA PHE D 57 65.34 29.95 35.60
C PHE D 57 65.95 30.26 34.24
N SER D 58 65.41 31.26 33.56
CA SER D 58 65.94 31.75 32.30
C SER D 58 66.06 33.26 32.37
N ILE D 59 67.17 33.78 31.84
CA ILE D 59 67.42 35.21 31.81
C ILE D 59 67.52 35.65 30.35
N THR D 60 66.74 36.66 29.98
CA THR D 60 66.72 37.19 28.64
C THR D 60 67.28 38.60 28.64
N LYS D 61 68.26 38.85 27.77
CA LYS D 61 68.95 40.14 27.70
C LYS D 61 68.61 40.80 26.36
N CYS D 62 68.14 42.04 26.43
CA CYS D 62 67.81 42.81 25.23
C CYS D 62 69.12 43.31 24.62
N HIS D 63 69.61 42.57 23.61
CA HIS D 63 70.91 42.87 23.03
C HIS D 63 70.87 44.18 22.24
N GLY D 64 71.97 44.91 22.30
CA GLY D 64 72.16 46.11 21.51
C GLY D 64 71.69 47.40 22.15
N LEU D 65 70.99 47.33 23.29
CA LEU D 65 70.48 48.53 23.94
C LEU D 65 70.44 48.28 25.44
N ALA D 66 71.24 49.03 26.19
CA ALA D 66 71.25 48.91 27.64
C ALA D 66 70.27 49.84 28.32
N ASP D 67 69.88 50.93 27.67
CA ASP D 67 68.98 51.91 28.25
C ASP D 67 68.21 52.59 27.13
N ILE D 68 67.09 53.20 27.48
CA ILE D 68 66.23 53.88 26.50
C ILE D 68 66.64 55.33 26.38
N LEU D 69 66.86 55.79 25.14
CA LEU D 69 67.27 57.17 24.89
C LEU D 69 66.36 57.93 23.93
N ASN D 70 65.54 57.25 23.13
CA ASN D 70 64.73 57.92 22.13
C ASN D 70 63.53 57.05 21.80
N GLU D 71 62.69 57.55 20.88
CA GLU D 71 61.50 56.80 20.46
C GLU D 71 61.89 55.49 19.79
N ARG D 72 62.91 55.53 18.94
CA ARG D 72 63.35 54.30 18.26
C ARG D 72 63.85 53.27 19.27
N ASP D 73 64.62 53.71 20.27
CA ASP D 73 65.10 52.80 21.30
C ASP D 73 63.93 52.17 22.05
N PHE D 74 62.94 52.99 22.44
CA PHE D 74 61.80 52.47 23.19
C PHE D 74 60.99 51.50 22.35
N GLU D 75 60.76 51.81 21.08
CA GLU D 75 59.95 50.92 20.24
C GLU D 75 60.69 49.61 19.98
N PHE D 76 62.00 49.67 19.77
CA PHE D 76 62.77 48.43 19.61
C PHE D 76 62.74 47.59 20.88
N TYR D 77 62.88 48.24 22.04
CA TYR D 77 62.80 47.50 23.30
C TYR D 77 61.41 46.87 23.47
N GLN D 78 60.36 47.61 23.13
CA GLN D 78 59.01 47.09 23.26
C GLN D 78 58.78 45.91 22.33
N GLU D 79 59.32 45.98 21.10
CA GLU D 79 59.15 44.86 20.18
C GLU D 79 59.92 43.63 20.67
N MET D 80 61.14 43.82 21.17
CA MET D 80 61.87 42.69 21.75
C MET D 80 61.13 42.11 22.94
N LEU D 81 60.57 42.98 23.79
CA LEU D 81 59.81 42.51 24.95
C LEU D 81 58.58 41.73 24.51
N TRP D 82 57.89 42.21 23.47
CA TRP D 82 56.72 41.52 22.96
C TRP D 82 57.09 40.15 22.41
N GLN D 83 58.19 40.06 21.66
CA GLN D 83 58.61 38.78 21.13
C GLN D 83 58.98 37.81 22.25
N TRP D 84 59.76 38.29 23.23
CA TRP D 84 60.12 37.44 24.36
C TRP D 84 58.89 36.99 25.12
N TYR D 85 57.95 37.90 25.34
CA TYR D 85 56.69 37.57 26.01
C TYR D 85 55.98 36.44 25.28
N LEU D 86 55.76 36.61 23.96
CA LEU D 86 55.03 35.59 23.21
C LEU D 86 55.80 34.27 23.16
N THR D 87 57.12 34.30 23.34
CA THR D 87 57.85 33.04 23.48
C THR D 87 57.58 32.36 24.82
N LYS D 88 57.15 33.09 25.84
CA LYS D 88 56.98 32.55 27.18
C LYS D 88 55.54 32.24 27.54
N MET D 89 54.62 32.31 26.58
CA MET D 89 53.25 31.85 26.83
C MET D 89 53.23 30.36 27.16
N PRO D 90 52.68 29.96 28.29
CA PRO D 90 52.33 28.55 28.47
C PRO D 90 51.29 28.13 27.46
N ASP D 91 51.38 26.87 27.00
CA ASP D 91 50.53 26.43 25.90
C ASP D 91 49.06 26.45 26.30
N ASN D 92 48.73 26.01 27.51
CA ASN D 92 47.35 25.91 27.95
C ASN D 92 46.94 27.08 28.84
N GLU D 93 47.64 27.28 29.96
CA GLU D 93 47.27 28.33 30.90
C GLU D 93 48.01 29.62 30.56
N LEU D 94 47.98 30.58 31.48
CA LEU D 94 48.58 31.88 31.30
C LEU D 94 49.62 32.11 32.41
N PRO D 95 50.63 32.93 32.19
CA PRO D 95 51.69 33.09 33.18
C PRO D 95 51.45 34.21 34.17
N TYR D 96 52.01 34.03 35.37
CA TYR D 96 52.05 35.07 36.38
C TYR D 96 53.10 36.11 36.02
N VAL D 97 52.83 37.37 36.34
CA VAL D 97 53.75 38.45 36.02
C VAL D 97 53.92 39.37 37.22
N CYS D 98 55.17 39.76 37.48
CA CYS D 98 55.52 40.72 38.50
C CYS D 98 56.05 41.98 37.84
N LEU D 99 55.61 43.14 38.32
CA LEU D 99 55.91 44.41 37.68
C LEU D 99 56.73 45.34 38.57
N SER D 100 57.36 44.81 39.62
CA SER D 100 58.07 45.65 40.57
C SER D 100 59.47 46.02 40.12
N GLY D 101 59.95 45.50 39.00
CA GLY D 101 61.29 45.78 38.52
C GLY D 101 61.30 46.78 37.38
N GLY D 102 62.30 47.65 37.40
CA GLY D 102 62.50 48.64 36.35
C GLY D 102 62.02 50.02 36.75
N ILE D 103 62.26 50.97 35.84
CA ILE D 103 61.71 52.32 35.96
C ILE D 103 60.28 52.29 35.40
N LYS D 104 59.57 53.40 35.58
CA LYS D 104 58.16 53.46 35.17
C LYS D 104 57.95 53.09 33.70
N SER D 105 58.94 53.35 32.84
CA SER D 105 58.77 53.13 31.40
C SER D 105 58.52 51.65 31.09
N MET D 106 59.51 50.80 31.39
CA MET D 106 59.33 49.38 31.09
C MET D 106 58.24 48.75 31.94
N SER D 107 57.98 49.30 33.12
CA SER D 107 56.87 48.82 33.94
C SER D 107 55.54 49.01 33.20
N ALA D 108 55.31 50.21 32.67
CA ALA D 108 54.09 50.47 31.91
C ALA D 108 54.07 49.63 30.63
N SER D 109 55.22 49.46 29.98
CA SER D 109 55.27 48.66 28.77
C SER D 109 54.86 47.21 29.06
N LEU D 110 55.39 46.64 30.14
CA LEU D 110 55.06 45.26 30.49
C LEU D 110 53.61 45.14 30.96
N GLN D 111 53.10 46.17 31.65
CA GLN D 111 51.68 46.14 32.03
C GLN D 111 50.79 46.12 30.80
N LYS D 112 51.10 46.95 29.82
CA LYS D 112 50.32 46.96 28.59
C LYS D 112 50.45 45.64 27.84
N ALA D 113 51.65 45.08 27.79
CA ALA D 113 51.83 43.78 27.15
C ALA D 113 51.04 42.69 27.86
N ALA D 114 50.98 42.75 29.19
CA ALA D 114 50.23 41.77 29.96
C ALA D 114 48.74 41.89 29.71
N THR D 115 48.20 43.11 29.80
CA THR D 115 46.78 43.28 29.52
C THR D 115 46.45 43.07 28.05
N LEU D 116 47.45 43.02 27.19
CA LEU D 116 47.28 42.76 25.77
C LEU D 116 47.22 41.26 25.47
N PHE D 117 48.27 40.53 25.85
CA PHE D 117 48.36 39.10 25.60
C PHE D 117 47.79 38.25 26.74
N GLY D 118 47.29 38.88 27.80
CA GLY D 118 46.82 38.15 28.95
C GLY D 118 47.92 37.87 29.95
N ALA D 119 47.50 37.61 31.20
CA ALA D 119 48.41 37.27 32.28
C ALA D 119 47.61 36.67 33.44
N GLN D 120 48.06 35.52 33.95
CA GLN D 120 47.27 34.81 34.95
C GLN D 120 47.05 35.66 36.20
N SER D 121 48.08 36.37 36.64
CA SER D 121 47.94 37.28 37.77
C SER D 121 49.09 38.28 37.72
N VAL D 122 48.75 39.57 37.79
CA VAL D 122 49.72 40.65 37.72
C VAL D 122 49.85 41.27 39.11
N PHE D 123 51.06 41.26 39.66
CA PHE D 123 51.26 41.69 41.03
C PHE D 123 52.55 42.50 41.17
N HIS D 124 52.53 43.39 42.15
CA HIS D 124 53.67 44.17 42.59
C HIS D 124 54.19 43.61 43.91
N VAL D 125 55.50 43.73 44.10
CA VAL D 125 56.15 43.41 45.37
C VAL D 125 56.77 44.69 45.90
N LEU D 126 56.67 44.90 47.21
CA LEU D 126 57.28 46.08 47.81
C LEU D 126 57.62 45.80 49.27
N ALA D 127 58.83 46.15 49.67
CA ALA D 127 59.30 45.93 51.03
C ALA D 127 59.82 47.25 51.59
N ASP D 128 59.42 47.55 52.83
CA ASP D 128 59.82 48.80 53.45
C ASP D 128 61.33 48.85 53.69
N ASN D 129 61.92 47.73 54.11
CA ASN D 129 63.33 47.70 54.46
C ASN D 129 64.26 47.79 53.27
N ASN D 130 63.75 47.64 52.04
CA ASN D 130 64.56 47.57 50.83
C ASN D 130 65.67 46.53 51.00
N PRO D 131 65.32 45.24 51.05
CA PRO D 131 66.32 44.22 51.40
C PRO D 131 67.45 44.16 50.37
N ARG D 132 68.67 43.94 50.88
CA ARG D 132 69.88 43.92 50.07
C ARG D 132 70.59 42.57 50.10
N ASN D 133 70.71 41.94 51.26
CA ASN D 133 71.48 40.70 51.43
C ASN D 133 70.54 39.52 51.66
N ILE D 134 70.86 38.39 51.02
CA ILE D 134 69.90 37.29 50.86
C ILE D 134 69.34 36.85 52.21
N GLU D 135 70.22 36.73 53.21
CA GLU D 135 69.79 36.33 54.54
C GLU D 135 68.69 37.23 55.07
N GLU D 136 68.70 38.51 54.68
CA GLU D 136 67.61 39.35 55.16
C GLU D 136 66.43 39.43 54.18
N MET D 137 66.54 38.93 52.93
CA MET D 137 65.32 38.44 52.31
C MET D 137 64.61 37.44 53.21
N PHE D 138 65.31 36.38 53.63
CA PHE D 138 64.64 35.41 54.51
C PHE D 138 64.21 36.02 55.84
N ASP D 139 64.98 36.95 56.39
CA ASP D 139 64.56 37.62 57.62
C ASP D 139 63.26 38.40 57.41
N ALA D 140 63.15 39.12 56.29
CA ALA D 140 61.94 39.86 56.00
C ALA D 140 60.75 38.94 55.80
N LEU D 141 60.96 37.78 55.17
CA LEU D 141 59.86 36.82 55.07
C LEU D 141 59.44 36.32 56.45
N GLN D 142 60.42 36.08 57.33
CA GLN D 142 60.08 35.62 58.68
C GLN D 142 59.26 36.66 59.43
N LYS D 143 59.63 37.94 59.32
CA LYS D 143 58.85 38.95 60.02
C LYS D 143 57.80 39.62 59.14
N GLY D 144 57.78 39.37 57.83
CA GLY D 144 56.68 39.81 56.99
C GLY D 144 56.67 41.28 56.61
N GLN D 145 57.83 41.87 56.33
CA GLN D 145 57.88 43.24 55.83
C GLN D 145 57.84 43.33 54.30
N ILE D 146 57.72 42.21 53.59
CA ILE D 146 57.60 42.21 52.14
C ILE D 146 56.14 41.97 51.79
N HIS D 147 55.53 42.93 51.09
CA HIS D 147 54.10 42.92 50.78
C HIS D 147 53.88 42.66 49.31
N PHE D 148 52.87 41.84 49.02
CA PHE D 148 52.51 41.41 47.67
C PHE D 148 51.12 41.96 47.38
N ILE D 149 50.99 42.76 46.33
CA ILE D 149 49.71 43.36 45.97
C ILE D 149 49.33 42.91 44.56
N GLU D 150 48.11 42.40 44.42
CA GLU D 150 47.60 41.92 43.15
C GLU D 150 46.68 42.98 42.55
N MET D 151 46.95 43.40 41.31
CA MET D 151 46.12 44.40 40.66
C MET D 151 45.19 43.79 39.61
N GLY D 152 44.62 42.64 39.93
CA GLY D 152 43.57 42.06 39.12
C GLY D 152 44.07 41.02 38.13
N TYR D 153 43.11 40.40 37.46
CA TYR D 153 43.39 39.35 36.48
C TYR D 153 42.55 39.66 35.24
N GLU D 154 43.23 40.05 34.16
CA GLU D 154 42.55 40.33 32.90
C GLU D 154 42.59 39.11 32.00
N PRO D 155 41.48 38.78 31.32
CA PRO D 155 41.52 37.64 30.40
C PRO D 155 42.51 37.83 29.26
N GLY D 156 42.68 39.06 28.78
CA GLY D 156 43.53 39.32 27.65
C GLY D 156 42.81 39.06 26.33
N TRP D 157 43.45 39.50 25.25
CA TRP D 157 42.91 39.31 23.91
C TRP D 157 43.13 37.86 23.49
N ALA D 158 42.04 37.10 23.37
CA ALA D 158 42.16 35.67 23.10
C ALA D 158 42.83 35.41 21.75
N ALA D 159 42.37 36.08 20.71
CA ALA D 159 42.89 35.83 19.37
C ALA D 159 44.28 36.41 19.17
N LEU D 160 44.68 37.38 19.98
CA LEU D 160 45.99 38.01 19.69
C LEU D 160 47.09 37.04 20.15
N ARG D 161 46.82 36.32 21.24
CA ARG D 161 47.82 35.36 21.77
C ARG D 161 48.33 34.56 20.58
N ARG D 162 47.41 34.07 19.76
CA ARG D 162 47.83 33.18 18.65
C ARG D 162 48.89 33.87 17.81
N LEU D 163 49.14 35.16 18.00
CA LEU D 163 50.14 35.76 17.09
C LEU D 163 51.39 34.88 17.12
N LYS D 164 51.63 34.21 18.25
CA LYS D 164 52.84 33.37 18.41
C LYS D 164 53.30 32.82 17.06
N LYS D 165 52.54 31.89 16.52
CA LYS D 165 52.97 31.21 15.27
C LYS D 165 53.66 32.21 14.36
N ILE D 166 53.11 33.41 14.18
CA ILE D 166 53.69 34.35 13.19
C ILE D 166 55.21 34.24 13.31
N LEU D 167 55.74 34.12 14.53
CA LEU D 167 57.20 33.91 14.71
C LEU D 167 57.55 33.98 16.18
N PRO D 168 58.02 32.90 16.82
CA PRO D 168 58.51 32.99 18.20
C PRO D 168 59.73 33.90 18.28
N ILE D 169 60.78 33.55 17.54
CA ILE D 169 62.01 34.32 17.47
C ILE D 169 62.51 34.32 16.03
N ASN D 170 62.99 35.47 15.56
CA ASN D 170 63.61 35.56 14.23
C ASN D 170 65.12 35.38 14.31
N GLU D 171 65.54 34.31 14.97
CA GLU D 171 66.95 33.89 15.10
C GLU D 171 67.88 35.08 15.30
N GLY D 172 67.65 35.80 16.40
CA GLY D 172 68.49 36.94 16.73
C GLY D 172 68.28 38.13 15.82
N CYS D 173 67.10 38.76 15.94
CA CYS D 173 66.78 39.91 15.10
C CYS D 173 67.75 41.06 15.34
N SER D 174 68.08 41.76 14.26
CA SER D 174 68.99 42.89 14.29
C SER D 174 68.30 44.13 13.75
N ARG D 175 68.89 45.30 14.06
CA ARG D 175 68.26 46.57 13.70
C ARG D 175 68.14 46.72 12.19
N ASP D 176 69.15 46.29 11.45
CA ASP D 176 69.15 46.46 10.00
C ASP D 176 68.01 45.69 9.34
N ASN D 177 67.56 44.60 9.96
CA ASN D 177 66.48 43.79 9.43
C ASN D 177 65.30 43.67 10.39
N PHE D 178 65.20 44.57 11.38
CA PHE D 178 64.15 44.45 12.37
C PHE D 178 62.79 44.79 11.75
N LYS D 179 61.79 43.97 12.06
CA LYS D 179 60.43 44.16 11.58
C LYS D 179 59.50 44.21 12.77
N PRO D 180 58.92 45.36 13.09
CA PRO D 180 57.96 45.41 14.20
C PRO D 180 56.63 44.76 13.85
N LEU D 181 56.63 43.43 13.76
CA LEU D 181 55.44 42.71 13.30
C LEU D 181 54.35 42.64 14.35
N ILE D 182 54.70 42.54 15.63
CA ILE D 182 53.67 42.58 16.66
C ILE D 182 53.05 43.97 16.72
N SER D 183 53.82 45.00 16.38
CA SER D 183 53.22 46.31 16.16
C SER D 183 52.26 46.29 14.98
N LYS D 184 52.52 45.43 13.98
CA LYS D 184 51.55 45.26 12.91
C LYS D 184 50.29 44.55 13.40
N SER D 185 50.42 43.64 14.36
CA SER D 185 49.24 43.08 15.00
C SER D 185 48.47 44.17 15.74
N ILE D 186 49.19 45.08 16.38
CA ILE D 186 48.54 46.19 17.09
C ILE D 186 47.80 47.09 16.11
N GLU D 187 48.42 47.41 14.97
CA GLU D 187 47.71 48.21 13.98
C GLU D 187 46.54 47.43 13.39
N GLU D 188 46.64 46.10 13.31
CA GLU D 188 45.52 45.29 12.85
C GLU D 188 44.32 45.44 13.77
N ILE D 189 44.54 45.25 15.08
CA ILE D 189 43.42 45.35 16.01
C ILE D 189 42.89 46.77 16.07
N LEU D 190 43.78 47.77 16.04
CA LEU D 190 43.33 49.16 16.05
C LEU D 190 42.48 49.47 14.82
N SER D 191 42.91 49.00 13.64
CA SER D 191 42.14 49.23 12.43
C SER D 191 40.81 48.51 12.48
N ASN D 192 40.78 47.30 13.03
CA ASN D 192 39.51 46.57 13.15
C ASN D 192 38.53 47.33 14.02
N VAL D 193 38.98 47.78 15.20
CA VAL D 193 38.08 48.50 16.09
C VAL D 193 37.64 49.82 15.48
N LYS D 194 38.56 50.53 14.83
CA LYS D 194 38.22 51.82 14.23
C LYS D 194 37.24 51.64 13.08
N ILE D 195 37.40 50.60 12.28
CA ILE D 195 36.45 50.32 11.21
C ILE D 195 35.09 49.97 11.78
N MET D 196 35.07 49.16 12.85
CA MET D 196 33.81 48.79 13.47
C MET D 196 33.07 50.00 14.00
N ALA D 197 33.80 50.92 14.65
CA ALA D 197 33.19 52.10 15.26
C ALA D 197 32.95 53.25 14.28
N SER D 198 33.56 53.20 13.09
CA SER D 198 33.47 54.31 12.13
C SER D 198 32.37 54.09 11.10
N ASP D 199 32.44 53.01 10.34
CA ASP D 199 31.50 52.74 9.26
C ASP D 199 30.38 51.86 9.78
N THR D 200 29.18 52.43 9.90
CA THR D 200 28.03 51.63 10.29
C THR D 200 27.69 50.60 9.22
N GLY D 201 27.83 50.98 7.95
CA GLY D 201 27.51 50.05 6.87
C GLY D 201 28.45 48.86 6.81
N LYS D 202 29.76 49.10 6.97
CA LYS D 202 30.71 48.00 6.95
C LYS D 202 30.53 47.10 8.17
N SER D 203 30.25 47.68 9.33
CA SER D 203 29.99 46.89 10.52
C SER D 203 28.71 46.08 10.42
N ASN D 204 27.85 46.38 9.44
CA ASN D 204 26.65 45.57 9.22
C ASN D 204 27.01 44.19 8.67
N GLN D 205 28.02 44.12 7.82
CA GLN D 205 28.22 42.99 6.90
C GLN D 205 29.22 41.96 7.43
N LEU D 206 29.16 41.63 8.72
CA LEU D 206 30.05 40.61 9.26
C LEU D 206 29.33 39.30 9.57
N PRO D 207 29.11 38.42 8.58
CA PRO D 207 28.79 37.03 8.90
C PRO D 207 30.00 36.13 8.75
N PHE D 208 30.05 35.35 7.65
CA PHE D 208 31.17 34.46 7.34
C PHE D 208 31.29 33.36 8.40
N PRO D 209 32.17 32.37 8.18
CA PRO D 209 32.58 31.52 9.31
C PRO D 209 33.17 32.36 10.43
N SER D 210 32.96 31.89 11.66
CA SER D 210 33.20 32.69 12.85
C SER D 210 34.65 33.15 12.94
N LEU D 211 34.88 34.10 13.86
CA LEU D 211 36.19 34.69 14.12
C LEU D 211 36.74 35.36 12.85
N ALA D 212 36.06 36.43 12.46
CA ALA D 212 36.40 37.22 11.29
C ALA D 212 37.10 38.53 11.66
N ILE D 213 37.97 38.50 12.67
CA ILE D 213 38.67 39.68 13.13
C ILE D 213 40.05 39.81 12.47
N LEU D 214 40.26 39.13 11.34
CA LEU D 214 41.51 39.17 10.58
C LEU D 214 41.87 40.60 10.20
N PRO D 215 43.13 40.87 9.88
CA PRO D 215 43.51 42.20 9.40
C PRO D 215 42.74 42.55 8.14
N PRO D 216 42.39 43.83 7.96
CA PRO D 216 41.63 44.22 6.76
C PRO D 216 42.33 43.87 5.46
N ILE D 217 43.67 43.92 5.45
CA ILE D 217 44.44 43.42 4.32
C ILE D 217 44.07 41.96 4.04
N ALA D 218 44.05 41.14 5.09
CA ALA D 218 43.65 39.74 4.94
C ALA D 218 42.18 39.62 4.53
N GLN D 219 41.32 40.48 5.07
CA GLN D 219 39.90 40.38 4.74
C GLN D 219 39.65 40.62 3.26
N GLN D 220 40.21 41.71 2.71
CA GLN D 220 39.99 41.96 1.29
C GLN D 220 40.84 41.08 0.39
N TRP D 221 41.92 40.49 0.93
CA TRP D 221 42.60 39.43 0.20
C TRP D 221 41.71 38.21 0.04
N LEU D 222 41.00 37.84 1.12
CA LEU D 222 40.05 36.74 1.04
C LEU D 222 38.92 37.07 0.09
N GLN D 223 38.41 38.31 0.14
CA GLN D 223 37.35 38.72 -0.77
C GLN D 223 37.81 38.75 -2.21
N LEU D 224 39.11 38.87 -2.47
CA LEU D 224 39.61 38.87 -3.83
C LEU D 224 39.37 37.50 -4.47
N PRO D 225 38.99 37.46 -5.76
CA PRO D 225 38.69 36.18 -6.40
C PRO D 225 39.89 35.24 -6.36
N LEU D 226 39.60 33.96 -6.10
CA LEU D 226 40.65 32.96 -5.94
C LEU D 226 41.36 32.71 -7.26
N SER D 227 42.66 32.48 -7.18
CA SER D 227 43.51 32.23 -8.33
C SER D 227 44.04 30.81 -8.29
N ALA D 228 44.51 30.34 -9.45
CA ALA D 228 45.07 29.00 -9.56
C ALA D 228 46.39 28.85 -8.82
N ASN D 229 47.00 29.94 -8.38
CA ASN D 229 48.29 29.91 -7.69
C ASN D 229 48.15 29.76 -6.18
N ASP D 230 46.93 29.61 -5.67
CA ASP D 230 46.69 29.47 -4.24
C ASP D 230 46.73 28.02 -3.78
N GLY D 231 47.44 27.16 -4.50
CA GLY D 231 47.47 25.75 -4.13
C GLY D 231 48.07 25.51 -2.77
N ALA D 232 49.19 26.18 -2.47
CA ALA D 232 49.84 25.99 -1.17
C ALA D 232 48.94 26.42 -0.03
N TRP D 233 48.14 27.47 -0.24
CA TRP D 233 47.25 27.96 0.80
C TRP D 233 46.25 26.89 1.22
N ILE D 234 45.55 26.29 0.24
CA ILE D 234 44.55 25.29 0.59
C ILE D 234 45.20 23.99 1.00
N GLN D 235 46.40 23.69 0.50
CA GLN D 235 47.13 22.53 0.99
C GLN D 235 47.44 22.67 2.48
N ASN D 236 47.81 23.87 2.90
CA ASN D 236 47.98 24.13 4.33
C ASN D 236 46.63 24.25 5.03
N LEU D 237 45.58 24.55 4.29
CA LEU D 237 44.25 24.71 4.88
C LEU D 237 43.62 23.36 5.16
N PRO D 238 43.16 23.10 6.39
CA PRO D 238 42.46 21.85 6.67
C PRO D 238 41.15 21.76 5.89
N LYS D 239 40.80 20.53 5.52
CA LYS D 239 39.63 20.28 4.67
C LYS D 239 38.83 19.12 5.24
N VAL D 240 37.67 18.87 4.63
CA VAL D 240 36.78 17.78 5.01
C VAL D 240 36.27 17.09 3.75
N ASP D 241 36.23 15.75 3.78
CA ASP D 241 35.81 14.94 2.65
C ASP D 241 34.64 14.07 3.09
N LEU D 242 33.43 14.43 2.65
CA LEU D 242 32.23 13.69 3.03
C LEU D 242 31.90 12.56 2.06
N HIS D 243 32.65 12.41 0.98
CA HIS D 243 32.32 11.42 -0.05
C HIS D 243 33.63 10.88 -0.63
N CYS D 244 34.08 9.75 -0.12
CA CYS D 244 35.28 9.08 -0.61
C CYS D 244 35.05 7.58 -0.59
N HIS D 245 35.47 6.91 -1.66
CA HIS D 245 35.26 5.47 -1.81
C HIS D 245 36.53 4.72 -1.43
N LEU D 246 36.36 3.68 -0.59
CA LEU D 246 37.51 2.88 -0.17
C LEU D 246 38.06 2.04 -1.32
N GLY D 247 37.20 1.57 -2.22
CA GLY D 247 37.59 0.65 -3.27
C GLY D 247 38.20 1.28 -4.50
N GLY D 248 38.56 2.56 -4.45
CA GLY D 248 39.16 3.21 -5.60
C GLY D 248 40.38 4.04 -5.25
N PHE D 249 41.13 3.62 -4.23
CA PHE D 249 42.30 4.38 -3.81
C PHE D 249 43.53 4.02 -4.67
N ALA D 250 43.93 2.75 -4.67
CA ALA D 250 45.12 2.30 -5.37
C ALA D 250 44.70 1.67 -6.69
N THR D 251 44.76 2.45 -7.77
CA THR D 251 44.45 1.94 -9.09
C THR D 251 45.46 2.35 -10.16
N SER D 252 46.34 3.30 -9.89
CA SER D 252 47.33 3.74 -10.86
C SER D 252 48.59 4.15 -10.12
N GLY D 253 49.71 4.15 -10.83
CA GLY D 253 50.97 4.55 -10.24
C GLY D 253 51.60 3.44 -9.42
N SER D 254 52.36 3.87 -8.40
CA SER D 254 53.08 2.93 -7.55
C SER D 254 52.25 2.40 -6.39
N LEU D 255 51.04 2.93 -6.19
CA LEU D 255 50.24 2.55 -5.03
C LEU D 255 49.89 1.07 -5.05
N LEU D 256 49.54 0.54 -6.22
CA LEU D 256 49.16 -0.87 -6.32
C LEU D 256 50.31 -1.79 -5.94
N ASP D 257 51.55 -1.40 -6.27
CA ASP D 257 52.69 -2.24 -5.91
C ASP D 257 52.82 -2.36 -4.40
N GLN D 258 52.69 -1.25 -3.67
CA GLN D 258 52.76 -1.31 -2.21
C GLN D 258 51.56 -2.04 -1.63
N VAL D 259 50.38 -1.88 -2.23
CA VAL D 259 49.19 -2.57 -1.74
C VAL D 259 49.36 -4.08 -1.88
N ARG D 260 49.85 -4.53 -3.04
CA ARG D 260 50.07 -5.96 -3.26
C ARG D 260 51.28 -6.48 -2.49
N GLY D 261 52.21 -5.60 -2.12
CA GLY D 261 53.41 -6.03 -1.41
C GLY D 261 53.14 -6.61 -0.04
N ALA D 262 51.92 -6.40 0.49
CA ALA D 262 51.58 -7.03 1.78
C ALA D 262 50.22 -7.72 1.72
N ALA D 263 50.22 -9.05 1.61
CA ALA D 263 48.96 -9.82 1.51
C ALA D 263 49.05 -11.07 2.38
N SER D 264 48.01 -11.35 3.16
CA SER D 264 47.99 -12.63 3.92
C SER D 264 48.25 -13.75 2.93
N GLU D 265 47.88 -13.56 1.67
CA GLU D 265 48.20 -14.56 0.62
C GLU D 265 49.46 -14.08 -0.09
N PRO D 266 50.22 -14.92 -0.80
CA PRO D 266 51.50 -14.49 -1.35
C PRO D 266 51.58 -14.24 -2.86
N ASP D 267 50.69 -14.85 -3.63
CA ASP D 267 50.86 -14.74 -5.11
C ASP D 267 49.58 -15.19 -5.80
N LEU D 268 48.58 -15.64 -5.03
CA LEU D 268 47.28 -15.99 -5.66
C LEU D 268 46.67 -14.69 -6.16
N ILE D 269 47.50 -13.67 -6.40
CA ILE D 269 46.98 -12.33 -6.81
C ILE D 269 47.63 -11.91 -8.12
N ASP D 270 46.84 -11.79 -9.17
CA ASP D 270 47.35 -11.22 -10.45
C ASP D 270 47.99 -9.87 -10.10
N ARG D 271 49.33 -9.80 -10.00
CA ARG D 271 49.88 -8.49 -9.73
C ARG D 271 50.36 -7.74 -10.96
N THR D 272 50.49 -8.40 -12.11
CA THR D 272 51.05 -7.79 -13.30
C THR D 272 50.01 -7.17 -14.22
N PHE D 273 48.91 -7.89 -14.48
CA PHE D 273 47.89 -7.38 -15.40
C PHE D 273 47.22 -6.15 -14.82
N SER D 274 47.10 -5.12 -15.64
CA SER D 274 46.46 -3.87 -15.24
C SER D 274 45.56 -3.38 -16.37
N PRO D 275 44.48 -2.68 -16.05
CA PRO D 275 43.66 -2.09 -17.11
C PRO D 275 44.42 -1.03 -17.87
N GLN D 276 44.08 -0.90 -19.15
CA GLN D 276 44.76 0.07 -20.01
C GLN D 276 44.46 1.49 -19.55
N GLU D 277 45.49 2.34 -19.61
CA GLU D 277 45.40 3.71 -19.13
C GLU D 277 44.83 4.62 -20.22
N ILE D 278 44.01 5.58 -19.79
CA ILE D 278 43.41 6.55 -20.69
C ILE D 278 44.38 7.71 -20.90
N ALA D 279 44.58 8.10 -22.16
CA ALA D 279 45.53 9.16 -22.48
C ALA D 279 45.10 10.47 -21.84
N GLY D 280 45.97 11.03 -20.99
CA GLY D 280 45.69 12.29 -20.33
C GLY D 280 44.90 12.10 -19.06
N TRP D 281 45.45 12.60 -17.94
CA TRP D 281 44.78 12.50 -16.65
C TRP D 281 45.50 13.38 -15.63
N PRO D 282 44.78 14.04 -14.73
CA PRO D 282 43.32 14.07 -14.58
C PRO D 282 42.71 15.16 -15.46
N ARG D 283 43.51 15.80 -16.31
CA ARG D 283 43.05 16.88 -17.16
C ARG D 283 42.70 16.39 -18.58
N SER D 284 42.09 15.21 -18.67
CA SER D 284 41.62 14.73 -19.95
C SER D 284 40.64 15.72 -20.57
N HIS D 285 40.87 16.08 -21.82
CA HIS D 285 40.03 17.03 -22.53
C HIS D 285 38.93 16.35 -23.33
N LYS D 286 38.83 15.03 -23.26
CA LYS D 286 37.77 14.27 -23.93
C LYS D 286 36.84 13.68 -22.88
N SER D 287 35.55 13.93 -23.02
CA SER D 287 34.57 13.47 -22.05
C SER D 287 34.29 11.99 -22.23
N ILE D 288 34.30 11.25 -21.12
CA ILE D 288 33.93 9.84 -21.11
C ILE D 288 32.86 9.65 -20.05
N SER D 289 32.01 8.65 -20.27
CA SER D 289 30.83 8.43 -19.42
C SER D 289 30.80 6.98 -18.95
N LEU D 290 31.07 6.77 -17.67
CA LEU D 290 30.99 5.47 -17.01
C LEU D 290 31.86 4.47 -17.77
N ASP D 291 31.52 3.18 -17.67
CA ASP D 291 32.24 2.11 -18.37
C ASP D 291 33.74 2.18 -18.11
N LYS D 292 34.42 3.11 -18.78
CA LYS D 292 35.86 3.27 -18.61
C LYS D 292 36.24 3.68 -17.19
N TYR D 293 35.28 4.19 -16.41
CA TYR D 293 35.60 4.67 -15.06
C TYR D 293 35.92 3.51 -14.13
N MET D 294 34.95 2.62 -13.93
CA MET D 294 35.16 1.52 -12.98
C MET D 294 36.17 0.51 -13.49
N GLU D 295 36.18 0.25 -14.81
CA GLU D 295 37.13 -0.71 -15.35
C GLU D 295 38.56 -0.24 -15.18
N LEU D 296 38.77 1.07 -15.09
CA LEU D 296 40.10 1.59 -14.76
C LEU D 296 40.50 1.16 -13.36
N GLY D 297 39.53 1.09 -12.44
CA GLY D 297 39.74 0.62 -11.09
C GLY D 297 39.46 -0.85 -10.89
N ASN D 298 39.31 -1.62 -11.97
CA ASN D 298 39.07 -3.05 -11.84
C ASN D 298 40.22 -3.76 -11.16
N ALA D 299 41.45 -3.25 -11.32
CA ALA D 299 42.59 -3.83 -10.63
C ALA D 299 42.41 -3.78 -9.12
N ASN D 300 41.69 -2.78 -8.62
CA ASN D 300 41.36 -2.67 -7.21
C ASN D 300 39.91 -3.10 -6.99
N GLY D 301 39.47 -3.08 -5.73
CA GLY D 301 38.11 -3.45 -5.40
C GLY D 301 37.96 -4.92 -5.06
N SER D 302 36.84 -5.53 -5.49
CA SER D 302 36.59 -6.92 -5.17
C SER D 302 37.70 -7.83 -5.66
N LYS D 303 38.41 -7.43 -6.71
CA LYS D 303 39.47 -8.25 -7.26
C LYS D 303 40.71 -8.28 -6.37
N LEU D 304 40.87 -7.32 -5.47
CA LEU D 304 42.13 -7.19 -4.72
C LEU D 304 41.97 -7.38 -3.23
N LEU D 305 41.06 -6.66 -2.57
CA LEU D 305 41.00 -6.67 -1.11
C LEU D 305 40.16 -7.82 -0.55
N LYS D 306 40.00 -8.92 -1.28
CA LYS D 306 39.35 -10.09 -0.70
C LYS D 306 40.13 -10.60 0.51
N ASP D 307 41.46 -10.56 0.45
CA ASP D 307 42.30 -11.05 1.52
C ASP D 307 42.46 -9.99 2.61
N LYS D 308 43.06 -10.40 3.73
CA LYS D 308 43.05 -9.60 4.95
C LYS D 308 44.14 -8.53 4.94
N GLY D 309 45.40 -8.94 4.89
CA GLY D 309 46.50 -8.00 5.02
C GLY D 309 46.53 -6.94 3.94
N CYS D 310 46.11 -7.29 2.73
CA CYS D 310 46.01 -6.30 1.67
C CYS D 310 45.00 -5.21 2.03
N LEU D 311 43.90 -5.60 2.66
CA LEU D 311 42.91 -4.63 3.11
C LEU D 311 43.50 -3.70 4.16
N ILE D 312 44.26 -4.24 5.10
CA ILE D 312 44.88 -3.42 6.13
C ILE D 312 45.89 -2.46 5.51
N ARG D 313 46.68 -2.94 4.55
CA ARG D 313 47.63 -2.07 3.86
C ARG D 313 46.92 -0.95 3.12
N GLN D 314 45.82 -1.27 2.44
CA GLN D 314 45.04 -0.26 1.74
C GLN D 314 44.51 0.79 2.72
N VAL D 315 44.00 0.33 3.87
CA VAL D 315 43.46 1.26 4.86
C VAL D 315 44.56 2.18 5.39
N GLU D 316 45.73 1.60 5.70
CA GLU D 316 46.83 2.41 6.21
C GLU D 316 47.28 3.44 5.19
N LEU D 317 47.40 3.03 3.92
CA LEU D 317 47.84 3.96 2.89
C LEU D 317 46.80 5.06 2.67
N LEU D 318 45.51 4.71 2.70
CA LEU D 318 44.47 5.72 2.56
C LEU D 318 44.51 6.72 3.71
N TYR D 319 44.70 6.23 4.94
CA TYR D 319 44.78 7.13 6.08
C TYR D 319 46.00 8.04 5.98
N GLN D 320 47.13 7.49 5.55
CA GLN D 320 48.33 8.30 5.39
C GLN D 320 48.13 9.37 4.31
N SER D 321 47.48 9.01 3.21
CA SER D 321 47.18 9.99 2.17
C SER D 321 46.24 11.07 2.69
N LEU D 322 45.26 10.68 3.51
CA LEU D 322 44.34 11.66 4.07
C LEU D 322 45.06 12.64 4.98
N VAL D 323 45.89 12.12 5.89
CA VAL D 323 46.59 12.99 6.84
C VAL D 323 47.61 13.87 6.10
N ASN D 324 48.25 13.32 5.07
CA ASN D 324 49.25 14.07 4.32
C ASN D 324 48.64 15.26 3.58
N ASP D 325 47.32 15.25 3.38
CA ASP D 325 46.63 16.37 2.74
C ASP D 325 45.97 17.31 3.74
N ASN D 326 46.30 17.16 5.03
CA ASN D 326 45.78 18.01 6.10
C ASN D 326 44.27 17.94 6.23
N VAL D 327 43.65 16.84 5.81
CA VAL D 327 42.21 16.68 5.97
C VAL D 327 41.91 16.37 7.42
N ALA D 328 41.13 17.25 8.06
CA ALA D 328 40.87 17.09 9.50
C ALA D 328 39.86 15.99 9.79
N TYR D 329 38.88 15.79 8.90
CA TYR D 329 37.84 14.80 9.11
C TYR D 329 37.33 14.34 7.76
N ALA D 330 36.99 13.07 7.65
CA ALA D 330 36.50 12.52 6.39
C ALA D 330 35.70 11.27 6.66
N GLU D 331 34.86 10.92 5.70
CA GLU D 331 34.08 9.69 5.75
C GLU D 331 34.38 8.83 4.53
N ILE D 332 34.39 7.52 4.74
CA ILE D 332 34.79 6.56 3.71
C ILE D 332 33.60 5.66 3.41
N ARG D 333 33.28 5.53 2.13
CA ARG D 333 32.21 4.64 1.69
C ARG D 333 32.83 3.30 1.29
N CYS D 334 32.44 2.23 1.97
CA CYS D 334 32.99 0.91 1.73
C CYS D 334 31.86 -0.11 1.65
N SER D 335 32.06 -1.12 0.79
CA SER D 335 31.06 -2.17 0.59
C SER D 335 31.53 -3.45 1.29
N PRO D 336 30.91 -3.84 2.40
CA PRO D 336 31.38 -5.05 3.09
C PRO D 336 31.10 -6.34 2.33
N ASN D 337 29.88 -6.50 1.83
CA ASN D 337 29.52 -7.75 1.15
C ASN D 337 30.32 -7.94 -0.14
N ASN D 338 30.77 -6.84 -0.74
CA ASN D 338 31.61 -6.93 -1.94
C ASN D 338 32.99 -7.52 -1.66
N TYR D 339 33.39 -7.60 -0.38
CA TYR D 339 34.72 -8.08 -0.02
C TYR D 339 34.69 -9.39 0.76
N ALA D 340 33.53 -9.81 1.27
CA ALA D 340 33.47 -10.98 2.13
C ALA D 340 33.82 -12.25 1.38
N ASP D 341 34.46 -13.18 2.09
CA ASP D 341 34.89 -14.46 1.53
C ASP D 341 34.42 -15.56 2.46
N LYS D 342 33.43 -16.34 2.01
CA LYS D 342 32.89 -17.40 2.86
C LYS D 342 33.84 -18.59 2.95
N ASN D 343 34.45 -18.98 1.83
CA ASN D 343 35.35 -20.13 1.85
C ASN D 343 36.61 -19.87 2.65
N LYS D 344 36.93 -18.61 2.91
CA LYS D 344 38.03 -18.25 3.80
C LYS D 344 37.54 -17.86 5.19
N ASN D 345 36.26 -18.09 5.49
CA ASN D 345 35.66 -17.74 6.77
C ASN D 345 35.82 -16.25 7.07
N ARG D 346 35.50 -15.42 6.07
CA ARG D 346 35.60 -13.97 6.18
C ARG D 346 34.26 -13.39 5.75
N SER D 347 33.35 -13.23 6.71
CA SER D 347 32.04 -12.65 6.43
C SER D 347 32.15 -11.13 6.29
N ALA D 348 31.04 -10.53 5.85
CA ALA D 348 31.00 -9.07 5.72
C ALA D 348 31.18 -8.39 7.06
N TRP D 349 30.56 -8.95 8.11
CA TRP D 349 30.71 -8.38 9.44
C TRP D 349 32.17 -8.41 9.89
N VAL D 350 32.88 -9.50 9.60
CA VAL D 350 34.29 -9.59 9.93
C VAL D 350 35.09 -8.51 9.19
N VAL D 351 34.77 -8.30 7.92
CA VAL D 351 35.46 -7.28 7.13
C VAL D 351 35.25 -5.90 7.74
N LEU D 352 34.00 -5.58 8.07
CA LEU D 352 33.71 -4.27 8.66
C LEU D 352 34.36 -4.11 10.02
N GLN D 353 34.38 -5.18 10.83
CA GLN D 353 35.04 -5.10 12.12
C GLN D 353 36.53 -4.88 11.97
N ASP D 354 37.16 -5.54 11.00
CA ASP D 354 38.58 -5.32 10.75
C ASP D 354 38.85 -3.89 10.31
N ILE D 355 38.00 -3.35 9.43
CA ILE D 355 38.16 -1.97 8.98
C ILE D 355 38.04 -1.01 10.16
N ASN D 356 37.02 -1.22 10.99
CA ASN D 356 36.82 -0.37 12.15
C ASN D 356 38.01 -0.45 13.10
N ASP D 357 38.53 -1.66 13.33
CA ASP D 357 39.64 -1.82 14.26
C ASP D 357 40.90 -1.14 13.76
N THR D 358 41.23 -1.32 12.47
CA THR D 358 42.44 -0.68 11.97
C THR D 358 42.29 0.84 11.97
N PHE D 359 41.11 1.35 11.62
CA PHE D 359 40.91 2.79 11.62
C PHE D 359 41.03 3.37 13.02
N THR D 360 40.41 2.73 14.02
CA THR D 360 40.48 3.27 15.36
C THR D 360 41.89 3.15 15.94
N ARG D 361 42.60 2.06 15.61
CA ARG D 361 43.98 1.92 16.08
C ARG D 361 44.86 3.02 15.48
N LEU D 362 44.72 3.26 14.18
CA LEU D 362 45.52 4.31 13.55
C LEU D 362 45.19 5.68 14.13
N ILE D 363 43.90 5.95 14.35
CA ILE D 363 43.49 7.26 14.88
C ILE D 363 44.05 7.44 16.30
N THR D 364 43.95 6.41 17.13
CA THR D 364 44.48 6.51 18.49
C THR D 364 45.99 6.69 18.49
N GLU D 365 46.69 5.97 17.63
CA GLU D 365 48.14 6.12 17.55
C GLU D 365 48.52 7.53 17.11
N ALA D 366 47.81 8.08 16.13
CA ALA D 366 48.09 9.45 15.71
C ALA D 366 47.79 10.46 16.80
N LYS D 367 46.68 10.26 17.53
CA LYS D 367 46.30 11.22 18.57
C LYS D 367 47.29 11.19 19.74
N GLN D 368 47.75 10.00 20.12
CA GLN D 368 48.63 9.88 21.28
C GLN D 368 49.95 10.62 21.09
N LYS D 369 50.35 10.87 19.85
CA LYS D 369 51.58 11.61 19.58
C LYS D 369 51.35 13.11 19.44
N ASN D 370 50.13 13.58 19.67
CA ASN D 370 49.79 15.01 19.63
C ASN D 370 50.08 15.62 18.27
N GLN D 371 49.93 14.84 17.20
CA GLN D 371 50.09 15.35 15.85
C GLN D 371 48.72 15.79 15.32
N PHE D 372 48.67 16.07 14.02
CA PHE D 372 47.40 16.43 13.36
C PHE D 372 46.73 15.14 12.93
N TYR D 373 45.77 14.68 13.73
CA TYR D 373 45.09 13.41 13.50
C TYR D 373 43.74 13.64 12.82
N CYS D 374 43.43 12.79 11.85
CA CYS D 374 42.22 12.92 11.04
C CYS D 374 41.17 11.95 11.55
N HIS D 375 40.10 12.47 12.14
CA HIS D 375 38.98 11.64 12.55
C HIS D 375 38.27 11.10 11.32
N VAL D 376 37.85 9.83 11.38
CA VAL D 376 37.22 9.17 10.25
C VAL D 376 36.01 8.40 10.74
N ASN D 377 34.88 8.58 10.04
CA ASN D 377 33.67 7.80 10.27
C ASN D 377 33.36 7.00 9.01
N LEU D 378 32.60 5.93 9.17
CA LEU D 378 32.39 4.96 8.11
C LEU D 378 30.95 4.97 7.62
N LEU D 379 30.78 4.79 6.31
CA LEU D 379 29.49 4.68 5.66
C LEU D 379 29.40 3.33 4.97
N VAL D 380 28.32 2.61 5.22
CA VAL D 380 28.05 1.37 4.51
C VAL D 380 27.15 1.68 3.31
N ILE D 381 27.50 1.14 2.15
CA ILE D 381 26.81 1.43 0.91
C ILE D 381 25.89 0.26 0.58
N ALA D 382 24.60 0.56 0.43
CA ALA D 382 23.62 -0.43 -0.02
C ALA D 382 23.61 -0.41 -1.55
N SER D 383 24.61 -1.06 -2.13
CA SER D 383 24.78 -1.05 -3.57
C SER D 383 23.59 -1.68 -4.28
N ARG D 384 23.12 -0.99 -5.33
CA ARG D 384 22.00 -1.49 -6.13
C ARG D 384 22.57 -2.29 -7.30
N LYS D 385 22.87 -3.56 -7.04
CA LYS D 385 23.42 -4.46 -8.03
C LYS D 385 22.35 -5.03 -8.97
N PHE D 386 21.16 -4.44 -8.98
CA PHE D 386 20.07 -4.80 -9.88
C PHE D 386 19.60 -6.25 -9.66
N SER D 387 19.95 -7.14 -10.58
CA SER D 387 19.30 -8.45 -10.63
C SER D 387 19.67 -9.32 -9.44
N GLY D 388 20.96 -9.39 -9.11
CA GLY D 388 21.45 -10.38 -8.17
C GLY D 388 21.01 -10.22 -6.73
N ASP D 389 20.09 -11.10 -6.30
CA ASP D 389 19.78 -11.31 -4.88
C ASP D 389 19.37 -10.00 -4.19
N LEU D 390 18.21 -9.49 -4.61
CA LEU D 390 17.61 -8.28 -4.04
C LEU D 390 17.72 -8.25 -2.52
N SER D 391 17.48 -9.41 -1.88
CA SER D 391 17.49 -9.47 -0.42
C SER D 391 18.81 -9.02 0.18
N ASP D 392 19.91 -9.11 -0.58
CA ASP D 392 21.20 -8.66 -0.05
C ASP D 392 21.12 -7.21 0.40
N ILE D 393 20.34 -6.39 -0.30
CA ILE D 393 20.18 -5.00 0.11
C ILE D 393 19.71 -4.93 1.55
N SER D 394 18.67 -5.69 1.88
CA SER D 394 18.18 -5.76 3.25
C SER D 394 19.31 -6.11 4.21
N LYS D 395 20.11 -7.12 3.83
CA LYS D 395 21.23 -7.53 4.67
C LYS D 395 22.08 -6.33 5.05
N HIS D 396 22.44 -5.51 4.04
CA HIS D 396 23.29 -4.36 4.30
C HIS D 396 22.67 -3.47 5.37
N LEU D 397 21.38 -3.17 5.24
CA LEU D 397 20.71 -2.35 6.25
C LEU D 397 20.87 -2.97 7.63
N ALA D 398 20.58 -4.27 7.74
CA ALA D 398 20.75 -4.95 9.01
C ALA D 398 22.17 -4.80 9.50
N LEU D 399 23.14 -5.01 8.61
CA LEU D 399 24.54 -4.83 8.97
C LEU D 399 24.76 -3.47 9.60
N ALA D 400 24.28 -2.41 8.94
CA ALA D 400 24.40 -1.07 9.49
C ALA D 400 23.80 -1.01 10.89
N ILE D 401 22.57 -1.50 11.03
CA ILE D 401 21.88 -1.41 12.30
C ILE D 401 22.62 -2.21 13.35
N THR D 402 23.35 -3.25 12.94
CA THR D 402 24.09 -4.06 13.91
C THR D 402 25.54 -3.62 14.05
N ALA D 403 26.01 -2.69 13.22
CA ALA D 403 27.42 -2.28 13.28
C ALA D 403 27.63 -1.16 14.29
N MET D 404 26.92 -0.04 14.12
CA MET D 404 27.05 1.08 15.03
C MET D 404 26.68 0.71 16.46
N GLN D 405 25.89 -0.35 16.64
CA GLN D 405 25.53 -0.81 17.97
C GLN D 405 26.66 -1.55 18.67
N GLN D 406 27.88 -1.55 18.11
CA GLN D 406 29.00 -2.21 18.76
C GLN D 406 29.43 -1.53 20.05
N GLY D 407 28.94 -0.31 20.31
CA GLY D 407 29.15 0.33 21.58
C GLY D 407 30.38 1.22 21.70
N GLU D 408 31.56 0.62 21.70
CA GLU D 408 32.80 1.34 21.97
C GLU D 408 33.60 1.56 20.70
N GLY D 409 34.36 2.65 20.69
CA GLY D 409 35.23 2.99 19.57
C GLY D 409 35.13 4.46 19.26
N VAL D 410 36.22 5.01 18.72
CA VAL D 410 36.21 6.41 18.31
C VAL D 410 35.73 6.56 16.87
N CYS D 411 36.01 5.58 16.01
CA CYS D 411 35.46 5.53 14.67
C CYS D 411 34.23 4.62 14.69
N ARG D 412 33.12 5.11 14.15
CA ARG D 412 31.86 4.38 14.23
C ARG D 412 31.12 4.47 12.90
N ILE D 413 30.38 3.42 12.58
CA ILE D 413 29.49 3.45 11.43
C ILE D 413 28.43 4.50 11.67
N VAL D 414 28.37 5.52 10.83
CA VAL D 414 27.51 6.67 11.09
C VAL D 414 26.26 6.69 10.22
N GLY D 415 26.26 6.04 9.08
CA GLY D 415 25.07 6.08 8.24
C GLY D 415 25.15 5.06 7.12
N VAL D 416 24.10 5.06 6.30
CA VAL D 416 24.00 4.15 5.17
C VAL D 416 24.06 4.95 3.89
N ASP D 417 24.07 4.26 2.75
CA ASP D 417 24.13 4.92 1.44
C ASP D 417 23.13 4.26 0.52
N LEU D 418 22.70 5.01 -0.50
CA LEU D 418 21.77 4.51 -1.51
C LEU D 418 22.40 4.44 -2.89
N ALA D 419 23.74 4.47 -2.96
CA ALA D 419 24.42 4.47 -4.25
C ALA D 419 24.24 3.14 -4.95
N GLY D 420 24.47 3.16 -6.25
CA GLY D 420 24.32 1.98 -7.08
C GLY D 420 23.94 2.38 -8.49
N PHE D 421 23.35 1.43 -9.22
CA PHE D 421 22.92 1.65 -10.58
C PHE D 421 21.66 2.52 -10.56
N GLU D 422 21.84 3.83 -10.73
CA GLU D 422 20.70 4.73 -10.78
C GLU D 422 19.94 4.58 -12.08
N ASN D 423 18.62 4.62 -12.01
CA ASN D 423 17.76 4.46 -13.18
C ASN D 423 16.35 4.89 -12.79
N LYS D 424 15.49 4.99 -13.80
CA LYS D 424 14.09 5.29 -13.54
C LYS D 424 13.44 4.19 -12.71
N GLU D 425 13.71 2.93 -13.07
CA GLU D 425 13.20 1.81 -12.28
C GLU D 425 13.87 1.72 -10.92
N THR D 426 15.17 2.02 -10.85
CA THR D 426 15.92 1.96 -9.61
C THR D 426 15.85 3.25 -8.80
N ARG D 427 14.81 4.05 -9.02
CA ARG D 427 14.64 5.30 -8.29
C ARG D 427 14.39 5.02 -6.81
N ALA D 428 14.59 6.05 -5.98
CA ALA D 428 14.53 5.89 -4.54
C ALA D 428 13.16 5.46 -4.04
N SER D 429 12.10 5.71 -4.81
CA SER D 429 10.77 5.31 -4.38
C SER D 429 10.54 3.81 -4.44
N TYR D 430 11.48 3.05 -5.03
CA TYR D 430 11.29 1.61 -5.14
C TYR D 430 11.51 0.90 -3.81
N TYR D 431 12.53 1.30 -3.06
CA TYR D 431 12.91 0.64 -1.82
C TYR D 431 12.41 1.38 -0.58
N GLU D 432 11.32 2.13 -0.71
CA GLU D 432 10.90 3.01 0.37
C GLU D 432 10.39 2.25 1.60
N HIS D 433 9.99 0.99 1.45
CA HIS D 433 9.37 0.26 2.55
C HIS D 433 10.38 -0.30 3.54
N ASP D 434 11.66 -0.36 3.18
CA ASP D 434 12.64 -1.02 4.02
C ASP D 434 13.26 -0.10 5.06
N PHE D 435 13.46 1.18 4.74
CA PHE D 435 14.22 2.07 5.61
C PHE D 435 13.43 2.60 6.79
N LYS D 436 12.13 2.30 6.89
CA LYS D 436 11.35 2.77 8.03
C LYS D 436 11.91 2.30 9.36
N ALA D 437 12.88 1.39 9.36
CA ALA D 437 13.55 0.96 10.57
C ALA D 437 14.90 1.62 10.78
N VAL D 438 15.63 1.93 9.70
CA VAL D 438 16.99 2.46 9.86
C VAL D 438 16.96 3.82 10.54
N HIS D 439 15.93 4.63 10.26
CA HIS D 439 15.79 5.90 10.99
C HIS D 439 15.42 5.67 12.45
N ARG D 440 14.70 4.58 12.74
CA ARG D 440 14.29 4.31 14.11
C ARG D 440 15.47 3.97 15.01
N CYS D 441 16.61 3.60 14.45
CA CYS D 441 17.80 3.26 15.21
C CYS D 441 18.81 4.40 15.27
N GLY D 442 18.44 5.59 14.83
CA GLY D 442 19.31 6.75 14.92
C GLY D 442 20.34 6.87 13.82
N LEU D 443 20.22 6.09 12.74
CA LEU D 443 21.19 6.17 11.66
C LEU D 443 20.93 7.41 10.80
N ALA D 444 21.74 7.56 9.75
CA ALA D 444 21.59 8.64 8.80
C ALA D 444 21.60 8.06 7.39
N VAL D 445 20.87 8.70 6.49
CA VAL D 445 20.67 8.20 5.14
C VAL D 445 21.04 9.27 4.14
N THR D 446 21.91 8.93 3.19
CA THR D 446 22.18 9.75 2.03
C THR D 446 21.54 9.12 0.80
N ALA D 447 21.74 9.72 -0.36
CA ALA D 447 21.18 9.20 -1.60
C ALA D 447 21.97 9.76 -2.77
N HIS D 448 22.07 8.95 -3.82
CA HIS D 448 22.76 9.35 -5.04
C HIS D 448 21.74 9.45 -6.16
N ALA D 449 21.49 10.67 -6.63
CA ALA D 449 20.54 10.91 -7.70
C ALA D 449 20.81 12.26 -8.32
N GLY D 450 20.28 12.47 -9.53
CA GLY D 450 20.37 13.72 -10.24
C GLY D 450 21.29 13.69 -11.44
N GLU D 451 22.28 12.79 -11.44
CA GLU D 451 23.14 12.65 -12.61
C GLU D 451 22.35 12.18 -13.82
N ASN D 452 21.43 11.24 -13.61
CA ASN D 452 20.56 10.75 -14.68
C ASN D 452 19.09 10.70 -14.29
N ASP D 453 18.74 10.65 -13.01
CA ASP D 453 17.36 10.53 -12.59
C ASP D 453 16.60 11.84 -12.82
N ASP D 454 15.28 11.72 -12.86
CA ASP D 454 14.39 12.86 -13.02
C ASP D 454 14.21 13.58 -11.68
N PRO D 455 13.76 14.84 -11.72
CA PRO D 455 13.53 15.56 -10.46
C PRO D 455 12.53 14.89 -9.54
N GLU D 456 11.57 14.13 -10.10
CA GLU D 456 10.61 13.42 -9.26
C GLU D 456 11.31 12.42 -8.36
N GLY D 457 12.31 11.72 -8.88
CA GLY D 457 13.07 10.80 -8.05
C GLY D 457 13.79 11.50 -6.91
N ILE D 458 14.38 12.66 -7.19
CA ILE D 458 15.05 13.43 -6.15
C ILE D 458 14.06 13.87 -5.08
N TRP D 459 12.89 14.35 -5.50
CA TRP D 459 11.87 14.78 -4.55
C TRP D 459 11.42 13.61 -3.69
N GLN D 460 11.21 12.44 -4.30
CA GLN D 460 10.83 11.26 -3.52
C GLN D 460 11.92 10.87 -2.53
N ALA D 461 13.18 10.91 -2.98
CA ALA D 461 14.28 10.57 -2.07
C ALA D 461 14.33 11.52 -0.89
N VAL D 462 14.10 12.81 -1.13
CA VAL D 462 14.14 13.79 -0.04
C VAL D 462 12.96 13.58 0.91
N TYR D 463 11.77 13.34 0.37
CA TYR D 463 10.55 13.37 1.17
C TYR D 463 10.06 11.99 1.61
N SER D 464 10.59 10.90 1.06
CA SER D 464 10.19 9.57 1.50
C SER D 464 11.23 8.89 2.37
N LEU D 465 12.49 8.86 1.93
CA LEU D 465 13.57 8.30 2.72
C LEU D 465 14.16 9.29 3.71
N HIS D 466 13.77 10.55 3.64
CA HIS D 466 14.36 11.61 4.48
C HIS D 466 15.88 11.63 4.34
N ALA D 467 16.35 11.55 3.09
CA ALA D 467 17.77 11.54 2.81
C ALA D 467 18.41 12.87 3.19
N ARG D 468 19.22 12.86 4.25
CA ARG D 468 19.80 14.09 4.78
C ARG D 468 20.83 14.71 3.84
N ARG D 469 21.26 14.00 2.81
CA ARG D 469 22.20 14.53 1.84
C ARG D 469 21.89 13.95 0.47
N LEU D 470 22.58 14.45 -0.54
CA LEU D 470 22.41 14.01 -1.91
C LEU D 470 23.77 13.68 -2.52
N GLY D 471 23.78 13.42 -3.82
CA GLY D 471 25.02 13.11 -4.52
C GLY D 471 25.02 13.65 -5.93
N HIS D 472 26.12 14.27 -6.34
CA HIS D 472 26.25 14.89 -7.66
C HIS D 472 25.15 15.92 -7.87
N ALA D 473 24.05 15.51 -8.52
CA ALA D 473 22.87 16.35 -8.70
C ALA D 473 23.23 17.68 -9.37
N LEU D 474 23.66 17.56 -10.62
CA LEU D 474 24.20 18.69 -11.37
C LEU D 474 23.14 19.44 -12.17
N ASN D 475 21.87 19.08 -12.06
CA ASN D 475 20.84 19.68 -12.92
C ASN D 475 19.60 20.04 -12.10
N LEU D 476 19.79 20.66 -10.94
CA LEU D 476 18.65 21.22 -10.21
C LEU D 476 18.17 22.55 -10.79
N LEU D 477 18.95 23.17 -11.68
CA LEU D 477 18.57 24.47 -12.21
C LEU D 477 17.31 24.40 -13.07
N GLU D 478 16.96 23.21 -13.58
CA GLU D 478 15.77 23.06 -14.40
C GLU D 478 14.49 22.91 -13.58
N ALA D 479 14.60 22.74 -12.26
CA ALA D 479 13.44 22.61 -11.38
C ALA D 479 13.62 23.58 -10.22
N PRO D 480 13.26 24.86 -10.42
CA PRO D 480 13.43 25.84 -9.35
C PRO D 480 12.70 25.48 -8.07
N ASP D 481 11.53 24.83 -8.17
CA ASP D 481 10.84 24.38 -6.97
C ASP D 481 11.68 23.37 -6.20
N LEU D 482 12.35 22.47 -6.91
CA LEU D 482 13.21 21.48 -6.24
C LEU D 482 14.38 22.16 -5.55
N MET D 483 14.99 23.16 -6.20
CA MET D 483 16.05 23.91 -5.55
C MET D 483 15.53 24.61 -4.29
N ARG D 484 14.34 25.21 -4.39
CA ARG D 484 13.77 25.88 -3.23
C ARG D 484 13.59 24.92 -2.07
N THR D 485 12.93 23.78 -2.32
CA THR D 485 12.62 22.85 -1.24
C THR D 485 13.89 22.19 -0.70
N VAL D 486 14.94 22.08 -1.51
CA VAL D 486 16.21 21.60 -0.98
C VAL D 486 16.84 22.67 -0.08
N ILE D 487 16.75 23.94 -0.48
CA ILE D 487 17.40 25.00 0.27
C ILE D 487 16.73 25.19 1.64
N GLU D 488 15.40 25.26 1.67
CA GLU D 488 14.73 25.57 2.93
C GLU D 488 14.85 24.44 3.94
N ARG D 489 15.06 23.20 3.49
CA ARG D 489 15.19 22.07 4.37
C ARG D 489 16.63 21.83 4.83
N LYS D 490 17.58 22.63 4.35
CA LYS D 490 18.98 22.51 4.69
C LYS D 490 19.48 21.08 4.45
N ILE D 491 19.34 20.65 3.21
CA ILE D 491 19.79 19.33 2.78
C ILE D 491 21.05 19.53 1.94
N GLY D 492 22.20 19.17 2.52
CA GLY D 492 23.46 19.38 1.84
C GLY D 492 23.59 18.53 0.59
N VAL D 493 24.33 19.06 -0.37
CA VAL D 493 24.57 18.39 -1.64
C VAL D 493 26.06 18.13 -1.76
N GLU D 494 26.44 16.86 -1.91
CA GLU D 494 27.84 16.50 -2.12
C GLU D 494 28.15 16.58 -3.60
N MET D 495 29.19 17.33 -3.95
CA MET D 495 29.61 17.48 -5.33
C MET D 495 31.05 17.03 -5.49
N CYS D 496 31.32 16.30 -6.57
CA CYS D 496 32.66 15.86 -6.90
C CYS D 496 33.11 16.61 -8.14
N PRO D 497 33.94 17.65 -8.01
CA PRO D 497 34.29 18.46 -9.19
C PRO D 497 35.01 17.68 -10.27
N TYR D 498 36.07 16.96 -9.93
CA TYR D 498 36.84 16.24 -10.94
C TYR D 498 36.03 15.11 -11.57
N ALA D 499 35.22 14.40 -10.77
CA ALA D 499 34.44 13.29 -11.31
C ALA D 499 33.46 13.80 -12.37
N ASN D 500 32.75 14.89 -12.08
CA ASN D 500 31.85 15.48 -13.05
C ASN D 500 32.61 16.06 -14.24
N TYR D 501 33.81 16.61 -13.99
CA TYR D 501 34.62 17.16 -15.07
C TYR D 501 35.02 16.06 -16.05
N GLN D 502 35.32 14.87 -15.53
CA GLN D 502 35.60 13.74 -16.41
C GLN D 502 34.32 13.27 -17.12
N ILE D 503 33.22 13.17 -16.38
CA ILE D 503 31.98 12.64 -16.96
C ILE D 503 31.39 13.64 -17.95
N LYS D 504 31.31 14.91 -17.56
CA LYS D 504 30.67 15.96 -18.35
C LYS D 504 31.72 16.90 -18.92
N GLY D 505 31.26 17.98 -19.56
CA GLY D 505 32.17 18.94 -20.13
C GLY D 505 31.90 20.39 -19.75
N PHE D 506 32.86 20.99 -19.05
CA PHE D 506 32.82 22.41 -18.70
C PHE D 506 34.25 22.94 -18.79
N ALA D 507 34.46 24.15 -18.23
CA ALA D 507 35.78 24.76 -18.17
C ALA D 507 36.43 24.81 -19.56
N PRO D 508 35.97 25.71 -20.44
CA PRO D 508 36.26 25.61 -21.87
C PRO D 508 36.64 24.23 -22.40
N MET D 509 35.78 23.25 -22.17
CA MET D 509 35.95 21.94 -22.78
C MET D 509 35.77 22.06 -24.30
N PRO D 510 36.48 21.26 -25.08
CA PRO D 510 36.30 21.30 -26.54
C PRO D 510 34.87 20.91 -26.92
N ASN D 511 34.17 21.87 -27.53
CA ASN D 511 32.79 21.66 -28.01
C ASN D 511 31.87 21.25 -26.86
N PHE D 512 31.95 21.97 -25.75
CA PHE D 512 31.06 21.76 -24.60
C PHE D 512 30.74 23.13 -24.01
N SER D 513 29.52 23.60 -24.25
CA SER D 513 29.09 24.92 -23.80
C SER D 513 28.42 24.89 -22.44
N ALA D 514 28.24 23.72 -21.83
CA ALA D 514 27.62 23.63 -20.52
C ALA D 514 28.50 24.28 -19.46
N LEU D 515 27.86 24.92 -18.49
CA LEU D 515 28.54 25.61 -17.41
C LEU D 515 28.24 24.93 -16.08
N TYR D 516 29.26 24.81 -15.24
CA TYR D 516 29.09 24.20 -13.94
C TYR D 516 28.18 25.06 -13.07
N PRO D 517 27.27 24.45 -12.30
CA PRO D 517 26.32 25.23 -11.50
C PRO D 517 26.78 25.57 -10.08
N LEU D 518 28.06 25.38 -9.76
CA LEU D 518 28.50 25.57 -8.38
C LEU D 518 28.34 27.02 -7.93
N LYS D 519 28.71 27.98 -8.78
CA LYS D 519 28.58 29.38 -8.40
C LYS D 519 27.12 29.73 -8.12
N LYS D 520 26.22 29.32 -9.02
CA LYS D 520 24.80 29.57 -8.81
C LYS D 520 24.29 28.80 -7.59
N TYR D 521 24.79 27.59 -7.38
CA TYR D 521 24.38 26.80 -6.23
C TYR D 521 24.72 27.50 -4.92
N LEU D 522 25.93 28.05 -4.83
CA LEU D 522 26.34 28.74 -3.62
C LEU D 522 25.61 30.08 -3.48
N GLU D 523 25.37 30.77 -4.59
CA GLU D 523 24.63 32.02 -4.53
C GLU D 523 23.21 31.80 -4.02
N ALA D 524 22.55 30.74 -4.49
CA ALA D 524 21.20 30.44 -4.05
C ALA D 524 21.14 29.96 -2.61
N GLY D 525 22.26 29.53 -2.04
CA GLY D 525 22.30 29.12 -0.65
C GLY D 525 22.27 27.64 -0.40
N ILE D 526 22.36 26.80 -1.43
CA ILE D 526 22.45 25.36 -1.21
C ILE D 526 23.76 25.05 -0.49
N LEU D 527 23.75 23.99 0.31
CA LEU D 527 24.90 23.64 1.13
C LEU D 527 25.78 22.64 0.38
N VAL D 528 26.61 23.20 -0.51
CA VAL D 528 27.52 22.36 -1.30
C VAL D 528 28.68 21.90 -0.42
N SER D 529 28.99 20.62 -0.48
CA SER D 529 30.20 20.06 0.10
C SER D 529 31.03 19.48 -1.02
N VAL D 530 32.22 20.06 -1.23
CA VAL D 530 33.12 19.59 -2.28
C VAL D 530 33.81 18.32 -1.81
N ASN D 531 33.91 17.33 -2.70
CA ASN D 531 34.40 16.02 -2.33
C ASN D 531 35.35 15.52 -3.41
N THR D 532 35.71 14.25 -3.31
CA THR D 532 36.68 13.62 -4.21
C THR D 532 36.18 12.35 -4.88
N ASP D 533 35.12 11.72 -4.36
CA ASP D 533 34.60 10.46 -4.91
C ASP D 533 35.68 9.38 -4.87
N ASN D 534 36.37 9.20 -5.99
CA ASN D 534 37.43 8.20 -6.13
C ASN D 534 38.74 8.93 -6.37
N ILE D 535 39.55 9.08 -5.31
CA ILE D 535 40.79 9.81 -5.42
C ILE D 535 41.75 9.11 -6.39
N GLY D 536 41.86 7.79 -6.29
CA GLY D 536 42.76 7.07 -7.17
C GLY D 536 42.29 7.11 -8.62
N ILE D 537 41.00 6.89 -8.85
CA ILE D 537 40.48 6.88 -10.21
C ILE D 537 40.57 8.27 -10.82
N SER D 538 40.11 9.29 -10.09
CA SER D 538 40.19 10.65 -10.58
C SER D 538 41.60 11.23 -10.52
N GLY D 539 42.51 10.58 -9.79
CA GLY D 539 43.88 11.06 -9.69
C GLY D 539 43.99 12.44 -9.09
N ALA D 540 43.14 12.76 -8.11
CA ALA D 540 43.13 14.09 -7.52
C ALA D 540 42.53 14.02 -6.13
N ASN D 541 43.13 14.75 -5.21
CA ASN D 541 42.63 14.87 -3.84
C ASN D 541 41.74 16.12 -3.74
N LEU D 542 41.42 16.52 -2.51
CA LEU D 542 40.58 17.71 -2.31
C LEU D 542 41.27 18.96 -2.82
N SER D 543 42.58 19.06 -2.60
CA SER D 543 43.30 20.27 -2.98
C SER D 543 43.24 20.50 -4.48
N GLU D 544 43.43 19.45 -5.28
CA GLU D 544 43.35 19.60 -6.72
C GLU D 544 41.93 19.91 -7.19
N ASN D 545 40.93 19.36 -6.51
CA ASN D 545 39.55 19.75 -6.80
C ASN D 545 39.34 21.24 -6.59
N LEU D 546 39.86 21.76 -5.48
CA LEU D 546 39.71 23.19 -5.21
C LEU D 546 40.52 24.03 -6.19
N LEU D 547 41.67 23.54 -6.64
CA LEU D 547 42.41 24.23 -7.70
C LEU D 547 41.55 24.34 -8.96
N ILE D 548 41.02 23.21 -9.42
CA ILE D 548 40.27 23.19 -10.67
C ILE D 548 38.95 23.94 -10.52
N LEU D 549 38.49 24.13 -9.28
CA LEU D 549 37.30 24.96 -9.06
C LEU D 549 37.50 26.39 -9.53
N ALA D 550 38.75 26.85 -9.64
CA ALA D 550 39.00 28.21 -10.11
C ALA D 550 38.51 28.40 -11.53
N ASP D 551 39.09 27.69 -12.48
CA ASP D 551 38.73 27.83 -13.89
C ASP D 551 37.48 27.04 -14.26
N LEU D 552 37.03 26.11 -13.41
CA LEU D 552 35.81 25.38 -13.69
C LEU D 552 34.59 26.28 -13.45
N CYS D 553 34.65 27.10 -12.40
CA CYS D 553 33.62 28.09 -12.09
C CYS D 553 34.31 29.44 -11.91
N PRO D 554 34.63 30.12 -13.01
CA PRO D 554 35.31 31.42 -12.88
C PRO D 554 34.47 32.41 -12.08
N GLY D 555 35.15 33.21 -11.27
CA GLY D 555 34.50 34.16 -10.41
C GLY D 555 34.25 33.68 -8.99
N ILE D 556 35.12 32.83 -8.45
CA ILE D 556 34.97 32.30 -7.10
C ILE D 556 36.07 32.88 -6.23
N SER D 557 35.69 33.46 -5.11
CA SER D 557 36.66 34.01 -4.16
C SER D 557 37.00 32.98 -3.08
N ARG D 558 38.01 33.30 -2.29
CA ARG D 558 38.45 32.38 -1.24
C ARG D 558 37.42 32.28 -0.13
N MET D 559 36.63 33.34 0.09
CA MET D 559 35.54 33.25 1.05
C MET D 559 34.52 32.20 0.64
N ASP D 560 34.34 32.00 -0.67
CA ASP D 560 33.50 30.91 -1.14
C ASP D 560 34.08 29.56 -0.71
N VAL D 561 35.40 29.40 -0.79
CA VAL D 561 36.03 28.18 -0.33
C VAL D 561 35.81 27.99 1.16
N LEU D 562 35.94 29.07 1.94
CA LEU D 562 35.70 28.97 3.38
C LEU D 562 34.26 28.57 3.68
N THR D 563 33.30 29.15 2.95
CA THR D 563 31.90 28.77 3.14
C THR D 563 31.66 27.32 2.75
N ILE D 564 32.35 26.86 1.71
CA ILE D 564 32.24 25.45 1.30
C ILE D 564 32.75 24.55 2.42
N ILE D 565 33.87 24.91 3.03
CA ILE D 565 34.40 24.13 4.14
C ILE D 565 33.41 24.13 5.31
N ARG D 566 32.83 25.28 5.61
CA ARG D 566 31.84 25.34 6.69
C ARG D 566 30.63 24.46 6.38
N ASN D 567 30.18 24.46 5.13
CA ASN D 567 29.08 23.58 4.73
C ASN D 567 29.46 22.12 4.89
N SER D 568 30.69 21.77 4.51
CA SER D 568 31.15 20.39 4.65
C SER D 568 31.13 19.95 6.11
N ILE D 569 31.63 20.80 7.00
CA ILE D 569 31.63 20.47 8.42
C ILE D 569 30.28 20.68 9.08
N GLU D 570 29.30 21.22 8.35
CA GLU D 570 27.95 21.38 8.88
C GLU D 570 26.97 20.32 8.41
N THR D 571 27.19 19.76 7.22
CA THR D 571 26.32 18.73 6.66
C THR D 571 26.90 17.34 6.79
N ALA D 572 27.64 17.08 7.87
CA ALA D 572 28.24 15.78 8.13
C ALA D 572 27.56 15.18 9.36
N PHE D 573 27.22 13.89 9.28
CA PHE D 573 26.54 13.21 10.38
C PHE D 573 27.52 13.00 11.52
N ILE D 574 27.44 13.86 12.53
CA ILE D 574 28.29 13.77 13.71
C ILE D 574 27.53 14.35 14.90
N SER D 575 27.85 13.87 16.09
CA SER D 575 27.16 14.30 17.29
C SER D 575 27.46 15.77 17.58
N HIS D 576 26.57 16.40 18.34
CA HIS D 576 26.65 17.85 18.53
C HIS D 576 27.93 18.24 19.27
N ASP D 577 28.30 17.50 20.31
CA ASP D 577 29.51 17.83 21.07
C ASP D 577 30.75 17.69 20.20
N PHE D 578 30.85 16.59 19.46
CA PHE D 578 31.97 16.40 18.55
C PHE D 578 31.97 17.47 17.46
N ARG D 579 30.78 17.84 16.98
CA ARG D 579 30.68 18.92 16.01
C ARG D 579 31.20 20.22 16.59
N MET D 580 30.93 20.47 17.87
CA MET D 580 31.40 21.70 18.49
C MET D 580 32.91 21.73 18.62
N GLU D 581 33.50 20.61 19.06
CA GLU D 581 34.96 20.54 19.14
C GLU D 581 35.59 20.71 17.76
N LEU D 582 34.99 20.10 16.73
CA LEU D 582 35.50 20.27 15.38
C LEU D 582 35.38 21.73 14.93
N LEU D 583 34.27 22.38 15.27
CA LEU D 583 34.10 23.80 14.99
C LEU D 583 35.26 24.60 15.57
N LYS D 584 35.54 24.40 16.86
CA LYS D 584 36.57 25.18 17.53
C LYS D 584 37.95 24.93 16.91
N PHE D 585 38.28 23.65 16.69
CA PHE D 585 39.60 23.34 16.14
C PHE D 585 39.74 23.90 14.73
N PHE D 586 38.70 23.78 13.91
CA PHE D 586 38.76 24.29 12.54
C PHE D 586 38.91 25.80 12.53
N ASP D 587 38.19 26.50 13.43
CA ASP D 587 38.33 27.95 13.50
C ASP D 587 39.75 28.34 13.86
N ARG D 588 40.32 27.68 14.87
CA ARG D 588 41.69 27.99 15.25
C ARG D 588 42.66 27.75 14.08
N LYS D 589 42.49 26.62 13.38
CA LYS D 589 43.42 26.26 12.33
C LYS D 589 43.31 27.21 11.14
N ILE D 590 42.09 27.59 10.75
CA ILE D 590 41.94 28.51 9.63
C ILE D 590 42.52 29.87 9.99
N TYR D 591 42.28 30.34 11.22
CA TYR D 591 42.88 31.59 11.66
C TYR D 591 44.39 31.54 11.52
N ASP D 592 45.00 30.48 12.06
CA ASP D 592 46.46 30.36 12.01
C ASP D 592 46.97 30.31 10.58
N VAL D 593 46.32 29.53 9.71
CA VAL D 593 46.86 29.33 8.38
C VAL D 593 46.73 30.60 7.55
N CYS D 594 45.61 31.33 7.67
CA CYS D 594 45.51 32.56 6.91
C CYS D 594 46.45 33.63 7.45
N LEU D 595 46.60 33.71 8.78
CA LEU D 595 47.50 34.69 9.37
C LEU D 595 48.95 34.40 9.02
N ILE D 596 49.30 33.13 8.77
CA ILE D 596 50.67 32.83 8.37
C ILE D 596 50.85 32.97 6.86
N SER D 597 49.78 32.75 6.08
CA SER D 597 49.90 32.84 4.63
C SER D 597 49.90 34.27 4.13
N ILE D 598 49.28 35.20 4.87
CA ILE D 598 49.27 36.59 4.41
C ILE D 598 50.68 37.17 4.35
N LYS D 599 51.57 36.70 5.21
CA LYS D 599 52.89 37.31 5.32
C LYS D 599 53.68 37.16 4.02
N ASN D 600 53.61 35.99 3.39
CA ASN D 600 54.33 35.77 2.13
C ASN D 600 53.40 35.90 0.94
N ARG E 3 37.73 -55.17 8.21
CA ARG E 3 37.80 -56.18 7.17
C ARG E 3 37.88 -57.58 7.76
N VAL E 4 37.01 -57.85 8.74
CA VAL E 4 37.02 -59.15 9.41
C VAL E 4 36.43 -60.21 8.49
N LEU E 5 36.87 -61.44 8.69
CA LEU E 5 36.25 -62.59 8.04
C LEU E 5 36.09 -63.72 9.05
N LEU E 6 35.08 -64.54 8.82
CA LEU E 6 34.75 -65.67 9.67
C LEU E 6 34.69 -66.94 8.83
N CYS E 7 35.28 -68.02 9.36
CA CYS E 7 35.33 -69.29 8.65
C CYS E 7 35.06 -70.42 9.63
N SER E 8 34.48 -71.50 9.10
CA SER E 8 34.21 -72.71 9.87
C SER E 8 34.79 -73.90 9.11
N ALA E 9 35.52 -74.75 9.83
CA ALA E 9 36.18 -75.91 9.24
C ALA E 9 35.91 -77.15 10.06
N GLY E 10 35.73 -78.28 9.38
CA GLY E 10 35.53 -79.55 10.03
C GLY E 10 36.67 -80.53 9.76
N HIS E 11 36.44 -81.44 8.82
CA HIS E 11 37.46 -82.43 8.48
C HIS E 11 38.71 -81.77 7.93
N SER E 12 38.54 -80.77 7.06
CA SER E 12 39.66 -80.09 6.42
C SER E 12 40.08 -78.89 7.27
N SER E 13 41.24 -78.99 7.91
CA SER E 13 41.79 -77.89 8.69
C SER E 13 42.71 -76.99 7.88
N MET E 14 42.88 -77.27 6.60
CA MET E 14 43.79 -76.52 5.74
C MET E 14 43.08 -75.45 4.91
N VAL E 15 41.76 -75.31 5.07
CA VAL E 15 41.01 -74.36 4.25
C VAL E 15 41.35 -72.92 4.64
N VAL E 16 41.55 -72.67 5.94
CA VAL E 16 41.81 -71.29 6.40
C VAL E 16 43.09 -70.71 5.82
N PRO E 17 44.25 -71.38 5.89
CA PRO E 17 45.46 -70.79 5.30
C PRO E 17 45.34 -70.53 3.81
N GLU E 18 44.62 -71.41 3.09
CA GLU E 18 44.39 -71.16 1.66
C GLU E 18 43.52 -69.92 1.47
N ALA E 19 42.43 -69.82 2.22
CA ALA E 19 41.51 -68.70 2.08
C ALA E 19 42.14 -67.39 2.53
N PHE E 20 43.23 -67.44 3.30
CA PHE E 20 43.94 -66.23 3.66
C PHE E 20 44.48 -65.52 2.42
N HIS E 21 44.98 -66.28 1.45
CA HIS E 21 45.57 -65.72 0.25
C HIS E 21 44.54 -65.30 -0.80
N ALA E 22 43.24 -65.27 -0.44
CA ALA E 22 42.21 -64.89 -1.40
C ALA E 22 42.38 -63.45 -1.86
N VAL E 23 42.47 -62.52 -0.92
CA VAL E 23 42.65 -61.11 -1.24
C VAL E 23 44.13 -60.82 -1.35
N PRO E 24 44.60 -60.24 -2.46
CA PRO E 24 46.05 -59.95 -2.58
C PRO E 24 46.57 -59.05 -1.48
N GLU E 25 45.77 -58.08 -1.03
CA GLU E 25 46.16 -57.26 0.11
C GLU E 25 46.17 -58.09 1.40
N GLY E 26 45.20 -58.98 1.55
CA GLY E 26 45.08 -59.78 2.74
C GLY E 26 43.93 -59.34 3.63
N PHE E 27 44.05 -59.68 4.91
CA PHE E 27 43.05 -59.32 5.90
C PHE E 27 43.76 -58.93 7.21
N GLU E 28 43.04 -58.19 8.05
CA GLU E 28 43.55 -57.78 9.34
C GLU E 28 42.95 -58.53 10.52
N GLU E 29 41.76 -59.10 10.37
CA GLU E 29 41.11 -59.86 11.43
C GLU E 29 40.58 -61.16 10.85
N VAL E 30 41.10 -62.28 11.36
CA VAL E 30 40.65 -63.62 10.96
C VAL E 30 40.14 -64.32 12.22
N HIS E 31 38.85 -64.65 12.22
CA HIS E 31 38.23 -65.34 13.35
C HIS E 31 37.58 -66.63 12.84
N VAL E 32 37.65 -67.69 13.64
CA VAL E 32 37.19 -69.01 13.25
C VAL E 32 36.29 -69.58 14.32
N PHE E 33 35.13 -70.12 13.92
CA PHE E 33 34.22 -70.84 14.80
C PHE E 33 34.09 -72.27 14.29
N THR E 34 34.23 -73.23 15.19
CA THR E 34 34.12 -74.64 14.82
C THR E 34 33.55 -75.42 15.99
N THR E 35 33.04 -76.60 15.70
CA THR E 35 32.47 -77.46 16.73
C THR E 35 33.58 -78.02 17.62
N ASP E 36 33.17 -78.74 18.67
CA ASP E 36 34.09 -79.32 19.63
C ASP E 36 34.73 -80.62 19.15
N SER E 37 34.69 -80.89 17.85
CA SER E 37 35.31 -82.11 17.31
C SER E 37 36.80 -82.12 17.60
N GLU E 38 37.30 -83.26 18.08
CA GLU E 38 38.70 -83.36 18.48
C GLU E 38 39.65 -83.42 17.28
N LYS E 39 39.13 -83.75 16.10
CA LYS E 39 40.02 -83.91 14.94
C LYS E 39 40.59 -82.58 14.45
N PHE E 40 39.98 -81.46 14.82
CA PHE E 40 40.52 -80.16 14.44
C PHE E 40 41.84 -79.91 15.19
N ASN E 41 42.84 -79.42 14.46
CA ASN E 41 44.15 -79.11 15.04
C ASN E 41 44.37 -77.61 15.00
N PRO E 42 44.19 -76.89 16.11
CA PRO E 42 44.42 -75.43 16.10
C PRO E 42 45.88 -75.03 16.16
N VAL E 43 46.78 -75.97 16.46
CA VAL E 43 48.20 -75.63 16.58
C VAL E 43 48.76 -75.17 15.24
N VAL E 44 48.40 -75.85 14.15
CA VAL E 44 48.90 -75.47 12.84
C VAL E 44 48.41 -74.08 12.46
N LEU E 45 47.13 -73.79 12.70
CA LEU E 45 46.58 -72.48 12.39
C LEU E 45 47.26 -71.39 13.23
N ASN E 46 47.48 -71.66 14.51
CA ASN E 46 48.15 -70.68 15.37
C ASN E 46 49.57 -70.44 14.89
N ASP E 47 50.29 -71.50 14.53
CA ASP E 47 51.66 -71.35 14.05
C ASP E 47 51.70 -70.54 12.76
N PHE E 48 50.78 -70.81 11.84
CA PHE E 48 50.75 -70.05 10.59
C PHE E 48 50.42 -68.58 10.85
N PHE E 49 49.45 -68.31 11.73
CA PHE E 49 49.02 -66.94 11.97
C PHE E 49 50.03 -66.15 12.81
N HIS E 50 50.88 -66.84 13.58
CA HIS E 50 51.92 -66.14 14.33
C HIS E 50 52.99 -65.56 13.42
N SER E 51 53.12 -66.06 12.19
CA SER E 51 54.10 -65.51 11.26
C SER E 51 53.79 -64.06 10.90
N LEU E 52 52.51 -63.69 10.91
CA LEU E 52 52.09 -62.32 10.64
C LEU E 52 51.32 -61.78 11.84
N PRO E 53 51.99 -61.07 12.75
CA PRO E 53 51.28 -60.56 13.94
C PRO E 53 50.22 -59.51 13.62
N ASN E 54 50.25 -58.92 12.43
CA ASN E 54 49.29 -57.88 12.07
C ASN E 54 47.87 -58.41 11.93
N VAL E 55 47.68 -59.72 11.90
CA VAL E 55 46.37 -60.32 11.75
C VAL E 55 45.86 -60.72 13.13
N ARG E 56 44.73 -60.15 13.54
CA ARG E 56 44.13 -60.49 14.82
C ARG E 56 43.32 -61.77 14.67
N PHE E 57 43.71 -62.80 15.42
CA PHE E 57 43.10 -64.12 15.30
C PHE E 57 42.65 -64.63 16.67
N SER E 58 41.48 -65.26 16.68
CA SER E 58 40.93 -65.84 17.91
C SER E 58 40.33 -67.21 17.57
N ILE E 59 40.27 -68.06 18.59
CA ILE E 59 39.73 -69.41 18.45
C ILE E 59 38.47 -69.50 19.30
N THR E 60 37.35 -69.82 18.66
CA THR E 60 36.07 -70.00 19.33
C THR E 60 35.52 -71.38 19.00
N LYS E 61 35.10 -72.11 20.02
CA LYS E 61 34.62 -73.47 19.88
C LYS E 61 33.27 -73.61 20.56
N CYS E 62 32.44 -74.51 20.01
CA CYS E 62 31.13 -74.79 20.59
C CYS E 62 31.30 -75.81 21.70
N HIS E 63 31.37 -75.33 22.94
CA HIS E 63 31.56 -76.21 24.08
C HIS E 63 30.33 -77.10 24.29
N GLY E 64 30.58 -78.37 24.59
CA GLY E 64 29.51 -79.31 24.82
C GLY E 64 28.84 -79.86 23.58
N LEU E 65 29.43 -79.64 22.40
CA LEU E 65 28.86 -80.13 21.14
C LEU E 65 30.02 -80.68 20.31
N ALA E 66 30.31 -81.96 20.48
CA ALA E 66 31.40 -82.59 19.73
C ALA E 66 31.05 -82.67 18.24
N ASP E 67 29.84 -83.12 17.93
CA ASP E 67 29.40 -83.24 16.55
C ASP E 67 27.87 -83.22 16.51
N ILE E 68 27.33 -82.97 15.34
CA ILE E 68 25.89 -82.87 15.15
C ILE E 68 25.37 -84.24 14.72
N LEU E 69 24.45 -84.81 15.50
CA LEU E 69 23.86 -86.09 15.17
C LEU E 69 22.35 -86.15 15.37
N ASN E 70 21.72 -85.08 15.85
CA ASN E 70 20.28 -85.05 16.04
C ASN E 70 19.80 -83.61 15.93
N GLU E 71 18.49 -83.42 16.11
CA GLU E 71 17.91 -82.09 15.95
C GLU E 71 18.39 -81.14 17.04
N ARG E 72 18.53 -81.63 18.27
CA ARG E 72 18.96 -80.78 19.37
C ARG E 72 20.36 -80.22 19.13
N ASP E 73 21.28 -81.09 18.69
CA ASP E 73 22.64 -80.62 18.39
C ASP E 73 22.64 -79.58 17.29
N PHE E 74 21.87 -79.81 16.21
CA PHE E 74 21.85 -78.85 15.11
C PHE E 74 21.27 -77.52 15.55
N GLU E 75 20.17 -77.53 16.31
CA GLU E 75 19.57 -76.25 16.71
C GLU E 75 20.47 -75.51 17.69
N PHE E 76 21.10 -76.23 18.63
CA PHE E 76 22.05 -75.59 19.54
C PHE E 76 23.22 -74.98 18.78
N TYR E 77 23.78 -75.72 17.83
CA TYR E 77 24.90 -75.19 17.06
C TYR E 77 24.48 -74.00 16.22
N GLN E 78 23.29 -74.05 15.63
CA GLN E 78 22.81 -72.93 14.83
C GLN E 78 22.62 -71.69 15.69
N GLU E 79 22.05 -71.85 16.89
CA GLU E 79 21.87 -70.71 17.77
C GLU E 79 23.23 -70.13 18.19
N MET E 80 24.18 -70.98 18.55
CA MET E 80 25.49 -70.48 18.94
C MET E 80 26.21 -69.82 17.78
N LEU E 81 26.09 -70.39 16.58
CA LEU E 81 26.72 -69.79 15.40
C LEU E 81 26.13 -68.43 15.09
N TRP E 82 24.80 -68.31 15.17
CA TRP E 82 24.16 -67.02 14.97
C TRP E 82 24.61 -66.01 16.01
N GLN E 83 24.71 -66.44 17.27
CA GLN E 83 25.16 -65.55 18.33
C GLN E 83 26.60 -65.08 18.07
N TRP E 84 27.47 -66.00 17.68
CA TRP E 84 28.87 -65.65 17.45
C TRP E 84 29.01 -64.74 16.24
N TYR E 85 28.25 -65.00 15.17
CA TYR E 85 28.28 -64.15 14.00
C TYR E 85 27.79 -62.74 14.33
N LEU E 86 26.72 -62.63 15.12
CA LEU E 86 26.21 -61.32 15.50
C LEU E 86 27.17 -60.58 16.43
N THR E 87 27.82 -61.31 17.36
CA THR E 87 28.77 -60.65 18.26
C THR E 87 30.02 -60.19 17.54
N LYS E 88 30.52 -60.98 16.59
CA LYS E 88 31.73 -60.63 15.86
C LYS E 88 31.42 -59.85 14.59
N MET E 89 30.19 -59.38 14.43
CA MET E 89 29.83 -58.50 13.33
C MET E 89 30.62 -57.20 13.44
N PRO E 90 31.37 -56.81 12.41
CA PRO E 90 32.05 -55.50 12.44
C PRO E 90 31.04 -54.36 12.52
N ASP E 91 31.48 -53.25 13.11
CA ASP E 91 30.57 -52.17 13.44
C ASP E 91 29.91 -51.55 12.21
N ASN E 92 30.65 -51.40 11.11
CA ASN E 92 30.14 -50.67 9.96
C ASN E 92 30.29 -51.38 8.62
N GLU E 93 31.09 -52.45 8.53
CA GLU E 93 31.33 -53.12 7.26
C GLU E 93 31.02 -54.61 7.39
N LEU E 94 30.35 -55.14 6.38
CA LEU E 94 30.04 -56.57 6.38
C LEU E 94 31.33 -57.39 6.24
N PRO E 95 31.42 -58.52 6.94
CA PRO E 95 32.65 -59.31 6.92
C PRO E 95 32.70 -60.23 5.70
N TYR E 96 33.75 -61.03 5.63
CA TYR E 96 33.89 -62.06 4.62
C TYR E 96 33.63 -63.43 5.25
N VAL E 97 33.24 -64.40 4.42
CA VAL E 97 32.94 -65.74 4.90
C VAL E 97 33.33 -66.77 3.86
N CYS E 98 33.82 -67.91 4.35
CA CYS E 98 34.12 -69.08 3.53
C CYS E 98 33.58 -70.32 4.23
N LEU E 99 32.92 -71.20 3.48
CA LEU E 99 32.33 -72.40 4.02
C LEU E 99 32.95 -73.67 3.45
N SER E 100 34.24 -73.62 3.10
CA SER E 100 34.90 -74.73 2.45
C SER E 100 35.28 -75.85 3.40
N GLY E 101 35.13 -75.67 4.70
CA GLY E 101 35.48 -76.67 5.68
C GLY E 101 34.28 -77.17 6.44
N GLY E 102 34.23 -78.48 6.68
CA GLY E 102 33.18 -79.10 7.46
C GLY E 102 32.18 -79.85 6.59
N ILE E 103 31.29 -80.55 7.28
CA ILE E 103 30.21 -81.29 6.63
C ILE E 103 29.16 -80.30 6.17
N LYS E 104 28.18 -80.78 5.40
CA LYS E 104 27.19 -79.88 4.82
C LYS E 104 26.38 -79.15 5.87
N SER E 105 26.29 -79.70 7.09
CA SER E 105 25.43 -79.12 8.11
C SER E 105 25.89 -77.71 8.49
N MET E 106 27.11 -77.60 9.05
CA MET E 106 27.57 -76.30 9.52
C MET E 106 27.84 -75.35 8.36
N SER E 107 28.27 -75.87 7.20
CA SER E 107 28.46 -75.02 6.05
C SER E 107 27.15 -74.38 5.61
N ALA E 108 26.08 -75.18 5.53
CA ALA E 108 24.78 -74.64 5.17
C ALA E 108 24.25 -73.68 6.24
N SER E 109 24.50 -73.99 7.52
CA SER E 109 24.06 -73.11 8.59
C SER E 109 24.75 -71.75 8.50
N LEU E 110 26.06 -71.75 8.26
CA LEU E 110 26.79 -70.49 8.15
C LEU E 110 26.40 -69.73 6.90
N GLN E 111 26.11 -70.44 5.80
CA GLN E 111 25.64 -69.77 4.60
C GLN E 111 24.28 -69.13 4.82
N LYS E 112 23.38 -69.82 5.53
CA LYS E 112 22.08 -69.24 5.85
C LYS E 112 22.24 -68.03 6.75
N ALA E 113 23.14 -68.10 7.73
CA ALA E 113 23.39 -66.95 8.60
C ALA E 113 23.93 -65.78 7.81
N ALA E 114 24.86 -66.03 6.87
CA ALA E 114 25.39 -64.97 6.03
C ALA E 114 24.30 -64.34 5.17
N THR E 115 23.40 -65.16 4.63
CA THR E 115 22.28 -64.61 3.88
C THR E 115 21.36 -63.79 4.78
N LEU E 116 21.24 -64.16 6.05
CA LEU E 116 20.40 -63.41 6.97
C LEU E 116 21.08 -62.13 7.44
N PHE E 117 22.35 -62.22 7.83
CA PHE E 117 23.06 -61.08 8.40
C PHE E 117 23.83 -60.26 7.37
N GLY E 118 24.07 -60.80 6.19
CA GLY E 118 24.78 -60.05 5.16
C GLY E 118 26.28 -60.09 5.33
N ALA E 119 26.99 -60.39 4.25
CA ALA E 119 28.45 -60.42 4.27
C ALA E 119 28.97 -59.83 2.96
N GLN E 120 30.13 -59.18 3.03
CA GLN E 120 30.70 -58.55 1.85
C GLN E 120 31.04 -59.61 0.81
N SER E 121 31.95 -60.52 1.14
CA SER E 121 32.39 -61.56 0.21
C SER E 121 32.15 -62.92 0.86
N VAL E 122 31.07 -63.57 0.44
CA VAL E 122 30.87 -64.99 0.71
C VAL E 122 31.48 -65.78 -0.44
N PHE E 123 32.30 -66.78 -0.13
CA PHE E 123 33.06 -67.44 -1.16
C PHE E 123 33.47 -68.83 -0.70
N HIS E 124 34.06 -69.58 -1.62
CA HIS E 124 34.52 -70.94 -1.39
C HIS E 124 35.94 -71.05 -1.92
N VAL E 125 36.71 -71.97 -1.36
CA VAL E 125 38.04 -72.30 -1.87
C VAL E 125 38.10 -73.80 -2.12
N LEU E 126 38.48 -74.17 -3.33
CA LEU E 126 38.59 -75.58 -3.70
C LEU E 126 40.04 -75.90 -4.04
N ALA E 127 40.49 -77.06 -3.60
CA ALA E 127 41.86 -77.52 -3.80
C ALA E 127 41.84 -78.79 -4.64
N ASP E 128 42.69 -78.82 -5.67
CA ASP E 128 42.69 -79.95 -6.59
C ASP E 128 43.20 -81.23 -5.91
N ASN E 129 44.22 -81.11 -5.07
CA ASN E 129 44.89 -82.26 -4.49
C ASN E 129 45.03 -82.15 -2.98
N ASN E 130 43.97 -81.63 -2.32
CA ASN E 130 43.78 -81.55 -0.88
C ASN E 130 45.08 -81.39 -0.09
N PRO E 131 45.79 -80.27 -0.27
CA PRO E 131 47.11 -80.13 0.38
C PRO E 131 47.02 -80.21 1.90
N ARG E 132 48.05 -80.82 2.50
CA ARG E 132 48.07 -81.14 3.93
C ARG E 132 49.01 -80.26 4.74
N ASN E 133 50.24 -80.05 4.27
CA ASN E 133 51.21 -79.22 4.99
C ASN E 133 51.30 -77.85 4.32
N ILE E 134 51.61 -76.83 5.12
CA ILE E 134 51.56 -75.45 4.65
C ILE E 134 52.44 -75.24 3.42
N GLU E 135 53.56 -75.96 3.34
CA GLU E 135 54.41 -75.89 2.16
C GLU E 135 53.66 -76.30 0.91
N GLU E 136 52.73 -77.24 1.00
CA GLU E 136 52.00 -77.62 -0.19
C GLU E 136 50.76 -76.76 -0.46
N MET E 137 50.22 -76.04 0.52
CA MET E 137 49.41 -74.87 0.16
C MET E 137 50.21 -73.88 -0.67
N PHE E 138 51.44 -73.59 -0.25
CA PHE E 138 52.27 -72.67 -1.04
C PHE E 138 52.51 -73.21 -2.44
N ASP E 139 52.83 -74.50 -2.56
CA ASP E 139 53.05 -75.10 -3.87
C ASP E 139 51.79 -75.07 -4.73
N ALA E 140 50.63 -75.36 -4.14
CA ALA E 140 49.38 -75.36 -4.89
C ALA E 140 49.01 -73.96 -5.36
N LEU E 141 49.15 -72.96 -4.50
CA LEU E 141 48.79 -71.60 -4.89
C LEU E 141 49.77 -71.07 -5.94
N GLN E 142 51.06 -71.41 -5.83
CA GLN E 142 52.00 -71.05 -6.87
C GLN E 142 51.72 -71.80 -8.16
N LYS E 143 51.19 -73.01 -8.08
CA LYS E 143 50.80 -73.77 -9.27
C LYS E 143 49.46 -73.33 -9.84
N GLY E 144 48.67 -72.58 -9.07
CA GLY E 144 47.35 -72.19 -9.52
C GLY E 144 46.27 -73.22 -9.36
N GLN E 145 46.57 -74.35 -8.70
CA GLN E 145 45.57 -75.40 -8.51
C GLN E 145 44.43 -74.91 -7.63
N ILE E 146 44.75 -74.13 -6.59
CA ILE E 146 43.73 -73.64 -5.67
C ILE E 146 42.85 -72.63 -6.39
N HIS E 147 41.54 -72.86 -6.35
CA HIS E 147 40.57 -71.99 -7.01
C HIS E 147 39.71 -71.29 -5.96
N PHE E 148 39.46 -70.00 -6.19
CA PHE E 148 38.70 -69.18 -5.27
C PHE E 148 37.35 -68.87 -5.93
N ILE E 149 36.36 -69.70 -5.63
CA ILE E 149 35.05 -69.61 -6.25
C ILE E 149 34.23 -68.55 -5.52
N GLU E 150 33.51 -67.75 -6.30
CA GLU E 150 32.56 -66.79 -5.75
C GLU E 150 31.20 -66.99 -6.41
N MET E 151 30.14 -66.95 -5.61
CA MET E 151 28.78 -67.01 -6.11
C MET E 151 28.10 -65.65 -6.06
N GLY E 152 28.81 -64.61 -5.71
CA GLY E 152 28.29 -63.26 -5.77
C GLY E 152 28.27 -62.59 -4.40
N TYR E 153 28.17 -61.27 -4.43
CA TYR E 153 28.00 -60.48 -3.21
C TYR E 153 26.68 -60.84 -2.55
N GLU E 154 26.67 -60.84 -1.22
CA GLU E 154 25.49 -61.19 -0.43
C GLU E 154 25.15 -60.03 0.49
N PRO E 155 24.36 -59.05 0.02
CA PRO E 155 24.02 -57.90 0.87
C PRO E 155 23.26 -58.30 2.12
N GLY E 156 22.42 -59.32 2.07
CA GLY E 156 21.64 -59.71 3.22
C GLY E 156 20.64 -58.64 3.59
N TRP E 157 20.21 -58.67 4.86
CA TRP E 157 19.28 -57.69 5.38
C TRP E 157 20.02 -56.39 5.70
N ALA E 158 19.48 -55.26 5.24
CA ALA E 158 20.12 -53.99 5.49
C ALA E 158 20.12 -53.64 6.97
N ALA E 159 19.00 -53.84 7.64
CA ALA E 159 18.87 -53.53 9.07
C ALA E 159 18.40 -54.78 9.81
N LEU E 160 19.36 -55.66 10.12
CA LEU E 160 19.13 -56.73 11.08
C LEU E 160 20.34 -56.99 11.97
N ARG E 161 21.40 -56.19 11.85
CA ARG E 161 22.57 -56.33 12.71
C ARG E 161 22.27 -56.02 14.18
N ARG E 162 21.11 -55.41 14.45
CA ARG E 162 20.76 -54.90 15.77
C ARG E 162 20.89 -55.95 16.85
N LEU E 163 21.03 -57.22 16.45
CA LEU E 163 21.20 -58.30 17.42
C LEU E 163 22.41 -58.06 18.30
N LYS E 164 23.41 -57.33 17.80
CA LYS E 164 24.59 -57.05 18.63
C LYS E 164 24.21 -56.27 19.89
N LYS E 165 23.21 -55.40 19.81
CA LYS E 165 22.83 -54.54 20.92
C LYS E 165 21.53 -54.93 21.60
N ILE E 166 20.59 -55.54 20.88
CA ILE E 166 19.29 -55.87 21.47
C ILE E 166 19.44 -56.96 22.51
N LEU E 167 20.35 -57.91 22.27
CA LEU E 167 20.55 -58.98 23.24
C LEU E 167 21.87 -58.78 23.97
N PRO E 168 21.93 -59.09 25.27
CA PRO E 168 23.20 -58.95 26.00
C PRO E 168 24.10 -60.17 25.82
N ILE E 169 23.80 -60.98 24.79
CA ILE E 169 24.55 -62.17 24.42
C ILE E 169 24.37 -63.26 25.46
N ASN E 170 24.43 -62.90 26.74
CA ASN E 170 24.28 -63.82 27.88
C ASN E 170 25.02 -65.14 27.63
N GLU E 171 26.34 -65.02 27.49
CA GLU E 171 27.16 -66.17 27.13
C GLU E 171 27.09 -67.26 28.20
N GLY E 172 27.12 -66.89 29.47
CA GLY E 172 27.13 -67.87 30.54
C GLY E 172 25.91 -68.76 30.56
N CYS E 173 26.08 -70.01 30.15
CA CYS E 173 25.01 -70.99 30.03
C CYS E 173 25.62 -72.31 29.56
N SER E 174 24.83 -73.38 29.65
CA SER E 174 25.27 -74.67 29.15
C SER E 174 24.42 -75.19 27.99
N ARG E 175 23.12 -75.40 28.18
CA ARG E 175 22.29 -76.08 27.18
C ARG E 175 20.90 -75.46 27.07
N ASP E 176 20.81 -74.13 27.07
CA ASP E 176 19.48 -73.51 27.09
C ASP E 176 19.59 -72.08 26.53
N ASN E 177 18.56 -71.28 26.79
CA ASN E 177 18.40 -69.90 26.31
C ASN E 177 18.62 -69.79 24.80
N PHE E 178 18.01 -70.71 24.05
CA PHE E 178 17.96 -70.57 22.60
C PHE E 178 17.17 -69.32 22.25
N LYS E 179 17.75 -68.48 21.37
CA LYS E 179 17.12 -67.23 20.95
C LYS E 179 17.11 -67.11 19.43
N PRO E 180 16.31 -67.94 18.75
CA PRO E 180 16.08 -67.71 17.32
C PRO E 180 14.88 -66.80 17.12
N LEU E 181 14.48 -66.11 18.18
CA LEU E 181 13.25 -65.30 18.16
C LEU E 181 13.29 -64.23 17.07
N ILE E 182 14.49 -63.77 16.69
CA ILE E 182 14.57 -62.78 15.62
C ILE E 182 14.12 -63.38 14.30
N SER E 183 14.56 -64.60 14.00
CA SER E 183 14.08 -65.28 12.80
C SER E 183 12.59 -65.50 12.84
N LYS E 184 12.04 -65.82 14.02
CA LYS E 184 10.61 -65.97 14.16
C LYS E 184 9.88 -64.67 13.87
N SER E 185 10.40 -63.55 14.36
CA SER E 185 9.78 -62.26 14.07
C SER E 185 9.86 -61.94 12.58
N ILE E 186 11.00 -62.23 11.95
CA ILE E 186 11.15 -61.94 10.52
C ILE E 186 10.17 -62.76 9.70
N GLU E 187 10.06 -64.06 10.00
CA GLU E 187 9.15 -64.91 9.24
C GLU E 187 7.70 -64.55 9.51
N GLU E 188 7.36 -64.16 10.75
CA GLU E 188 6.00 -63.73 11.04
C GLU E 188 5.65 -62.47 10.25
N ILE E 189 6.57 -61.50 10.23
CA ILE E 189 6.34 -60.27 9.46
C ILE E 189 6.16 -60.58 7.99
N LEU E 190 7.02 -61.44 7.44
CA LEU E 190 6.92 -61.76 6.02
C LEU E 190 5.62 -62.49 5.71
N SER E 191 5.21 -63.42 6.56
CA SER E 191 3.95 -64.12 6.34
C SER E 191 2.76 -63.19 6.45
N ASN E 192 2.78 -62.28 7.42
CA ASN E 192 1.67 -61.34 7.58
C ASN E 192 1.57 -60.40 6.38
N VAL E 193 2.71 -59.90 5.90
CA VAL E 193 2.71 -59.00 4.75
C VAL E 193 2.58 -59.75 3.43
N LYS E 194 2.62 -61.08 3.45
CA LYS E 194 2.37 -61.88 2.26
C LYS E 194 0.93 -62.36 2.15
N ILE E 195 0.29 -62.68 3.29
CA ILE E 195 -1.10 -63.15 3.25
C ILE E 195 -2.01 -62.07 2.69
N MET E 196 -1.91 -60.87 3.23
CA MET E 196 -2.53 -59.68 2.66
C MET E 196 -1.42 -58.90 1.94
N ALA E 197 -1.82 -57.97 1.09
CA ALA E 197 -0.87 -57.22 0.26
C ALA E 197 -1.08 -55.72 0.38
N SER E 198 -1.09 -55.19 1.60
CA SER E 198 -0.77 -55.78 2.90
C SER E 198 -1.49 -55.04 4.03
N ASP E 199 -1.26 -55.48 5.26
CA ASP E 199 -1.83 -54.80 6.43
C ASP E 199 -1.18 -53.43 6.56
N THR E 200 -1.94 -52.38 6.24
CA THR E 200 -1.42 -51.02 6.22
C THR E 200 -1.88 -50.16 7.39
N GLY E 201 -3.07 -50.42 7.93
CA GLY E 201 -3.51 -49.67 9.09
C GLY E 201 -2.55 -49.77 10.25
N LYS E 202 -1.76 -50.85 10.29
CA LYS E 202 -0.67 -51.01 11.23
C LYS E 202 0.66 -50.51 10.69
N SER E 203 0.88 -50.66 9.38
CA SER E 203 2.20 -50.42 8.78
C SER E 203 2.24 -49.17 7.91
N ASN E 204 1.27 -48.27 8.01
CA ASN E 204 1.30 -47.02 7.28
C ASN E 204 1.35 -45.81 8.20
N GLN E 205 0.42 -45.74 9.17
CA GLN E 205 0.42 -44.62 10.11
C GLN E 205 1.71 -44.54 10.91
N LEU E 206 2.44 -45.65 11.03
CA LEU E 206 3.68 -45.64 11.76
C LEU E 206 4.76 -44.86 11.00
N PRO E 207 5.43 -43.90 11.64
CA PRO E 207 6.58 -43.25 10.98
C PRO E 207 7.85 -44.06 11.20
N PHE E 208 9.00 -43.51 10.82
CA PHE E 208 10.28 -44.19 11.01
C PHE E 208 10.23 -45.57 10.37
N PRO E 209 10.37 -45.65 9.04
CA PRO E 209 9.98 -46.86 8.29
C PRO E 209 10.57 -48.19 8.78
N SER E 210 11.46 -48.17 9.76
CA SER E 210 12.08 -49.40 10.23
C SER E 210 11.26 -50.13 11.28
N LEU E 211 10.07 -49.62 11.64
CA LEU E 211 9.24 -50.31 12.62
C LEU E 211 8.40 -51.44 12.03
N ALA E 212 8.45 -51.65 10.72
CA ALA E 212 7.73 -52.79 10.15
C ALA E 212 8.45 -54.10 10.43
N ILE E 213 9.73 -54.03 10.84
CA ILE E 213 10.52 -55.23 11.15
C ILE E 213 10.22 -55.67 12.57
N LEU E 214 9.41 -54.90 13.28
CA LEU E 214 9.19 -55.14 14.69
C LEU E 214 8.51 -56.50 14.91
N PRO E 215 8.87 -57.22 15.97
CA PRO E 215 8.23 -58.50 16.26
C PRO E 215 6.76 -58.32 16.61
N PRO E 216 5.93 -59.34 16.38
CA PRO E 216 4.49 -59.15 16.61
C PRO E 216 4.14 -58.85 18.06
N ILE E 217 4.88 -59.40 19.02
CA ILE E 217 4.64 -59.11 20.42
C ILE E 217 5.01 -57.66 20.75
N ALA E 218 5.89 -57.05 19.95
CA ALA E 218 6.32 -55.68 20.16
C ALA E 218 5.51 -54.68 19.34
N GLN E 219 5.08 -55.05 18.14
CA GLN E 219 4.43 -54.10 17.26
C GLN E 219 3.09 -53.64 17.82
N GLN E 220 2.24 -54.59 18.22
CA GLN E 220 0.92 -54.21 18.73
C GLN E 220 0.99 -53.62 20.12
N TRP E 221 2.10 -53.85 20.83
CA TRP E 221 2.27 -53.30 22.18
C TRP E 221 2.27 -51.79 22.17
N LEU E 222 2.65 -51.17 21.05
CA LEU E 222 2.62 -49.72 20.94
C LEU E 222 1.19 -49.19 21.00
N GLN E 223 0.24 -49.90 20.37
CA GLN E 223 -1.15 -49.46 20.38
C GLN E 223 -1.77 -49.49 21.76
N LEU E 224 -1.23 -50.27 22.68
CA LEU E 224 -1.75 -50.29 24.03
C LEU E 224 -1.54 -48.92 24.68
N PRO E 225 -2.46 -48.46 25.53
CA PRO E 225 -2.35 -47.11 26.10
C PRO E 225 -1.08 -46.93 26.90
N LEU E 226 -0.53 -45.72 26.83
CA LEU E 226 0.67 -45.39 27.58
C LEU E 226 0.40 -45.43 29.08
N SER E 227 1.36 -45.94 29.84
CA SER E 227 1.26 -46.06 31.28
C SER E 227 2.52 -45.53 31.94
N ALA E 228 2.38 -45.20 33.22
CA ALA E 228 3.53 -44.70 33.98
C ALA E 228 4.65 -45.72 34.06
N ASN E 229 4.32 -47.01 33.97
CA ASN E 229 5.34 -48.05 34.00
C ASN E 229 6.31 -47.92 32.83
N ASP E 230 5.83 -47.41 31.69
CA ASP E 230 6.70 -47.20 30.53
C ASP E 230 7.56 -45.95 30.67
N GLY E 231 7.52 -45.27 31.83
CA GLY E 231 8.27 -44.05 31.98
C GLY E 231 9.77 -44.22 31.75
N ALA E 232 10.32 -45.35 32.20
CA ALA E 232 11.72 -45.64 31.91
C ALA E 232 11.96 -45.70 30.41
N TRP E 233 11.08 -46.39 29.69
CA TRP E 233 11.16 -46.40 28.24
C TRP E 233 11.07 -44.99 27.68
N ILE E 234 10.32 -44.10 28.33
CA ILE E 234 10.23 -42.71 27.89
C ILE E 234 11.61 -42.06 27.91
N GLN E 235 12.42 -42.39 28.92
CA GLN E 235 13.78 -41.85 28.98
C GLN E 235 14.69 -42.45 27.93
N ASN E 236 14.25 -43.49 27.20
CA ASN E 236 15.11 -44.18 26.26
C ASN E 236 15.00 -43.65 24.83
N LEU E 237 13.82 -43.25 24.39
CA LEU E 237 13.68 -42.75 23.02
C LEU E 237 14.44 -41.44 22.85
N PRO E 238 15.19 -41.26 21.77
CA PRO E 238 15.67 -39.92 21.42
C PRO E 238 14.48 -39.01 21.17
N LYS E 239 14.64 -37.75 21.54
CA LYS E 239 13.54 -36.78 21.47
C LYS E 239 14.02 -35.51 20.78
N VAL E 240 13.07 -34.60 20.55
CA VAL E 240 13.34 -33.28 20.00
C VAL E 240 12.63 -32.25 20.88
N ASP E 241 13.31 -31.14 21.16
CA ASP E 241 12.74 -30.03 21.89
C ASP E 241 12.89 -28.76 21.06
N LEU E 242 11.79 -28.01 20.92
CA LEU E 242 11.77 -26.81 20.11
C LEU E 242 11.53 -25.54 20.89
N HIS E 243 10.79 -25.60 22.00
CA HIS E 243 10.51 -24.45 22.85
C HIS E 243 11.32 -24.63 24.13
N CYS E 244 12.56 -24.15 24.11
CA CYS E 244 13.49 -24.29 25.24
C CYS E 244 14.17 -22.94 25.46
N HIS E 245 13.58 -22.11 26.33
CA HIS E 245 14.17 -20.82 26.65
C HIS E 245 15.45 -21.03 27.46
N LEU E 246 16.49 -20.27 27.10
CA LEU E 246 17.78 -20.41 27.78
C LEU E 246 17.69 -19.95 29.22
N GLY E 247 17.00 -18.84 29.48
CA GLY E 247 16.95 -18.25 30.79
C GLY E 247 16.04 -18.93 31.79
N GLY E 248 15.31 -19.95 31.39
CA GLY E 248 14.40 -20.63 32.29
C GLY E 248 14.96 -21.90 32.91
N PHE E 249 16.28 -22.04 32.87
CA PHE E 249 16.92 -23.25 33.39
C PHE E 249 17.24 -23.12 34.88
N ALA E 250 18.08 -22.14 35.25
CA ALA E 250 18.54 -22.00 36.62
C ALA E 250 17.45 -21.30 37.43
N THR E 251 16.67 -22.08 38.17
CA THR E 251 15.57 -21.54 38.94
C THR E 251 15.60 -21.96 40.40
N SER E 252 16.03 -23.19 40.69
CA SER E 252 16.08 -23.69 42.05
C SER E 252 17.02 -24.90 42.08
N GLY E 253 17.20 -25.46 43.27
CA GLY E 253 18.05 -26.61 43.44
C GLY E 253 19.53 -26.28 43.39
N SER E 254 20.33 -27.33 43.27
CA SER E 254 21.78 -27.16 43.18
C SER E 254 22.22 -26.48 41.91
N LEU E 255 21.37 -26.50 40.86
CA LEU E 255 21.70 -25.83 39.61
C LEU E 255 21.84 -24.32 39.82
N LEU E 256 20.90 -23.73 40.56
CA LEU E 256 20.98 -22.31 40.85
C LEU E 256 22.20 -21.98 41.69
N ASP E 257 22.52 -22.84 42.66
CA ASP E 257 23.72 -22.62 43.46
C ASP E 257 24.98 -22.66 42.59
N GLN E 258 25.02 -23.60 41.64
CA GLN E 258 26.16 -23.69 40.74
C GLN E 258 26.28 -22.44 39.88
N VAL E 259 25.17 -21.95 39.34
CA VAL E 259 25.25 -20.79 38.45
C VAL E 259 25.61 -19.53 39.23
N ARG E 260 25.11 -19.40 40.48
CA ARG E 260 25.51 -18.26 41.30
C ARG E 260 26.98 -18.33 41.66
N GLY E 261 27.47 -19.52 42.01
CA GLY E 261 28.87 -19.66 42.38
C GLY E 261 29.82 -19.38 41.23
N ALA E 262 29.42 -19.75 40.01
CA ALA E 262 30.27 -19.55 38.85
C ALA E 262 30.42 -18.09 38.45
N ALA E 263 29.62 -17.19 39.02
CA ALA E 263 29.74 -15.77 38.70
C ALA E 263 31.10 -15.25 39.16
N SER E 264 31.72 -14.42 38.32
CA SER E 264 33.04 -13.89 38.64
C SER E 264 32.99 -12.98 39.86
N GLU E 265 31.96 -12.15 39.97
CA GLU E 265 31.82 -11.20 41.08
C GLU E 265 30.56 -11.51 41.87
N PRO E 266 30.66 -12.28 42.96
CA PRO E 266 29.46 -12.61 43.74
C PRO E 266 28.95 -11.46 44.61
N ASP E 267 29.67 -10.35 44.70
CA ASP E 267 29.21 -9.24 45.52
C ASP E 267 27.92 -8.65 44.98
N LEU E 268 27.81 -8.51 43.66
CA LEU E 268 26.61 -8.02 43.02
C LEU E 268 25.55 -9.10 42.80
N ILE E 269 25.72 -10.27 43.44
CA ILE E 269 24.81 -11.39 43.27
C ILE E 269 23.86 -11.42 44.46
N ASP E 270 22.55 -11.35 44.18
CA ASP E 270 21.53 -11.35 45.23
C ASP E 270 21.00 -12.76 45.40
N ARG E 271 21.71 -13.53 46.24
CA ARG E 271 21.28 -14.89 46.55
C ARG E 271 20.07 -14.94 47.47
N THR E 272 19.69 -13.80 48.07
CA THR E 272 18.59 -13.81 49.04
C THR E 272 17.27 -14.15 48.37
N PHE E 273 17.04 -13.64 47.16
CA PHE E 273 15.78 -13.89 46.47
C PHE E 273 15.62 -15.37 46.17
N SER E 274 14.46 -15.91 46.51
CA SER E 274 14.12 -17.31 46.28
C SER E 274 12.69 -17.41 45.81
N PRO E 275 12.36 -18.43 45.02
CA PRO E 275 10.97 -18.59 44.56
C PRO E 275 10.17 -19.47 45.49
N GLN E 276 8.91 -19.08 45.70
CA GLN E 276 8.02 -19.88 46.54
C GLN E 276 7.60 -21.15 45.81
N GLU E 277 7.44 -22.22 46.57
CA GLU E 277 7.05 -23.50 45.99
C GLU E 277 5.53 -23.60 45.87
N ILE E 278 5.08 -24.56 45.08
CA ILE E 278 3.67 -24.86 44.90
C ILE E 278 3.45 -26.31 45.34
N ALA E 279 2.43 -26.53 46.17
CA ALA E 279 2.17 -27.85 46.72
C ALA E 279 1.97 -28.87 45.60
N GLY E 280 2.61 -30.03 45.74
CA GLY E 280 2.52 -31.05 44.73
C GLY E 280 3.40 -30.83 43.53
N TRP E 281 4.40 -29.97 43.63
CA TRP E 281 5.25 -29.65 42.49
C TRP E 281 5.93 -30.92 41.98
N PRO E 282 6.05 -31.09 40.66
CA PRO E 282 5.69 -30.14 39.59
C PRO E 282 4.21 -30.20 39.20
N ARG E 283 3.41 -31.07 39.84
CA ARG E 283 1.97 -31.13 39.59
C ARG E 283 1.30 -30.02 40.39
N SER E 284 1.14 -28.86 39.74
CA SER E 284 0.50 -27.73 40.39
C SER E 284 -0.93 -28.11 40.81
N HIS E 285 -1.25 -27.83 42.07
CA HIS E 285 -2.53 -28.25 42.64
C HIS E 285 -3.63 -27.20 42.45
N LYS E 286 -3.34 -26.08 41.82
CA LYS E 286 -4.34 -25.05 41.59
C LYS E 286 -3.91 -24.22 40.38
N SER E 287 -4.85 -23.46 39.84
CA SER E 287 -4.56 -22.59 38.71
C SER E 287 -3.54 -21.53 39.09
N ILE E 288 -2.53 -21.35 38.24
CA ILE E 288 -1.47 -20.38 38.47
C ILE E 288 -1.41 -19.45 37.26
N SER E 289 -1.30 -18.15 37.51
CA SER E 289 -1.20 -17.19 36.44
C SER E 289 0.25 -17.02 35.99
N LEU E 290 0.43 -16.35 34.85
CA LEU E 290 1.77 -16.11 34.33
C LEU E 290 2.57 -15.18 35.23
N ASP E 291 1.91 -14.33 36.02
CA ASP E 291 2.62 -13.49 36.99
C ASP E 291 3.35 -14.35 38.01
N LYS E 292 2.68 -15.37 38.56
CA LYS E 292 3.35 -16.26 39.49
C LYS E 292 4.37 -17.15 38.79
N TYR E 293 4.13 -17.49 37.52
CA TYR E 293 5.13 -18.19 36.73
C TYR E 293 6.44 -17.39 36.70
N MET E 294 6.34 -16.10 36.34
CA MET E 294 7.52 -15.25 36.29
C MET E 294 8.12 -15.07 37.69
N GLU E 295 7.28 -14.91 38.71
CA GLU E 295 7.78 -14.75 40.07
C GLU E 295 8.60 -15.96 40.50
N LEU E 296 8.13 -17.16 40.16
CA LEU E 296 8.93 -18.36 40.39
C LEU E 296 10.22 -18.30 39.58
N GLY E 297 10.13 -17.82 38.33
CA GLY E 297 11.30 -17.64 37.52
C GLY E 297 12.06 -16.35 37.72
N ASN E 298 11.56 -15.46 38.58
CA ASN E 298 12.22 -14.18 38.82
C ASN E 298 13.56 -14.31 39.51
N ALA E 299 13.89 -15.48 40.06
CA ALA E 299 15.20 -15.68 40.67
C ALA E 299 16.33 -15.54 39.67
N ASN E 300 16.06 -15.76 38.38
CA ASN E 300 17.05 -15.63 37.33
C ASN E 300 16.54 -14.66 36.28
N GLY E 301 17.42 -14.34 35.32
CA GLY E 301 17.08 -13.42 34.26
C GLY E 301 18.24 -12.55 33.85
N SER E 302 17.95 -11.31 33.43
CA SER E 302 19.01 -10.40 33.03
C SER E 302 19.94 -10.07 34.19
N LYS E 303 19.37 -9.85 35.38
CA LYS E 303 20.18 -9.47 36.54
C LYS E 303 21.15 -10.58 36.94
N LEU E 304 20.84 -11.83 36.59
CA LEU E 304 21.70 -12.95 36.95
C LEU E 304 22.70 -13.28 35.87
N LEU E 305 22.30 -13.22 34.60
CA LEU E 305 23.11 -13.70 33.49
C LEU E 305 24.01 -12.63 32.90
N LYS E 306 24.09 -11.45 33.52
CA LYS E 306 24.90 -10.38 32.97
C LYS E 306 26.37 -10.75 32.92
N ASP E 307 26.88 -11.42 33.95
CA ASP E 307 28.28 -11.81 33.98
C ASP E 307 28.56 -12.87 32.92
N LYS E 308 29.80 -12.89 32.44
CA LYS E 308 30.20 -13.84 31.39
C LYS E 308 30.32 -15.24 31.94
N GLY E 309 30.97 -15.40 33.11
CA GLY E 309 31.20 -16.73 33.64
C GLY E 309 29.92 -17.47 33.98
N CYS E 310 28.95 -16.77 34.59
CA CYS E 310 27.68 -17.41 34.90
C CYS E 310 26.94 -17.80 33.63
N LEU E 311 27.05 -16.99 32.58
CA LEU E 311 26.43 -17.34 31.30
C LEU E 311 27.06 -18.59 30.71
N ILE E 312 28.39 -18.69 30.77
CA ILE E 312 29.08 -19.88 30.28
C ILE E 312 28.64 -21.10 31.08
N ARG E 313 28.55 -20.96 32.40
CA ARG E 313 28.10 -22.08 33.23
C ARG E 313 26.67 -22.47 32.88
N GLN E 314 25.80 -21.47 32.68
CA GLN E 314 24.41 -21.76 32.37
C GLN E 314 24.28 -22.52 31.06
N VAL E 315 25.00 -22.08 30.02
CA VAL E 315 24.89 -22.77 28.73
C VAL E 315 25.50 -24.17 28.81
N GLU E 316 26.61 -24.33 29.53
CA GLU E 316 27.22 -25.66 29.63
C GLU E 316 26.31 -26.63 30.36
N LEU E 317 25.73 -26.21 31.49
CA LEU E 317 24.79 -27.08 32.19
C LEU E 317 23.51 -27.29 31.40
N LEU E 318 23.08 -26.32 30.61
CA LEU E 318 21.94 -26.55 29.71
C LEU E 318 22.25 -27.67 28.75
N TYR E 319 23.43 -27.64 28.12
CA TYR E 319 23.83 -28.72 27.23
C TYR E 319 23.87 -30.05 27.95
N GLN E 320 24.47 -30.07 29.15
CA GLN E 320 24.65 -31.33 29.86
C GLN E 320 23.31 -31.94 30.25
N SER E 321 22.41 -31.14 30.84
CA SER E 321 21.11 -31.64 31.24
C SER E 321 20.28 -32.03 30.03
N LEU E 322 20.39 -31.28 28.94
CA LEU E 322 19.66 -31.60 27.72
C LEU E 322 20.12 -32.92 27.14
N VAL E 323 21.43 -33.21 27.22
CA VAL E 323 21.93 -34.52 26.82
C VAL E 323 21.43 -35.59 27.77
N ASN E 324 21.33 -35.27 29.07
CA ASN E 324 20.93 -36.26 30.05
C ASN E 324 19.53 -36.81 29.81
N ASP E 325 18.72 -36.10 29.02
CA ASP E 325 17.39 -36.58 28.66
C ASP E 325 17.38 -37.34 27.34
N ASN E 326 18.56 -37.71 26.83
CA ASN E 326 18.69 -38.50 25.60
C ASN E 326 18.07 -37.80 24.39
N VAL E 327 18.04 -36.47 24.42
CA VAL E 327 17.51 -35.68 23.31
C VAL E 327 18.57 -35.57 22.22
N ALA E 328 18.12 -35.51 20.96
CA ALA E 328 19.02 -35.47 19.82
C ALA E 328 19.09 -34.12 19.13
N TYR E 329 18.00 -33.37 19.08
CA TYR E 329 18.00 -32.06 18.45
C TYR E 329 17.26 -31.06 19.33
N ALA E 330 17.70 -29.82 19.30
CA ALA E 330 17.10 -28.77 20.12
C ALA E 330 17.21 -27.43 19.41
N GLU E 331 16.27 -26.53 19.76
CA GLU E 331 16.27 -25.14 19.29
C GLU E 331 16.13 -24.25 20.52
N ILE E 332 17.24 -23.71 20.98
CA ILE E 332 17.24 -22.88 22.19
C ILE E 332 16.83 -21.46 21.84
N ARG E 333 15.82 -20.95 22.52
CA ARG E 333 15.38 -19.57 22.36
C ARG E 333 16.11 -18.70 23.37
N CYS E 334 16.84 -17.69 22.87
CA CYS E 334 17.62 -16.81 23.71
C CYS E 334 17.16 -15.36 23.55
N SER E 335 17.59 -14.53 24.48
CA SER E 335 17.29 -13.10 24.50
C SER E 335 18.61 -12.34 24.61
N PRO E 336 19.28 -12.10 23.49
CA PRO E 336 20.66 -11.57 23.55
C PRO E 336 20.75 -10.20 24.20
N ASN E 337 19.99 -9.24 23.68
CA ASN E 337 20.06 -7.87 24.20
C ASN E 337 19.69 -7.81 25.68
N ASN E 338 18.87 -8.75 26.14
CA ASN E 338 18.49 -8.79 27.55
C ASN E 338 19.71 -9.02 28.45
N TYR E 339 20.72 -9.73 27.95
CA TYR E 339 21.91 -10.04 28.73
C TYR E 339 23.13 -9.28 28.22
N ALA E 340 22.94 -8.02 27.84
CA ALA E 340 24.01 -7.16 27.35
C ALA E 340 24.29 -6.07 28.36
N ASP E 341 25.58 -5.81 28.60
CA ASP E 341 26.01 -4.82 29.58
C ASP E 341 26.98 -3.85 28.89
N LYS E 342 26.50 -2.63 28.62
CA LYS E 342 27.35 -1.63 27.98
C LYS E 342 28.47 -1.18 28.91
N ASN E 343 28.21 -1.14 30.22
CA ASN E 343 29.24 -0.72 31.16
C ASN E 343 30.47 -1.63 31.08
N LYS E 344 30.26 -2.92 30.90
CA LYS E 344 31.35 -3.87 30.69
C LYS E 344 31.74 -3.97 29.23
N ASN E 345 31.13 -3.15 28.36
CA ASN E 345 31.31 -3.23 26.91
C ASN E 345 30.87 -4.61 26.40
N ARG E 346 29.80 -5.13 26.97
CA ARG E 346 29.25 -6.43 26.59
C ARG E 346 28.02 -6.18 25.70
N SER E 347 28.27 -6.00 24.41
CA SER E 347 27.18 -5.76 23.47
C SER E 347 26.41 -7.05 23.22
N ALA E 348 25.18 -6.89 22.70
CA ALA E 348 24.33 -8.04 22.45
C ALA E 348 24.94 -8.99 21.44
N TRP E 349 25.53 -8.45 20.37
CA TRP E 349 26.17 -9.29 19.37
C TRP E 349 27.33 -10.08 19.98
N VAL E 350 28.06 -9.45 20.90
CA VAL E 350 29.15 -10.14 21.59
C VAL E 350 28.61 -11.33 22.38
N VAL E 351 27.49 -11.14 23.08
CA VAL E 351 26.90 -12.22 23.86
C VAL E 351 26.44 -13.35 22.94
N LEU E 352 25.79 -13.00 21.83
CA LEU E 352 25.34 -14.02 20.89
C LEU E 352 26.52 -14.80 20.32
N GLN E 353 27.59 -14.10 19.96
CA GLN E 353 28.79 -14.77 19.46
C GLN E 353 29.39 -15.67 20.51
N ASP E 354 29.41 -15.22 21.77
CA ASP E 354 29.95 -16.04 22.85
C ASP E 354 29.15 -17.33 22.99
N ILE E 355 27.82 -17.22 23.01
CA ILE E 355 26.99 -18.41 23.17
C ILE E 355 27.16 -19.35 21.97
N ASN E 356 27.21 -18.79 20.76
CA ASN E 356 27.38 -19.61 19.57
C ASN E 356 28.73 -20.32 19.59
N ASP E 357 29.79 -19.62 19.98
CA ASP E 357 31.12 -20.24 20.05
C ASP E 357 31.15 -21.34 21.10
N THR E 358 30.51 -21.12 22.26
CA THR E 358 30.47 -22.14 23.29
C THR E 358 29.76 -23.39 22.78
N PHE E 359 28.61 -23.21 22.13
CA PHE E 359 27.88 -24.36 21.61
C PHE E 359 28.68 -25.06 20.51
N THR E 360 29.36 -24.31 19.66
CA THR E 360 30.17 -24.92 18.61
C THR E 360 31.29 -25.76 19.21
N ARG E 361 31.99 -25.21 20.20
CA ARG E 361 33.07 -25.96 20.85
C ARG E 361 32.54 -27.21 21.51
N LEU E 362 31.41 -27.10 22.21
CA LEU E 362 30.84 -28.26 22.89
C LEU E 362 30.40 -29.33 21.90
N ILE E 363 29.76 -28.93 20.80
CA ILE E 363 29.34 -29.89 19.79
C ILE E 363 30.54 -30.60 19.18
N THR E 364 31.59 -29.84 18.86
CA THR E 364 32.77 -30.44 18.27
C THR E 364 33.44 -31.42 19.23
N GLU E 365 33.54 -31.05 20.51
CA GLU E 365 34.17 -31.94 21.48
C GLU E 365 33.33 -33.17 21.75
N ALA E 366 32.00 -33.05 21.66
CA ALA E 366 31.14 -34.22 21.85
C ALA E 366 31.21 -35.15 20.65
N LYS E 367 31.30 -34.59 19.44
CA LYS E 367 31.36 -35.42 18.24
C LYS E 367 32.74 -36.06 18.08
N GLN E 368 33.79 -35.42 18.61
CA GLN E 368 35.13 -35.98 18.48
C GLN E 368 35.26 -37.31 19.21
N LYS E 369 34.65 -37.42 20.39
CA LYS E 369 34.76 -38.62 21.21
C LYS E 369 33.77 -39.71 20.83
N ASN E 370 32.92 -39.46 19.84
CA ASN E 370 31.94 -40.44 19.36
C ASN E 370 30.98 -40.85 20.49
N GLN E 371 30.34 -39.85 21.08
CA GLN E 371 29.34 -40.03 22.11
C GLN E 371 27.97 -39.60 21.58
N PHE E 372 26.98 -39.63 22.45
CA PHE E 372 25.63 -39.20 22.11
C PHE E 372 25.51 -37.70 22.33
N TYR E 373 25.28 -36.95 21.26
CA TYR E 373 25.22 -35.50 21.30
C TYR E 373 23.93 -35.02 20.64
N CYS E 374 23.49 -33.83 21.01
CA CYS E 374 22.29 -33.23 20.46
C CYS E 374 22.66 -31.96 19.71
N HIS E 375 22.37 -31.93 18.41
CA HIS E 375 22.58 -30.72 17.63
C HIS E 375 21.62 -29.64 18.09
N VAL E 376 22.15 -28.43 18.28
CA VAL E 376 21.39 -27.33 18.87
C VAL E 376 21.48 -26.13 17.95
N ASN E 377 20.31 -25.58 17.60
CA ASN E 377 20.21 -24.32 16.88
C ASN E 377 19.71 -23.24 17.83
N LEU E 378 19.79 -21.99 17.36
CA LEU E 378 19.50 -20.84 18.21
C LEU E 378 18.42 -19.98 17.58
N LEU E 379 17.53 -19.46 18.42
CA LEU E 379 16.45 -18.58 17.99
C LEU E 379 16.52 -17.29 18.82
N VAL E 380 16.78 -16.17 18.14
CA VAL E 380 16.74 -14.88 18.81
C VAL E 380 15.30 -14.46 19.02
N ILE E 381 15.00 -13.92 20.20
CA ILE E 381 13.64 -13.57 20.59
C ILE E 381 13.41 -12.10 20.32
N ALA E 382 12.33 -11.79 19.60
CA ALA E 382 11.85 -10.42 19.41
C ALA E 382 10.62 -10.26 20.30
N SER E 383 10.85 -9.72 21.50
CA SER E 383 9.80 -9.66 22.52
C SER E 383 8.73 -8.65 22.11
N ARG E 384 7.72 -8.50 22.99
CA ARG E 384 6.61 -7.61 22.73
C ARG E 384 6.92 -6.15 23.03
N LYS E 385 8.12 -5.85 23.53
CA LYS E 385 8.54 -4.48 23.85
C LYS E 385 7.61 -3.86 24.90
N PHE E 386 7.66 -4.45 26.09
CA PHE E 386 6.93 -3.92 27.23
C PHE E 386 7.35 -2.48 27.52
N SER E 387 6.40 -1.70 28.03
CA SER E 387 6.62 -0.28 28.32
C SER E 387 7.08 0.48 27.07
N GLY E 388 6.45 0.18 25.94
CA GLY E 388 6.78 0.87 24.71
C GLY E 388 8.13 0.45 24.15
N ASP E 389 8.79 1.41 23.50
CA ASP E 389 10.10 1.19 22.87
C ASP E 389 10.02 0.08 21.82
N LEU E 390 9.13 0.26 20.85
CA LEU E 390 8.96 -0.74 19.80
C LEU E 390 10.16 -0.75 18.84
N SER E 391 10.88 0.37 18.73
CA SER E 391 12.02 0.46 17.83
C SER E 391 13.05 -0.63 18.10
N ASP E 392 13.16 -1.05 19.37
CA ASP E 392 14.15 -2.06 19.73
C ASP E 392 13.93 -3.34 18.92
N ILE E 393 12.67 -3.64 18.58
CA ILE E 393 12.33 -4.76 17.70
C ILE E 393 13.28 -4.80 16.52
N SER E 394 13.38 -3.67 15.81
CA SER E 394 14.22 -3.60 14.61
C SER E 394 15.62 -4.10 14.92
N LYS E 395 16.23 -3.58 15.98
CA LYS E 395 17.54 -4.01 16.41
C LYS E 395 17.63 -5.53 16.41
N HIS E 396 16.76 -6.18 17.18
CA HIS E 396 16.79 -7.63 17.28
C HIS E 396 16.76 -8.25 15.89
N LEU E 397 15.81 -7.83 15.06
CA LEU E 397 15.68 -8.44 13.74
C LEU E 397 16.96 -8.24 12.95
N ALA E 398 17.51 -7.02 12.98
CA ALA E 398 18.78 -6.80 12.29
C ALA E 398 19.84 -7.75 12.82
N LEU E 399 19.96 -7.84 14.14
CA LEU E 399 20.91 -8.76 14.74
C LEU E 399 20.70 -10.16 14.21
N ALA E 400 19.44 -10.59 14.10
CA ALA E 400 19.13 -11.91 13.58
C ALA E 400 19.78 -12.12 12.23
N ILE E 401 19.59 -11.17 11.31
CA ILE E 401 20.14 -11.32 9.97
C ILE E 401 21.67 -11.41 10.05
N THR E 402 22.27 -10.62 10.94
CA THR E 402 23.72 -10.64 11.07
C THR E 402 24.22 -12.02 11.50
N ALA E 403 23.41 -12.76 12.25
CA ALA E 403 23.83 -14.08 12.67
C ALA E 403 23.73 -15.12 11.55
N MET E 404 22.96 -14.83 10.50
CA MET E 404 22.75 -15.83 9.46
C MET E 404 23.90 -15.85 8.46
N GLN E 405 24.28 -14.68 7.95
CA GLN E 405 25.29 -14.61 6.90
C GLN E 405 26.67 -15.10 7.35
N GLN E 406 26.88 -15.23 8.67
CA GLN E 406 28.11 -15.85 9.14
C GLN E 406 28.22 -17.28 8.63
N GLY E 407 27.13 -18.04 8.69
CA GLY E 407 27.04 -19.31 8.00
C GLY E 407 27.87 -20.44 8.60
N GLU E 408 29.18 -20.21 8.69
CA GLU E 408 30.09 -21.27 9.13
C GLU E 408 29.80 -21.67 10.57
N GLY E 409 29.93 -22.96 10.85
CA GLY E 409 29.73 -23.52 12.16
C GLY E 409 28.67 -24.60 12.15
N VAL E 410 28.43 -25.16 13.34
CA VAL E 410 27.39 -26.15 13.55
C VAL E 410 26.18 -25.54 14.23
N CYS E 411 26.37 -24.92 15.39
CA CYS E 411 25.30 -24.20 16.07
C CYS E 411 25.06 -22.91 15.30
N ARG E 412 24.06 -22.93 14.43
CA ARG E 412 23.77 -21.83 13.53
C ARG E 412 22.41 -21.22 13.85
N ILE E 413 22.32 -19.89 13.74
CA ILE E 413 21.02 -19.23 13.85
C ILE E 413 20.15 -19.72 12.69
N VAL E 414 18.87 -19.95 12.98
CA VAL E 414 17.95 -20.40 11.94
C VAL E 414 16.63 -19.64 11.92
N GLY E 415 16.25 -18.93 12.97
CA GLY E 415 14.97 -18.25 12.94
C GLY E 415 14.81 -17.32 14.12
N VAL E 416 13.74 -16.53 14.06
CA VAL E 416 13.39 -15.58 15.10
C VAL E 416 12.09 -16.03 15.77
N ASP E 417 11.72 -15.32 16.82
CA ASP E 417 10.50 -15.62 17.55
C ASP E 417 9.84 -14.33 17.99
N LEU E 418 8.51 -14.30 17.89
CA LEU E 418 7.70 -13.21 18.41
C LEU E 418 6.92 -13.74 19.62
N ALA E 419 7.10 -13.09 20.76
CA ALA E 419 6.50 -13.58 22.00
C ALA E 419 6.31 -12.42 22.96
N GLY E 420 5.47 -12.64 23.95
CA GLY E 420 5.16 -11.63 24.95
C GLY E 420 3.77 -11.83 25.50
N PHE E 421 3.43 -11.00 26.49
CA PHE E 421 2.11 -11.07 27.10
C PHE E 421 1.04 -10.69 26.08
N GLU E 422 -0.07 -11.43 26.10
CA GLU E 422 -1.16 -11.23 25.15
C GLU E 422 -2.11 -10.12 25.57
N ASN E 423 -1.86 -9.47 26.71
CA ASN E 423 -2.75 -8.41 27.18
C ASN E 423 -2.75 -7.18 26.26
N LYS E 424 -1.71 -7.03 25.44
CA LYS E 424 -1.60 -5.88 24.55
C LYS E 424 -2.46 -6.02 23.30
N GLU E 425 -3.28 -7.08 23.20
CA GLU E 425 -4.23 -7.31 22.12
C GLU E 425 -3.59 -7.25 20.73
N THR E 426 -2.27 -7.30 20.66
CA THR E 426 -1.58 -7.27 19.37
C THR E 426 -1.74 -8.60 18.65
N ARG E 427 -2.20 -8.55 17.40
CA ARG E 427 -2.39 -9.76 16.58
C ARG E 427 -1.69 -9.54 15.23
N ALA E 428 -0.38 -9.78 15.20
CA ALA E 428 0.39 -9.84 13.97
C ALA E 428 0.33 -8.54 13.16
N SER E 429 -0.34 -7.51 13.68
CA SER E 429 -0.56 -6.27 12.95
C SER E 429 0.26 -5.10 13.47
N TYR E 430 0.52 -5.05 14.78
CA TYR E 430 1.31 -3.98 15.34
C TYR E 430 2.77 -4.05 14.87
N TYR E 431 3.22 -5.20 14.40
CA TYR E 431 4.61 -5.41 14.03
C TYR E 431 4.81 -5.87 12.59
N GLU E 432 3.73 -6.10 11.84
CA GLU E 432 3.87 -6.58 10.47
C GLU E 432 4.60 -5.57 9.58
N HIS E 433 4.70 -4.32 10.03
CA HIS E 433 5.40 -3.28 9.30
C HIS E 433 6.90 -3.55 9.17
N ASP E 434 7.45 -4.44 9.99
CA ASP E 434 8.89 -4.69 10.02
C ASP E 434 9.29 -6.09 9.54
N PHE E 435 8.47 -7.10 9.80
CA PHE E 435 8.84 -8.49 9.51
C PHE E 435 8.94 -8.80 8.03
N LYS E 436 8.73 -7.83 7.14
CA LYS E 436 8.78 -8.12 5.71
C LYS E 436 10.17 -8.54 5.26
N ALA E 437 11.21 -7.91 5.83
CA ALA E 437 12.57 -8.13 5.34
C ALA E 437 13.14 -9.48 5.77
N VAL E 438 12.63 -10.08 6.84
CA VAL E 438 13.22 -11.31 7.36
C VAL E 438 13.09 -12.44 6.35
N HIS E 439 11.92 -12.58 5.73
CA HIS E 439 11.68 -13.72 4.85
C HIS E 439 12.58 -13.69 3.62
N ARG E 440 12.88 -12.48 3.11
CA ARG E 440 13.75 -12.38 1.96
C ARG E 440 15.14 -12.96 2.26
N CYS E 441 15.62 -12.79 3.50
CA CYS E 441 16.91 -13.36 3.86
C CYS E 441 16.85 -14.87 3.97
N GLY E 442 15.81 -15.40 4.62
CA GLY E 442 15.64 -16.83 4.71
C GLY E 442 15.50 -17.36 6.13
N LEU E 443 15.28 -16.46 7.09
CA LEU E 443 15.12 -16.86 8.47
C LEU E 443 13.68 -17.27 8.74
N ALA E 444 13.50 -18.39 9.43
CA ALA E 444 12.16 -18.84 9.80
C ALA E 444 11.59 -17.96 10.90
N VAL E 445 10.26 -17.96 11.00
CA VAL E 445 9.55 -17.15 11.97
C VAL E 445 8.51 -18.01 12.67
N THR E 446 8.56 -18.03 14.01
CA THR E 446 7.53 -18.65 14.81
C THR E 446 6.63 -17.57 15.39
N ALA E 447 5.66 -17.98 16.21
CA ALA E 447 4.74 -17.02 16.82
C ALA E 447 4.06 -17.68 18.01
N HIS E 448 4.23 -17.09 19.19
CA HIS E 448 3.51 -17.52 20.38
C HIS E 448 2.26 -16.66 20.50
N ALA E 449 1.12 -17.19 20.06
CA ALA E 449 -0.12 -16.44 20.07
C ALA E 449 -1.29 -17.40 20.19
N GLY E 450 -2.43 -16.86 20.61
CA GLY E 450 -3.64 -17.65 20.74
C GLY E 450 -3.73 -18.48 21.99
N GLU E 451 -2.82 -18.30 22.94
CA GLU E 451 -2.89 -19.07 24.19
C GLU E 451 -4.17 -18.75 24.96
N ASN E 452 -4.53 -17.47 25.03
CA ASN E 452 -5.79 -17.08 25.64
C ASN E 452 -6.49 -15.95 24.88
N ASP E 453 -6.06 -15.65 23.67
CA ASP E 453 -6.65 -14.59 22.86
C ASP E 453 -7.60 -15.19 21.83
N ASP E 454 -8.21 -14.30 21.03
CA ASP E 454 -9.13 -14.72 20.01
C ASP E 454 -8.41 -15.46 18.89
N PRO E 455 -9.08 -16.42 18.24
CA PRO E 455 -8.45 -17.13 17.12
C PRO E 455 -8.34 -16.32 15.84
N GLU E 456 -8.90 -15.11 15.80
CA GLU E 456 -8.80 -14.28 14.61
C GLU E 456 -7.36 -13.90 14.33
N GLY E 457 -6.61 -13.54 15.38
CA GLY E 457 -5.22 -13.15 15.20
C GLY E 457 -4.31 -14.28 14.75
N ILE E 458 -4.70 -15.53 15.02
CA ILE E 458 -3.91 -16.65 14.54
C ILE E 458 -3.90 -16.69 13.02
N TRP E 459 -5.03 -16.32 12.40
CA TRP E 459 -5.07 -16.26 10.94
C TRP E 459 -4.08 -15.24 10.39
N GLN E 460 -4.01 -14.06 11.01
CA GLN E 460 -3.02 -13.07 10.61
C GLN E 460 -1.60 -13.60 10.83
N ALA E 461 -1.37 -14.26 11.96
CA ALA E 461 -0.05 -14.80 12.24
C ALA E 461 0.37 -15.81 11.17
N VAL E 462 -0.57 -16.65 10.71
CA VAL E 462 -0.26 -17.61 9.68
C VAL E 462 -0.02 -16.93 8.35
N TYR E 463 -0.85 -15.94 8.00
CA TYR E 463 -0.81 -15.34 6.68
C TYR E 463 -0.01 -14.05 6.60
N SER E 464 -0.20 -13.12 7.53
CA SER E 464 0.53 -11.85 7.46
C SER E 464 2.02 -12.04 7.70
N LEU E 465 2.37 -12.81 8.74
CA LEU E 465 3.77 -13.03 9.08
C LEU E 465 4.37 -14.25 8.39
N HIS E 466 3.57 -15.04 7.68
CA HIS E 466 4.05 -16.24 7.00
C HIS E 466 4.76 -17.18 7.96
N ALA E 467 4.24 -17.26 9.19
CA ALA E 467 4.89 -18.06 10.21
C ALA E 467 4.83 -19.54 9.87
N ARG E 468 5.93 -20.24 10.10
CA ARG E 468 6.01 -21.68 9.86
C ARG E 468 5.65 -22.51 11.07
N ARG E 469 5.42 -21.87 12.22
CA ARG E 469 5.06 -22.58 13.44
C ARG E 469 4.15 -21.68 14.26
N LEU E 470 3.53 -22.27 15.28
CA LEU E 470 2.61 -21.57 16.16
C LEU E 470 2.91 -21.91 17.60
N GLY E 471 2.57 -20.98 18.49
CA GLY E 471 2.79 -21.17 19.91
C GLY E 471 1.52 -21.52 20.66
N HIS E 472 1.45 -22.75 21.15
CA HIS E 472 0.32 -23.22 21.94
C HIS E 472 -0.99 -23.15 21.15
N ALA E 473 -1.76 -22.08 21.37
CA ALA E 473 -3.07 -21.89 20.76
C ALA E 473 -3.98 -23.08 21.06
N LEU E 474 -4.23 -23.29 22.35
CA LEU E 474 -5.07 -24.40 22.78
C LEU E 474 -6.50 -24.24 22.31
N ASN E 475 -6.97 -23.00 22.21
CA ASN E 475 -8.37 -22.73 21.86
C ASN E 475 -8.69 -22.96 20.39
N LEU E 476 -7.81 -23.61 19.63
CA LEU E 476 -8.06 -23.92 18.24
C LEU E 476 -9.23 -24.88 18.06
N LEU E 477 -9.65 -25.55 19.14
CA LEU E 477 -10.76 -26.51 19.04
C LEU E 477 -12.05 -25.86 18.54
N GLU E 478 -12.22 -24.57 18.79
CA GLU E 478 -13.49 -23.89 18.53
C GLU E 478 -13.50 -23.12 17.20
N ALA E 479 -12.49 -23.30 16.36
CA ALA E 479 -12.38 -22.60 15.09
C ALA E 479 -12.15 -23.62 13.98
N PRO E 480 -13.21 -24.23 13.45
CA PRO E 480 -13.04 -25.24 12.40
C PRO E 480 -12.31 -24.73 11.17
N ASP E 481 -12.57 -23.49 10.77
CA ASP E 481 -11.84 -22.93 9.62
C ASP E 481 -10.36 -22.80 9.94
N LEU E 482 -10.03 -22.37 11.16
CA LEU E 482 -8.62 -22.29 11.54
C LEU E 482 -7.98 -23.66 11.58
N MET E 483 -8.71 -24.68 12.06
CA MET E 483 -8.20 -26.04 12.00
C MET E 483 -7.92 -26.45 10.56
N ARG E 484 -8.86 -26.18 9.66
CA ARG E 484 -8.70 -26.61 8.28
C ARG E 484 -7.51 -25.92 7.62
N THR E 485 -7.31 -24.62 7.91
CA THR E 485 -6.19 -23.92 7.28
C THR E 485 -4.86 -24.28 7.94
N VAL E 486 -4.86 -24.63 9.23
CA VAL E 486 -3.61 -24.98 9.88
C VAL E 486 -3.20 -26.40 9.55
N ILE E 487 -4.16 -27.27 9.20
CA ILE E 487 -3.82 -28.62 8.78
C ILE E 487 -3.48 -28.64 7.30
N GLU E 488 -4.26 -27.93 6.49
CA GLU E 488 -4.04 -27.92 5.04
C GLU E 488 -2.68 -27.31 4.71
N ARG E 489 -2.28 -26.25 5.42
CA ARG E 489 -0.97 -25.65 5.21
C ARG E 489 0.15 -26.40 5.93
N LYS E 490 -0.17 -27.43 6.70
CA LYS E 490 0.82 -28.21 7.46
C LYS E 490 1.62 -27.33 8.40
N ILE E 491 0.97 -26.33 8.99
CA ILE E 491 1.66 -25.43 9.91
C ILE E 491 1.85 -26.15 11.24
N GLY E 492 3.10 -26.25 11.68
CA GLY E 492 3.39 -26.93 12.93
C GLY E 492 2.86 -26.17 14.13
N VAL E 493 2.45 -26.93 15.15
CA VAL E 493 1.93 -26.36 16.38
C VAL E 493 2.67 -27.01 17.56
N GLU E 494 3.24 -26.18 18.42
CA GLU E 494 3.90 -26.63 19.63
C GLU E 494 2.99 -26.42 20.82
N MET E 495 2.93 -27.41 21.71
CA MET E 495 2.35 -27.17 23.03
C MET E 495 3.27 -27.71 24.11
N CYS E 496 3.13 -27.14 25.29
CA CYS E 496 3.89 -27.51 26.48
C CYS E 496 2.88 -28.06 27.48
N PRO E 497 2.70 -29.39 27.54
CA PRO E 497 1.64 -29.94 28.39
C PRO E 497 1.75 -29.55 29.85
N TYR E 498 2.97 -29.48 30.40
CA TYR E 498 3.12 -29.09 31.79
C TYR E 498 2.78 -27.62 32.00
N ALA E 499 3.27 -26.74 31.12
CA ALA E 499 3.02 -25.32 31.27
C ALA E 499 1.53 -25.01 31.16
N ASN E 500 0.88 -25.54 30.12
CA ASN E 500 -0.56 -25.32 29.96
C ASN E 500 -1.34 -25.97 31.09
N TYR E 501 -0.90 -27.15 31.54
CA TYR E 501 -1.55 -27.83 32.65
C TYR E 501 -1.54 -26.97 33.90
N GLN E 502 -0.40 -26.34 34.19
CA GLN E 502 -0.33 -25.47 35.37
C GLN E 502 -1.15 -24.20 35.16
N ILE E 503 -1.01 -23.56 34.01
CA ILE E 503 -1.64 -22.26 33.79
C ILE E 503 -3.15 -22.38 33.81
N LYS E 504 -3.71 -23.37 33.11
CA LYS E 504 -5.16 -23.48 32.94
C LYS E 504 -5.80 -24.51 33.84
N GLY E 505 -5.20 -25.69 33.99
CA GLY E 505 -5.80 -26.73 34.78
C GLY E 505 -6.72 -27.61 33.96
N PHE E 506 -6.50 -28.92 34.01
CA PHE E 506 -7.27 -29.88 33.22
C PHE E 506 -7.55 -31.10 34.07
N ALA E 507 -7.96 -32.19 33.43
CA ALA E 507 -8.14 -33.44 34.13
C ALA E 507 -6.81 -33.96 34.64
N PRO E 508 -6.81 -34.73 35.74
CA PRO E 508 -7.96 -35.19 36.52
C PRO E 508 -8.32 -34.31 37.71
N MET E 509 -7.83 -33.06 37.79
CA MET E 509 -8.18 -32.27 38.96
C MET E 509 -9.65 -31.86 38.91
N PRO E 510 -10.31 -31.76 40.07
CA PRO E 510 -11.66 -31.19 40.09
C PRO E 510 -11.62 -29.69 39.79
N ASN E 511 -12.81 -29.15 39.50
CA ASN E 511 -13.06 -27.75 39.17
C ASN E 511 -12.44 -27.33 37.84
N PHE E 512 -11.78 -28.23 37.13
CA PHE E 512 -11.20 -27.94 35.81
C PHE E 512 -11.68 -29.04 34.85
N SER E 513 -12.84 -28.82 34.25
CA SER E 513 -13.41 -29.78 33.32
C SER E 513 -12.78 -29.73 31.94
N ALA E 514 -11.92 -28.74 31.68
CA ALA E 514 -11.27 -28.64 30.38
C ALA E 514 -10.37 -29.85 30.13
N LEU E 515 -10.40 -30.35 28.90
CA LEU E 515 -9.64 -31.52 28.50
C LEU E 515 -8.56 -31.10 27.50
N TYR E 516 -7.36 -31.66 27.67
CA TYR E 516 -6.28 -31.36 26.74
C TYR E 516 -6.63 -31.89 25.35
N PRO E 517 -6.55 -31.05 24.33
CA PRO E 517 -7.00 -31.48 22.99
C PRO E 517 -5.94 -32.22 22.20
N LEU E 518 -4.90 -32.71 22.90
CA LEU E 518 -3.81 -33.39 22.20
C LEU E 518 -4.32 -34.58 21.39
N LYS E 519 -5.20 -35.38 21.98
CA LYS E 519 -5.78 -36.50 21.23
C LYS E 519 -6.59 -35.99 20.04
N LYS E 520 -7.39 -34.95 20.25
CA LYS E 520 -8.18 -34.38 19.16
C LYS E 520 -7.27 -33.80 18.08
N TYR E 521 -6.20 -33.11 18.49
CA TYR E 521 -5.26 -32.53 17.53
C TYR E 521 -4.60 -33.61 16.70
N LEU E 522 -4.18 -34.71 17.34
CA LEU E 522 -3.54 -35.79 16.61
C LEU E 522 -4.52 -36.50 15.69
N GLU E 523 -5.77 -36.68 16.13
CA GLU E 523 -6.78 -37.28 15.26
C GLU E 523 -7.04 -36.41 14.04
N ALA E 524 -7.11 -35.09 14.24
CA ALA E 524 -7.34 -34.19 13.11
C ALA E 524 -6.18 -34.24 12.13
N GLY E 525 -4.94 -34.21 12.63
CA GLY E 525 -3.78 -34.33 11.77
C GLY E 525 -2.79 -33.19 11.89
N ILE E 526 -2.97 -32.33 12.90
CA ILE E 526 -2.05 -31.22 13.08
C ILE E 526 -0.67 -31.75 13.45
N LEU E 527 0.36 -31.09 12.93
CA LEU E 527 1.75 -31.46 13.23
C LEU E 527 2.07 -31.00 14.66
N VAL E 528 1.78 -31.88 15.60
CA VAL E 528 1.88 -31.55 17.02
C VAL E 528 3.31 -31.81 17.49
N SER E 529 3.87 -30.83 18.20
CA SER E 529 5.19 -30.97 18.80
C SER E 529 5.10 -30.67 20.30
N VAL E 530 5.53 -31.63 21.10
CA VAL E 530 5.58 -31.47 22.54
C VAL E 530 6.83 -30.70 22.92
N ASN E 531 6.72 -29.86 23.95
CA ASN E 531 7.85 -29.05 24.39
C ASN E 531 7.73 -28.81 25.89
N THR E 532 8.80 -28.26 26.47
CA THR E 532 8.88 -28.05 27.90
C THR E 532 8.86 -26.58 28.32
N ASP E 533 8.99 -25.65 27.37
CA ASP E 533 9.06 -24.21 27.66
C ASP E 533 10.25 -23.99 28.58
N ASN E 534 10.09 -23.32 29.72
CA ASN E 534 11.19 -23.13 30.66
C ASN E 534 11.43 -24.42 31.42
N ILE E 535 12.63 -24.99 31.25
CA ILE E 535 12.91 -26.32 31.78
C ILE E 535 12.99 -26.29 33.30
N GLY E 536 13.94 -25.55 33.87
CA GLY E 536 14.13 -25.57 35.31
C GLY E 536 13.06 -24.78 36.05
N ILE E 537 12.41 -23.84 35.38
CA ILE E 537 11.39 -23.03 36.04
C ILE E 537 10.20 -23.90 36.42
N SER E 538 9.75 -24.74 35.49
CA SER E 538 8.61 -25.61 35.74
C SER E 538 8.99 -26.89 36.47
N GLY E 539 10.28 -27.21 36.53
CA GLY E 539 10.70 -28.42 37.22
C GLY E 539 10.20 -29.70 36.59
N ALA E 540 10.20 -29.77 35.26
CA ALA E 540 9.76 -30.97 34.56
C ALA E 540 10.54 -31.09 33.26
N ASN E 541 11.18 -32.23 33.05
CA ASN E 541 12.01 -32.43 31.88
C ASN E 541 11.18 -32.93 30.70
N LEU E 542 11.85 -33.20 29.57
CA LEU E 542 11.15 -33.70 28.40
C LEU E 542 10.52 -35.05 28.65
N SER E 543 11.23 -35.94 29.37
CA SER E 543 10.69 -37.25 29.68
C SER E 543 9.43 -37.14 30.53
N GLU E 544 9.45 -36.27 31.54
CA GLU E 544 8.27 -36.06 32.37
C GLU E 544 7.11 -35.50 31.56
N ASN E 545 7.40 -34.56 30.66
CA ASN E 545 6.35 -33.97 29.84
C ASN E 545 5.74 -35.00 28.90
N LEU E 546 6.57 -35.89 28.35
CA LEU E 546 6.03 -36.95 27.51
C LEU E 546 5.26 -37.98 28.32
N LEU E 547 5.68 -38.21 29.56
CA LEU E 547 4.97 -39.16 30.42
C LEU E 547 3.59 -38.65 30.81
N ILE E 548 3.49 -37.35 31.12
CA ILE E 548 2.26 -36.82 31.72
C ILE E 548 1.07 -36.85 30.77
N LEU E 549 1.31 -37.08 29.47
CA LEU E 549 0.19 -37.16 28.53
C LEU E 549 -0.73 -38.32 28.84
N ALA E 550 -0.25 -39.36 29.51
CA ALA E 550 -1.13 -40.46 29.91
C ALA E 550 -2.22 -39.98 30.85
N ASP E 551 -1.86 -39.15 31.84
CA ASP E 551 -2.86 -38.58 32.72
C ASP E 551 -3.66 -37.47 32.03
N LEU E 552 -2.99 -36.62 31.25
CA LEU E 552 -3.68 -35.51 30.60
C LEU E 552 -4.69 -36.01 29.58
N CYS E 553 -4.32 -37.00 28.76
CA CYS E 553 -5.18 -37.52 27.70
C CYS E 553 -5.27 -39.03 27.86
N PRO E 554 -6.30 -39.52 28.57
CA PRO E 554 -6.47 -40.96 28.72
C PRO E 554 -6.68 -41.63 27.37
N GLY E 555 -6.16 -42.85 27.24
CA GLY E 555 -6.24 -43.57 25.99
C GLY E 555 -5.17 -43.20 24.98
N ILE E 556 -4.16 -42.44 25.37
CA ILE E 556 -3.09 -42.06 24.46
C ILE E 556 -2.21 -43.27 24.20
N SER E 557 -1.86 -43.49 22.94
CA SER E 557 -1.07 -44.66 22.56
C SER E 557 0.40 -44.29 22.46
N ARG E 558 1.25 -45.31 22.63
CA ARG E 558 2.68 -45.12 22.43
C ARG E 558 2.99 -44.74 20.99
N MET E 559 2.25 -45.32 20.04
CA MET E 559 2.42 -44.96 18.64
C MET E 559 2.07 -43.50 18.41
N ASP E 560 1.10 -42.96 19.17
CA ASP E 560 0.83 -41.53 19.10
C ASP E 560 2.03 -40.73 19.58
N VAL E 561 2.74 -41.22 20.60
CA VAL E 561 3.95 -40.53 21.06
C VAL E 561 5.01 -40.56 19.97
N LEU E 562 5.17 -41.70 19.30
CA LEU E 562 6.15 -41.79 18.22
C LEU E 562 5.80 -40.84 17.07
N THR E 563 4.51 -40.75 16.73
CA THR E 563 4.09 -39.80 15.71
C THR E 563 4.31 -38.36 16.16
N ILE E 564 4.16 -38.09 17.46
CA ILE E 564 4.47 -36.76 18.00
C ILE E 564 5.93 -36.44 17.78
N ILE E 565 6.81 -37.42 18.06
CA ILE E 565 8.24 -37.21 17.83
C ILE E 565 8.52 -36.99 16.35
N ARG E 566 7.82 -37.71 15.48
CA ARG E 566 7.98 -37.51 14.04
C ARG E 566 7.59 -36.11 13.62
N ASN E 567 6.46 -35.61 14.15
CA ASN E 567 6.07 -34.24 13.85
C ASN E 567 7.09 -33.24 14.36
N SER E 568 7.62 -33.48 15.56
CA SER E 568 8.62 -32.58 16.14
C SER E 568 9.86 -32.50 15.27
N ILE E 569 10.35 -33.65 14.81
CA ILE E 569 11.55 -33.64 13.97
C ILE E 569 11.24 -33.05 12.60
N GLU E 570 10.02 -33.23 12.10
CA GLU E 570 9.70 -32.78 10.74
C GLU E 570 9.52 -31.27 10.69
N THR E 571 8.95 -30.67 11.74
CA THR E 571 8.63 -29.25 11.71
C THR E 571 9.83 -28.34 12.02
N ALA E 572 10.95 -28.88 12.46
CA ALA E 572 12.09 -28.04 12.81
C ALA E 572 12.68 -27.36 11.57
N PHE E 573 13.06 -26.10 11.73
CA PHE E 573 13.65 -25.33 10.63
C PHE E 573 15.10 -25.75 10.49
N ILE E 574 15.37 -26.69 9.57
CA ILE E 574 16.69 -27.28 9.40
C ILE E 574 16.86 -27.69 7.94
N SER E 575 18.11 -27.78 7.51
CA SER E 575 18.43 -28.08 6.12
C SER E 575 17.98 -29.49 5.75
N HIS E 576 17.68 -29.67 4.46
CA HIS E 576 17.10 -30.92 3.98
C HIS E 576 18.04 -32.11 4.21
N ASP E 577 19.31 -31.95 3.86
CA ASP E 577 20.26 -33.04 4.05
C ASP E 577 20.46 -33.34 5.52
N PHE E 578 20.58 -32.29 6.35
CA PHE E 578 20.65 -32.49 7.78
C PHE E 578 19.36 -33.12 8.30
N ARG E 579 18.23 -32.75 7.70
CA ARG E 579 16.95 -33.35 8.10
C ARG E 579 16.95 -34.85 7.86
N MET E 580 17.44 -35.29 6.69
CA MET E 580 17.43 -36.71 6.40
C MET E 580 18.46 -37.46 7.24
N GLU E 581 19.61 -36.85 7.50
CA GLU E 581 20.58 -37.49 8.38
C GLU E 581 20.02 -37.67 9.79
N LEU E 582 19.37 -36.63 10.31
CA LEU E 582 18.75 -36.72 11.63
C LEU E 582 17.63 -37.75 11.63
N LEU E 583 16.87 -37.83 10.53
CA LEU E 583 15.81 -38.83 10.43
C LEU E 583 16.39 -40.24 10.44
N LYS E 584 17.50 -40.45 9.74
CA LYS E 584 18.16 -41.76 9.76
C LYS E 584 18.58 -42.14 11.18
N PHE E 585 19.28 -41.22 11.85
CA PHE E 585 19.74 -41.53 13.20
C PHE E 585 18.56 -41.79 14.13
N PHE E 586 17.51 -40.97 14.02
CA PHE E 586 16.33 -41.13 14.86
C PHE E 586 15.67 -42.48 14.62
N ASP E 587 15.53 -42.86 13.36
CA ASP E 587 14.87 -44.13 13.03
C ASP E 587 15.66 -45.31 13.58
N ARG E 588 16.98 -45.32 13.35
CA ARG E 588 17.79 -46.43 13.84
C ARG E 588 17.74 -46.51 15.36
N LYS E 589 17.90 -45.38 16.05
CA LYS E 589 17.93 -45.39 17.50
C LYS E 589 16.57 -45.79 18.07
N ILE E 590 15.49 -45.29 17.48
CA ILE E 590 14.17 -45.60 18.02
C ILE E 590 13.84 -47.07 17.81
N TYR E 591 14.24 -47.64 16.66
CA TYR E 591 14.04 -49.07 16.45
C TYR E 591 14.77 -49.87 17.51
N ASP E 592 16.05 -49.55 17.74
CA ASP E 592 16.81 -50.26 18.76
C ASP E 592 16.13 -50.13 20.12
N VAL E 593 15.66 -48.92 20.46
CA VAL E 593 15.11 -48.68 21.78
C VAL E 593 13.83 -49.47 21.99
N CYS E 594 12.92 -49.44 21.00
CA CYS E 594 11.65 -50.15 21.21
C CYS E 594 11.88 -51.65 21.25
N LEU E 595 12.82 -52.16 20.47
CA LEU E 595 13.07 -53.60 20.56
C LEU E 595 13.70 -53.95 21.91
N ILE E 596 14.50 -53.05 22.47
CA ILE E 596 15.00 -53.23 23.83
C ILE E 596 13.84 -53.29 24.82
N SER E 597 12.85 -52.42 24.64
CA SER E 597 11.77 -52.30 25.61
C SER E 597 10.99 -53.61 25.76
N ILE E 598 10.70 -54.27 24.64
CA ILE E 598 9.86 -55.46 24.69
C ILE E 598 10.62 -56.71 25.15
N LYS E 599 11.96 -56.67 25.13
CA LYS E 599 12.73 -57.85 25.49
C LYS E 599 12.71 -58.12 26.99
N ASN E 600 12.30 -57.15 27.80
CA ASN E 600 12.24 -57.33 29.25
C ASN E 600 11.02 -58.15 29.64
N ARG F 3 2.38 -82.63 -4.14
CA ARG F 3 3.60 -82.08 -3.55
C ARG F 3 4.82 -82.43 -4.39
N VAL F 4 5.88 -81.63 -4.26
CA VAL F 4 7.09 -81.80 -5.05
C VAL F 4 8.29 -81.83 -4.11
N LEU F 5 9.18 -82.79 -4.34
CA LEU F 5 10.44 -82.88 -3.60
C LEU F 5 11.60 -82.80 -4.57
N LEU F 6 12.66 -82.11 -4.16
CA LEU F 6 13.86 -81.95 -4.98
C LEU F 6 15.10 -82.16 -4.13
N CYS F 7 16.00 -82.99 -4.62
CA CYS F 7 17.27 -83.24 -3.96
C CYS F 7 18.32 -83.57 -5.01
N SER F 8 19.53 -83.05 -4.79
CA SER F 8 20.64 -83.30 -5.71
C SER F 8 21.31 -84.63 -5.40
N ALA F 9 21.87 -85.24 -6.43
CA ALA F 9 22.50 -86.55 -6.33
C ALA F 9 23.99 -86.41 -6.62
N GLY F 10 24.82 -86.91 -5.70
CA GLY F 10 26.26 -86.86 -5.86
C GLY F 10 26.88 -88.22 -6.05
N HIS F 11 27.49 -88.75 -4.98
CA HIS F 11 28.12 -90.06 -5.02
C HIS F 11 27.35 -91.13 -4.27
N SER F 12 26.47 -90.75 -3.34
CA SER F 12 25.64 -91.69 -2.60
C SER F 12 24.18 -91.56 -3.04
N SER F 13 23.55 -92.70 -3.28
CA SER F 13 22.19 -92.74 -3.80
C SER F 13 21.14 -92.82 -2.70
N MET F 14 21.53 -92.74 -1.44
CA MET F 14 20.61 -92.99 -0.33
C MET F 14 19.93 -91.73 0.19
N VAL F 15 20.34 -90.54 -0.27
CA VAL F 15 19.68 -89.32 0.19
C VAL F 15 18.27 -89.23 -0.38
N VAL F 16 18.08 -89.67 -1.62
CA VAL F 16 16.79 -89.49 -2.28
C VAL F 16 15.65 -90.24 -1.58
N PRO F 17 15.76 -91.54 -1.27
CA PRO F 17 14.61 -92.21 -0.63
C PRO F 17 14.38 -91.75 0.80
N GLU F 18 15.44 -91.42 1.54
CA GLU F 18 15.25 -90.89 2.88
C GLU F 18 14.55 -89.54 2.84
N ALA F 19 14.90 -88.68 1.87
CA ALA F 19 14.17 -87.43 1.70
C ALA F 19 12.73 -87.69 1.31
N PHE F 20 12.48 -88.69 0.46
CA PHE F 20 11.12 -89.01 0.05
C PHE F 20 10.28 -89.43 1.24
N HIS F 21 10.81 -90.28 2.11
CA HIS F 21 10.07 -90.78 3.26
C HIS F 21 10.16 -89.86 4.46
N ALA F 22 10.92 -88.76 4.37
CA ALA F 22 11.05 -87.84 5.50
C ALA F 22 9.69 -87.27 5.91
N VAL F 23 8.89 -86.85 4.94
CA VAL F 23 7.54 -86.35 5.21
C VAL F 23 6.62 -87.55 5.40
N PRO F 24 5.93 -87.66 6.54
CA PRO F 24 5.02 -88.81 6.73
C PRO F 24 3.92 -88.91 5.69
N GLU F 25 3.44 -87.78 5.18
CA GLU F 25 2.39 -87.79 4.17
C GLU F 25 2.87 -88.24 2.81
N GLY F 26 4.18 -88.38 2.60
CA GLY F 26 4.70 -88.80 1.32
C GLY F 26 4.80 -87.65 0.33
N PHE F 27 5.12 -88.00 -0.90
CA PHE F 27 5.24 -87.03 -1.98
C PHE F 27 4.59 -87.59 -3.23
N GLU F 28 4.13 -86.67 -4.09
CA GLU F 28 3.51 -87.03 -5.36
C GLU F 28 4.43 -86.85 -6.55
N GLU F 29 5.37 -85.92 -6.48
CA GLU F 29 6.34 -85.67 -7.54
C GLU F 29 7.71 -85.50 -6.92
N VAL F 30 8.70 -86.19 -7.47
CA VAL F 30 10.08 -86.08 -7.01
C VAL F 30 10.99 -85.91 -8.23
N HIS F 31 11.91 -84.97 -8.13
CA HIS F 31 12.87 -84.70 -9.20
C HIS F 31 14.27 -84.65 -8.61
N VAL F 32 15.23 -85.25 -9.32
CA VAL F 32 16.60 -85.39 -8.85
C VAL F 32 17.55 -84.93 -9.94
N PHE F 33 18.50 -84.07 -9.58
CA PHE F 33 19.54 -83.59 -10.49
C PHE F 33 20.89 -84.15 -10.05
N THR F 34 21.72 -84.50 -11.02
CA THR F 34 23.03 -85.07 -10.72
C THR F 34 24.01 -84.67 -11.81
N THR F 35 25.30 -84.84 -11.50
CA THR F 35 26.35 -84.52 -12.44
C THR F 35 26.55 -85.67 -13.42
N ASP F 36 27.48 -85.49 -14.36
CA ASP F 36 27.82 -86.54 -15.32
C ASP F 36 28.69 -87.63 -14.72
N SER F 37 28.90 -87.62 -13.41
CA SER F 37 29.72 -88.64 -12.76
C SER F 37 29.06 -90.01 -12.88
N GLU F 38 29.83 -90.97 -13.41
CA GLU F 38 29.33 -92.33 -13.55
C GLU F 38 29.33 -93.11 -12.24
N LYS F 39 29.91 -92.55 -11.18
CA LYS F 39 29.93 -93.25 -9.90
C LYS F 39 28.51 -93.47 -9.37
N PHE F 40 27.65 -92.46 -9.50
CA PHE F 40 26.27 -92.60 -9.03
C PHE F 40 25.54 -93.68 -9.81
N ASN F 41 24.87 -94.56 -9.08
CA ASN F 41 24.11 -95.65 -9.70
C ASN F 41 22.62 -95.34 -9.59
N PRO F 42 21.92 -95.08 -10.71
CA PRO F 42 20.49 -94.78 -10.65
C PRO F 42 19.60 -96.02 -10.62
N VAL F 43 20.17 -97.22 -10.66
CA VAL F 43 19.36 -98.43 -10.74
C VAL F 43 18.52 -98.59 -9.47
N VAL F 44 19.13 -98.37 -8.30
CA VAL F 44 18.43 -98.56 -7.04
C VAL F 44 17.24 -97.61 -6.94
N LEU F 45 17.48 -96.32 -7.20
CA LEU F 45 16.39 -95.35 -7.12
C LEU F 45 15.33 -95.64 -8.16
N ASN F 46 15.73 -96.07 -9.36
CA ASN F 46 14.78 -96.38 -10.41
C ASN F 46 13.85 -97.51 -9.97
N ASP F 47 14.42 -98.60 -9.45
CA ASP F 47 13.58 -99.70 -8.99
C ASP F 47 12.70 -99.29 -7.81
N PHE F 48 13.25 -98.52 -6.87
CA PHE F 48 12.48 -98.13 -5.70
C PHE F 48 11.29 -97.27 -6.07
N PHE F 49 11.48 -96.33 -7.00
CA PHE F 49 10.38 -95.47 -7.42
C PHE F 49 9.48 -96.12 -8.46
N HIS F 50 9.94 -97.19 -9.11
CA HIS F 50 9.04 -97.99 -9.93
C HIS F 50 8.14 -98.88 -9.09
N SER F 51 8.61 -99.28 -7.90
CA SER F 51 7.77 -100.03 -6.97
C SER F 51 6.60 -99.21 -6.46
N LEU F 52 6.64 -97.88 -6.62
CA LEU F 52 5.57 -96.99 -6.20
C LEU F 52 5.18 -96.13 -7.40
N PRO F 53 4.34 -96.67 -8.30
CA PRO F 53 3.97 -95.91 -9.50
C PRO F 53 3.16 -94.65 -9.21
N ASN F 54 2.57 -94.54 -8.02
CA ASN F 54 1.78 -93.36 -7.69
C ASN F 54 2.62 -92.08 -7.68
N VAL F 55 3.93 -92.19 -7.52
CA VAL F 55 4.82 -91.04 -7.54
C VAL F 55 5.50 -90.98 -8.90
N ARG F 56 5.92 -89.78 -9.28
CA ARG F 56 6.63 -89.56 -10.54
C ARG F 56 8.07 -89.15 -10.23
N PHE F 57 9.02 -89.87 -10.82
CA PHE F 57 10.43 -89.68 -10.56
C PHE F 57 11.15 -89.27 -11.84
N SER F 58 12.00 -88.25 -11.74
CA SER F 58 12.75 -87.73 -12.87
C SER F 58 14.22 -87.67 -12.52
N ILE F 59 15.07 -88.02 -13.48
CA ILE F 59 16.52 -88.02 -13.31
C ILE F 59 17.12 -87.01 -14.28
N THR F 60 17.93 -86.10 -13.76
CA THR F 60 18.60 -85.08 -14.56
C THR F 60 20.11 -85.26 -14.41
N LYS F 61 20.81 -85.32 -15.53
CA LYS F 61 22.26 -85.48 -15.55
C LYS F 61 22.90 -84.20 -16.08
N CYS F 62 23.85 -83.66 -15.32
CA CYS F 62 24.57 -82.46 -15.72
C CYS F 62 25.52 -82.82 -16.86
N HIS F 63 25.11 -82.53 -18.09
CA HIS F 63 25.85 -82.96 -19.26
C HIS F 63 27.20 -82.26 -19.35
N GLY F 64 28.24 -83.05 -19.66
CA GLY F 64 29.56 -82.51 -19.89
C GLY F 64 30.35 -82.15 -18.66
N LEU F 65 29.84 -82.45 -17.47
CA LEU F 65 30.54 -82.09 -16.21
C LEU F 65 30.34 -83.22 -15.21
N ALA F 66 31.31 -84.15 -15.19
CA ALA F 66 31.29 -85.20 -14.18
C ALA F 66 31.57 -84.64 -12.78
N ASP F 67 32.50 -83.69 -12.69
CA ASP F 67 32.83 -83.04 -11.43
C ASP F 67 33.43 -81.69 -11.75
N ILE F 68 33.50 -80.84 -10.72
CA ILE F 68 34.00 -79.48 -10.85
C ILE F 68 35.46 -79.47 -10.42
N LEU F 69 36.33 -78.98 -11.31
CA LEU F 69 37.76 -78.88 -11.03
C LEU F 69 38.29 -77.47 -11.27
N ASN F 70 37.45 -76.52 -11.64
CA ASN F 70 37.88 -75.16 -11.91
C ASN F 70 36.69 -74.23 -11.76
N GLU F 71 36.95 -72.93 -11.91
CA GLU F 71 35.89 -71.94 -11.77
C GLU F 71 34.85 -72.05 -12.88
N ARG F 72 35.31 -72.32 -14.11
CA ARG F 72 34.38 -72.43 -15.23
C ARG F 72 33.40 -73.57 -15.02
N ASP F 73 33.90 -74.72 -14.54
CA ASP F 73 33.01 -75.84 -14.25
C ASP F 73 31.96 -75.46 -13.22
N PHE F 74 32.38 -74.75 -12.16
CA PHE F 74 31.44 -74.36 -11.12
C PHE F 74 30.37 -73.41 -11.65
N GLU F 75 30.78 -72.37 -12.37
CA GLU F 75 29.78 -71.41 -12.85
C GLU F 75 28.84 -72.04 -13.87
N PHE F 76 29.37 -72.90 -14.76
CA PHE F 76 28.50 -73.62 -15.68
C PHE F 76 27.50 -74.48 -14.90
N TYR F 77 28.01 -75.45 -14.15
CA TYR F 77 27.15 -76.33 -13.36
C TYR F 77 26.11 -75.55 -12.57
N GLN F 78 26.49 -74.37 -12.06
CA GLN F 78 25.51 -73.51 -11.41
C GLN F 78 24.44 -73.06 -12.38
N GLU F 79 24.83 -72.65 -13.59
CA GLU F 79 23.84 -72.12 -14.53
C GLU F 79 22.84 -73.19 -14.93
N MET F 80 23.32 -74.41 -15.26
CA MET F 80 22.33 -75.43 -15.63
C MET F 80 21.59 -76.01 -14.44
N LEU F 81 22.18 -76.03 -13.23
CA LEU F 81 21.38 -76.46 -12.09
C LEU F 81 20.26 -75.47 -11.84
N TRP F 82 20.54 -74.17 -11.94
CA TRP F 82 19.51 -73.17 -11.74
C TRP F 82 18.44 -73.25 -12.83
N GLN F 83 18.85 -73.48 -14.07
CA GLN F 83 17.87 -73.66 -15.14
C GLN F 83 16.97 -74.85 -14.87
N TRP F 84 17.56 -76.01 -14.58
CA TRP F 84 16.77 -77.21 -14.34
C TRP F 84 15.86 -77.04 -13.13
N TYR F 85 16.34 -76.31 -12.11
CA TYR F 85 15.50 -76.03 -10.95
C TYR F 85 14.30 -75.19 -11.35
N LEU F 86 14.54 -74.06 -12.04
CA LEU F 86 13.44 -73.19 -12.42
C LEU F 86 12.47 -73.86 -13.38
N THR F 87 12.89 -74.96 -14.03
CA THR F 87 11.93 -75.75 -14.78
C THR F 87 10.91 -76.45 -13.88
N LYS F 88 11.22 -76.66 -12.60
CA LYS F 88 10.45 -77.55 -11.75
C LYS F 88 9.64 -76.83 -10.68
N MET F 89 9.40 -75.53 -10.83
CA MET F 89 8.49 -74.85 -9.92
C MET F 89 7.07 -75.34 -10.10
N PRO F 90 6.38 -75.77 -9.04
CA PRO F 90 4.94 -75.99 -9.13
C PRO F 90 4.22 -74.68 -9.37
N ASP F 91 3.05 -74.78 -10.03
CA ASP F 91 2.34 -73.58 -10.46
C ASP F 91 1.92 -72.71 -9.29
N ASN F 92 1.39 -73.32 -8.23
CA ASN F 92 0.75 -72.56 -7.16
C ASN F 92 1.48 -72.60 -5.83
N GLU F 93 2.35 -73.57 -5.60
CA GLU F 93 3.01 -73.72 -4.30
C GLU F 93 4.50 -73.94 -4.50
N LEU F 94 5.25 -73.64 -3.44
CA LEU F 94 6.69 -73.83 -3.42
C LEU F 94 7.03 -75.31 -3.17
N PRO F 95 8.19 -75.77 -3.65
CA PRO F 95 8.55 -77.18 -3.48
C PRO F 95 9.35 -77.42 -2.19
N TYR F 96 9.49 -78.71 -1.86
CA TYR F 96 10.33 -79.15 -0.77
C TYR F 96 11.73 -79.44 -1.29
N VAL F 97 12.75 -79.10 -0.48
CA VAL F 97 14.14 -79.26 -0.87
C VAL F 97 14.89 -80.03 0.20
N CYS F 98 15.72 -80.98 -0.24
CA CYS F 98 16.63 -81.70 0.63
C CYS F 98 18.07 -81.37 0.25
N LEU F 99 18.89 -81.08 1.24
CA LEU F 99 20.28 -80.68 1.04
C LEU F 99 21.23 -81.66 1.72
N SER F 100 20.95 -82.96 1.58
CA SER F 100 21.78 -83.99 2.18
C SER F 100 22.64 -84.73 1.16
N GLY F 101 22.39 -84.55 -0.13
CA GLY F 101 23.11 -85.26 -1.17
C GLY F 101 24.19 -84.42 -1.82
N GLY F 102 25.20 -85.12 -2.35
CA GLY F 102 26.30 -84.46 -3.03
C GLY F 102 27.32 -83.87 -2.07
N ILE F 103 28.28 -83.16 -2.65
CA ILE F 103 29.34 -82.52 -1.88
C ILE F 103 28.81 -81.21 -1.31
N LYS F 104 29.59 -80.62 -0.40
CA LYS F 104 29.13 -79.41 0.30
C LYS F 104 28.83 -78.27 -0.66
N SER F 105 29.55 -78.19 -1.78
CA SER F 105 29.30 -77.13 -2.75
C SER F 105 27.92 -77.26 -3.36
N MET F 106 27.52 -78.48 -3.72
CA MET F 106 26.18 -78.68 -4.26
C MET F 106 25.11 -78.41 -3.21
N SER F 107 25.40 -78.76 -1.95
CA SER F 107 24.46 -78.44 -0.87
C SER F 107 24.25 -76.94 -0.75
N ALA F 108 25.34 -76.16 -0.78
CA ALA F 108 25.23 -74.71 -0.69
C ALA F 108 24.51 -74.15 -1.91
N SER F 109 24.79 -74.70 -3.10
CA SER F 109 24.14 -74.21 -4.31
C SER F 109 22.63 -74.46 -4.26
N LEU F 110 22.23 -75.65 -3.83
CA LEU F 110 20.81 -75.94 -3.68
C LEU F 110 20.18 -75.07 -2.59
N GLN F 111 20.93 -74.78 -1.53
CA GLN F 111 20.40 -73.93 -0.46
C GLN F 111 20.10 -72.53 -0.97
N LYS F 112 21.06 -71.92 -1.68
CA LYS F 112 20.79 -70.58 -2.18
C LYS F 112 19.77 -70.60 -3.31
N ALA F 113 19.70 -71.68 -4.09
CA ALA F 113 18.62 -71.80 -5.06
C ALA F 113 17.25 -71.80 -4.37
N ALA F 114 17.14 -72.57 -3.30
CA ALA F 114 15.88 -72.64 -2.56
C ALA F 114 15.53 -71.30 -1.94
N THR F 115 16.51 -70.60 -1.37
CA THR F 115 16.21 -69.32 -0.75
C THR F 115 15.99 -68.20 -1.77
N LEU F 116 16.45 -68.38 -3.00
CA LEU F 116 16.18 -67.38 -4.04
C LEU F 116 14.82 -67.59 -4.69
N PHE F 117 14.59 -68.77 -5.27
CA PHE F 117 13.35 -69.03 -5.97
C PHE F 117 12.26 -69.63 -5.09
N GLY F 118 12.50 -69.75 -3.80
CA GLY F 118 11.47 -70.19 -2.88
C GLY F 118 11.47 -71.69 -2.65
N ALA F 119 10.91 -72.09 -1.51
CA ALA F 119 10.85 -73.49 -1.12
C ALA F 119 9.83 -73.64 0.00
N GLN F 120 8.99 -74.67 -0.10
CA GLN F 120 8.02 -74.93 0.96
C GLN F 120 8.70 -75.29 2.27
N SER F 121 9.74 -76.12 2.19
CA SER F 121 10.51 -76.49 3.37
C SER F 121 11.83 -77.09 2.91
N VAL F 122 12.92 -76.63 3.53
CA VAL F 122 14.26 -77.14 3.25
C VAL F 122 14.72 -77.92 4.46
N PHE F 123 15.25 -79.12 4.22
CA PHE F 123 15.62 -80.01 5.31
C PHE F 123 16.87 -80.81 4.98
N HIS F 124 17.59 -81.19 6.03
CA HIS F 124 18.67 -82.15 5.99
C HIS F 124 18.17 -83.50 6.50
N VAL F 125 18.69 -84.58 5.92
CA VAL F 125 18.40 -85.93 6.37
C VAL F 125 19.72 -86.60 6.69
N LEU F 126 19.88 -87.05 7.93
CA LEU F 126 21.14 -87.65 8.38
C LEU F 126 20.87 -88.99 9.02
N ALA F 127 21.65 -90.00 8.63
CA ALA F 127 21.57 -91.33 9.20
C ALA F 127 22.95 -91.72 9.72
N ASP F 128 23.02 -92.08 11.00
CA ASP F 128 24.30 -92.42 11.61
C ASP F 128 24.83 -93.77 11.17
N ASN F 129 24.00 -94.60 10.55
CA ASN F 129 24.40 -95.94 10.14
C ASN F 129 25.08 -95.97 8.78
N ASN F 130 25.15 -94.83 8.07
CA ASN F 130 25.74 -94.74 6.74
C ASN F 130 25.12 -95.78 5.81
N PRO F 131 23.88 -95.56 5.37
CA PRO F 131 23.17 -96.62 4.63
C PRO F 131 23.91 -97.03 3.36
N ARG F 132 23.90 -98.35 3.08
CA ARG F 132 24.60 -98.90 1.93
C ARG F 132 23.72 -99.81 1.08
N ASN F 133 22.78 -100.54 1.71
CA ASN F 133 21.89 -101.43 0.98
C ASN F 133 20.45 -101.22 1.42
N ILE F 134 19.53 -101.87 0.71
CA ILE F 134 18.11 -101.48 0.81
C ILE F 134 17.45 -102.12 2.04
N GLU F 135 17.82 -103.36 2.34
CA GLU F 135 17.31 -103.98 3.56
C GLU F 135 17.64 -103.13 4.77
N GLU F 136 18.87 -102.60 4.83
CA GLU F 136 19.27 -101.88 6.02
C GLU F 136 18.69 -100.47 6.11
N MET F 137 18.21 -99.85 5.02
CA MET F 137 17.52 -98.60 5.32
C MET F 137 16.04 -98.80 5.55
N PHE F 138 15.44 -99.93 5.12
CA PHE F 138 14.21 -100.32 5.82
C PHE F 138 14.44 -100.48 7.31
N ASP F 139 15.55 -101.14 7.68
CA ASP F 139 15.86 -101.28 9.10
C ASP F 139 16.01 -99.91 9.76
N ALA F 140 16.65 -98.97 9.07
CA ALA F 140 16.81 -97.62 9.60
C ALA F 140 15.47 -96.91 9.76
N LEU F 141 14.54 -97.09 8.82
CA LEU F 141 13.19 -96.58 9.02
C LEU F 141 12.56 -97.17 10.27
N GLN F 142 12.75 -98.48 10.48
CA GLN F 142 12.11 -99.14 11.60
C GLN F 142 12.65 -98.63 12.94
N LYS F 143 13.97 -98.59 13.09
CA LYS F 143 14.53 -98.21 14.39
C LYS F 143 14.68 -96.70 14.56
N GLY F 144 14.37 -95.91 13.52
CA GLY F 144 14.36 -94.47 13.67
C GLY F 144 15.70 -93.80 13.79
N GLN F 145 16.78 -94.45 13.33
CA GLN F 145 18.08 -93.80 13.35
C GLN F 145 18.16 -92.63 12.39
N ILE F 146 17.24 -92.53 11.44
CA ILE F 146 17.23 -91.45 10.46
C ILE F 146 16.62 -90.22 11.10
N HIS F 147 17.34 -89.10 11.04
CA HIS F 147 16.89 -87.84 11.61
C HIS F 147 16.66 -86.81 10.51
N PHE F 148 15.52 -86.14 10.58
CA PHE F 148 15.15 -85.09 9.63
C PHE F 148 15.16 -83.76 10.37
N ILE F 149 15.89 -82.79 9.82
CA ILE F 149 16.03 -81.47 10.44
C ILE F 149 15.72 -80.43 9.38
N GLU F 150 14.54 -79.83 9.45
CA GLU F 150 14.16 -78.76 8.53
C GLU F 150 14.63 -77.44 9.11
N MET F 151 15.43 -76.70 8.33
CA MET F 151 15.95 -75.43 8.82
C MET F 151 15.12 -74.24 8.38
N GLY F 152 13.81 -74.40 8.25
CA GLY F 152 12.92 -73.28 8.05
C GLY F 152 12.19 -73.27 6.73
N TYR F 153 10.99 -72.68 6.72
CA TYR F 153 10.23 -72.49 5.50
C TYR F 153 10.72 -71.20 4.83
N GLU F 154 11.14 -71.31 3.57
CA GLU F 154 11.63 -70.16 2.84
C GLU F 154 10.46 -69.49 2.13
N PRO F 155 10.07 -68.27 2.52
CA PRO F 155 9.03 -67.56 1.75
C PRO F 155 9.45 -67.32 0.31
N GLY F 156 10.75 -67.18 0.07
CA GLY F 156 11.26 -67.06 -1.29
C GLY F 156 11.06 -65.69 -1.88
N TRP F 157 12.03 -65.26 -2.69
CA TRP F 157 11.91 -63.97 -3.35
C TRP F 157 11.09 -64.12 -4.62
N ALA F 158 10.20 -63.15 -4.86
CA ALA F 158 9.24 -63.21 -5.96
C ALA F 158 9.72 -62.42 -7.17
N ALA F 159 11.02 -62.44 -7.45
CA ALA F 159 11.58 -61.75 -8.59
C ALA F 159 12.18 -62.67 -9.64
N LEU F 160 12.22 -63.99 -9.39
CA LEU F 160 12.95 -64.91 -10.25
C LEU F 160 12.17 -66.12 -10.71
N ARG F 161 10.98 -66.39 -10.16
CA ARG F 161 10.25 -67.60 -10.54
C ARG F 161 9.63 -67.46 -11.93
N ARG F 162 8.86 -66.39 -12.14
CA ARG F 162 8.23 -66.19 -13.45
C ARG F 162 9.26 -65.94 -14.54
N LEU F 163 10.52 -65.66 -14.17
CA LEU F 163 11.62 -65.61 -15.12
C LEU F 163 11.74 -66.90 -15.90
N LYS F 164 10.97 -67.93 -15.52
CA LYS F 164 10.88 -69.13 -16.34
C LYS F 164 10.41 -68.85 -17.76
N LYS F 165 9.68 -67.74 -17.97
CA LYS F 165 9.09 -67.47 -19.29
C LYS F 165 10.17 -67.27 -20.36
N ILE F 166 11.22 -66.52 -20.04
CA ILE F 166 12.21 -66.19 -21.07
C ILE F 166 13.01 -67.41 -21.45
N LEU F 167 13.43 -68.22 -20.47
CA LEU F 167 14.18 -69.44 -20.71
C LEU F 167 13.56 -70.57 -19.90
N PRO F 168 12.50 -71.20 -20.43
CA PRO F 168 12.00 -72.44 -19.80
C PRO F 168 12.98 -73.59 -20.02
N ILE F 169 13.33 -73.82 -21.28
CA ILE F 169 14.28 -74.84 -21.70
C ILE F 169 15.00 -74.33 -22.95
N ASN F 170 16.33 -74.27 -22.88
CA ASN F 170 17.12 -73.86 -24.04
C ASN F 170 17.54 -75.06 -24.88
N GLU F 171 16.57 -75.91 -25.20
CA GLU F 171 16.73 -77.10 -26.05
C GLU F 171 18.06 -77.80 -25.80
N GLY F 172 18.38 -78.02 -24.52
CA GLY F 172 19.64 -78.64 -24.15
C GLY F 172 20.82 -77.77 -24.48
N CYS F 173 20.93 -76.61 -23.82
CA CYS F 173 22.00 -75.68 -24.11
C CYS F 173 23.36 -76.27 -23.72
N SER F 174 24.38 -75.90 -24.50
CA SER F 174 25.74 -76.35 -24.24
C SER F 174 26.69 -75.15 -24.21
N ARG F 175 27.99 -75.42 -24.19
CA ARG F 175 28.97 -74.33 -24.06
C ARG F 175 28.89 -73.36 -25.22
N ASP F 176 28.68 -73.86 -26.43
CA ASP F 176 28.70 -72.99 -27.61
C ASP F 176 27.57 -71.99 -27.58
N ASN F 177 26.37 -72.41 -27.19
CA ASN F 177 25.18 -71.58 -27.25
C ASN F 177 24.61 -71.32 -25.85
N PHE F 178 25.49 -70.99 -24.91
CA PHE F 178 25.08 -70.70 -23.54
C PHE F 178 24.95 -69.19 -23.33
N LYS F 179 23.85 -68.77 -22.74
CA LYS F 179 23.62 -67.38 -22.37
C LYS F 179 23.30 -67.31 -20.89
N PRO F 180 24.25 -66.89 -20.04
CA PRO F 180 24.02 -66.91 -18.58
C PRO F 180 23.15 -65.75 -18.12
N LEU F 181 21.84 -65.88 -18.37
CA LEU F 181 20.90 -64.83 -17.97
C LEU F 181 20.83 -64.70 -16.46
N ILE F 182 20.88 -65.82 -15.73
CA ILE F 182 20.86 -65.76 -14.28
C ILE F 182 22.14 -65.12 -13.75
N SER F 183 23.29 -65.42 -14.38
CA SER F 183 24.52 -64.74 -14.01
C SER F 183 24.47 -63.27 -14.39
N LYS F 184 23.77 -62.93 -15.49
CA LYS F 184 23.57 -61.53 -15.84
C LYS F 184 22.80 -60.81 -14.74
N SER F 185 21.73 -61.42 -14.24
CA SER F 185 20.97 -60.81 -13.16
C SER F 185 21.81 -60.68 -11.90
N ILE F 186 22.59 -61.71 -11.56
CA ILE F 186 23.42 -61.66 -10.37
C ILE F 186 24.46 -60.55 -10.49
N GLU F 187 25.11 -60.45 -11.66
CA GLU F 187 26.09 -59.38 -11.87
C GLU F 187 25.44 -58.02 -11.82
N GLU F 188 24.21 -57.91 -12.33
CA GLU F 188 23.45 -56.67 -12.22
C GLU F 188 23.26 -56.26 -10.76
N ILE F 189 22.82 -57.19 -9.91
CA ILE F 189 22.60 -56.84 -8.52
C ILE F 189 23.92 -56.54 -7.82
N LEU F 190 25.00 -57.23 -8.19
CA LEU F 190 26.31 -56.96 -7.59
C LEU F 190 26.79 -55.56 -7.94
N SER F 191 26.65 -55.17 -9.22
CA SER F 191 27.06 -53.85 -9.64
C SER F 191 26.21 -52.78 -8.96
N ASN F 192 24.91 -53.03 -8.83
CA ASN F 192 24.05 -52.07 -8.14
C ASN F 192 24.44 -51.92 -6.68
N VAL F 193 24.77 -53.03 -6.02
CA VAL F 193 25.22 -52.97 -4.63
C VAL F 193 26.51 -52.17 -4.51
N LYS F 194 27.44 -52.41 -5.44
CA LYS F 194 28.71 -51.68 -5.41
C LYS F 194 28.49 -50.19 -5.62
N ILE F 195 27.59 -49.82 -6.53
CA ILE F 195 27.27 -48.40 -6.73
C ILE F 195 26.61 -47.82 -5.48
N MET F 196 25.75 -48.61 -4.84
CA MET F 196 25.08 -48.17 -3.61
C MET F 196 26.11 -47.88 -2.53
N ALA F 197 27.09 -48.76 -2.36
CA ALA F 197 28.10 -48.58 -1.33
C ALA F 197 28.97 -47.36 -1.58
N SER F 198 28.99 -46.83 -2.80
CA SER F 198 29.80 -45.65 -3.07
C SER F 198 29.32 -44.43 -2.30
N ASP F 199 28.00 -44.23 -2.24
CA ASP F 199 27.42 -43.09 -1.55
C ASP F 199 26.14 -43.53 -0.85
N THR F 200 26.11 -43.39 0.47
CA THR F 200 24.94 -43.76 1.26
C THR F 200 23.82 -42.74 1.17
N GLY F 201 24.11 -41.52 0.70
CA GLY F 201 23.10 -40.47 0.67
C GLY F 201 21.87 -40.82 -0.14
N LYS F 202 22.03 -41.69 -1.14
CA LYS F 202 20.88 -42.11 -1.94
C LYS F 202 19.88 -42.88 -1.08
N SER F 203 20.39 -43.69 -0.16
CA SER F 203 19.51 -44.50 0.70
C SER F 203 18.95 -43.64 1.83
N ASN F 204 19.59 -42.51 2.13
CA ASN F 204 19.16 -41.69 3.29
C ASN F 204 17.65 -41.46 3.19
N GLN F 205 17.17 -41.23 1.96
CA GLN F 205 15.72 -41.00 1.74
C GLN F 205 14.93 -42.06 2.51
N LEU F 206 14.55 -41.75 3.75
CA LEU F 206 13.72 -42.69 4.54
C LEU F 206 12.63 -43.22 3.61
N PRO F 207 12.24 -44.51 3.68
CA PRO F 207 11.32 -45.06 2.68
C PRO F 207 9.87 -45.54 2.86
N PHE F 208 8.87 -44.66 2.99
CA PHE F 208 7.47 -45.10 2.86
C PHE F 208 7.23 -46.49 3.46
N PRO F 209 7.09 -46.58 4.78
CA PRO F 209 7.49 -47.79 5.53
C PRO F 209 7.12 -49.15 4.96
N SER F 210 5.83 -49.44 4.78
CA SER F 210 5.46 -50.80 4.39
C SER F 210 5.88 -51.13 2.97
N LEU F 211 6.20 -50.13 2.16
CA LEU F 211 6.80 -50.35 0.85
C LEU F 211 8.21 -50.95 0.97
N ALA F 212 8.80 -50.88 2.15
CA ALA F 212 10.08 -51.52 2.46
C ALA F 212 9.81 -52.97 2.88
N ILE F 213 10.78 -53.60 3.53
CA ILE F 213 10.75 -54.96 4.08
C ILE F 213 10.55 -55.96 2.95
N LEU F 214 10.83 -55.53 1.72
CA LEU F 214 10.89 -56.42 0.58
C LEU F 214 12.11 -57.33 0.73
N PRO F 215 12.17 -58.41 -0.05
CA PRO F 215 13.38 -59.21 -0.06
C PRO F 215 14.58 -58.37 -0.43
N PRO F 216 15.75 -58.68 0.12
CA PRO F 216 16.94 -57.85 -0.18
C PRO F 216 17.24 -57.75 -1.66
N ILE F 217 16.98 -58.82 -2.42
CA ILE F 217 17.11 -58.76 -3.86
C ILE F 217 16.15 -57.73 -4.44
N ALA F 218 14.94 -57.66 -3.90
CA ALA F 218 13.98 -56.67 -4.40
C ALA F 218 14.46 -55.25 -4.15
N GLN F 219 15.01 -54.99 -2.95
CA GLN F 219 15.55 -53.67 -2.67
C GLN F 219 16.73 -53.34 -3.59
N GLN F 220 17.62 -54.31 -3.81
CA GLN F 220 18.76 -54.08 -4.68
C GLN F 220 18.29 -53.76 -6.10
N TRP F 221 17.29 -54.49 -6.60
CA TRP F 221 16.73 -54.18 -7.92
C TRP F 221 16.11 -52.78 -7.93
N LEU F 222 15.41 -52.42 -6.85
CA LEU F 222 14.77 -51.12 -6.76
C LEU F 222 15.81 -50.00 -6.79
N GLN F 223 17.01 -50.26 -6.28
CA GLN F 223 18.07 -49.24 -6.26
C GLN F 223 18.72 -49.04 -7.62
N LEU F 224 18.37 -49.82 -8.64
CA LEU F 224 18.97 -49.65 -9.95
C LEU F 224 18.58 -48.31 -10.56
N PRO F 225 19.43 -47.75 -11.43
CA PRO F 225 18.99 -46.64 -12.26
C PRO F 225 17.86 -47.08 -13.19
N LEU F 226 16.93 -46.17 -13.43
CA LEU F 226 15.75 -46.49 -14.22
C LEU F 226 16.14 -46.73 -15.68
N SER F 227 15.48 -47.71 -16.30
CA SER F 227 15.76 -48.10 -17.68
C SER F 227 14.50 -47.99 -18.51
N ALA F 228 14.69 -47.83 -19.82
CA ALA F 228 13.56 -47.68 -20.74
C ALA F 228 12.76 -48.97 -20.92
N ASN F 229 13.26 -50.10 -20.43
CA ASN F 229 12.58 -51.38 -20.60
C ASN F 229 11.66 -51.72 -19.43
N ASP F 230 11.49 -50.80 -18.48
CA ASP F 230 10.62 -51.01 -17.32
C ASP F 230 9.20 -50.50 -17.56
N GLY F 231 8.75 -50.47 -18.81
CA GLY F 231 7.42 -49.94 -19.10
C GLY F 231 6.30 -50.72 -18.42
N ALA F 232 6.42 -52.05 -18.38
CA ALA F 232 5.38 -52.87 -17.78
C ALA F 232 5.22 -52.55 -16.29
N TRP F 233 6.34 -52.38 -15.59
CA TRP F 233 6.27 -52.11 -14.14
C TRP F 233 5.60 -50.78 -13.87
N ILE F 234 6.02 -49.71 -14.56
CA ILE F 234 5.43 -48.40 -14.32
C ILE F 234 3.98 -48.38 -14.75
N GLN F 235 3.63 -49.10 -15.81
CA GLN F 235 2.22 -49.21 -16.19
C GLN F 235 1.41 -49.90 -15.09
N ASN F 236 1.99 -50.93 -14.47
CA ASN F 236 1.35 -51.57 -13.34
C ASN F 236 1.42 -50.75 -12.07
N LEU F 237 2.26 -49.71 -12.03
CA LEU F 237 2.45 -48.92 -10.83
C LEU F 237 1.35 -47.88 -10.71
N PRO F 238 0.62 -47.82 -9.59
CA PRO F 238 -0.36 -46.75 -9.41
C PRO F 238 0.33 -45.40 -9.37
N LYS F 239 -0.32 -44.40 -9.96
CA LYS F 239 0.28 -43.08 -10.14
C LYS F 239 -0.74 -42.01 -9.81
N VAL F 240 -0.29 -40.75 -9.84
CA VAL F 240 -1.11 -39.58 -9.52
C VAL F 240 -0.81 -38.49 -10.53
N ASP F 241 -1.87 -37.80 -10.99
CA ASP F 241 -1.77 -36.78 -12.02
C ASP F 241 -2.43 -35.50 -11.50
N LEU F 242 -1.63 -34.60 -10.93
CA LEU F 242 -2.14 -33.38 -10.31
C LEU F 242 -2.28 -32.21 -11.28
N HIS F 243 -1.84 -32.36 -12.52
CA HIS F 243 -1.87 -31.27 -13.51
C HIS F 243 -2.30 -31.88 -14.84
N CYS F 244 -3.59 -31.84 -15.14
CA CYS F 244 -4.14 -32.39 -16.37
C CYS F 244 -5.28 -31.51 -16.84
N HIS F 245 -5.11 -30.86 -17.99
CA HIS F 245 -6.14 -30.00 -18.56
C HIS F 245 -7.21 -30.86 -19.23
N LEU F 246 -8.46 -30.66 -18.83
CA LEU F 246 -9.56 -31.41 -19.43
C LEU F 246 -9.75 -31.03 -20.90
N GLY F 247 -9.62 -29.74 -21.21
CA GLY F 247 -9.93 -29.27 -22.54
C GLY F 247 -8.84 -29.49 -23.57
N GLY F 248 -8.09 -30.58 -23.41
CA GLY F 248 -7.06 -30.93 -24.37
C GLY F 248 -6.92 -32.42 -24.58
N PHE F 249 -7.83 -33.21 -24.01
CA PHE F 249 -7.69 -34.67 -24.06
C PHE F 249 -7.89 -35.19 -25.47
N ALA F 250 -9.07 -34.97 -26.05
CA ALA F 250 -9.38 -35.49 -27.38
C ALA F 250 -9.03 -34.43 -28.42
N THR F 251 -7.73 -34.38 -28.75
CA THR F 251 -7.23 -33.43 -29.73
C THR F 251 -6.58 -34.08 -30.94
N SER F 252 -6.45 -35.40 -30.95
CA SER F 252 -5.79 -36.10 -32.05
C SER F 252 -6.30 -37.52 -32.14
N GLY F 253 -6.01 -38.16 -33.27
CA GLY F 253 -6.39 -39.55 -33.45
C GLY F 253 -7.89 -39.74 -33.63
N SER F 254 -8.36 -40.92 -33.24
CA SER F 254 -9.76 -41.29 -33.39
C SER F 254 -10.64 -40.76 -32.26
N LEU F 255 -10.05 -40.11 -31.25
CA LEU F 255 -10.83 -39.64 -30.11
C LEU F 255 -11.87 -38.61 -30.52
N LEU F 256 -11.49 -37.68 -31.41
CA LEU F 256 -12.41 -36.62 -31.81
C LEU F 256 -13.63 -37.18 -32.53
N ASP F 257 -13.47 -38.26 -33.29
CA ASP F 257 -14.62 -38.87 -33.95
C ASP F 257 -15.60 -39.45 -32.93
N GLN F 258 -15.08 -40.08 -31.86
CA GLN F 258 -15.97 -40.56 -30.81
C GLN F 258 -16.65 -39.41 -30.08
N VAL F 259 -15.93 -38.31 -29.86
CA VAL F 259 -16.52 -37.15 -29.20
C VAL F 259 -17.64 -36.57 -30.05
N ARG F 260 -17.38 -36.40 -31.35
CA ARG F 260 -18.37 -35.82 -32.25
C ARG F 260 -19.57 -36.74 -32.45
N GLY F 261 -19.35 -38.06 -32.42
CA GLY F 261 -20.47 -38.98 -32.55
C GLY F 261 -21.47 -38.84 -31.42
N ALA F 262 -20.99 -38.62 -30.20
CA ALA F 262 -21.86 -38.40 -29.05
C ALA F 262 -22.15 -36.92 -28.82
N ALA F 263 -22.62 -36.26 -29.87
CA ALA F 263 -22.99 -34.84 -29.81
C ALA F 263 -24.51 -34.74 -29.77
N SER F 264 -25.05 -34.08 -28.74
CA SER F 264 -26.48 -33.93 -28.62
C SER F 264 -27.07 -33.04 -29.71
N GLU F 265 -26.25 -32.23 -30.37
CA GLU F 265 -26.68 -31.35 -31.45
C GLU F 265 -25.78 -31.59 -32.65
N PRO F 266 -25.96 -32.71 -33.36
CA PRO F 266 -25.04 -33.12 -34.42
C PRO F 266 -25.32 -32.46 -35.77
N ASP F 267 -25.51 -31.14 -35.76
CA ASP F 267 -25.66 -30.39 -37.00
C ASP F 267 -24.89 -29.08 -37.05
N LEU F 268 -24.37 -28.59 -35.93
CA LEU F 268 -23.63 -27.33 -35.88
C LEU F 268 -22.22 -27.57 -35.35
N ILE F 269 -21.58 -28.64 -35.81
CA ILE F 269 -20.22 -28.99 -35.40
C ILE F 269 -19.39 -29.20 -36.66
N ASP F 270 -18.25 -28.52 -36.75
CA ASP F 270 -17.36 -28.64 -37.90
C ASP F 270 -16.50 -29.88 -37.71
N ARG F 271 -16.92 -30.99 -38.33
CA ARG F 271 -16.21 -32.26 -38.23
C ARG F 271 -15.22 -32.44 -39.39
N THR F 272 -14.76 -31.35 -39.98
CA THR F 272 -13.84 -31.40 -41.10
C THR F 272 -12.50 -30.73 -40.85
N PHE F 273 -12.38 -29.93 -39.79
CA PHE F 273 -11.13 -29.22 -39.49
C PHE F 273 -10.30 -30.08 -38.53
N SER F 274 -9.09 -30.43 -38.96
CA SER F 274 -8.14 -31.13 -38.14
C SER F 274 -6.85 -30.32 -38.05
N PRO F 275 -6.28 -30.15 -36.86
CA PRO F 275 -5.07 -29.33 -36.73
C PRO F 275 -3.89 -29.96 -37.44
N GLN F 276 -2.99 -29.09 -37.91
CA GLN F 276 -1.80 -29.56 -38.61
C GLN F 276 -0.92 -30.40 -37.68
N GLU F 277 -0.43 -31.52 -38.20
CA GLU F 277 0.42 -32.42 -37.43
C GLU F 277 1.88 -32.06 -37.65
N ILE F 278 2.66 -32.13 -36.58
CA ILE F 278 4.10 -31.88 -36.61
C ILE F 278 4.82 -33.20 -36.50
N ALA F 279 5.77 -33.45 -37.40
CA ALA F 279 6.45 -34.73 -37.47
C ALA F 279 7.33 -34.94 -36.23
N GLY F 280 7.53 -36.22 -35.91
CA GLY F 280 8.35 -36.61 -34.77
C GLY F 280 7.61 -36.72 -33.45
N TRP F 281 6.33 -36.39 -33.42
CA TRP F 281 5.58 -36.42 -32.16
C TRP F 281 5.51 -37.85 -31.64
N PRO F 282 5.59 -38.05 -30.32
CA PRO F 282 5.75 -37.05 -29.26
C PRO F 282 7.20 -36.73 -28.95
N ARG F 283 8.14 -37.32 -29.69
CA ARG F 283 9.57 -37.11 -29.48
C ARG F 283 10.14 -36.13 -30.50
N SER F 284 9.37 -35.11 -30.86
CA SER F 284 9.79 -34.17 -31.89
C SER F 284 11.10 -33.49 -31.50
N HIS F 285 12.01 -33.40 -32.47
CA HIS F 285 13.35 -32.87 -32.23
C HIS F 285 13.44 -31.38 -32.49
N LYS F 286 12.29 -30.70 -32.60
CA LYS F 286 12.25 -29.25 -32.81
C LYS F 286 11.55 -28.60 -31.62
N SER F 287 12.09 -27.47 -31.18
CA SER F 287 11.55 -26.76 -30.02
C SER F 287 10.64 -25.63 -30.49
N ILE F 288 9.45 -25.56 -29.90
CA ILE F 288 8.46 -24.55 -30.22
C ILE F 288 7.89 -24.00 -28.92
N SER F 289 7.67 -22.68 -28.88
CA SER F 289 7.23 -21.99 -27.68
C SER F 289 5.79 -21.56 -27.85
N LEU F 290 4.87 -22.25 -27.16
CA LEU F 290 3.44 -21.93 -27.17
C LEU F 290 2.88 -21.86 -28.58
N ASP F 291 1.69 -21.27 -28.72
CA ASP F 291 1.07 -21.02 -30.02
C ASP F 291 0.82 -22.30 -30.79
N LYS F 292 1.89 -22.99 -31.19
CA LYS F 292 1.79 -24.19 -32.01
C LYS F 292 1.09 -25.34 -31.29
N TYR F 293 0.99 -25.30 -29.97
CA TYR F 293 0.23 -26.31 -29.24
C TYR F 293 -1.24 -25.95 -29.10
N MET F 294 -1.54 -24.67 -28.85
CA MET F 294 -2.94 -24.24 -28.80
C MET F 294 -3.63 -24.46 -30.14
N GLU F 295 -2.94 -24.16 -31.24
CA GLU F 295 -3.49 -24.49 -32.55
C GLU F 295 -3.48 -26.00 -32.80
N LEU F 296 -2.56 -26.73 -32.14
CA LEU F 296 -2.56 -28.18 -32.27
C LEU F 296 -3.79 -28.80 -31.62
N GLY F 297 -4.37 -28.12 -30.63
CA GLY F 297 -5.58 -28.59 -29.99
C GLY F 297 -6.78 -27.72 -30.31
N ASN F 298 -6.72 -26.99 -31.44
CA ASN F 298 -7.83 -26.11 -31.79
C ASN F 298 -9.12 -26.88 -32.05
N ALA F 299 -9.01 -28.11 -32.54
CA ALA F 299 -10.19 -28.91 -32.83
C ALA F 299 -10.97 -29.29 -31.59
N ASN F 300 -10.40 -29.11 -30.40
CA ASN F 300 -11.04 -29.43 -29.14
C ASN F 300 -11.07 -28.20 -28.25
N GLY F 301 -11.97 -28.23 -27.27
CA GLY F 301 -12.12 -27.12 -26.35
C GLY F 301 -13.30 -26.23 -26.66
N SER F 302 -13.08 -24.92 -26.72
CA SER F 302 -14.17 -24.00 -26.99
C SER F 302 -14.75 -24.17 -28.39
N LYS F 303 -14.02 -24.80 -29.30
CA LYS F 303 -14.53 -24.98 -30.66
C LYS F 303 -15.42 -26.22 -30.79
N LEU F 304 -15.39 -27.12 -29.82
CA LEU F 304 -16.15 -28.36 -29.92
C LEU F 304 -17.02 -28.65 -28.71
N LEU F 305 -16.58 -28.29 -27.51
CA LEU F 305 -17.23 -28.73 -26.28
C LEU F 305 -18.42 -27.86 -25.88
N LYS F 306 -18.99 -27.09 -26.81
CA LYS F 306 -20.13 -26.25 -26.47
C LYS F 306 -21.38 -27.10 -26.17
N ASP F 307 -21.61 -28.14 -26.95
CA ASP F 307 -22.80 -28.97 -26.75
C ASP F 307 -22.64 -29.85 -25.51
N LYS F 308 -23.77 -30.11 -24.85
CA LYS F 308 -23.74 -30.84 -23.58
C LYS F 308 -23.28 -32.29 -23.78
N GLY F 309 -23.73 -32.94 -24.85
CA GLY F 309 -23.37 -34.33 -25.05
C GLY F 309 -21.87 -34.54 -25.22
N CYS F 310 -21.21 -33.63 -25.94
CA CYS F 310 -19.77 -33.72 -26.10
C CYS F 310 -19.06 -33.61 -24.76
N LEU F 311 -19.60 -32.81 -23.83
CA LEU F 311 -19.00 -32.71 -22.50
C LEU F 311 -19.02 -34.06 -21.79
N ILE F 312 -20.17 -34.75 -21.83
CA ILE F 312 -20.29 -36.04 -21.18
C ILE F 312 -19.36 -37.06 -21.84
N ARG F 313 -19.33 -37.06 -23.17
CA ARG F 313 -18.46 -38.01 -23.87
C ARG F 313 -16.99 -37.77 -23.54
N GLN F 314 -16.57 -36.50 -23.52
CA GLN F 314 -15.19 -36.18 -23.18
C GLN F 314 -14.87 -36.58 -21.76
N VAL F 315 -15.79 -36.36 -20.83
CA VAL F 315 -15.56 -36.73 -19.44
C VAL F 315 -15.41 -38.24 -19.32
N GLU F 316 -16.29 -39.00 -19.97
CA GLU F 316 -16.21 -40.45 -19.89
C GLU F 316 -14.92 -40.96 -20.51
N LEU F 317 -14.52 -40.41 -21.66
CA LEU F 317 -13.28 -40.84 -22.29
C LEU F 317 -12.08 -40.53 -21.42
N LEU F 318 -12.04 -39.33 -20.81
CA LEU F 318 -10.93 -38.98 -19.94
C LEU F 318 -10.86 -39.90 -18.72
N TYR F 319 -12.01 -40.20 -18.12
CA TYR F 319 -12.02 -41.09 -16.97
C TYR F 319 -11.58 -42.50 -17.35
N GLN F 320 -12.01 -42.98 -18.53
CA GLN F 320 -11.60 -44.29 -18.99
C GLN F 320 -10.09 -44.33 -19.24
N SER F 321 -9.54 -43.27 -19.82
CA SER F 321 -8.09 -43.20 -20.03
C SER F 321 -7.35 -43.18 -18.69
N LEU F 322 -7.88 -42.45 -17.71
CA LEU F 322 -7.26 -42.43 -16.40
C LEU F 322 -7.26 -43.81 -15.75
N VAL F 323 -8.38 -44.52 -15.86
CA VAL F 323 -8.45 -45.87 -15.30
C VAL F 323 -7.53 -46.82 -16.03
N ASN F 324 -7.38 -46.64 -17.35
CA ASN F 324 -6.55 -47.52 -18.15
C ASN F 324 -5.10 -47.49 -17.71
N ASP F 325 -4.65 -46.35 -17.17
CA ASP F 325 -3.28 -46.20 -16.70
C ASP F 325 -3.11 -46.60 -15.25
N ASN F 326 -4.15 -47.12 -14.61
CA ASN F 326 -4.11 -47.50 -13.20
C ASN F 326 -3.79 -46.31 -12.31
N VAL F 327 -4.14 -45.11 -12.75
CA VAL F 327 -3.93 -43.91 -11.94
C VAL F 327 -4.93 -43.91 -10.79
N ALA F 328 -4.43 -43.75 -9.57
CA ALA F 328 -5.29 -43.85 -8.39
C ALA F 328 -5.90 -42.53 -7.98
N TYR F 329 -5.35 -41.41 -8.44
CA TYR F 329 -5.85 -40.10 -8.06
C TYR F 329 -5.37 -39.08 -9.08
N ALA F 330 -6.22 -38.09 -9.38
CA ALA F 330 -5.85 -37.07 -10.33
C ALA F 330 -6.74 -35.84 -10.12
N GLU F 331 -6.15 -34.66 -10.27
CA GLU F 331 -6.87 -33.40 -10.24
C GLU F 331 -6.95 -32.84 -11.64
N ILE F 332 -8.15 -32.49 -12.08
CA ILE F 332 -8.42 -32.13 -13.46
C ILE F 332 -8.71 -30.64 -13.54
N ARG F 333 -7.97 -29.94 -14.39
CA ARG F 333 -8.25 -28.54 -14.67
C ARG F 333 -9.45 -28.41 -15.61
N CYS F 334 -10.15 -27.29 -15.51
CA CYS F 334 -11.28 -27.03 -16.38
C CYS F 334 -11.49 -25.52 -16.47
N SER F 335 -12.23 -25.11 -17.50
CA SER F 335 -12.53 -23.70 -17.75
C SER F 335 -14.04 -23.56 -17.88
N PRO F 336 -14.75 -23.52 -16.76
CA PRO F 336 -16.23 -23.47 -16.83
C PRO F 336 -16.77 -22.27 -17.57
N ASN F 337 -16.11 -21.12 -17.45
CA ASN F 337 -16.58 -19.90 -18.11
C ASN F 337 -16.15 -19.82 -19.57
N ASN F 338 -15.34 -20.77 -20.05
CA ASN F 338 -14.94 -20.83 -21.44
C ASN F 338 -15.81 -21.76 -22.27
N TYR F 339 -16.66 -22.58 -21.62
CA TYR F 339 -17.51 -23.53 -22.32
C TYR F 339 -18.99 -23.16 -22.26
N ALA F 340 -19.38 -22.24 -21.39
CA ALA F 340 -20.78 -21.89 -21.21
C ALA F 340 -21.33 -21.20 -22.46
N ASP F 341 -22.62 -21.41 -22.71
CA ASP F 341 -23.33 -20.76 -23.80
C ASP F 341 -24.57 -20.10 -23.24
N LYS F 342 -24.69 -18.79 -23.44
CA LYS F 342 -25.82 -18.05 -22.86
C LYS F 342 -27.11 -18.34 -23.62
N ASN F 343 -27.05 -18.37 -24.95
CA ASN F 343 -28.26 -18.60 -25.74
C ASN F 343 -28.84 -19.98 -25.48
N LYS F 344 -27.97 -20.99 -25.33
CA LYS F 344 -28.42 -22.34 -25.02
C LYS F 344 -28.87 -22.50 -23.57
N ASN F 345 -28.94 -21.41 -22.81
CA ASN F 345 -29.28 -21.45 -21.38
C ASN F 345 -28.31 -22.37 -20.63
N ARG F 346 -27.05 -22.34 -21.03
CA ARG F 346 -25.99 -23.14 -20.42
C ARG F 346 -25.04 -22.19 -19.70
N SER F 347 -25.34 -21.92 -18.44
CA SER F 347 -24.47 -21.07 -17.64
C SER F 347 -23.19 -21.81 -17.26
N ALA F 348 -22.18 -21.04 -16.86
CA ALA F 348 -20.92 -21.65 -16.42
C ALA F 348 -21.15 -22.52 -15.20
N TRP F 349 -21.98 -22.07 -14.26
CA TRP F 349 -22.32 -22.89 -13.10
C TRP F 349 -22.99 -24.19 -13.53
N VAL F 350 -23.86 -24.11 -14.54
CA VAL F 350 -24.50 -25.32 -15.06
C VAL F 350 -23.47 -26.27 -15.64
N VAL F 351 -22.50 -25.74 -16.38
CA VAL F 351 -21.45 -26.59 -16.97
C VAL F 351 -20.65 -27.27 -15.87
N LEU F 352 -20.25 -26.51 -14.84
CA LEU F 352 -19.48 -27.10 -13.76
C LEU F 352 -20.28 -28.15 -13.00
N GLN F 353 -21.56 -27.87 -12.75
CA GLN F 353 -22.40 -28.84 -12.07
C GLN F 353 -22.56 -30.12 -12.90
N ASP F 354 -22.70 -29.97 -14.21
CA ASP F 354 -22.80 -31.14 -15.08
C ASP F 354 -21.53 -31.97 -15.03
N ILE F 355 -20.36 -31.30 -15.08
CA ILE F 355 -19.09 -32.03 -15.03
C ILE F 355 -18.95 -32.75 -13.69
N ASN F 356 -19.27 -32.06 -12.60
CA ASN F 356 -19.18 -32.68 -11.28
C ASN F 356 -20.13 -33.87 -11.19
N ASP F 357 -21.34 -33.73 -11.72
CA ASP F 357 -22.32 -34.81 -11.64
C ASP F 357 -21.88 -36.03 -12.43
N THR F 358 -21.37 -35.84 -13.65
CA THR F 358 -20.93 -37.00 -14.41
C THR F 358 -19.71 -37.64 -13.77
N PHE F 359 -18.80 -36.84 -13.21
CA PHE F 359 -17.64 -37.42 -12.54
C PHE F 359 -18.05 -38.24 -11.32
N THR F 360 -18.96 -37.72 -10.50
CA THR F 360 -19.36 -38.46 -9.31
C THR F 360 -20.20 -39.68 -9.68
N ARG F 361 -20.98 -39.61 -10.77
CA ARG F 361 -21.69 -40.79 -11.23
C ARG F 361 -20.72 -41.88 -11.68
N LEU F 362 -19.67 -41.49 -12.41
CA LEU F 362 -18.67 -42.47 -12.82
C LEU F 362 -17.96 -43.07 -11.61
N ILE F 363 -17.63 -42.22 -10.63
CA ILE F 363 -16.95 -42.71 -9.43
C ILE F 363 -17.83 -43.72 -8.69
N THR F 364 -19.11 -43.38 -8.52
CA THR F 364 -20.02 -44.29 -7.83
C THR F 364 -20.17 -45.60 -8.58
N GLU F 365 -20.31 -45.52 -9.91
CA GLU F 365 -20.44 -46.73 -10.71
C GLU F 365 -19.20 -47.62 -10.59
N ALA F 366 -18.01 -47.02 -10.64
CA ALA F 366 -16.79 -47.80 -10.50
C ALA F 366 -16.67 -48.41 -9.11
N LYS F 367 -17.04 -47.65 -8.07
CA LYS F 367 -16.89 -48.15 -6.70
C LYS F 367 -17.87 -49.28 -6.41
N GLN F 368 -19.09 -49.19 -6.96
CA GLN F 368 -20.10 -50.20 -6.67
C GLN F 368 -19.66 -51.58 -7.16
N LYS F 369 -19.05 -51.64 -8.33
CA LYS F 369 -18.60 -52.92 -8.89
C LYS F 369 -17.27 -53.38 -8.31
N ASN F 370 -16.76 -52.71 -7.28
CA ASN F 370 -15.56 -53.14 -6.55
C ASN F 370 -14.34 -53.22 -7.45
N GLN F 371 -14.31 -52.43 -8.52
CA GLN F 371 -13.18 -52.40 -9.42
C GLN F 371 -12.19 -51.31 -8.99
N PHE F 372 -11.22 -51.01 -9.84
CA PHE F 372 -10.22 -49.98 -9.55
C PHE F 372 -10.81 -48.63 -9.90
N TYR F 373 -11.23 -47.88 -8.88
CA TYR F 373 -11.82 -46.56 -9.06
C TYR F 373 -10.77 -45.48 -8.86
N CYS F 374 -10.78 -44.49 -9.73
CA CYS F 374 -9.79 -43.41 -9.73
C CYS F 374 -10.44 -42.15 -9.17
N HIS F 375 -10.27 -41.92 -7.87
CA HIS F 375 -10.83 -40.73 -7.24
C HIS F 375 -10.25 -39.47 -7.87
N VAL F 376 -11.11 -38.52 -8.19
CA VAL F 376 -10.71 -37.31 -8.90
C VAL F 376 -11.36 -36.10 -8.24
N ASN F 377 -10.56 -35.06 -8.01
CA ASN F 377 -11.04 -33.75 -7.58
C ASN F 377 -10.85 -32.75 -8.72
N LEU F 378 -11.36 -31.55 -8.51
CA LEU F 378 -11.46 -30.58 -9.60
C LEU F 378 -10.77 -29.27 -9.25
N LEU F 379 -10.18 -28.66 -10.28
CA LEU F 379 -9.53 -27.36 -10.20
C LEU F 379 -10.19 -26.43 -11.20
N VAL F 380 -10.46 -25.20 -10.77
CA VAL F 380 -11.11 -24.20 -11.62
C VAL F 380 -10.05 -23.24 -12.13
N ILE F 381 -9.83 -23.24 -13.45
CA ILE F 381 -8.87 -22.33 -14.05
C ILE F 381 -9.42 -20.91 -13.98
N ALA F 382 -8.63 -19.98 -13.45
CA ALA F 382 -8.94 -18.56 -13.53
C ALA F 382 -8.13 -18.00 -14.70
N SER F 383 -8.70 -18.14 -15.90
CA SER F 383 -7.98 -17.85 -17.12
C SER F 383 -7.54 -16.38 -17.17
N ARG F 384 -6.30 -16.17 -17.58
CA ARG F 384 -5.73 -14.83 -17.70
C ARG F 384 -6.12 -14.24 -19.05
N LYS F 385 -7.43 -13.98 -19.20
CA LYS F 385 -7.95 -13.42 -20.43
C LYS F 385 -7.46 -11.99 -20.67
N PHE F 386 -6.94 -11.33 -19.63
CA PHE F 386 -6.29 -10.04 -19.73
C PHE F 386 -7.23 -8.94 -20.19
N SER F 387 -7.12 -8.54 -21.46
CA SER F 387 -7.80 -7.34 -21.93
C SER F 387 -9.32 -7.43 -21.79
N GLY F 388 -9.89 -8.58 -22.14
CA GLY F 388 -11.33 -8.69 -22.19
C GLY F 388 -12.01 -8.89 -20.84
N ASP F 389 -12.66 -7.85 -20.35
CA ASP F 389 -13.54 -7.92 -19.18
C ASP F 389 -12.82 -8.51 -17.96
N LEU F 390 -11.86 -7.74 -17.46
CA LEU F 390 -11.06 -8.10 -16.29
C LEU F 390 -11.90 -8.71 -15.17
N SER F 391 -13.11 -8.18 -14.98
CA SER F 391 -13.96 -8.63 -13.88
C SER F 391 -14.23 -10.13 -13.94
N ASP F 392 -14.16 -10.71 -15.14
CA ASP F 392 -14.39 -12.15 -15.28
C ASP F 392 -13.47 -12.95 -14.36
N ILE F 393 -12.25 -12.47 -14.14
CA ILE F 393 -11.34 -13.11 -13.18
C ILE F 393 -12.05 -13.33 -11.86
N SER F 394 -12.56 -12.23 -11.27
CA SER F 394 -13.29 -12.34 -10.02
C SER F 394 -14.43 -13.34 -10.14
N LYS F 395 -15.17 -13.30 -11.26
CA LYS F 395 -16.26 -14.23 -11.48
C LYS F 395 -15.79 -15.66 -11.25
N HIS F 396 -14.68 -16.03 -11.90
CA HIS F 396 -14.15 -17.38 -11.74
C HIS F 396 -13.95 -17.70 -10.27
N LEU F 397 -13.26 -16.82 -9.55
CA LEU F 397 -13.05 -17.03 -8.12
C LEU F 397 -14.39 -17.23 -7.41
N ALA F 398 -15.33 -16.32 -7.67
CA ALA F 398 -16.64 -16.43 -7.05
C ALA F 398 -17.24 -17.80 -7.32
N LEU F 399 -17.16 -18.26 -8.56
CA LEU F 399 -17.67 -19.58 -8.91
C LEU F 399 -17.08 -20.63 -8.00
N ALA F 400 -15.76 -20.66 -7.89
CA ALA F 400 -15.12 -21.67 -7.05
C ALA F 400 -15.61 -21.56 -5.61
N ILE F 401 -15.76 -20.32 -5.12
CA ILE F 401 -16.17 -20.15 -3.74
C ILE F 401 -17.56 -20.72 -3.51
N THR F 402 -18.44 -20.61 -4.50
CA THR F 402 -19.77 -21.19 -4.36
C THR F 402 -19.86 -22.59 -4.94
N ALA F 403 -18.76 -23.11 -5.49
CA ALA F 403 -18.80 -24.44 -6.08
C ALA F 403 -18.62 -25.52 -5.01
N MET F 404 -17.46 -25.54 -4.37
CA MET F 404 -17.20 -26.49 -3.31
C MET F 404 -18.16 -26.33 -2.14
N GLN F 405 -18.80 -25.16 -2.02
CA GLN F 405 -19.79 -24.94 -0.98
C GLN F 405 -21.05 -25.78 -1.18
N GLN F 406 -21.20 -26.41 -2.36
CA GLN F 406 -22.36 -27.27 -2.56
C GLN F 406 -22.36 -28.44 -1.57
N GLY F 407 -21.20 -29.00 -1.27
CA GLY F 407 -21.09 -30.06 -0.28
C GLY F 407 -21.16 -31.48 -0.81
N GLU F 408 -22.34 -31.91 -1.27
CA GLU F 408 -22.52 -33.31 -1.60
C GLU F 408 -21.74 -33.69 -2.85
N GLY F 409 -21.42 -34.95 -2.96
CA GLY F 409 -20.68 -35.45 -4.11
C GLY F 409 -19.27 -35.86 -3.72
N VAL F 410 -18.82 -37.00 -4.24
CA VAL F 410 -17.47 -37.47 -3.93
C VAL F 410 -16.43 -36.54 -4.56
N CYS F 411 -16.70 -36.03 -5.75
CA CYS F 411 -15.80 -35.11 -6.42
C CYS F 411 -16.16 -33.68 -6.00
N ARG F 412 -15.15 -32.93 -5.57
CA ARG F 412 -15.36 -31.58 -5.08
C ARG F 412 -14.29 -30.66 -5.64
N ILE F 413 -14.65 -29.39 -5.80
CA ILE F 413 -13.67 -28.38 -6.17
C ILE F 413 -12.71 -28.17 -5.01
N VAL F 414 -11.41 -28.18 -5.31
CA VAL F 414 -10.43 -28.08 -4.23
C VAL F 414 -9.56 -26.84 -4.39
N GLY F 415 -9.41 -26.35 -5.62
CA GLY F 415 -8.51 -25.22 -5.81
C GLY F 415 -8.75 -24.48 -7.10
N VAL F 416 -8.06 -23.35 -7.21
CA VAL F 416 -8.09 -22.50 -8.39
C VAL F 416 -6.70 -22.45 -9.00
N ASP F 417 -6.55 -21.77 -10.14
CA ASP F 417 -5.27 -21.71 -10.83
C ASP F 417 -5.09 -20.33 -11.44
N LEU F 418 -3.83 -19.99 -11.69
CA LEU F 418 -3.45 -18.68 -12.24
C LEU F 418 -2.62 -18.84 -13.51
N ALA F 419 -2.98 -19.81 -14.35
CA ALA F 419 -2.23 -20.06 -15.58
C ALA F 419 -2.61 -19.02 -16.63
N GLY F 420 -2.11 -19.21 -17.85
CA GLY F 420 -2.41 -18.33 -18.97
C GLY F 420 -1.13 -17.80 -19.61
N PHE F 421 -1.17 -16.53 -20.02
CA PHE F 421 -0.02 -15.87 -20.65
C PHE F 421 0.76 -15.15 -19.56
N GLU F 422 1.82 -15.78 -19.06
CA GLU F 422 2.66 -15.16 -18.05
C GLU F 422 3.51 -14.06 -18.68
N ASN F 423 3.61 -12.93 -17.98
CA ASN F 423 4.35 -11.78 -18.46
C ASN F 423 4.72 -10.91 -17.27
N LYS F 424 5.58 -9.92 -17.51
CA LYS F 424 6.01 -9.04 -16.44
C LYS F 424 4.85 -8.24 -15.88
N GLU F 425 3.85 -7.92 -16.71
CA GLU F 425 2.66 -7.24 -16.20
C GLU F 425 1.73 -8.21 -15.48
N THR F 426 1.77 -9.49 -15.84
CA THR F 426 0.91 -10.51 -15.26
C THR F 426 1.47 -11.09 -13.96
N ARG F 427 2.35 -10.35 -13.28
CA ARG F 427 2.90 -10.81 -12.02
C ARG F 427 1.81 -10.96 -10.97
N ALA F 428 2.12 -11.74 -9.93
CA ALA F 428 1.12 -12.13 -8.94
C ALA F 428 0.56 -10.95 -8.16
N SER F 429 1.29 -9.85 -8.06
CA SER F 429 0.81 -8.69 -7.31
C SER F 429 -0.23 -7.87 -8.08
N TYR F 430 -0.73 -8.40 -9.20
CA TYR F 430 -1.79 -7.74 -9.96
C TYR F 430 -3.17 -8.29 -9.62
N TYR F 431 -3.26 -9.35 -8.83
CA TYR F 431 -4.54 -9.95 -8.47
C TYR F 431 -4.69 -10.30 -6.98
N GLU F 432 -3.63 -10.14 -6.18
CA GLU F 432 -3.67 -10.65 -4.80
C GLU F 432 -4.77 -9.99 -3.97
N HIS F 433 -5.14 -8.76 -4.30
CA HIS F 433 -6.16 -8.05 -3.54
C HIS F 433 -7.48 -8.80 -3.54
N ASP F 434 -7.79 -9.49 -4.64
CA ASP F 434 -9.01 -10.29 -4.70
C ASP F 434 -8.87 -11.61 -3.93
N PHE F 435 -7.65 -12.15 -3.84
CA PHE F 435 -7.48 -13.50 -3.33
C PHE F 435 -7.62 -13.62 -1.82
N LYS F 436 -7.69 -12.49 -1.10
CA LYS F 436 -7.87 -12.56 0.35
C LYS F 436 -9.15 -13.32 0.71
N ALA F 437 -10.15 -13.30 -0.17
CA ALA F 437 -11.36 -14.08 0.06
C ALA F 437 -11.10 -15.56 -0.08
N VAL F 438 -10.31 -15.96 -1.09
CA VAL F 438 -10.18 -17.37 -1.43
C VAL F 438 -9.61 -18.17 -0.27
N HIS F 439 -8.58 -17.63 0.38
CA HIS F 439 -8.00 -18.31 1.53
C HIS F 439 -8.97 -18.39 2.69
N ARG F 440 -9.83 -17.38 2.85
CA ARG F 440 -10.81 -17.41 3.92
C ARG F 440 -11.85 -18.51 3.73
N CYS F 441 -11.97 -19.04 2.52
CA CYS F 441 -12.96 -20.07 2.21
C CYS F 441 -12.37 -21.47 2.22
N GLY F 442 -11.11 -21.63 2.59
CA GLY F 442 -10.50 -22.94 2.67
C GLY F 442 -10.06 -23.53 1.35
N LEU F 443 -10.06 -22.76 0.27
CA LEU F 443 -9.61 -23.27 -1.02
C LEU F 443 -8.09 -23.39 -1.03
N ALA F 444 -7.56 -23.85 -2.16
CA ALA F 444 -6.13 -23.95 -2.37
C ALA F 444 -5.77 -23.19 -3.64
N VAL F 445 -4.61 -22.55 -3.64
CA VAL F 445 -4.17 -21.73 -4.76
C VAL F 445 -2.86 -22.30 -5.29
N THR F 446 -2.84 -22.59 -6.59
CA THR F 446 -1.60 -22.90 -7.28
C THR F 446 -1.19 -21.68 -8.12
N ALA F 447 -0.12 -21.83 -8.89
CA ALA F 447 0.37 -20.72 -9.70
C ALA F 447 1.24 -21.26 -10.82
N HIS F 448 1.04 -20.75 -12.03
CA HIS F 448 1.82 -21.12 -13.20
C HIS F 448 2.76 -19.96 -13.54
N ALA F 449 4.04 -20.14 -13.28
CA ALA F 449 5.03 -19.12 -13.58
C ALA F 449 6.41 -19.76 -13.57
N GLY F 450 7.38 -19.03 -14.13
CA GLY F 450 8.75 -19.48 -14.14
C GLY F 450 9.33 -19.72 -15.53
N GLU F 451 8.48 -20.18 -16.45
CA GLU F 451 8.97 -20.45 -17.80
C GLU F 451 9.40 -19.18 -18.52
N ASN F 452 8.77 -18.05 -18.22
CA ASN F 452 9.13 -16.78 -18.83
C ASN F 452 9.29 -15.63 -17.84
N ASP F 453 8.71 -15.72 -16.64
CA ASP F 453 8.77 -14.64 -15.68
C ASP F 453 10.04 -14.74 -14.83
N ASP F 454 10.40 -13.62 -14.22
CA ASP F 454 11.62 -13.54 -13.43
C ASP F 454 11.46 -14.28 -12.10
N PRO F 455 12.57 -14.65 -11.46
CA PRO F 455 12.47 -15.31 -10.15
C PRO F 455 11.76 -14.48 -9.11
N GLU F 456 11.84 -13.15 -9.19
CA GLU F 456 11.09 -12.32 -8.26
C GLU F 456 9.59 -12.55 -8.37
N GLY F 457 9.11 -12.80 -9.59
CA GLY F 457 7.71 -13.15 -9.76
C GLY F 457 7.33 -14.43 -9.03
N ILE F 458 8.18 -15.45 -9.13
CA ILE F 458 7.94 -16.70 -8.41
C ILE F 458 7.95 -16.46 -6.90
N TRP F 459 8.92 -15.69 -6.43
CA TRP F 459 9.01 -15.39 -4.99
C TRP F 459 7.74 -14.72 -4.50
N GLN F 460 7.29 -13.69 -5.20
CA GLN F 460 6.11 -12.97 -4.76
C GLN F 460 4.84 -13.78 -4.97
N ALA F 461 4.84 -14.71 -5.93
CA ALA F 461 3.71 -15.64 -6.05
C ALA F 461 3.65 -16.57 -4.85
N VAL F 462 4.80 -17.03 -4.38
CA VAL F 462 4.82 -17.91 -3.21
C VAL F 462 4.41 -17.16 -1.96
N TYR F 463 4.88 -15.91 -1.81
CA TYR F 463 4.71 -15.21 -0.54
C TYR F 463 3.49 -14.30 -0.49
N SER F 464 2.97 -13.85 -1.62
CA SER F 464 1.77 -13.01 -1.61
C SER F 464 0.49 -13.80 -1.84
N LEU F 465 0.44 -14.61 -2.91
CA LEU F 465 -0.73 -15.44 -3.17
C LEU F 465 -0.84 -16.62 -2.22
N HIS F 466 0.21 -16.92 -1.46
CA HIS F 466 0.27 -18.13 -0.63
C HIS F 466 0.04 -19.37 -1.48
N ALA F 467 0.60 -19.37 -2.70
CA ALA F 467 0.42 -20.49 -3.60
C ALA F 467 1.14 -21.72 -3.06
N ARG F 468 0.39 -22.81 -2.91
CA ARG F 468 0.95 -24.06 -2.39
C ARG F 468 1.63 -24.90 -3.46
N ARG F 469 1.42 -24.60 -4.74
CA ARG F 469 2.04 -25.36 -5.81
C ARG F 469 2.51 -24.39 -6.89
N LEU F 470 3.54 -24.80 -7.62
CA LEU F 470 4.14 -23.99 -8.66
C LEU F 470 4.09 -24.75 -9.98
N GLY F 471 3.57 -24.10 -11.02
CA GLY F 471 3.51 -24.71 -12.33
C GLY F 471 4.85 -24.59 -13.03
N HIS F 472 5.34 -25.72 -13.56
CA HIS F 472 6.62 -25.77 -14.25
C HIS F 472 7.75 -25.28 -13.37
N ALA F 473 8.11 -24.01 -13.49
CA ALA F 473 9.19 -23.40 -12.72
C ALA F 473 10.49 -24.19 -12.89
N LEU F 474 10.98 -24.20 -14.13
CA LEU F 474 12.16 -24.97 -14.49
C LEU F 474 13.45 -24.18 -14.35
N ASN F 475 13.39 -22.95 -13.83
CA ASN F 475 14.58 -22.12 -13.74
C ASN F 475 14.88 -21.72 -12.30
N LEU F 476 14.77 -22.66 -11.37
CA LEU F 476 15.08 -22.36 -9.98
C LEU F 476 16.57 -22.34 -9.70
N LEU F 477 17.39 -22.98 -10.54
CA LEU F 477 18.82 -23.03 -10.30
C LEU F 477 19.48 -21.67 -10.38
N GLU F 478 18.87 -20.71 -11.07
CA GLU F 478 19.46 -19.39 -11.22
C GLU F 478 19.36 -18.55 -9.94
N ALA F 479 18.43 -18.88 -9.05
CA ALA F 479 18.23 -18.14 -7.81
C ALA F 479 18.29 -19.11 -6.63
N PRO F 480 19.49 -19.33 -6.07
CA PRO F 480 19.60 -20.28 -4.95
C PRO F 480 18.74 -19.91 -3.75
N ASP F 481 18.57 -18.62 -3.47
CA ASP F 481 17.70 -18.21 -2.37
C ASP F 481 16.26 -18.63 -2.62
N LEU F 482 15.82 -18.54 -3.87
CA LEU F 482 14.47 -18.98 -4.21
C LEU F 482 14.31 -20.48 -3.99
N MET F 483 15.30 -21.27 -4.38
CA MET F 483 15.24 -22.70 -4.10
C MET F 483 15.21 -22.97 -2.61
N ARG F 484 16.02 -22.24 -1.84
CA ARG F 484 16.03 -22.43 -0.40
C ARG F 484 14.67 -22.13 0.22
N THR F 485 14.04 -21.02 -0.19
CA THR F 485 12.74 -20.67 0.36
C THR F 485 11.64 -21.60 -0.13
N VAL F 486 11.80 -22.22 -1.30
CA VAL F 486 10.86 -23.24 -1.73
C VAL F 486 11.02 -24.51 -0.90
N ILE F 487 12.26 -24.91 -0.64
CA ILE F 487 12.52 -26.11 0.14
C ILE F 487 11.99 -25.95 1.55
N GLU F 488 12.28 -24.81 2.19
CA GLU F 488 11.89 -24.62 3.57
C GLU F 488 10.37 -24.58 3.74
N ARG F 489 9.65 -23.98 2.80
CA ARG F 489 8.21 -23.84 2.91
C ARG F 489 7.45 -25.01 2.31
N LYS F 490 8.14 -26.02 1.79
CA LYS F 490 7.52 -27.25 1.27
C LYS F 490 6.46 -26.93 0.22
N ILE F 491 6.87 -26.20 -0.80
CA ILE F 491 5.98 -25.80 -1.89
C ILE F 491 6.18 -26.81 -3.02
N GLY F 492 5.23 -27.73 -3.16
CA GLY F 492 5.29 -28.73 -4.20
C GLY F 492 5.32 -28.13 -5.59
N VAL F 493 6.20 -28.65 -6.45
CA VAL F 493 6.40 -28.13 -7.80
C VAL F 493 5.87 -29.18 -8.78
N GLU F 494 4.87 -28.80 -9.57
CA GLU F 494 4.35 -29.67 -10.62
C GLU F 494 5.14 -29.42 -11.89
N MET F 495 5.78 -30.47 -12.40
CA MET F 495 6.55 -30.35 -13.63
C MET F 495 6.15 -31.45 -14.61
N CYS F 496 6.18 -31.11 -15.88
CA CYS F 496 5.71 -32.00 -16.95
C CYS F 496 6.85 -32.32 -17.90
N PRO F 497 7.36 -33.55 -17.91
CA PRO F 497 8.54 -33.85 -18.75
C PRO F 497 8.29 -33.65 -20.24
N TYR F 498 7.22 -34.23 -20.78
CA TYR F 498 6.98 -34.12 -22.22
C TYR F 498 6.66 -32.69 -22.63
N ALA F 499 5.91 -31.97 -21.80
CA ALA F 499 5.55 -30.59 -22.15
C ALA F 499 6.79 -29.71 -22.22
N ASN F 500 7.66 -29.78 -21.22
CA ASN F 500 8.89 -29.00 -21.26
C ASN F 500 9.84 -29.48 -22.35
N TYR F 501 9.84 -30.78 -22.64
CA TYR F 501 10.65 -31.30 -23.72
C TYR F 501 10.20 -30.73 -25.06
N GLN F 502 8.90 -30.56 -25.24
CA GLN F 502 8.39 -29.91 -26.45
C GLN F 502 8.68 -28.42 -26.44
N ILE F 503 8.61 -27.79 -25.27
CA ILE F 503 8.84 -26.35 -25.19
C ILE F 503 10.33 -26.03 -25.26
N LYS F 504 11.10 -26.52 -24.30
CA LYS F 504 12.52 -26.25 -24.22
C LYS F 504 13.31 -27.42 -24.82
N GLY F 505 14.62 -27.39 -24.62
CA GLY F 505 15.47 -28.48 -25.11
C GLY F 505 16.28 -29.15 -24.03
N PHE F 506 15.95 -30.40 -23.74
CA PHE F 506 16.70 -31.21 -22.79
C PHE F 506 16.89 -32.59 -23.41
N ALA F 507 17.77 -33.40 -22.80
CA ALA F 507 18.29 -34.61 -23.43
C ALA F 507 18.82 -34.25 -24.81
N PRO F 508 20.00 -33.61 -24.85
CA PRO F 508 20.38 -32.77 -25.97
C PRO F 508 19.96 -33.18 -27.37
N MET F 509 19.22 -32.28 -28.02
CA MET F 509 19.09 -32.27 -29.47
C MET F 509 20.21 -31.45 -30.07
N PRO F 510 20.29 -31.34 -31.40
CA PRO F 510 21.17 -30.33 -31.99
C PRO F 510 20.85 -28.94 -31.47
N ASN F 511 21.92 -28.19 -31.17
CA ASN F 511 21.81 -26.82 -30.64
C ASN F 511 21.02 -26.80 -29.33
N PHE F 512 21.25 -27.79 -28.47
CA PHE F 512 20.59 -27.85 -27.16
C PHE F 512 21.56 -28.51 -26.18
N SER F 513 22.06 -27.72 -25.22
CA SER F 513 22.99 -28.23 -24.23
C SER F 513 22.39 -28.38 -22.84
N ALA F 514 21.33 -27.64 -22.52
CA ALA F 514 20.74 -27.72 -21.20
C ALA F 514 20.08 -29.08 -20.99
N LEU F 515 20.22 -29.60 -19.78
CA LEU F 515 19.65 -30.90 -19.40
C LEU F 515 18.57 -30.69 -18.36
N TYR F 516 17.67 -31.67 -18.27
CA TYR F 516 16.55 -31.57 -17.35
C TYR F 516 17.05 -31.56 -15.90
N PRO F 517 16.64 -30.59 -15.09
CA PRO F 517 17.20 -30.48 -13.74
C PRO F 517 16.43 -31.29 -12.69
N LEU F 518 15.60 -32.22 -13.13
CA LEU F 518 14.77 -32.97 -12.18
C LEU F 518 15.63 -33.80 -11.23
N LYS F 519 16.70 -34.40 -11.72
CA LYS F 519 17.58 -35.16 -10.83
C LYS F 519 18.15 -34.26 -9.75
N LYS F 520 18.66 -33.08 -10.14
CA LYS F 520 19.17 -32.14 -9.16
C LYS F 520 18.07 -31.59 -8.27
N TYR F 521 16.87 -31.39 -8.84
CA TYR F 521 15.74 -30.92 -8.04
C TYR F 521 15.41 -31.91 -6.93
N LEU F 522 15.37 -33.20 -7.25
CA LEU F 522 15.12 -34.23 -6.25
C LEU F 522 16.27 -34.32 -5.25
N GLU F 523 17.51 -34.15 -5.73
CA GLU F 523 18.65 -34.18 -4.83
C GLU F 523 18.56 -33.06 -3.80
N ALA F 524 18.17 -31.86 -4.24
CA ALA F 524 17.97 -30.76 -3.31
C ALA F 524 16.83 -31.05 -2.35
N GLY F 525 15.71 -31.57 -2.86
CA GLY F 525 14.61 -31.96 -1.99
C GLY F 525 13.28 -31.34 -2.32
N ILE F 526 13.14 -30.81 -3.54
CA ILE F 526 11.86 -30.22 -3.95
C ILE F 526 10.82 -31.32 -4.08
N LEU F 527 9.63 -31.08 -3.54
CA LEU F 527 8.56 -32.06 -3.61
C LEU F 527 8.00 -32.11 -5.03
N VAL F 528 8.76 -32.70 -5.94
CA VAL F 528 8.40 -32.68 -7.35
C VAL F 528 7.24 -33.63 -7.61
N SER F 529 6.27 -33.16 -8.38
CA SER F 529 5.18 -34.00 -8.88
C SER F 529 5.25 -34.02 -10.40
N VAL F 530 5.48 -35.21 -10.95
CA VAL F 530 5.54 -35.37 -12.40
C VAL F 530 4.12 -35.46 -12.93
N ASN F 531 3.82 -34.65 -13.96
CA ASN F 531 2.47 -34.52 -14.45
C ASN F 531 2.46 -34.53 -15.97
N THR F 532 1.29 -34.80 -16.53
CA THR F 532 1.11 -34.92 -17.97
C THR F 532 0.79 -33.60 -18.66
N ASP F 533 0.62 -32.52 -17.91
CA ASP F 533 0.19 -31.23 -18.46
C ASP F 533 -1.10 -31.41 -19.25
N ASN F 534 -0.99 -31.51 -20.57
CA ASN F 534 -2.11 -31.76 -21.45
C ASN F 534 -1.83 -33.05 -22.21
N ILE F 535 -2.66 -34.07 -22.00
CA ILE F 535 -2.39 -35.39 -22.55
C ILE F 535 -2.50 -35.39 -24.06
N GLY F 536 -3.58 -34.83 -24.60
CA GLY F 536 -3.86 -34.99 -26.01
C GLY F 536 -2.84 -34.31 -26.91
N ILE F 537 -2.50 -33.05 -26.61
CA ILE F 537 -1.58 -32.32 -27.46
C ILE F 537 -0.19 -32.95 -27.42
N SER F 538 0.25 -33.37 -26.24
CA SER F 538 1.53 -34.05 -26.13
C SER F 538 1.44 -35.48 -26.66
N GLY F 539 0.25 -36.07 -26.62
CA GLY F 539 0.08 -37.43 -27.12
C GLY F 539 0.86 -38.47 -26.33
N ALA F 540 0.97 -38.28 -25.02
CA ALA F 540 1.72 -39.21 -24.18
C ALA F 540 1.08 -39.23 -22.81
N ASN F 541 0.74 -40.41 -22.32
CA ASN F 541 0.11 -40.56 -21.03
C ASN F 541 1.15 -40.46 -19.92
N LEU F 542 0.71 -40.67 -18.67
CA LEU F 542 1.60 -40.50 -17.53
C LEU F 542 2.73 -41.52 -17.55
N SER F 543 2.42 -42.77 -17.91
CA SER F 543 3.46 -43.79 -17.97
C SER F 543 4.50 -43.45 -19.02
N GLU F 544 4.08 -42.88 -20.15
CA GLU F 544 5.03 -42.46 -21.17
C GLU F 544 5.96 -41.37 -20.63
N ASN F 545 5.41 -40.42 -19.88
CA ASN F 545 6.25 -39.38 -19.27
C ASN F 545 7.25 -39.98 -18.29
N LEU F 546 6.78 -40.91 -17.45
CA LEU F 546 7.69 -41.54 -16.48
C LEU F 546 8.78 -42.33 -17.19
N LEU F 547 8.45 -42.99 -18.29
CA LEU F 547 9.45 -43.74 -19.05
C LEU F 547 10.46 -42.81 -19.70
N ILE F 548 9.98 -41.74 -20.34
CA ILE F 548 10.90 -40.80 -20.99
C ILE F 548 11.73 -40.03 -19.98
N LEU F 549 11.30 -40.02 -18.71
CA LEU F 549 12.11 -39.41 -17.66
C LEU F 549 13.50 -40.01 -17.60
N ALA F 550 13.62 -41.33 -17.83
CA ALA F 550 14.92 -41.98 -17.77
C ALA F 550 15.89 -41.39 -18.78
N ASP F 551 15.41 -41.17 -20.01
CA ASP F 551 16.26 -40.52 -21.01
C ASP F 551 16.46 -39.04 -20.70
N LEU F 552 15.45 -38.38 -20.12
CA LEU F 552 15.56 -36.97 -19.81
C LEU F 552 16.59 -36.72 -18.71
N CYS F 553 16.59 -37.55 -17.66
CA CYS F 553 17.51 -37.44 -16.54
C CYS F 553 18.25 -38.75 -16.38
N PRO F 554 19.43 -38.89 -16.99
CA PRO F 554 20.20 -40.14 -16.84
C PRO F 554 20.60 -40.36 -15.39
N GLY F 555 20.64 -41.64 -15.00
CA GLY F 555 20.95 -42.01 -13.64
C GLY F 555 19.79 -41.96 -12.68
N ILE F 556 18.59 -41.62 -13.16
CA ILE F 556 17.41 -41.61 -12.29
C ILE F 556 17.08 -43.03 -11.88
N SER F 557 16.52 -43.20 -10.69
CA SER F 557 16.31 -44.52 -10.10
C SER F 557 14.86 -44.72 -9.71
N ARG F 558 14.50 -46.00 -9.56
CA ARG F 558 13.15 -46.37 -9.13
C ARG F 558 12.88 -45.91 -7.71
N MET F 559 13.93 -45.84 -6.87
CA MET F 559 13.80 -45.16 -5.59
C MET F 559 13.20 -43.77 -5.78
N ASP F 560 13.74 -43.03 -6.76
CA ASP F 560 13.27 -41.67 -7.01
C ASP F 560 11.83 -41.66 -7.53
N VAL F 561 11.46 -42.64 -8.36
CA VAL F 561 10.10 -42.64 -8.89
C VAL F 561 9.10 -42.93 -7.77
N LEU F 562 9.45 -43.83 -6.85
CA LEU F 562 8.58 -44.07 -5.70
C LEU F 562 8.49 -42.82 -4.83
N THR F 563 9.61 -42.13 -4.62
CA THR F 563 9.58 -40.92 -3.81
C THR F 563 8.76 -39.81 -4.44
N ILE F 564 8.84 -39.66 -5.77
CA ILE F 564 8.06 -38.60 -6.40
C ILE F 564 6.58 -38.97 -6.41
N ILE F 565 6.25 -40.25 -6.52
CA ILE F 565 4.85 -40.65 -6.35
C ILE F 565 4.37 -40.29 -4.95
N ARG F 566 5.20 -40.58 -3.94
CA ARG F 566 4.85 -40.21 -2.57
C ARG F 566 4.65 -38.71 -2.43
N ASN F 567 5.52 -37.92 -3.05
CA ASN F 567 5.37 -36.47 -3.00
C ASN F 567 4.09 -36.01 -3.68
N SER F 568 3.75 -36.64 -4.81
CA SER F 568 2.53 -36.30 -5.52
C SER F 568 1.31 -36.56 -4.65
N ILE F 569 1.29 -37.71 -3.96
CA ILE F 569 0.19 -38.03 -3.07
C ILE F 569 0.36 -37.30 -1.74
N GLU F 570 1.43 -36.52 -1.62
CA GLU F 570 1.68 -35.71 -0.43
C GLU F 570 1.30 -34.25 -0.60
N THR F 571 1.52 -33.67 -1.79
CA THR F 571 1.27 -32.25 -2.02
C THR F 571 -0.12 -31.97 -2.55
N ALA F 572 -0.92 -32.99 -2.82
CA ALA F 572 -2.27 -32.77 -3.33
C ALA F 572 -3.17 -32.15 -2.27
N PHE F 573 -4.08 -31.29 -2.69
CA PHE F 573 -5.00 -30.62 -1.78
C PHE F 573 -6.12 -31.59 -1.43
N ILE F 574 -5.94 -32.31 -0.33
CA ILE F 574 -6.92 -33.30 0.12
C ILE F 574 -7.06 -33.20 1.64
N SER F 575 -8.16 -33.74 2.14
CA SER F 575 -8.36 -33.83 3.57
C SER F 575 -7.40 -34.83 4.19
N HIS F 576 -7.09 -34.62 5.48
CA HIS F 576 -6.08 -35.45 6.13
C HIS F 576 -6.50 -36.91 6.19
N ASP F 577 -7.74 -37.18 6.58
CA ASP F 577 -8.21 -38.56 6.68
C ASP F 577 -8.26 -39.22 5.30
N PHE F 578 -8.76 -38.50 4.29
CA PHE F 578 -8.74 -39.03 2.94
C PHE F 578 -7.31 -39.24 2.47
N ARG F 579 -6.39 -38.36 2.88
CA ARG F 579 -4.98 -38.54 2.54
C ARG F 579 -4.44 -39.82 3.15
N MET F 580 -4.79 -40.11 4.40
CA MET F 580 -4.33 -41.34 5.03
C MET F 580 -4.91 -42.57 4.34
N GLU F 581 -6.19 -42.53 3.97
CA GLU F 581 -6.79 -43.65 3.26
C GLU F 581 -6.11 -43.86 1.91
N LEU F 582 -5.85 -42.78 1.18
CA LEU F 582 -5.12 -42.88 -0.08
C LEU F 582 -3.72 -43.43 0.14
N LEU F 583 -3.07 -43.02 1.23
CA LEU F 583 -1.76 -43.56 1.57
C LEU F 583 -1.84 -45.07 1.74
N LYS F 584 -2.84 -45.54 2.48
CA LYS F 584 -2.96 -46.97 2.74
C LYS F 584 -3.20 -47.76 1.46
N PHE F 585 -4.13 -47.28 0.63
CA PHE F 585 -4.43 -47.99 -0.62
C PHE F 585 -3.23 -47.97 -1.55
N PHE F 586 -2.54 -46.83 -1.65
CA PHE F 586 -1.34 -46.75 -2.46
C PHE F 586 -0.28 -47.71 -1.98
N ASP F 587 -0.08 -47.78 -0.66
CA ASP F 587 0.95 -48.67 -0.12
C ASP F 587 0.60 -50.13 -0.43
N ARG F 588 -0.66 -50.52 -0.23
CA ARG F 588 -1.09 -51.86 -0.60
C ARG F 588 -0.74 -52.17 -2.06
N LYS F 589 -1.24 -51.34 -2.97
CA LYS F 589 -1.10 -51.63 -4.39
C LYS F 589 0.36 -51.63 -4.81
N ILE F 590 1.14 -50.66 -4.33
CA ILE F 590 2.53 -50.56 -4.76
C ILE F 590 3.36 -51.71 -4.19
N TYR F 591 3.09 -52.12 -2.96
CA TYR F 591 3.81 -53.27 -2.43
C TYR F 591 3.50 -54.52 -3.22
N ASP F 592 2.22 -54.74 -3.53
CA ASP F 592 1.87 -55.92 -4.33
C ASP F 592 2.53 -55.87 -5.70
N VAL F 593 2.50 -54.71 -6.35
CA VAL F 593 3.06 -54.59 -7.70
C VAL F 593 4.57 -54.79 -7.67
N CYS F 594 5.26 -54.17 -6.71
CA CYS F 594 6.71 -54.31 -6.66
C CYS F 594 7.13 -55.70 -6.23
N LEU F 595 6.27 -56.41 -5.49
CA LEU F 595 6.61 -57.79 -5.14
C LEU F 595 6.36 -58.74 -6.30
N ILE F 596 5.36 -58.45 -7.14
CA ILE F 596 4.98 -59.39 -8.21
C ILE F 596 5.78 -59.13 -9.49
N SER F 597 5.74 -57.89 -9.99
CA SER F 597 6.26 -57.58 -11.32
C SER F 597 7.78 -57.62 -11.39
N ILE F 598 8.49 -57.75 -10.26
CA ILE F 598 9.94 -57.85 -10.30
C ILE F 598 10.42 -59.10 -10.99
N LYS F 599 9.51 -60.03 -11.32
CA LYS F 599 9.87 -61.23 -12.05
C LYS F 599 10.45 -60.88 -13.42
N ASN F 600 9.80 -59.98 -14.14
CA ASN F 600 10.27 -59.58 -15.46
C ASN F 600 10.89 -58.18 -15.41
#